data_5CB5
#
_entry.id   5CB5
#
_cell.length_a   289.140
_cell.length_b   289.140
_cell.length_c   114.053
_cell.angle_alpha   90.00
_cell.angle_beta   90.00
_cell.angle_gamma   120.00
#
_symmetry.space_group_name_H-M   'P 31 2 1'
#
loop_
_entity.id
_entity.type
_entity.pdbx_description
1 polymer 'O-acetyl-ADP-ribose deacetylase'
2 non-polymer ADENOSINE-5-DIPHOSPHORIBOSE
3 non-polymer 'SULFATE ION'
4 non-polymer 'ACETATE ION'
5 non-polymer '[(2R,3R,4R,5R)-5-[[[[(2R,3S,4R,5R)-5-(6-aminopurin-9-yl)-3,4-bis(oxidanyl)oxolan-2-yl]methoxy-oxidanyl-phosphoryl]oxy-oxidanyl-phosphoryl]oxymethyl]-2,4-bis(oxidanyl)oxolan-3-yl] ethanoate'
6 water water
#
_entity_poly.entity_id   1
_entity_poly.type   'polypeptide(L)'
_entity_poly.pdbx_seq_one_letter_code
;HHHHHHMKTRIHVVQGDITKLAVDVIVNAAAPSLMGGGGVAGAIHRAAGPALLDACLKVRQQQGDCPTGHAVITLAGDLP
AKAVVHTVGPVWRGGEQNEDQLLQDAYLNSLRLVAANSYTSVAFPAISTGVYGYPRAAAAEIAVKTVSEFITRHALPEQV
YFVCYDEENAHLYERLLTQQGDE
;
_entity_poly.pdbx_strand_id   R,A,B,C,D,E,F,G,H,I,J,K,L,M,N,O,P,Q
#
loop_
_chem_comp.id
_chem_comp.type
_chem_comp.name
_chem_comp.formula
ACT non-polymer 'ACETATE ION' 'C2 H3 O2 -1'
APR non-polymer ADENOSINE-5-DIPHOSPHORIBOSE 'C15 H23 N5 O14 P2'
SO4 non-polymer 'SULFATE ION' 'O4 S -2'
ZOD non-polymer '[(2R,3R,4R,5R)-5-[[[[(2R,3S,4R,5R)-5-(6-aminopurin-9-yl)-3,4-bis(oxidanyl)oxolan-2-yl]methoxy-oxidanyl-phosphoryl]oxy-oxidanyl-phosphoryl]oxymethyl]-2,4-bis(oxidanyl)oxolan-3-yl] ethanoate' 'C17 H25 N5 O15 P2'
#
# COMPACT_ATOMS: atom_id res chain seq x y z
N LYS A 8 6.16 29.27 -34.31
CA LYS A 8 5.60 28.85 -32.98
C LYS A 8 4.52 29.83 -32.42
N THR A 9 4.07 29.56 -31.21
CA THR A 9 3.27 30.51 -30.45
C THR A 9 4.20 31.56 -29.77
N ARG A 10 5.45 31.14 -29.61
CA ARG A 10 6.47 31.87 -28.84
C ARG A 10 7.58 32.58 -29.62
N ILE A 11 7.83 32.10 -30.82
CA ILE A 11 8.86 32.66 -31.71
C ILE A 11 8.24 33.22 -32.96
N HIS A 12 8.57 34.46 -33.25
CA HIS A 12 8.00 35.16 -34.41
C HIS A 12 9.04 35.81 -35.29
N VAL A 13 8.71 35.83 -36.58
CA VAL A 13 9.52 36.50 -37.56
C VAL A 13 8.79 37.74 -38.00
N VAL A 14 9.46 38.85 -37.80
CA VAL A 14 8.94 40.12 -38.23
C VAL A 14 9.95 40.81 -39.16
N GLN A 15 9.39 41.52 -40.11
CA GLN A 15 10.19 42.21 -41.09
C GLN A 15 10.13 43.70 -40.85
N GLY A 16 11.32 44.24 -40.70
CA GLY A 16 11.48 45.68 -40.62
C GLY A 16 12.56 46.17 -39.69
N ASP A 17 12.27 47.31 -39.11
CA ASP A 17 13.22 48.06 -38.31
C ASP A 17 13.05 47.72 -36.84
N ILE A 18 14.06 47.04 -36.31
CA ILE A 18 14.11 46.59 -34.89
C ILE A 18 13.84 47.70 -33.85
N THR A 19 14.21 48.92 -34.18
CA THR A 19 14.09 50.07 -33.24
C THR A 19 12.67 50.49 -32.96
N LYS A 20 11.78 49.93 -33.75
CA LYS A 20 10.35 50.31 -33.71
C LYS A 20 9.55 49.34 -32.86
N LEU A 21 10.19 48.22 -32.59
CA LEU A 21 9.56 47.12 -31.86
C LEU A 21 9.37 47.41 -30.37
N ALA A 22 8.12 47.49 -29.99
CA ALA A 22 7.71 47.62 -28.58
C ALA A 22 7.77 46.28 -27.84
N VAL A 23 8.99 45.89 -27.51
CA VAL A 23 9.24 44.68 -26.73
C VAL A 23 10.01 45.04 -25.50
N ASP A 24 10.13 44.10 -24.59
CA ASP A 24 10.84 44.35 -23.32
C ASP A 24 12.30 44.71 -23.60
N VAL A 25 12.93 43.84 -24.36
CA VAL A 25 14.32 44.00 -24.74
C VAL A 25 14.58 43.94 -26.22
N ILE A 26 15.43 44.86 -26.63
CA ILE A 26 15.97 44.90 -28.00
C ILE A 26 17.44 44.54 -28.02
N VAL A 27 17.80 43.66 -28.90
CA VAL A 27 19.20 43.20 -28.98
C VAL A 27 20.01 43.96 -30.02
N ASN A 28 21.17 44.42 -29.57
CA ASN A 28 22.15 45.13 -30.43
C ASN A 28 23.33 44.28 -30.84
N ALA A 29 23.56 44.29 -32.14
CA ALA A 29 24.74 43.63 -32.76
C ALA A 29 25.92 44.60 -32.66
N ALA A 30 26.65 44.40 -31.58
CA ALA A 30 27.67 45.33 -31.15
C ALA A 30 29.07 44.89 -31.46
N ALA A 31 29.97 45.84 -31.27
CA ALA A 31 31.44 45.61 -31.28
C ALA A 31 31.96 45.65 -29.83
N PRO A 32 33.12 45.01 -29.55
CA PRO A 32 33.66 44.94 -28.20
C PRO A 32 33.69 46.26 -27.45
N SER A 33 33.88 47.33 -28.19
CA SER A 33 33.95 48.69 -27.60
C SER A 33 32.63 49.10 -26.99
N LEU A 34 31.56 48.60 -27.58
CA LEU A 34 30.14 48.97 -27.25
C LEU A 34 29.75 50.40 -27.62
N MET A 35 30.53 51.00 -28.50
CA MET A 35 30.45 52.47 -28.72
C MET A 35 29.87 52.91 -30.03
N GLY A 36 28.94 52.12 -30.52
CA GLY A 36 28.14 52.60 -31.63
C GLY A 36 28.87 52.25 -32.90
N GLY A 37 28.12 52.23 -33.96
CA GLY A 37 28.65 51.74 -35.24
C GLY A 37 27.77 52.06 -36.40
N GLY A 38 27.82 51.20 -37.39
CA GLY A 38 27.08 51.46 -38.64
C GLY A 38 25.69 50.84 -38.70
N GLY A 39 25.62 49.57 -38.43
CA GLY A 39 24.48 48.82 -38.97
C GLY A 39 23.12 48.87 -38.27
N VAL A 40 23.05 48.06 -37.23
CA VAL A 40 21.94 48.12 -36.29
C VAL A 40 22.36 49.03 -35.15
N ALA A 41 23.62 48.84 -34.79
CA ALA A 41 24.25 49.59 -33.69
C ALA A 41 23.98 51.11 -33.85
N GLY A 42 24.15 51.58 -35.08
CA GLY A 42 23.91 52.99 -35.38
C GLY A 42 22.42 53.33 -35.27
N ALA A 43 21.64 52.53 -35.95
CA ALA A 43 20.14 52.68 -35.92
C ALA A 43 19.63 52.78 -34.47
N ILE A 44 20.11 51.84 -33.68
CA ILE A 44 19.71 51.69 -32.28
C ILE A 44 20.09 52.90 -31.45
N HIS A 45 21.36 53.25 -31.54
CA HIS A 45 21.91 54.43 -30.82
C HIS A 45 21.20 55.71 -31.19
N ARG A 46 21.02 55.89 -32.48
CA ARG A 46 20.36 57.12 -32.99
C ARG A 46 18.94 57.22 -32.47
N ALA A 47 18.28 56.08 -32.49
CA ALA A 47 16.87 55.97 -32.03
C ALA A 47 16.72 56.16 -30.54
N ALA A 48 17.69 55.62 -29.85
CA ALA A 48 17.70 55.56 -28.34
C ALA A 48 18.01 56.92 -27.74
N GLY A 49 18.90 57.61 -28.44
CA GLY A 49 19.39 58.90 -28.00
C GLY A 49 20.63 58.77 -27.14
N PRO A 50 21.12 59.90 -26.61
CA PRO A 50 22.46 59.97 -25.95
C PRO A 50 22.59 59.20 -24.65
N ALA A 51 21.46 58.93 -24.02
CA ALA A 51 21.45 58.17 -22.75
C ALA A 51 22.12 56.79 -22.91
N LEU A 52 21.91 56.22 -24.07
CA LEU A 52 22.36 54.84 -24.38
C LEU A 52 23.88 54.78 -24.34
N LEU A 53 24.44 55.79 -24.98
CA LEU A 53 25.90 55.93 -25.11
C LEU A 53 26.52 56.12 -23.74
N ASP A 54 25.91 57.01 -22.97
CA ASP A 54 26.34 57.27 -21.56
C ASP A 54 26.40 55.99 -20.75
N ALA A 55 25.37 55.19 -20.95
CA ALA A 55 25.22 53.88 -20.28
C ALA A 55 26.28 52.90 -20.75
N CYS A 56 26.47 52.88 -22.04
CA CYS A 56 27.53 52.01 -22.65
C CYS A 56 28.96 52.39 -22.18
N LEU A 57 29.14 53.68 -21.98
CA LEU A 57 30.40 54.20 -21.40
C LEU A 57 30.68 53.69 -20.01
N LYS A 58 29.67 53.84 -19.16
CA LYS A 58 29.68 53.34 -17.77
C LYS A 58 30.09 51.87 -17.67
N VAL A 59 29.53 51.09 -18.58
CA VAL A 59 29.77 49.63 -18.65
C VAL A 59 31.21 49.35 -19.00
N ARG A 60 31.62 49.95 -20.10
CA ARG A 60 33.03 49.89 -20.60
C ARG A 60 34.02 50.23 -19.51
N GLN A 61 33.69 51.33 -18.85
CA GLN A 61 34.45 51.84 -17.73
C GLN A 61 34.59 50.79 -16.60
N GLN A 62 33.56 49.97 -16.48
CA GLN A 62 33.42 49.00 -15.38
C GLN A 62 33.89 47.59 -15.68
N GLN A 63 33.82 47.22 -16.94
CA GLN A 63 34.15 45.85 -17.36
C GLN A 63 35.07 45.77 -18.58
N GLY A 64 35.46 46.94 -19.04
CA GLY A 64 36.27 47.05 -20.26
C GLY A 64 35.54 46.56 -21.48
N ASP A 65 36.31 46.15 -22.48
CA ASP A 65 35.73 45.63 -23.73
C ASP A 65 34.88 44.41 -23.44
N CYS A 66 33.77 44.36 -24.14
CA CYS A 66 32.88 43.19 -24.15
C CYS A 66 33.40 42.11 -25.12
N PRO A 67 33.80 40.95 -24.60
CA PRO A 67 34.41 39.96 -25.47
C PRO A 67 33.43 39.31 -26.38
N THR A 68 33.99 38.81 -27.45
CA THR A 68 33.20 38.13 -28.47
C THR A 68 32.44 36.99 -27.82
N GLY A 69 31.19 36.89 -28.21
CA GLY A 69 30.29 35.81 -27.80
C GLY A 69 29.55 36.14 -26.52
N HIS A 70 29.94 37.24 -25.91
CA HIS A 70 29.32 37.68 -24.65
C HIS A 70 28.39 38.87 -24.82
N ALA A 71 27.76 39.25 -23.72
CA ALA A 71 26.70 40.28 -23.78
C ALA A 71 26.45 41.01 -22.50
N VAL A 72 25.93 42.20 -22.68
CA VAL A 72 25.65 43.11 -21.57
C VAL A 72 24.32 43.78 -21.79
N ILE A 73 23.76 44.26 -20.69
CA ILE A 73 22.43 44.90 -20.73
C ILE A 73 22.48 46.28 -20.11
N THR A 74 21.75 47.15 -20.75
CA THR A 74 21.65 48.57 -20.35
C THR A 74 20.25 49.08 -20.50
N LEU A 75 20.06 50.28 -19.96
CA LEU A 75 18.83 51.06 -20.21
C LEU A 75 18.65 51.27 -21.74
N ALA A 76 17.49 51.80 -22.12
CA ALA A 76 17.14 51.92 -23.55
C ALA A 76 16.73 53.32 -24.05
N GLY A 77 16.79 54.26 -23.16
CA GLY A 77 16.43 55.64 -23.43
C GLY A 77 15.14 55.80 -24.22
N ASP A 78 15.22 56.51 -25.33
CA ASP A 78 14.01 56.90 -26.14
C ASP A 78 13.36 55.74 -26.92
N LEU A 79 14.01 54.59 -26.92
CA LEU A 79 13.45 53.38 -27.57
C LEU A 79 12.14 52.99 -26.90
N PRO A 80 11.24 52.35 -27.64
CA PRO A 80 10.03 51.86 -27.00
C PRO A 80 10.28 50.61 -26.16
N ALA A 81 11.46 50.05 -26.29
CA ALA A 81 11.86 48.95 -25.44
C ALA A 81 12.16 49.43 -24.01
N LYS A 82 12.28 48.47 -23.12
CA LYS A 82 12.64 48.74 -21.70
C LYS A 82 14.14 48.67 -21.45
N ALA A 83 14.77 47.83 -22.23
CA ALA A 83 16.20 47.64 -22.13
C ALA A 83 16.80 47.24 -23.46
N VAL A 84 18.10 47.48 -23.55
CA VAL A 84 18.89 47.02 -24.69
C VAL A 84 19.95 46.09 -24.20
N VAL A 85 20.01 44.96 -24.88
CA VAL A 85 21.09 43.98 -24.70
C VAL A 85 22.09 44.11 -25.85
N HIS A 86 23.31 44.40 -25.47
CA HIS A 86 24.38 44.56 -26.42
C HIS A 86 25.15 43.30 -26.40
N THR A 87 25.21 42.66 -27.56
CA THR A 87 26.02 41.44 -27.71
C THR A 87 26.95 41.53 -28.91
N VAL A 88 28.05 40.83 -28.75
CA VAL A 88 29.17 40.83 -29.70
C VAL A 88 29.27 39.51 -30.46
N GLY A 89 28.82 39.57 -31.70
CA GLY A 89 28.94 38.46 -32.66
C GLY A 89 30.36 38.26 -33.14
N PRO A 90 30.66 37.09 -33.71
CA PRO A 90 32.00 36.90 -34.21
C PRO A 90 32.16 37.45 -35.59
N VAL A 91 33.40 37.76 -35.88
CA VAL A 91 33.81 38.11 -37.24
C VAL A 91 34.02 36.83 -38.01
N TRP A 92 33.42 36.78 -39.19
CA TRP A 92 33.52 35.58 -40.06
C TRP A 92 34.88 35.49 -40.73
N ARG A 93 35.48 34.32 -40.56
CA ARG A 93 36.87 34.01 -41.02
C ARG A 93 37.01 32.67 -41.76
N GLY A 94 35.91 32.20 -42.32
CA GLY A 94 35.89 30.99 -43.19
C GLY A 94 35.29 29.75 -42.58
N GLY A 95 35.08 29.79 -41.28
CA GLY A 95 34.39 28.71 -40.55
C GLY A 95 35.23 27.75 -39.72
N GLU A 96 36.54 27.93 -39.79
CA GLU A 96 37.50 27.05 -39.07
C GLU A 96 38.09 27.68 -37.82
N GLN A 97 37.51 28.81 -37.44
CA GLN A 97 38.01 29.63 -36.31
C GLN A 97 37.00 29.78 -35.17
N ASN A 98 36.22 28.74 -35.01
CA ASN A 98 35.23 28.60 -33.90
C ASN A 98 34.06 29.58 -33.96
N GLU A 99 33.80 30.07 -35.15
CA GLU A 99 32.80 31.15 -35.37
C GLU A 99 31.39 30.71 -35.02
N ASP A 100 31.09 29.50 -35.46
CA ASP A 100 29.76 28.87 -35.25
C ASP A 100 29.38 28.81 -33.76
N GLN A 101 30.34 28.39 -32.99
CA GLN A 101 30.23 28.27 -31.52
C GLN A 101 30.01 29.65 -30.89
N LEU A 102 30.78 30.60 -31.36
CA LEU A 102 30.79 31.99 -30.79
C LEU A 102 29.50 32.74 -31.09
N LEU A 103 28.96 32.48 -32.25
CA LEU A 103 27.66 33.05 -32.66
C LEU A 103 26.55 32.49 -31.77
N GLN A 104 26.64 31.20 -31.58
CA GLN A 104 25.75 30.44 -30.64
C GLN A 104 25.77 31.10 -29.27
N ASP A 105 26.98 31.31 -28.80
CA ASP A 105 27.23 31.92 -27.48
C ASP A 105 26.58 33.31 -27.36
N ALA A 106 26.66 34.04 -28.44
CA ALA A 106 26.09 35.41 -28.49
C ALA A 106 24.60 35.39 -28.23
N TYR A 107 23.97 34.45 -28.91
CA TYR A 107 22.50 34.25 -28.78
C TYR A 107 22.16 33.76 -27.35
N LEU A 108 22.92 32.76 -26.91
CA LEU A 108 22.72 32.15 -25.59
C LEU A 108 22.82 33.16 -24.47
N ASN A 109 23.96 33.81 -24.43
CA ASN A 109 24.25 34.80 -23.34
C ASN A 109 23.28 35.97 -23.31
N SER A 110 22.83 36.30 -24.51
CA SER A 110 21.81 37.36 -24.66
C SER A 110 20.51 36.96 -23.97
N LEU A 111 20.06 35.77 -24.34
CA LEU A 111 18.82 35.17 -23.80
C LEU A 111 18.88 35.04 -22.29
N ARG A 112 20.02 34.53 -21.84
CA ARG A 112 20.33 34.37 -20.40
C ARG A 112 20.16 35.71 -19.62
N LEU A 113 20.70 36.76 -20.20
CA LEU A 113 20.60 38.12 -19.62
C LEU A 113 19.18 38.66 -19.60
N VAL A 114 18.47 38.44 -20.69
CA VAL A 114 17.05 38.85 -20.74
C VAL A 114 16.29 38.22 -19.57
N ALA A 115 16.51 36.92 -19.44
CA ALA A 115 15.88 36.10 -18.39
C ALA A 115 16.27 36.55 -16.99
N ALA A 116 17.57 36.69 -16.82
CA ALA A 116 18.19 37.10 -15.50
C ALA A 116 17.67 38.44 -14.98
N ASN A 117 17.22 39.24 -15.94
CA ASN A 117 16.69 40.60 -15.66
C ASN A 117 15.18 40.66 -15.70
N SER A 118 14.61 39.47 -15.74
CA SER A 118 13.14 39.21 -15.54
C SER A 118 12.31 39.77 -16.66
N TYR A 119 12.93 39.83 -17.82
CA TYR A 119 12.23 40.30 -19.04
C TYR A 119 11.54 39.13 -19.77
N THR A 120 10.39 39.42 -20.36
CA THR A 120 9.52 38.35 -20.96
C THR A 120 9.61 38.27 -22.48
N SER A 121 9.94 39.39 -23.08
CA SER A 121 10.07 39.51 -24.57
C SER A 121 11.38 40.14 -25.05
N VAL A 122 11.90 39.54 -26.10
CA VAL A 122 13.17 39.97 -26.72
C VAL A 122 13.14 39.93 -28.25
N ALA A 123 13.72 41.00 -28.82
CA ALA A 123 13.92 41.11 -30.28
C ALA A 123 15.36 40.97 -30.67
N PHE A 124 15.56 40.13 -31.68
CA PHE A 124 16.90 39.84 -32.28
C PHE A 124 17.11 40.28 -33.75
N PRO A 125 18.23 40.96 -34.03
CA PRO A 125 18.60 41.11 -35.41
C PRO A 125 19.49 39.96 -35.85
N ALA A 126 19.82 40.00 -37.14
CA ALA A 126 20.65 38.96 -37.76
C ALA A 126 22.11 39.18 -37.45
N ILE A 127 22.46 38.79 -36.24
CA ILE A 127 23.79 39.04 -35.68
C ILE A 127 24.87 38.44 -36.57
N SER A 128 25.90 39.25 -36.79
CA SER A 128 27.15 38.89 -37.54
C SER A 128 27.06 38.85 -39.07
N THR A 129 25.85 39.01 -39.56
CA THR A 129 25.55 38.86 -41.01
C THR A 129 25.76 40.09 -41.84
N GLY A 130 25.98 41.19 -41.15
CA GLY A 130 26.26 42.46 -41.84
C GLY A 130 27.75 42.66 -42.10
N VAL A 131 28.29 43.66 -41.44
CA VAL A 131 29.71 44.06 -41.63
C VAL A 131 30.65 42.89 -41.19
N TYR A 132 30.21 42.09 -40.23
CA TYR A 132 30.99 40.92 -39.73
C TYR A 132 31.02 39.71 -40.69
N GLY A 133 30.23 39.83 -41.73
CA GLY A 133 30.32 38.97 -42.95
C GLY A 133 30.03 37.49 -42.82
N TYR A 134 29.12 37.16 -41.93
CA TYR A 134 28.71 35.76 -41.70
C TYR A 134 27.73 35.34 -42.78
N PRO A 135 27.97 34.20 -43.45
CA PRO A 135 27.03 33.70 -44.44
C PRO A 135 25.62 33.63 -43.89
N ARG A 136 24.74 34.37 -44.55
CA ARG A 136 23.36 34.61 -44.09
C ARG A 136 22.59 33.37 -43.68
N ALA A 137 22.81 32.31 -44.44
CA ALA A 137 22.03 31.05 -44.31
C ALA A 137 22.49 30.19 -43.14
N ALA A 138 23.80 30.05 -43.04
CA ALA A 138 24.45 29.28 -41.94
C ALA A 138 24.14 29.93 -40.58
N ALA A 139 24.21 31.25 -40.60
CA ALA A 139 23.96 32.12 -39.41
C ALA A 139 22.54 31.94 -38.88
N ALA A 140 21.60 32.15 -39.78
CA ALA A 140 20.15 32.02 -39.47
C ALA A 140 19.81 30.63 -38.93
N GLU A 141 20.51 29.63 -39.43
CA GLU A 141 20.36 28.23 -38.97
C GLU A 141 20.70 28.13 -37.48
N ILE A 142 21.84 28.68 -37.15
CA ILE A 142 22.35 28.72 -35.75
C ILE A 142 21.42 29.55 -34.83
N ALA A 143 21.01 30.69 -35.34
CA ALA A 143 20.11 31.59 -34.61
C ALA A 143 18.85 30.84 -34.21
N VAL A 144 18.18 30.32 -35.22
CA VAL A 144 16.88 29.62 -35.04
C VAL A 144 17.00 28.36 -34.16
N LYS A 145 18.02 27.57 -34.45
CA LYS A 145 18.27 26.34 -33.67
C LYS A 145 18.51 26.64 -32.18
N THR A 146 19.45 27.55 -31.96
CA THR A 146 19.88 27.95 -30.60
C THR A 146 18.73 28.51 -29.77
N VAL A 147 18.04 29.46 -30.36
CA VAL A 147 16.91 30.16 -29.70
C VAL A 147 15.78 29.19 -29.39
N SER A 148 15.46 28.37 -30.38
CA SER A 148 14.37 27.36 -30.30
C SER A 148 14.63 26.36 -29.21
N GLU A 149 15.83 25.81 -29.22
CA GLU A 149 16.27 24.83 -28.18
C GLU A 149 16.25 25.44 -26.78
N PHE A 150 16.61 26.70 -26.73
CA PHE A 150 16.67 27.42 -25.44
C PHE A 150 15.27 27.64 -24.84
N ILE A 151 14.36 28.14 -25.66
CA ILE A 151 13.01 28.47 -25.16
C ILE A 151 12.25 27.18 -24.81
N THR A 152 12.63 26.10 -25.46
CA THR A 152 12.12 24.72 -25.13
C THR A 152 12.53 24.36 -23.67
N ARG A 153 13.74 24.75 -23.28
CA ARG A 153 14.27 24.45 -21.90
C ARG A 153 13.94 25.46 -20.83
N HIS A 154 13.29 26.56 -21.20
CA HIS A 154 13.16 27.73 -20.29
C HIS A 154 11.87 28.50 -20.43
N ALA A 155 11.33 28.90 -19.29
CA ALA A 155 10.08 29.73 -19.25
C ALA A 155 10.32 31.13 -19.80
N LEU A 156 11.48 31.66 -19.46
CA LEU A 156 11.92 33.03 -19.83
C LEU A 156 13.09 33.01 -20.82
N PRO A 157 13.02 33.83 -21.89
CA PRO A 157 11.92 34.70 -22.22
C PRO A 157 10.75 33.96 -22.83
N GLU A 158 9.59 34.55 -22.65
CA GLU A 158 8.31 33.96 -23.12
C GLU A 158 8.17 34.12 -24.62
N GLN A 159 8.42 35.34 -25.05
CA GLN A 159 8.33 35.73 -26.47
C GLN A 159 9.68 36.16 -27.08
N VAL A 160 9.94 35.60 -28.24
CA VAL A 160 11.13 35.98 -29.06
C VAL A 160 10.77 36.43 -30.46
N TYR A 161 11.29 37.59 -30.82
CA TYR A 161 11.14 38.12 -32.19
C TYR A 161 12.43 38.15 -32.95
N PHE A 162 12.42 37.47 -34.08
CA PHE A 162 13.50 37.61 -35.05
C PHE A 162 13.17 38.74 -36.00
N VAL A 163 13.87 39.84 -35.83
CA VAL A 163 13.74 41.00 -36.74
C VAL A 163 14.68 40.91 -37.92
N CYS A 164 14.04 40.88 -39.07
CA CYS A 164 14.73 40.77 -40.37
C CYS A 164 14.58 42.05 -41.19
N TYR A 165 15.71 42.52 -41.70
CA TYR A 165 15.80 43.87 -42.35
C TYR A 165 15.38 43.91 -43.81
N ASP A 166 15.39 42.75 -44.41
CA ASP A 166 14.96 42.56 -45.80
C ASP A 166 14.07 41.31 -45.95
N GLU A 167 13.35 41.26 -47.05
CA GLU A 167 12.39 40.17 -47.30
C GLU A 167 13.09 38.83 -47.51
N GLU A 168 14.23 38.86 -48.17
CA GLU A 168 14.99 37.63 -48.49
C GLU A 168 15.31 36.89 -47.19
N ASN A 169 15.86 37.65 -46.26
CA ASN A 169 16.24 37.15 -44.92
C ASN A 169 15.03 36.66 -44.10
N ALA A 170 13.99 37.47 -44.16
CA ALA A 170 12.69 37.15 -43.50
C ALA A 170 12.18 35.77 -43.90
N HIS A 171 12.14 35.55 -45.21
CA HIS A 171 11.70 34.25 -45.82
C HIS A 171 12.59 33.08 -45.36
N LEU A 172 13.86 33.38 -45.34
CA LEU A 172 14.91 32.43 -44.90
C LEU A 172 14.60 31.85 -43.53
N TYR A 173 14.40 32.78 -42.60
CA TYR A 173 14.06 32.47 -41.18
C TYR A 173 12.73 31.70 -41.14
N GLU A 174 11.73 32.31 -41.78
CA GLU A 174 10.29 31.90 -41.82
C GLU A 174 10.25 30.45 -42.15
N ARG A 175 11.11 30.02 -43.03
CA ARG A 175 11.03 28.59 -43.39
C ARG A 175 11.90 27.66 -42.58
N LEU A 176 13.01 28.17 -42.05
CA LEU A 176 13.86 27.39 -41.12
C LEU A 176 13.07 27.03 -39.89
N LEU A 177 12.18 27.93 -39.54
CA LEU A 177 11.29 27.78 -38.36
C LEU A 177 10.31 26.63 -38.51
N THR A 178 9.79 26.53 -39.71
CA THR A 178 8.89 25.38 -40.11
C THR A 178 9.66 24.04 -40.24
N GLN A 179 10.97 24.16 -40.35
CA GLN A 179 11.83 22.98 -40.43
C GLN A 179 12.06 22.44 -39.00
N GLN A 180 11.26 22.96 -38.08
CA GLN A 180 11.24 22.56 -36.67
C GLN A 180 9.82 22.22 -36.19
N LYS B 8 -42.21 24.13 10.54
CA LYS B 8 -40.92 23.51 10.22
C LYS B 8 -41.10 22.16 9.46
N THR B 9 -40.06 21.83 8.71
CA THR B 9 -39.85 20.50 8.12
C THR B 9 -39.06 19.59 9.12
N ARG B 10 -38.76 20.03 10.35
CA ARG B 10 -37.98 19.23 11.37
C ARG B 10 -38.85 18.57 12.46
N ILE B 11 -39.99 19.17 12.70
CA ILE B 11 -40.90 18.75 13.76
C ILE B 11 -42.19 18.32 13.13
N HIS B 12 -42.62 17.13 13.48
CA HIS B 12 -43.87 16.58 12.92
C HIS B 12 -44.82 16.01 13.98
N VAL B 13 -46.10 16.13 13.67
CA VAL B 13 -47.15 15.57 14.51
C VAL B 13 -47.72 14.37 13.78
N VAL B 14 -47.63 13.22 14.42
CA VAL B 14 -48.27 11.98 13.87
C VAL B 14 -49.26 11.45 14.90
N GLN B 15 -50.33 10.87 14.36
CA GLN B 15 -51.39 10.28 15.17
C GLN B 15 -51.37 8.78 15.08
N GLY B 16 -51.22 8.18 16.25
CA GLY B 16 -51.23 6.74 16.37
C GLY B 16 -50.31 6.15 17.41
N ASP B 17 -49.82 4.96 17.08
CA ASP B 17 -49.08 4.10 18.02
C ASP B 17 -47.59 4.27 17.85
N ILE B 18 -47.00 4.88 18.88
CA ILE B 18 -45.52 5.20 18.94
C ILE B 18 -44.62 4.01 18.67
N THR B 19 -45.10 2.83 19.02
CA THR B 19 -44.29 1.58 18.87
C THR B 19 -44.10 1.11 17.44
N LYS B 20 -44.87 1.72 16.57
CA LYS B 20 -44.85 1.42 15.11
C LYS B 20 -43.88 2.32 14.33
N LEU B 21 -43.47 3.40 14.99
CA LEU B 21 -42.60 4.43 14.38
C LEU B 21 -41.15 3.99 14.18
N ALA B 22 -40.79 3.87 12.90
CA ALA B 22 -39.38 3.59 12.50
C ALA B 22 -38.52 4.86 12.58
N VAL B 23 -38.12 5.18 13.79
CA VAL B 23 -37.21 6.31 14.05
C VAL B 23 -36.01 5.80 14.82
N ASP B 24 -35.01 6.65 14.95
CA ASP B 24 -33.77 6.25 15.67
C ASP B 24 -34.11 5.90 17.15
N VAL B 25 -34.79 6.84 17.77
CA VAL B 25 -35.18 6.72 19.17
C VAL B 25 -36.63 6.95 19.44
N ILE B 26 -37.14 6.06 20.27
CA ILE B 26 -38.52 6.15 20.80
C ILE B 26 -38.47 6.49 22.28
N VAL B 27 -39.24 7.48 22.66
CA VAL B 27 -39.29 7.92 24.06
C VAL B 27 -40.42 7.24 24.83
N ASN B 28 -40.01 6.72 25.98
CA ASN B 28 -40.95 6.12 26.95
C ASN B 28 -41.29 7.06 28.13
N ALA B 29 -42.58 7.19 28.37
CA ALA B 29 -43.14 7.87 29.57
C ALA B 29 -43.14 6.88 30.73
N ALA B 30 -42.04 6.95 31.44
CA ALA B 30 -41.72 5.97 32.48
C ALA B 30 -42.01 6.47 33.91
N ALA B 31 -41.94 5.51 34.81
CA ALA B 31 -41.93 5.74 36.26
C ALA B 31 -40.51 5.54 36.79
N PRO B 32 -40.17 6.15 37.94
CA PRO B 32 -38.82 6.04 38.53
C PRO B 32 -38.25 4.66 38.62
N SER B 33 -39.13 3.70 38.89
CA SER B 33 -38.83 2.24 38.88
C SER B 33 -38.24 1.76 37.58
N LEU B 34 -38.87 2.22 36.50
CA LEU B 34 -38.49 1.91 35.09
C LEU B 34 -38.88 0.52 34.63
N MET B 35 -39.85 -0.05 35.31
CA MET B 35 -40.11 -1.49 35.15
C MET B 35 -41.44 -1.84 34.50
N GLY B 36 -41.80 -1.04 33.53
CA GLY B 36 -42.98 -1.36 32.78
C GLY B 36 -44.16 -0.83 33.54
N GLY B 37 -45.25 -0.69 32.84
CA GLY B 37 -46.46 -0.07 33.36
C GLY B 37 -47.66 -0.26 32.47
N GLY B 38 -48.56 0.70 32.53
CA GLY B 38 -49.89 0.56 31.91
C GLY B 38 -50.25 1.32 30.67
N GLY B 39 -49.60 2.45 30.46
CA GLY B 39 -49.88 3.29 29.32
C GLY B 39 -48.91 2.99 28.19
N VAL B 40 -48.09 3.96 27.83
CA VAL B 40 -47.12 3.76 26.75
C VAL B 40 -46.11 2.72 27.16
N ALA B 41 -45.72 2.86 28.42
CA ALA B 41 -44.69 2.00 29.04
C ALA B 41 -44.98 0.54 28.75
N GLY B 42 -46.25 0.19 28.89
CA GLY B 42 -46.71 -1.20 28.64
C GLY B 42 -46.66 -1.55 27.16
N ALA B 43 -47.24 -0.65 26.37
CA ALA B 43 -47.21 -0.77 24.88
C ALA B 43 -45.77 -1.02 24.35
N ILE B 44 -44.90 -0.18 24.84
CA ILE B 44 -43.48 -0.17 24.47
C ILE B 44 -42.79 -1.48 24.86
N HIS B 45 -42.92 -1.82 26.12
CA HIS B 45 -42.31 -3.07 26.67
C HIS B 45 -42.82 -4.31 25.96
N ARG B 46 -44.12 -4.36 25.78
CA ARG B 46 -44.76 -5.51 25.08
C ARG B 46 -44.24 -5.64 23.65
N ALA B 47 -44.16 -4.50 22.99
CA ALA B 47 -43.68 -4.42 21.59
C ALA B 47 -42.19 -4.75 21.44
N ALA B 48 -41.44 -4.27 22.42
CA ALA B 48 -39.95 -4.40 22.44
C ALA B 48 -39.48 -5.82 22.77
N GLY B 49 -40.25 -6.43 23.64
CA GLY B 49 -39.96 -7.78 24.15
C GLY B 49 -39.11 -7.74 25.41
N PRO B 50 -38.69 -8.91 25.92
CA PRO B 50 -38.05 -9.06 27.23
C PRO B 50 -36.69 -8.41 27.35
N ALA B 51 -36.03 -8.20 26.22
CA ALA B 51 -34.67 -7.58 26.21
C ALA B 51 -34.68 -6.21 26.89
N LEU B 52 -35.79 -5.52 26.70
CA LEU B 52 -35.94 -4.13 27.16
C LEU B 52 -35.91 -4.08 28.67
N LEU B 53 -36.67 -5.01 29.21
CA LEU B 53 -36.80 -5.15 30.67
C LEU B 53 -35.45 -5.49 31.31
N ASP B 54 -34.78 -6.46 30.70
CA ASP B 54 -33.43 -6.84 31.15
C ASP B 54 -32.53 -5.61 31.27
N ALA B 55 -32.61 -4.83 30.22
CA ALA B 55 -31.77 -3.63 30.05
C ALA B 55 -32.15 -2.60 31.12
N CYS B 56 -33.45 -2.42 31.30
CA CYS B 56 -33.98 -1.52 32.37
C CYS B 56 -33.54 -1.95 33.78
N LEU B 57 -33.48 -3.25 33.96
CA LEU B 57 -32.98 -3.83 35.23
C LEU B 57 -31.55 -3.45 35.53
N LYS B 58 -30.71 -3.69 34.54
CA LYS B 58 -29.27 -3.35 34.60
C LYS B 58 -29.03 -1.92 35.03
N VAL B 59 -29.85 -1.06 34.45
CA VAL B 59 -29.78 0.39 34.68
C VAL B 59 -30.12 0.71 36.14
N ARG B 60 -31.30 0.26 36.52
CA ARG B 60 -31.85 0.32 37.90
C ARG B 60 -30.80 -0.13 38.92
N GLN B 61 -30.24 -1.27 38.60
CA GLN B 61 -29.15 -1.86 39.37
C GLN B 61 -27.95 -0.89 39.54
N GLN B 62 -27.73 -0.09 38.52
CA GLN B 62 -26.53 0.75 38.37
C GLN B 62 -26.69 2.19 38.88
N GLN B 63 -27.90 2.69 38.79
CA GLN B 63 -28.19 4.07 39.20
C GLN B 63 -29.36 4.21 40.15
N GLY B 64 -29.94 3.07 40.50
CA GLY B 64 -31.18 3.05 41.25
C GLY B 64 -32.36 3.67 40.49
N ASP B 65 -33.30 4.19 41.25
CA ASP B 65 -34.49 4.86 40.66
C ASP B 65 -34.09 6.07 39.84
N CYS B 66 -34.74 6.18 38.70
CA CYS B 66 -34.57 7.34 37.77
C CYS B 66 -35.41 8.52 38.28
N PRO B 67 -34.74 9.59 38.75
CA PRO B 67 -35.50 10.66 39.34
C PRO B 67 -36.34 11.41 38.33
N THR B 68 -37.35 12.03 38.89
CA THR B 68 -38.29 12.82 38.11
C THR B 68 -37.54 13.92 37.37
N GLY B 69 -37.94 14.08 36.12
CA GLY B 69 -37.36 15.08 35.20
C GLY B 69 -36.11 14.61 34.44
N HIS B 70 -35.64 13.43 34.82
CA HIS B 70 -34.43 12.87 34.22
C HIS B 70 -34.74 11.73 33.28
N ALA B 71 -33.69 11.21 32.66
CA ALA B 71 -33.84 10.22 31.62
C ALA B 71 -32.65 9.35 31.42
N VAL B 72 -32.96 8.18 30.91
CA VAL B 72 -31.93 7.18 30.56
C VAL B 72 -32.22 6.58 29.19
N ILE B 73 -31.16 6.00 28.64
CA ILE B 73 -31.26 5.37 27.32
C ILE B 73 -30.84 3.91 27.38
N THR B 74 -31.59 3.12 26.65
CA THR B 74 -31.34 1.67 26.53
C THR B 74 -31.55 1.17 25.11
N LEU B 75 -31.13 -0.06 24.91
CA LEU B 75 -31.42 -0.78 23.66
C LEU B 75 -32.95 -0.82 23.45
N ALA B 76 -33.38 -1.29 22.29
CA ALA B 76 -34.81 -1.26 21.93
C ALA B 76 -35.43 -2.59 21.49
N GLY B 77 -34.62 -3.63 21.55
CA GLY B 77 -35.06 -5.00 21.19
C GLY B 77 -35.86 -5.09 19.90
N ASP B 78 -37.05 -5.64 19.97
CA ASP B 78 -37.89 -5.93 18.76
C ASP B 78 -38.53 -4.70 18.10
N LEU B 79 -38.43 -3.56 18.79
CA LEU B 79 -38.96 -2.31 18.22
C LEU B 79 -38.27 -2.01 16.88
N PRO B 80 -38.96 -1.32 15.94
CA PRO B 80 -38.25 -0.82 14.76
C PRO B 80 -37.29 0.35 15.04
N ALA B 81 -37.33 0.88 16.24
CA ALA B 81 -36.35 1.89 16.68
C ALA B 81 -34.99 1.27 17.00
N LYS B 82 -34.00 2.13 17.14
CA LYS B 82 -32.62 1.72 17.47
C LYS B 82 -32.35 1.78 18.95
N ALA B 83 -33.03 2.70 19.58
CA ALA B 83 -32.94 2.84 21.03
C ALA B 83 -34.21 3.36 21.63
N VAL B 84 -34.36 3.06 22.92
CA VAL B 84 -35.44 3.63 23.74
C VAL B 84 -34.87 4.52 24.82
N VAL B 85 -35.45 5.69 24.90
CA VAL B 85 -35.15 6.66 25.98
C VAL B 85 -36.31 6.64 26.95
N HIS B 86 -35.96 6.28 28.17
CA HIS B 86 -36.93 6.24 29.26
C HIS B 86 -36.76 7.50 30.07
N THR B 87 -37.82 8.26 30.11
CA THR B 87 -37.84 9.49 30.91
C THR B 87 -39.05 9.54 31.83
N VAL B 88 -38.83 10.23 32.93
CA VAL B 88 -39.79 10.32 34.05
C VAL B 88 -40.39 11.70 34.17
N GLY B 89 -41.62 11.77 33.72
CA GLY B 89 -42.45 12.98 33.85
C GLY B 89 -42.89 13.24 35.29
N PRO B 90 -43.27 14.48 35.62
CA PRO B 90 -43.79 14.70 36.94
C PRO B 90 -45.24 14.28 37.09
N VAL B 91 -45.58 13.96 38.32
CA VAL B 91 -46.95 13.76 38.72
C VAL B 91 -47.59 15.13 38.97
N TRP B 92 -48.76 15.29 38.37
CA TRP B 92 -49.49 16.55 38.47
C TRP B 92 -50.16 16.67 39.83
N ARG B 93 -49.87 17.77 40.48
CA ARG B 93 -50.28 18.00 41.86
C ARG B 93 -50.72 19.43 42.03
N GLY B 94 -51.27 20.02 40.98
CA GLY B 94 -51.55 21.46 41.01
C GLY B 94 -50.23 22.01 40.51
N GLY B 95 -50.22 23.22 40.00
CA GLY B 95 -49.02 23.80 39.38
C GLY B 95 -48.08 24.53 40.33
N GLU B 96 -48.27 24.24 41.61
CA GLU B 96 -47.56 24.95 42.70
C GLU B 96 -46.37 24.14 43.29
N GLN B 97 -46.02 23.05 42.64
CA GLN B 97 -44.88 22.19 43.09
C GLN B 97 -43.84 21.89 42.02
N ASN B 98 -43.59 22.91 41.21
CA ASN B 98 -42.50 22.93 40.19
C ASN B 98 -42.71 21.93 39.05
N GLU B 99 -43.94 21.54 38.83
CA GLU B 99 -44.30 20.50 37.82
C GLU B 99 -43.95 20.91 36.38
N ASP B 100 -44.25 22.14 36.09
CA ASP B 100 -43.94 22.79 34.79
C ASP B 100 -42.45 22.67 34.37
N GLN B 101 -41.61 23.03 35.33
CA GLN B 101 -40.14 23.00 35.21
C GLN B 101 -39.65 21.57 34.99
N LEU B 102 -40.23 20.67 35.76
CA LEU B 102 -39.86 19.23 35.75
C LEU B 102 -40.25 18.53 34.43
N LEU B 103 -41.39 18.92 33.90
CA LEU B 103 -41.86 18.40 32.59
C LEU B 103 -40.93 18.86 31.46
N GLN B 104 -40.58 20.13 31.56
CA GLN B 104 -39.55 20.77 30.71
C GLN B 104 -38.25 19.97 30.71
N ASP B 105 -37.80 19.72 31.92
CA ASP B 105 -36.56 18.94 32.17
C ASP B 105 -36.59 17.53 31.51
N ALA B 106 -37.75 16.91 31.61
CA ALA B 106 -37.94 15.58 31.04
C ALA B 106 -37.68 15.59 29.54
N TYR B 107 -38.26 16.59 28.91
CA TYR B 107 -38.12 16.77 27.43
C TYR B 107 -36.65 17.13 27.07
N LEU B 108 -36.12 18.08 27.81
CA LEU B 108 -34.73 18.54 27.65
C LEU B 108 -33.70 17.40 27.77
N ASN B 109 -33.72 16.73 28.91
CA ASN B 109 -32.76 15.65 29.19
C ASN B 109 -32.88 14.49 28.21
N SER B 110 -34.10 14.28 27.75
CA SER B 110 -34.39 13.23 26.73
C SER B 110 -33.66 13.57 25.42
N LEU B 111 -33.89 14.78 24.99
CA LEU B 111 -33.28 15.33 23.75
C LEU B 111 -31.76 15.28 23.82
N ARG B 112 -31.26 15.73 24.96
CA ARG B 112 -29.80 15.74 25.26
C ARG B 112 -29.18 14.35 25.09
N LEU B 113 -29.87 13.38 25.62
CA LEU B 113 -29.46 11.95 25.51
C LEU B 113 -29.50 11.42 24.07
N VAL B 114 -30.55 11.79 23.36
CA VAL B 114 -30.66 11.40 21.93
C VAL B 114 -29.43 11.91 21.16
N ALA B 115 -29.14 13.16 21.42
CA ALA B 115 -28.00 13.86 20.81
C ALA B 115 -26.67 13.23 21.19
N ALA B 116 -26.50 13.08 22.49
CA ALA B 116 -25.24 12.56 23.11
C ALA B 116 -24.89 11.17 22.61
N ASN B 117 -25.91 10.48 22.15
CA ASN B 117 -25.77 9.12 21.59
C ASN B 117 -25.81 9.07 20.06
N SER B 118 -25.71 10.27 19.50
CA SER B 118 -25.51 10.51 18.03
C SER B 118 -26.70 10.11 17.19
N TYR B 119 -27.85 10.17 17.81
CA TYR B 119 -29.10 9.83 17.12
C TYR B 119 -29.73 11.08 16.46
N THR B 120 -30.36 10.86 15.33
CA THR B 120 -30.82 11.98 14.46
C THR B 120 -32.30 12.24 14.54
N SER B 121 -33.02 11.18 14.85
CA SER B 121 -34.51 11.21 14.94
C SER B 121 -35.07 10.60 16.23
N VAL B 122 -36.02 11.31 16.78
CA VAL B 122 -36.68 10.88 18.01
C VAL B 122 -38.21 11.09 17.95
N ALA B 123 -38.89 10.11 18.51
CA ALA B 123 -40.37 10.17 18.74
C ALA B 123 -40.77 10.33 20.23
N PHE B 124 -41.68 11.26 20.44
CA PHE B 124 -42.24 11.61 21.79
C PHE B 124 -43.73 11.34 21.99
N PRO B 125 -44.11 10.72 23.11
CA PRO B 125 -45.50 10.68 23.49
C PRO B 125 -45.82 11.86 24.39
N ALA B 126 -47.10 11.99 24.70
CA ALA B 126 -47.63 13.08 25.53
C ALA B 126 -47.34 12.80 26.99
N ILE B 127 -46.09 13.03 27.29
CA ILE B 127 -45.58 12.67 28.59
C ILE B 127 -46.29 13.44 29.78
N SER B 128 -46.59 12.67 30.82
CA SER B 128 -47.32 13.12 32.09
C SER B 128 -48.87 13.33 31.99
N THR B 129 -49.39 13.22 30.79
CA THR B 129 -50.82 13.56 30.50
C THR B 129 -51.80 12.44 30.71
N GLY B 130 -51.27 11.26 30.92
CA GLY B 130 -52.12 10.07 31.15
C GLY B 130 -52.40 9.86 32.61
N VAL B 131 -51.77 8.81 33.11
CA VAL B 131 -51.89 8.39 34.53
C VAL B 131 -51.39 9.49 35.49
N TYR B 132 -50.36 10.21 35.08
CA TYR B 132 -49.76 11.31 35.92
C TYR B 132 -50.59 12.61 35.97
N GLY B 133 -51.65 12.60 35.19
CA GLY B 133 -52.75 13.58 35.26
C GLY B 133 -52.43 15.05 34.99
N TYR B 134 -51.51 15.29 34.08
CA TYR B 134 -51.12 16.68 33.70
C TYR B 134 -52.17 17.23 32.74
N PRO B 135 -52.72 18.44 33.02
CA PRO B 135 -53.63 19.08 32.08
C PRO B 135 -53.07 19.10 30.65
N ARG B 136 -53.81 18.44 29.79
CA ARG B 136 -53.39 18.13 28.40
C ARG B 136 -52.84 19.31 27.61
N ALA B 137 -53.46 20.45 27.84
CA ALA B 137 -53.17 21.70 27.06
C ALA B 137 -51.91 22.42 27.51
N ALA B 138 -51.79 22.54 28.82
CA ALA B 138 -50.62 23.16 29.47
C ALA B 138 -49.34 22.35 29.17
N ALA B 139 -49.52 21.04 29.24
CA ALA B 139 -48.43 20.03 28.95
C ALA B 139 -47.87 20.12 27.53
N ALA B 140 -48.79 20.02 26.58
CA ALA B 140 -48.48 20.14 25.13
C ALA B 140 -47.80 21.47 24.77
N GLU B 141 -48.19 22.51 25.50
CA GLU B 141 -47.57 23.86 25.36
C GLU B 141 -46.09 23.83 25.69
N ILE B 142 -45.81 23.21 26.82
CA ILE B 142 -44.44 23.04 27.32
C ILE B 142 -43.61 22.14 26.38
N ALA B 143 -44.24 21.05 25.98
CA ALA B 143 -43.62 20.07 25.06
C ALA B 143 -43.14 20.78 23.80
N VAL B 144 -44.10 21.41 23.14
CA VAL B 144 -43.84 22.11 21.86
C VAL B 144 -42.80 23.24 21.99
N LYS B 145 -42.98 24.04 23.01
CA LYS B 145 -42.10 25.20 23.24
C LYS B 145 -40.65 24.74 23.49
N THR B 146 -40.54 23.80 24.42
CA THR B 146 -39.23 23.25 24.84
C THR B 146 -38.47 22.62 23.67
N VAL B 147 -39.19 21.76 22.98
CA VAL B 147 -38.60 20.99 21.83
C VAL B 147 -38.18 21.91 20.70
N SER B 148 -39.09 22.82 20.39
CA SER B 148 -38.88 23.84 19.32
C SER B 148 -37.67 24.72 19.60
N GLU B 149 -37.63 25.24 20.81
CA GLU B 149 -36.46 26.08 21.24
C GLU B 149 -35.15 25.32 21.19
N PHE B 150 -35.25 24.05 21.57
CA PHE B 150 -34.06 23.19 21.63
C PHE B 150 -33.47 22.90 20.24
N ILE B 151 -34.35 22.51 19.33
CA ILE B 151 -33.90 22.16 17.96
C ILE B 151 -33.38 23.41 17.24
N THR B 152 -33.90 24.55 17.64
CA THR B 152 -33.41 25.86 17.15
C THR B 152 -31.95 26.04 17.52
N ARG B 153 -31.61 25.67 18.74
CA ARG B 153 -30.21 25.82 19.27
C ARG B 153 -29.25 24.68 18.97
N HIS B 154 -29.74 23.63 18.33
CA HIS B 154 -28.96 22.38 18.17
C HIS B 154 -29.18 21.65 16.85
N ALA B 155 -28.09 21.15 16.31
CA ALA B 155 -28.15 20.35 15.07
C ALA B 155 -28.86 19.01 15.26
N LEU B 156 -28.59 18.45 16.42
CA LEU B 156 -29.12 17.12 16.84
C LEU B 156 -30.07 17.23 18.03
N PRO B 157 -31.21 16.55 17.95
CA PRO B 157 -31.64 15.74 16.83
C PRO B 157 -32.13 16.56 15.68
N GLU B 158 -32.02 15.96 14.51
CA GLU B 158 -32.47 16.59 13.26
C GLU B 158 -33.99 16.58 13.14
N GLN B 159 -34.54 15.41 13.37
CA GLN B 159 -36.01 15.15 13.24
C GLN B 159 -36.68 14.80 14.57
N VAL B 160 -37.78 15.45 14.83
CA VAL B 160 -38.61 15.17 16.03
C VAL B 160 -40.06 14.87 15.66
N TYR B 161 -40.54 13.75 16.16
CA TYR B 161 -41.96 13.36 16.01
C TYR B 161 -42.73 13.41 17.33
N PHE B 162 -43.79 14.20 17.33
CA PHE B 162 -44.78 14.18 18.44
C PHE B 162 -45.86 13.17 18.13
N VAL B 163 -45.80 12.05 18.82
CA VAL B 163 -46.79 10.98 18.63
C VAL B 163 -47.96 11.14 19.58
N CYS B 164 -49.09 11.32 18.95
CA CYS B 164 -50.35 11.55 19.66
C CYS B 164 -51.31 10.38 19.52
N TYR B 165 -51.83 9.94 20.66
CA TYR B 165 -52.61 8.66 20.77
C TYR B 165 -54.09 8.79 20.39
N ASP B 166 -54.55 10.02 20.41
CA ASP B 166 -55.93 10.36 20.04
C ASP B 166 -55.95 11.61 19.13
N GLU B 167 -57.02 11.76 18.37
CA GLU B 167 -57.19 12.90 17.43
C GLU B 167 -57.22 14.25 18.17
N GLU B 168 -57.81 14.23 19.35
CA GLU B 168 -58.00 15.46 20.16
C GLU B 168 -56.63 16.11 20.49
N ASN B 169 -55.76 15.27 21.01
CA ASN B 169 -54.37 15.62 21.36
C ASN B 169 -53.58 16.05 20.12
N ALA B 170 -53.76 15.27 19.08
CA ALA B 170 -53.07 15.53 17.79
C ALA B 170 -53.34 16.97 17.34
N HIS B 171 -54.62 17.33 17.33
CA HIS B 171 -55.09 18.70 16.90
C HIS B 171 -54.52 19.79 17.76
N LEU B 172 -54.50 19.48 19.04
CA LEU B 172 -53.95 20.33 20.09
C LEU B 172 -52.52 20.78 19.76
N TYR B 173 -51.69 19.78 19.54
CA TYR B 173 -50.26 19.95 19.14
C TYR B 173 -50.15 20.74 17.84
N GLU B 174 -50.85 20.25 16.84
CA GLU B 174 -50.87 20.85 15.48
C GLU B 174 -51.07 22.36 15.51
N ARG B 175 -52.02 22.77 16.34
CA ARG B 175 -52.41 24.20 16.48
C ARG B 175 -51.26 24.96 17.11
N LEU B 176 -50.72 24.37 18.17
CA LEU B 176 -49.65 24.99 18.93
C LEU B 176 -48.41 25.18 18.07
N LEU B 177 -48.21 24.20 17.20
CA LEU B 177 -47.10 24.13 16.24
C LEU B 177 -47.28 25.09 15.10
N THR B 178 -48.45 25.01 14.48
CA THR B 178 -48.83 25.82 13.30
C THR B 178 -49.22 27.20 13.77
N GLN B 179 -48.61 27.67 14.86
CA GLN B 179 -49.01 28.92 15.56
C GLN B 179 -47.84 29.81 15.94
N GLN B 180 -46.79 29.77 15.13
CA GLN B 180 -45.52 30.43 15.45
C GLN B 180 -45.22 31.65 14.62
N LYS C 8 29.11 -59.78 -26.80
CA LYS C 8 29.34 -60.93 -27.71
C LYS C 8 27.96 -61.29 -28.37
N THR C 9 27.35 -62.23 -27.70
CA THR C 9 26.01 -62.71 -27.97
C THR C 9 24.97 -61.93 -27.13
N ARG C 10 25.47 -61.22 -26.15
CA ARG C 10 24.65 -60.54 -25.11
C ARG C 10 24.52 -59.04 -25.26
N ILE C 11 25.49 -58.44 -25.91
CA ILE C 11 25.51 -56.97 -26.11
C ILE C 11 25.40 -56.65 -27.58
N HIS C 12 24.47 -55.79 -27.91
CA HIS C 12 24.22 -55.42 -29.32
C HIS C 12 24.15 -53.94 -29.56
N VAL C 13 24.58 -53.58 -30.75
CA VAL C 13 24.54 -52.18 -31.20
C VAL C 13 23.51 -52.08 -32.28
N VAL C 14 22.57 -51.22 -32.04
CA VAL C 14 21.49 -50.97 -32.97
C VAL C 14 21.42 -49.47 -33.25
N GLN C 15 21.08 -49.18 -34.48
CA GLN C 15 20.98 -47.80 -34.93
C GLN C 15 19.54 -47.39 -35.18
N GLY C 16 19.18 -46.32 -34.53
CA GLY C 16 17.86 -45.74 -34.68
C GLY C 16 17.21 -45.19 -33.43
N ASP C 17 15.90 -45.31 -33.43
CA ASP C 17 15.03 -44.70 -32.41
C ASP C 17 14.71 -45.71 -31.28
N ILE C 18 15.26 -45.40 -30.11
CA ILE C 18 15.12 -46.21 -28.89
C ILE C 18 13.67 -46.52 -28.49
N THR C 19 12.77 -45.64 -28.84
CA THR C 19 11.32 -45.80 -28.50
C THR C 19 10.59 -46.88 -29.26
N LYS C 20 11.26 -47.37 -30.28
CA LYS C 20 10.72 -48.46 -31.15
C LYS C 20 11.15 -49.86 -30.72
N LEU C 21 12.15 -49.87 -29.86
CA LEU C 21 12.71 -51.13 -29.33
C LEU C 21 11.82 -51.90 -28.37
N ALA C 22 11.40 -53.06 -28.82
CA ALA C 22 10.65 -54.03 -27.99
C ALA C 22 11.62 -54.81 -27.07
N VAL C 23 12.00 -54.15 -26.00
CA VAL C 23 12.81 -54.76 -24.95
C VAL C 23 12.12 -54.61 -23.61
N ASP C 24 12.63 -55.29 -22.59
CA ASP C 24 11.99 -55.28 -21.26
C ASP C 24 11.98 -53.85 -20.72
N VAL C 25 13.17 -53.29 -20.71
CA VAL C 25 13.37 -51.94 -20.18
C VAL C 25 14.14 -51.02 -21.14
N ILE C 26 13.59 -49.84 -21.24
CA ILE C 26 14.18 -48.74 -22.03
C ILE C 26 14.75 -47.69 -21.10
N VAL C 27 15.97 -47.30 -21.36
CA VAL C 27 16.62 -46.28 -20.51
C VAL C 27 16.48 -44.85 -21.04
N ASN C 28 16.02 -43.98 -20.15
CA ASN C 28 15.90 -42.53 -20.42
C ASN C 28 17.04 -41.66 -19.83
N ALA C 29 17.59 -40.84 -20.71
CA ALA C 29 18.61 -39.82 -20.36
C ALA C 29 17.90 -38.60 -19.84
N ALA C 30 17.75 -38.63 -18.53
CA ALA C 30 16.88 -37.67 -17.82
C ALA C 30 17.66 -36.55 -17.14
N ALA C 31 16.87 -35.59 -16.71
CA ALA C 31 17.30 -34.50 -15.79
C ALA C 31 16.76 -34.76 -14.37
N PRO C 32 17.39 -34.15 -13.34
CA PRO C 32 17.03 -34.44 -11.98
C PRO C 32 15.55 -34.33 -11.68
N SER C 33 14.91 -33.45 -12.41
CA SER C 33 13.47 -33.20 -12.24
C SER C 33 12.63 -34.41 -12.64
N LEU C 34 13.16 -35.15 -13.60
CA LEU C 34 12.47 -36.32 -14.23
C LEU C 34 11.25 -35.95 -15.10
N MET C 35 11.18 -34.69 -15.49
CA MET C 35 9.90 -34.13 -16.00
C MET C 35 9.67 -33.81 -17.45
N GLY C 36 10.40 -34.46 -18.32
CA GLY C 36 10.23 -34.24 -19.73
C GLY C 36 11.40 -33.39 -20.11
N GLY C 37 11.78 -33.49 -21.35
CA GLY C 37 12.88 -32.69 -21.86
C GLY C 37 12.94 -32.73 -23.36
N GLY C 38 14.14 -32.56 -23.86
CA GLY C 38 14.39 -32.53 -25.27
C GLY C 38 15.61 -33.36 -25.58
N GLY C 39 15.38 -34.22 -26.55
CA GLY C 39 16.33 -35.24 -26.91
C GLY C 39 15.57 -36.48 -26.61
N VAL C 40 16.19 -37.45 -25.96
CA VAL C 40 15.52 -38.76 -25.81
C VAL C 40 14.31 -38.62 -24.91
N ALA C 41 14.52 -37.86 -23.86
CA ALA C 41 13.51 -37.66 -22.81
C ALA C 41 12.17 -37.26 -23.42
N GLY C 42 12.25 -36.37 -24.39
CA GLY C 42 11.05 -35.91 -25.10
C GLY C 42 10.46 -37.00 -25.99
N ALA C 43 11.33 -37.60 -26.77
CA ALA C 43 10.96 -38.73 -27.64
C ALA C 43 10.21 -39.82 -26.84
N ILE C 44 10.83 -40.16 -25.72
CA ILE C 44 10.35 -41.21 -24.82
C ILE C 44 8.98 -40.86 -24.26
N HIS C 45 8.91 -39.69 -23.68
CA HIS C 45 7.64 -39.19 -23.07
C HIS C 45 6.49 -39.09 -24.08
N ARG C 46 6.82 -38.53 -25.22
CA ARG C 46 5.83 -38.39 -26.31
C ARG C 46 5.33 -39.76 -26.79
N ALA C 47 6.26 -40.67 -26.92
CA ALA C 47 5.95 -42.08 -27.33
C ALA C 47 5.16 -42.85 -26.29
N ALA C 48 5.53 -42.61 -25.05
CA ALA C 48 4.98 -43.36 -23.87
C ALA C 48 3.58 -42.93 -23.54
N GLY C 49 3.38 -41.64 -23.73
CA GLY C 49 2.10 -41.00 -23.42
C GLY C 49 2.07 -40.49 -21.98
N PRO C 50 0.92 -39.96 -21.55
CA PRO C 50 0.81 -39.19 -20.29
C PRO C 50 1.02 -39.99 -19.02
N ALA C 51 0.83 -41.30 -19.13
CA ALA C 51 0.99 -42.19 -17.96
C ALA C 51 2.40 -42.09 -17.36
N LEU C 52 3.35 -41.90 -18.25
CA LEU C 52 4.78 -41.85 -17.89
C LEU C 52 5.07 -40.69 -16.95
N LEU C 53 4.54 -39.56 -17.38
CA LEU C 53 4.69 -38.30 -16.67
C LEU C 53 4.05 -38.40 -15.28
N ASP C 54 2.83 -38.91 -15.24
CA ASP C 54 2.10 -39.15 -13.96
C ASP C 54 2.96 -39.95 -12.99
N ALA C 55 3.60 -40.95 -13.55
CA ALA C 55 4.47 -41.87 -12.81
C ALA C 55 5.70 -41.14 -12.31
N CYS C 56 6.28 -40.36 -13.20
CA CYS C 56 7.48 -39.56 -12.86
C CYS C 56 7.19 -38.55 -11.75
N LEU C 57 5.98 -38.06 -11.78
CA LEU C 57 5.49 -37.14 -10.74
C LEU C 57 5.43 -37.73 -9.37
N LYS C 58 4.80 -38.89 -9.33
CA LYS C 58 4.69 -39.72 -8.13
C LYS C 58 6.03 -39.97 -7.48
N VAL C 59 7.00 -40.26 -8.32
CA VAL C 59 8.39 -40.54 -7.89
C VAL C 59 9.02 -39.31 -7.25
N ARG C 60 9.00 -38.24 -8.03
CA ARG C 60 9.46 -36.86 -7.64
C ARG C 60 8.90 -36.45 -6.28
N GLN C 61 7.61 -36.66 -6.19
CA GLN C 61 6.83 -36.48 -4.96
C GLN C 61 7.38 -37.29 -3.77
N GLN C 62 7.91 -38.45 -4.07
CA GLN C 62 8.36 -39.47 -3.05
C GLN C 62 9.81 -39.32 -2.65
N GLN C 63 10.62 -38.96 -3.61
CA GLN C 63 12.07 -38.90 -3.40
C GLN C 63 12.73 -37.59 -3.81
N GLY C 64 11.89 -36.68 -4.26
CA GLY C 64 12.37 -35.39 -4.79
C GLY C 64 13.16 -35.56 -6.06
N ASP C 65 14.07 -34.64 -6.28
CA ASP C 65 14.98 -34.71 -7.44
C ASP C 65 15.84 -35.95 -7.41
N CYS C 66 15.98 -36.54 -8.58
CA CYS C 66 16.87 -37.67 -8.80
C CYS C 66 18.30 -37.18 -8.98
N PRO C 67 19.19 -37.52 -8.03
CA PRO C 67 20.54 -37.01 -8.13
C PRO C 67 21.33 -37.59 -9.27
N THR C 68 22.31 -36.79 -9.65
CA THR C 68 23.20 -37.15 -10.75
C THR C 68 23.85 -38.50 -10.39
N GLY C 69 23.89 -39.34 -11.40
CA GLY C 69 24.54 -40.67 -11.34
C GLY C 69 23.61 -41.77 -10.84
N HIS C 70 22.43 -41.34 -10.43
CA HIS C 70 21.43 -42.27 -9.94
C HIS C 70 20.29 -42.48 -10.90
N ALA C 71 19.41 -43.38 -10.51
CA ALA C 71 18.35 -43.84 -11.42
C ALA C 71 17.14 -44.37 -10.72
N VAL C 72 16.05 -44.26 -11.44
CA VAL C 72 14.74 -44.76 -10.98
C VAL C 72 14.03 -45.48 -12.09
N ILE C 73 13.09 -46.30 -11.67
CA ILE C 73 12.31 -47.10 -12.61
C ILE C 73 10.82 -46.84 -12.45
N THR C 74 10.17 -46.79 -13.59
CA THR C 74 8.71 -46.57 -13.68
C THR C 74 8.08 -47.43 -14.74
N LEU C 75 6.76 -47.40 -14.74
CA LEU C 75 5.96 -47.98 -15.82
C LEU C 75 6.31 -47.31 -17.15
N ALA C 76 5.81 -47.87 -18.24
CA ALA C 76 6.26 -47.44 -19.63
C ALA C 76 5.13 -47.05 -20.60
N GLY C 77 3.92 -47.12 -20.09
CA GLY C 77 2.71 -46.75 -20.84
C GLY C 77 2.68 -47.34 -22.24
N ASP C 78 2.52 -46.48 -23.23
CA ASP C 78 2.33 -46.90 -24.67
C ASP C 78 3.58 -47.43 -25.38
N LEU C 79 4.73 -47.29 -24.73
CA LEU C 79 6.01 -47.83 -25.28
C LEU C 79 5.97 -49.36 -25.41
N PRO C 80 6.80 -49.96 -26.34
CA PRO C 80 6.77 -51.43 -26.40
C PRO C 80 7.85 -52.01 -25.46
N ALA C 81 7.92 -51.46 -24.28
CA ALA C 81 8.82 -51.91 -23.31
C ALA C 81 7.90 -52.15 -22.16
N LYS C 82 8.46 -52.80 -21.15
CA LYS C 82 7.70 -53.15 -19.94
C LYS C 82 7.87 -52.08 -18.88
N ALA C 83 9.03 -51.47 -18.93
CA ALA C 83 9.37 -50.42 -17.99
C ALA C 83 10.35 -49.44 -18.57
N VAL C 84 10.35 -48.26 -17.98
CA VAL C 84 11.36 -47.22 -18.27
C VAL C 84 12.19 -46.92 -17.08
N VAL C 85 13.49 -46.92 -17.31
CA VAL C 85 14.48 -46.53 -16.29
C VAL C 85 14.98 -45.14 -16.63
N HIS C 86 14.73 -44.24 -15.71
CA HIS C 86 15.15 -42.86 -15.86
C HIS C 86 16.41 -42.68 -15.06
N THR C 87 17.45 -42.32 -15.76
CA THR C 87 18.74 -42.08 -15.12
C THR C 87 19.30 -40.72 -15.53
N VAL C 88 20.06 -40.17 -14.60
CA VAL C 88 20.62 -38.81 -14.71
C VAL C 88 22.12 -38.82 -14.91
N GLY C 89 22.47 -38.56 -16.14
CA GLY C 89 23.89 -38.43 -16.54
C GLY C 89 24.50 -37.13 -16.02
N PRO C 90 25.83 -37.06 -15.94
CA PRO C 90 26.41 -35.81 -15.56
C PRO C 90 26.46 -34.80 -16.71
N VAL C 91 26.47 -33.54 -16.28
CA VAL C 91 26.77 -32.43 -17.18
C VAL C 91 28.29 -32.32 -17.35
N TRP C 92 28.71 -32.26 -18.60
CA TRP C 92 30.14 -32.19 -18.92
C TRP C 92 30.70 -30.82 -18.61
N ARG C 93 31.77 -30.83 -17.82
CA ARG C 93 32.42 -29.61 -17.29
C ARG C 93 33.96 -29.58 -17.47
N GLY C 94 34.43 -30.34 -18.42
CA GLY C 94 35.87 -30.34 -18.79
C GLY C 94 36.67 -31.53 -18.33
N GLY C 95 36.09 -32.30 -17.42
CA GLY C 95 36.68 -33.58 -16.96
C GLY C 95 37.36 -33.59 -15.58
N GLU C 96 37.49 -32.41 -14.95
CA GLU C 96 38.11 -32.27 -13.55
C GLU C 96 37.05 -32.20 -12.49
N GLN C 97 35.84 -32.63 -12.82
CA GLN C 97 34.68 -32.53 -11.91
C GLN C 97 33.93 -33.85 -11.68
N ASN C 98 34.71 -34.92 -11.76
CA ASN C 98 34.25 -36.29 -11.42
C ASN C 98 33.20 -36.86 -12.40
N GLU C 99 33.19 -36.30 -13.59
CA GLU C 99 32.16 -36.63 -14.61
C GLU C 99 32.20 -38.08 -15.08
N ASP C 100 33.43 -38.55 -15.29
CA ASP C 100 33.70 -39.93 -15.74
C ASP C 100 33.08 -40.98 -14.80
N GLN C 101 33.30 -40.74 -13.54
CA GLN C 101 32.81 -41.61 -12.43
C GLN C 101 31.29 -41.62 -12.40
N LEU C 102 30.74 -40.43 -12.53
CA LEU C 102 29.27 -40.19 -12.44
C LEU C 102 28.50 -40.79 -13.62
N LEU C 103 29.14 -40.75 -14.78
CA LEU C 103 28.57 -41.39 -15.99
C LEU C 103 28.56 -42.90 -15.83
N GLN C 104 29.66 -43.39 -15.31
CA GLN C 104 29.81 -44.81 -14.89
C GLN C 104 28.65 -45.23 -13.98
N ASP C 105 28.46 -44.41 -12.97
CA ASP C 105 27.42 -44.63 -11.92
C ASP C 105 26.01 -44.70 -12.51
N ALA C 106 25.79 -43.83 -13.46
CA ALA C 106 24.51 -43.80 -14.19
C ALA C 106 24.21 -45.16 -14.84
N TYR C 107 25.22 -45.66 -15.51
CA TYR C 107 25.09 -46.95 -16.23
C TYR C 107 24.94 -48.10 -15.20
N LEU C 108 25.79 -48.09 -14.21
CA LEU C 108 25.79 -49.11 -13.14
C LEU C 108 24.42 -49.20 -12.43
N ASN C 109 23.99 -48.08 -11.87
CA ASN C 109 22.73 -48.02 -11.13
C ASN C 109 21.50 -48.39 -11.98
N SER C 110 21.59 -48.04 -13.25
CA SER C 110 20.53 -48.36 -14.22
C SER C 110 20.43 -49.88 -14.31
N LEU C 111 21.57 -50.48 -14.57
CA LEU C 111 21.69 -51.95 -14.75
C LEU C 111 21.19 -52.67 -13.50
N ARG C 112 21.64 -52.15 -12.38
CA ARG C 112 21.27 -52.68 -11.04
C ARG C 112 19.76 -52.71 -10.83
N LEU C 113 19.13 -51.63 -11.24
CA LEU C 113 17.65 -51.51 -11.19
C LEU C 113 16.92 -52.46 -12.14
N VAL C 114 17.43 -52.59 -13.34
CA VAL C 114 16.86 -53.54 -14.29
C VAL C 114 16.84 -54.92 -13.65
N ALA C 115 18.00 -55.26 -13.09
CA ALA C 115 18.24 -56.59 -12.47
C ALA C 115 17.32 -56.81 -11.26
N ALA C 116 17.35 -55.82 -10.40
CA ALA C 116 16.56 -55.80 -9.13
C ALA C 116 15.06 -55.93 -9.34
N ASN C 117 14.64 -55.56 -10.54
CA ASN C 117 13.22 -55.67 -10.95
C ASN C 117 12.94 -56.85 -11.87
N SER C 118 13.94 -57.72 -11.95
CA SER C 118 13.85 -59.06 -12.61
C SER C 118 13.67 -58.98 -14.12
N TYR C 119 14.21 -57.92 -14.66
CA TYR C 119 14.15 -57.71 -16.11
C TYR C 119 15.37 -58.32 -16.80
N THR C 120 15.17 -58.82 -17.99
CA THR C 120 16.23 -59.58 -18.72
C THR C 120 16.95 -58.79 -19.80
N SER C 121 16.23 -57.86 -20.36
CA SER C 121 16.71 -57.01 -21.50
C SER C 121 16.55 -55.50 -21.27
N VAL C 122 17.61 -54.79 -21.61
CA VAL C 122 17.64 -53.32 -21.48
C VAL C 122 18.29 -52.59 -22.66
N ALA C 123 17.65 -51.50 -23.04
CA ALA C 123 18.16 -50.60 -24.11
C ALA C 123 18.65 -49.27 -23.56
N PHE C 124 19.84 -48.91 -24.01
CA PHE C 124 20.55 -47.67 -23.61
C PHE C 124 20.77 -46.65 -24.74
N PRO C 125 20.45 -45.38 -24.48
CA PRO C 125 20.94 -44.35 -25.35
C PRO C 125 22.29 -43.84 -24.90
N ALA C 126 22.83 -42.97 -25.72
CA ALA C 126 24.17 -42.39 -25.46
C ALA C 126 24.05 -41.27 -24.43
N ILE C 127 23.97 -41.72 -23.18
CA ILE C 127 23.76 -40.83 -22.01
C ILE C 127 24.84 -39.76 -21.91
N SER C 128 24.36 -38.54 -21.68
CA SER C 128 25.17 -37.30 -21.46
C SER C 128 25.79 -36.64 -22.71
N THR C 129 25.65 -37.31 -23.84
CA THR C 129 26.36 -36.91 -25.09
C THR C 129 25.61 -35.88 -25.90
N GLY C 130 24.39 -35.65 -25.53
CA GLY C 130 23.56 -34.67 -26.23
C GLY C 130 23.69 -33.26 -25.65
N VAL C 131 22.59 -32.80 -25.05
CA VAL C 131 22.54 -31.43 -24.43
C VAL C 131 23.56 -31.33 -23.26
N TYR C 132 23.82 -32.43 -22.58
CA TYR C 132 24.82 -32.44 -21.45
C TYR C 132 26.29 -32.37 -21.89
N GLY C 133 26.47 -32.45 -23.18
CA GLY C 133 27.75 -32.13 -23.86
C GLY C 133 29.00 -32.96 -23.55
N TYR C 134 28.80 -34.24 -23.30
CA TYR C 134 29.91 -35.19 -23.02
C TYR C 134 30.59 -35.60 -24.33
N PRO C 135 31.93 -35.48 -24.42
CA PRO C 135 32.64 -35.92 -25.62
C PRO C 135 32.26 -37.35 -26.00
N ARG C 136 31.74 -37.46 -27.21
CA ARG C 136 31.08 -38.68 -27.74
C ARG C 136 31.92 -39.95 -27.56
N ALA C 137 33.23 -39.78 -27.72
CA ALA C 137 34.18 -40.92 -27.77
C ALA C 137 34.55 -41.44 -26.40
N ALA C 138 34.81 -40.49 -25.52
CA ALA C 138 35.17 -40.78 -24.12
C ALA C 138 33.99 -41.47 -23.40
N ALA C 139 32.81 -40.94 -23.69
CA ALA C 139 31.53 -41.40 -23.13
C ALA C 139 31.24 -42.84 -23.50
N ALA C 140 31.29 -43.08 -24.79
CA ALA C 140 31.06 -44.44 -25.38
C ALA C 140 32.04 -45.49 -24.83
N GLU C 141 33.26 -45.05 -24.58
CA GLU C 141 34.31 -45.88 -23.96
C GLU C 141 33.84 -46.37 -22.58
N ILE C 142 33.37 -45.42 -21.81
CA ILE C 142 32.86 -45.67 -20.45
C ILE C 142 31.61 -46.58 -20.46
N ALA C 143 30.72 -46.25 -21.37
CA ALA C 143 29.47 -46.98 -21.53
C ALA C 143 29.78 -48.46 -21.76
N VAL C 144 30.57 -48.69 -22.78
CA VAL C 144 30.93 -50.04 -23.22
C VAL C 144 31.68 -50.81 -22.15
N LYS C 145 32.66 -50.15 -21.57
CA LYS C 145 33.54 -50.80 -20.53
C LYS C 145 32.69 -51.23 -19.36
N THR C 146 31.91 -50.28 -18.89
CA THR C 146 31.09 -50.44 -17.66
C THR C 146 30.07 -51.55 -17.82
N VAL C 147 29.34 -51.47 -18.90
CA VAL C 147 28.26 -52.46 -19.23
C VAL C 147 28.82 -53.85 -19.43
N SER C 148 29.88 -53.92 -20.20
CA SER C 148 30.60 -55.18 -20.51
C SER C 148 31.08 -55.87 -19.24
N GLU C 149 31.78 -55.11 -18.43
CA GLU C 149 32.35 -55.63 -17.15
C GLU C 149 31.22 -56.09 -16.23
N PHE C 150 30.12 -55.39 -16.30
CA PHE C 150 28.95 -55.68 -15.43
C PHE C 150 28.25 -57.00 -15.81
N ILE C 151 27.98 -57.15 -17.10
CA ILE C 151 27.30 -58.38 -17.59
C ILE C 151 28.19 -59.59 -17.43
N THR C 152 29.48 -59.35 -17.45
CA THR C 152 30.48 -60.40 -17.14
C THR C 152 30.27 -60.95 -15.74
N ARG C 153 30.02 -60.04 -14.82
CA ARG C 153 29.82 -60.40 -13.38
C ARG C 153 28.41 -60.82 -12.96
N HIS C 154 27.47 -60.75 -13.89
CA HIS C 154 26.02 -60.86 -13.54
C HIS C 154 25.17 -61.53 -14.58
N ALA C 155 24.27 -62.36 -14.10
CA ALA C 155 23.34 -63.09 -14.98
C ALA C 155 22.35 -62.13 -15.65
N LEU C 156 21.94 -61.18 -14.82
CA LEU C 156 20.92 -60.17 -15.21
C LEU C 156 21.51 -58.75 -15.24
N PRO C 157 21.16 -57.98 -16.29
CA PRO C 157 20.39 -58.39 -17.45
C PRO C 157 21.11 -59.30 -18.43
N GLU C 158 20.31 -60.10 -19.11
CA GLU C 158 20.82 -61.10 -20.08
C GLU C 158 21.26 -60.40 -21.36
N GLN C 159 20.38 -59.55 -21.83
CA GLN C 159 20.56 -58.82 -23.08
C GLN C 159 20.67 -57.31 -22.88
N VAL C 160 21.68 -56.72 -23.50
CA VAL C 160 21.86 -55.26 -23.55
C VAL C 160 21.96 -54.68 -24.95
N TYR C 161 21.14 -53.68 -25.21
CA TYR C 161 21.17 -52.95 -26.50
C TYR C 161 21.65 -51.51 -26.35
N PHE C 162 22.70 -51.21 -27.08
CA PHE C 162 23.18 -49.81 -27.19
C PHE C 162 22.51 -49.18 -28.39
N VAL C 163 21.57 -48.32 -28.12
CA VAL C 163 20.85 -47.61 -29.19
C VAL C 163 21.55 -46.31 -29.53
N CYS C 164 21.96 -46.27 -30.77
CA CYS C 164 22.69 -45.12 -31.34
C CYS C 164 21.85 -44.37 -32.37
N TYR C 165 21.80 -43.06 -32.19
CA TYR C 165 20.86 -42.19 -32.94
C TYR C 165 21.35 -41.76 -34.33
N ASP C 166 22.65 -41.91 -34.54
CA ASP C 166 23.29 -41.65 -35.82
C ASP C 166 24.33 -42.74 -36.17
N GLU C 167 24.69 -42.79 -37.44
CA GLU C 167 25.60 -43.81 -38.04
C GLU C 167 27.07 -43.65 -37.45
N GLU C 168 27.48 -42.40 -37.25
CA GLU C 168 28.85 -42.08 -36.70
C GLU C 168 29.06 -42.72 -35.31
N ASN C 169 28.09 -42.47 -34.45
CA ASN C 169 28.03 -43.03 -33.08
C ASN C 169 27.95 -44.55 -33.07
N ALA C 170 27.05 -45.06 -33.90
CA ALA C 170 26.86 -46.52 -34.06
C ALA C 170 28.20 -47.21 -34.32
N HIS C 171 28.94 -46.69 -35.31
CA HIS C 171 30.25 -47.23 -35.73
C HIS C 171 31.27 -47.19 -34.59
N LEU C 172 31.21 -46.08 -33.89
CA LEU C 172 32.04 -45.80 -32.70
C LEU C 172 31.96 -46.92 -31.67
N TYR C 173 30.72 -47.20 -31.30
CA TYR C 173 30.37 -48.28 -30.35
C TYR C 173 30.84 -49.64 -30.85
N GLU C 174 30.44 -49.94 -32.07
CA GLU C 174 30.77 -51.22 -32.75
C GLU C 174 32.25 -51.54 -32.70
N ARG C 175 33.02 -50.51 -32.92
CA ARG C 175 34.50 -50.62 -32.92
C ARG C 175 34.99 -50.95 -31.53
N LEU C 176 34.45 -50.23 -30.58
CA LEU C 176 34.88 -50.35 -29.18
C LEU C 176 34.57 -51.72 -28.61
N LEU C 177 33.45 -52.25 -29.07
CA LEU C 177 32.96 -53.58 -28.66
C LEU C 177 33.86 -54.72 -29.11
N THR C 178 34.30 -54.59 -30.34
CA THR C 178 35.19 -55.60 -30.95
C THR C 178 36.57 -55.88 -30.23
N GLN C 179 36.86 -55.22 -29.11
CA GLN C 179 38.05 -55.64 -28.35
C GLN C 179 37.66 -56.38 -27.06
N LYS D 8 15.83 6.03 -17.35
CA LYS D 8 14.62 6.73 -17.87
C LYS D 8 13.74 7.21 -16.73
N THR D 9 14.03 6.62 -15.56
CA THR D 9 13.16 6.51 -14.32
C THR D 9 12.14 5.33 -14.24
N ARG D 10 12.08 4.51 -15.30
CA ARG D 10 11.12 3.37 -15.45
C ARG D 10 11.80 1.99 -15.65
N ILE D 11 12.98 2.04 -16.23
CA ILE D 11 13.77 0.84 -16.50
C ILE D 11 15.03 0.87 -15.67
N HIS D 12 15.27 -0.22 -14.96
CA HIS D 12 16.46 -0.34 -14.13
C HIS D 12 17.25 -1.60 -14.32
N VAL D 13 18.53 -1.45 -14.09
CA VAL D 13 19.46 -2.57 -14.17
C VAL D 13 19.96 -2.85 -12.79
N VAL D 14 19.74 -4.08 -12.41
CA VAL D 14 20.17 -4.54 -11.08
C VAL D 14 20.99 -5.81 -11.25
N GLN D 15 21.99 -5.90 -10.39
CA GLN D 15 22.88 -7.04 -10.41
C GLN D 15 22.65 -7.95 -9.21
N GLY D 16 22.40 -9.19 -9.55
CA GLY D 16 22.24 -10.23 -8.55
C GLY D 16 21.19 -11.26 -8.84
N ASP D 17 20.60 -11.72 -7.75
CA ASP D 17 19.68 -12.88 -7.73
C ASP D 17 18.23 -12.43 -7.84
N ILE D 18 17.65 -12.73 -8.98
CA ILE D 18 16.25 -12.36 -9.33
C ILE D 18 15.21 -12.79 -8.29
N THR D 19 15.50 -13.88 -7.59
CA THR D 19 14.53 -14.45 -6.59
C THR D 19 14.39 -13.62 -5.31
N LYS D 20 15.30 -12.68 -5.18
CA LYS D 20 15.35 -11.76 -4.03
C LYS D 20 14.57 -10.47 -4.26
N LEU D 21 14.26 -10.22 -5.51
CA LEU D 21 13.54 -8.99 -5.93
C LEU D 21 12.09 -8.91 -5.58
N ALA D 22 11.80 -7.96 -4.71
CA ALA D 22 10.41 -7.64 -4.31
C ALA D 22 9.73 -6.77 -5.37
N VAL D 23 9.31 -7.42 -6.42
CA VAL D 23 8.52 -6.81 -7.48
C VAL D 23 7.21 -7.58 -7.69
N ASP D 24 6.31 -7.01 -8.46
CA ASP D 24 4.98 -7.60 -8.66
C ASP D 24 5.14 -8.97 -9.32
N VAL D 25 5.86 -8.95 -10.43
CA VAL D 25 6.10 -10.16 -11.20
C VAL D 25 7.56 -10.42 -11.56
N ILE D 26 7.89 -11.67 -11.37
CA ILE D 26 9.23 -12.19 -11.66
C ILE D 26 9.13 -13.07 -12.89
N VAL D 27 10.01 -12.83 -13.82
CA VAL D 27 10.04 -13.64 -15.05
C VAL D 27 11.01 -14.83 -15.00
N ASN D 28 10.47 -15.98 -15.33
CA ASN D 28 11.24 -17.23 -15.44
C ASN D 28 11.62 -17.59 -16.89
N ALA D 29 12.91 -17.87 -17.06
CA ALA D 29 13.47 -18.42 -18.34
C ALA D 29 13.26 -19.92 -18.35
N ALA D 30 12.14 -20.27 -18.94
CA ALA D 30 11.61 -21.64 -18.88
C ALA D 30 11.84 -22.46 -20.15
N ALA D 31 11.56 -23.74 -20.00
CA ALA D 31 11.47 -24.72 -21.10
C ALA D 31 10.00 -25.08 -21.35
N PRO D 32 9.69 -25.58 -22.57
CA PRO D 32 8.28 -25.82 -22.96
C PRO D 32 7.49 -26.66 -21.98
N SER D 33 8.20 -27.52 -21.29
CA SER D 33 7.60 -28.36 -20.23
C SER D 33 7.06 -27.57 -19.02
N LEU D 34 7.74 -26.47 -18.74
CA LEU D 34 7.48 -25.57 -17.56
C LEU D 34 7.82 -26.21 -16.22
N MET D 35 8.63 -27.26 -16.29
CA MET D 35 8.81 -28.17 -15.11
C MET D 35 10.13 -28.08 -14.42
N GLY D 36 10.70 -26.90 -14.45
CA GLY D 36 11.85 -26.66 -13.62
C GLY D 36 13.07 -27.08 -14.38
N GLY D 37 14.19 -26.60 -13.94
CA GLY D 37 15.44 -26.78 -14.65
C GLY D 37 16.65 -26.40 -13.83
N GLY D 38 17.68 -25.98 -14.53
CA GLY D 38 18.99 -25.79 -13.93
C GLY D 38 19.48 -24.40 -13.63
N GLY D 39 19.03 -23.43 -14.39
CA GLY D 39 19.53 -22.07 -14.28
C GLY D 39 18.62 -21.25 -13.40
N VAL D 40 17.99 -20.23 -13.95
CA VAL D 40 17.07 -19.41 -13.17
C VAL D 40 15.89 -20.26 -12.72
N ALA D 41 15.43 -21.07 -13.65
CA ALA D 41 14.25 -21.94 -13.46
C ALA D 41 14.36 -22.73 -12.15
N GLY D 42 15.55 -23.24 -11.93
CA GLY D 42 15.83 -23.99 -10.69
C GLY D 42 15.84 -23.07 -9.48
N ALA D 43 16.61 -22.01 -9.60
CA ALA D 43 16.66 -20.98 -8.54
C ALA D 43 15.23 -20.55 -8.09
N ILE D 44 14.44 -20.24 -9.10
CA ILE D 44 13.09 -19.71 -8.92
C ILE D 44 12.19 -20.72 -8.23
N HIS D 45 12.17 -21.92 -8.78
CA HIS D 45 11.38 -23.02 -8.19
C HIS D 45 11.78 -23.34 -6.76
N ARG D 46 13.07 -23.42 -6.53
CA ARG D 46 13.59 -23.70 -5.17
C ARG D 46 13.08 -22.64 -4.21
N ALA D 47 13.24 -21.40 -4.66
CA ALA D 47 12.92 -20.21 -3.84
C ALA D 47 11.42 -20.07 -3.57
N ALA D 48 10.67 -20.44 -4.59
CA ALA D 48 9.18 -20.34 -4.58
C ALA D 48 8.51 -21.40 -3.75
N GLY D 49 9.12 -22.55 -3.81
CA GLY D 49 8.62 -23.73 -3.09
C GLY D 49 7.66 -24.53 -3.96
N PRO D 50 7.05 -25.57 -3.40
CA PRO D 50 6.34 -26.60 -4.18
C PRO D 50 5.04 -26.13 -4.83
N ALA D 51 4.53 -25.03 -4.31
CA ALA D 51 3.27 -24.44 -4.85
C ALA D 51 3.41 -24.07 -6.34
N LEU D 52 4.60 -23.64 -6.68
CA LEU D 52 4.91 -23.17 -8.03
C LEU D 52 4.78 -24.29 -9.03
N LEU D 53 5.36 -25.40 -8.65
CA LEU D 53 5.40 -26.60 -9.48
C LEU D 53 3.97 -27.09 -9.70
N ASP D 54 3.22 -27.16 -8.62
CA ASP D 54 1.78 -27.59 -8.66
C ASP D 54 1.02 -26.77 -9.67
N ALA D 55 1.32 -25.50 -9.64
CA ALA D 55 0.67 -24.52 -10.51
C ALA D 55 1.10 -24.75 -11.95
N CYS D 56 2.40 -24.96 -12.13
CA CYS D 56 2.96 -25.23 -13.48
C CYS D 56 2.36 -26.50 -14.10
N LEU D 57 2.12 -27.44 -13.23
CA LEU D 57 1.48 -28.71 -13.62
C LEU D 57 0.09 -28.52 -14.17
N LYS D 58 -0.70 -27.81 -13.40
CA LYS D 58 -2.08 -27.44 -13.76
C LYS D 58 -2.16 -26.81 -15.16
N VAL D 59 -1.21 -25.93 -15.40
CA VAL D 59 -1.10 -25.19 -16.67
C VAL D 59 -0.85 -26.16 -17.81
N ARG D 60 0.23 -26.91 -17.64
CA ARG D 60 0.70 -28.01 -18.57
C ARG D 60 -0.46 -28.91 -18.95
N GLN D 61 -1.16 -29.28 -17.90
CA GLN D 61 -2.40 -30.07 -17.95
C GLN D 61 -3.45 -29.47 -18.88
N GLN D 62 -3.48 -28.17 -18.84
CA GLN D 62 -4.56 -27.35 -19.45
C GLN D 62 -4.24 -26.87 -20.87
N GLN D 63 -2.97 -26.62 -21.11
CA GLN D 63 -2.53 -26.09 -22.42
C GLN D 63 -1.37 -26.83 -23.06
N GLY D 64 -0.97 -27.89 -22.40
CA GLY D 64 0.18 -28.68 -22.84
C GLY D 64 1.46 -27.87 -22.76
N ASP D 65 2.41 -28.24 -23.60
CA ASP D 65 3.70 -27.54 -23.65
C ASP D 65 3.51 -26.10 -24.05
N CYS D 66 4.26 -25.24 -23.38
CA CYS D 66 4.31 -23.80 -23.69
C CYS D 66 5.26 -23.57 -24.86
N PRO D 67 4.71 -23.13 -26.01
CA PRO D 67 5.56 -22.97 -27.20
C PRO D 67 6.54 -21.85 -27.10
N THR D 68 7.57 -22.02 -27.88
CA THR D 68 8.68 -21.06 -27.88
C THR D 68 8.10 -19.69 -28.23
N GLY D 69 8.58 -18.71 -27.50
CA GLY D 69 8.25 -17.28 -27.74
C GLY D 69 7.04 -16.83 -26.97
N HIS D 70 6.39 -17.81 -26.35
CA HIS D 70 5.16 -17.56 -25.61
C HIS D 70 5.38 -17.64 -24.12
N ALA D 71 4.32 -17.34 -23.39
CA ALA D 71 4.44 -17.18 -21.95
C ALA D 71 3.15 -17.41 -21.22
N VAL D 72 3.34 -17.77 -19.97
CA VAL D 72 2.24 -18.02 -19.05
C VAL D 72 2.54 -17.43 -17.70
N ILE D 73 1.46 -17.22 -16.97
CA ILE D 73 1.54 -16.63 -15.64
C ILE D 73 0.90 -17.53 -14.58
N THR D 74 1.58 -17.59 -13.45
CA THR D 74 1.15 -18.38 -12.29
C THR D 74 1.39 -17.65 -11.02
N LEU D 75 0.85 -18.23 -9.96
CA LEU D 75 1.14 -17.79 -8.58
C LEU D 75 2.65 -17.89 -8.32
N ALA D 76 3.09 -17.35 -7.20
CA ALA D 76 4.57 -17.23 -6.90
C ALA D 76 5.05 -17.82 -5.55
N GLY D 77 4.11 -18.41 -4.85
CA GLY D 77 4.37 -19.05 -3.59
C GLY D 77 5.24 -18.22 -2.66
N ASP D 78 6.34 -18.81 -2.21
CA ASP D 78 7.22 -18.19 -1.17
C ASP D 78 8.06 -16.99 -1.65
N LEU D 79 8.07 -16.78 -2.95
CA LEU D 79 8.81 -15.64 -3.53
C LEU D 79 8.25 -14.33 -3.01
N PRO D 80 9.07 -13.27 -2.94
CA PRO D 80 8.55 -11.99 -2.48
C PRO D 80 7.73 -11.31 -3.58
N ALA D 81 7.74 -11.89 -4.75
CA ALA D 81 6.86 -11.45 -5.84
C ALA D 81 5.43 -11.88 -5.64
N LYS D 82 4.55 -11.31 -6.45
CA LYS D 82 3.11 -11.66 -6.41
C LYS D 82 2.75 -12.72 -7.42
N ALA D 83 3.48 -12.71 -8.51
CA ALA D 83 3.30 -13.70 -9.56
C ALA D 83 4.57 -13.97 -10.30
N VAL D 84 4.58 -15.15 -10.91
CA VAL D 84 5.68 -15.57 -11.80
C VAL D 84 5.15 -15.75 -13.20
N VAL D 85 5.88 -15.14 -14.10
CA VAL D 85 5.66 -15.31 -15.55
C VAL D 85 6.72 -16.24 -16.10
N HIS D 86 6.24 -17.33 -16.63
CA HIS D 86 7.11 -18.30 -17.24
C HIS D 86 7.06 -18.07 -18.72
N THR D 87 8.22 -17.78 -19.25
CA THR D 87 8.35 -17.63 -20.70
C THR D 87 9.46 -18.50 -21.27
N VAL D 88 9.24 -18.90 -22.52
CA VAL D 88 10.14 -19.80 -23.27
C VAL D 88 10.92 -19.11 -24.37
N GLY D 89 12.17 -18.89 -24.06
CA GLY D 89 13.13 -18.29 -25.01
C GLY D 89 13.50 -19.28 -26.11
N PRO D 90 14.03 -18.78 -27.23
CA PRO D 90 14.46 -19.72 -28.24
C PRO D 90 15.82 -20.30 -27.94
N VAL D 91 16.02 -21.49 -28.51
CA VAL D 91 17.32 -22.12 -28.53
C VAL D 91 18.10 -21.50 -29.67
N TRP D 92 19.32 -21.09 -29.36
CA TRP D 92 20.21 -20.47 -30.35
C TRP D 92 20.78 -21.51 -31.32
N ARG D 93 20.58 -21.23 -32.59
CA ARG D 93 20.93 -22.16 -33.70
C ARG D 93 21.72 -21.51 -34.85
N GLY D 94 22.38 -20.40 -34.53
CA GLY D 94 23.24 -19.69 -35.50
C GLY D 94 22.69 -18.39 -36.07
N GLY D 95 21.41 -18.17 -35.87
CA GLY D 95 20.76 -16.89 -36.23
C GLY D 95 19.88 -16.89 -37.46
N GLU D 96 19.83 -18.02 -38.12
CA GLU D 96 19.09 -18.18 -39.40
C GLU D 96 17.77 -18.94 -39.26
N GLN D 97 17.40 -19.17 -38.02
CA GLN D 97 16.16 -19.91 -37.68
C GLN D 97 15.14 -19.10 -36.91
N ASN D 98 15.10 -17.81 -37.21
CA ASN D 98 14.10 -16.86 -36.65
C ASN D 98 14.23 -16.57 -35.14
N GLU D 99 15.43 -16.80 -34.63
CA GLU D 99 15.70 -16.73 -33.17
C GLU D 99 15.50 -15.34 -32.58
N ASP D 100 16.00 -14.37 -33.31
CA ASP D 100 15.88 -12.93 -32.94
C ASP D 100 14.42 -12.49 -32.70
N GLN D 101 13.57 -12.90 -33.63
CA GLN D 101 12.11 -12.61 -33.60
C GLN D 101 11.45 -13.28 -32.40
N LEU D 102 11.84 -14.53 -32.17
CA LEU D 102 11.26 -15.38 -31.11
C LEU D 102 11.64 -14.89 -29.71
N LEU D 103 12.85 -14.38 -29.61
CA LEU D 103 13.35 -13.80 -28.34
C LEU D 103 12.57 -12.53 -28.01
N GLN D 104 12.41 -11.74 -29.05
CA GLN D 104 11.55 -10.55 -29.01
C GLN D 104 10.16 -10.91 -28.46
N ASP D 105 9.58 -11.92 -29.08
CA ASP D 105 8.21 -12.43 -28.76
C ASP D 105 8.10 -12.83 -27.31
N ALA D 106 9.16 -13.48 -26.84
CA ALA D 106 9.22 -13.88 -25.42
C ALA D 106 9.07 -12.68 -24.47
N TYR D 107 9.82 -11.65 -24.79
CA TYR D 107 9.81 -10.41 -24.00
C TYR D 107 8.43 -9.72 -24.11
N LEU D 108 7.98 -9.59 -25.34
CA LEU D 108 6.66 -8.97 -25.65
C LEU D 108 5.49 -9.65 -24.93
N ASN D 109 5.33 -10.93 -25.18
CA ASN D 109 4.22 -11.71 -24.57
C ASN D 109 4.27 -11.74 -23.03
N SER D 110 5.48 -11.71 -22.50
CA SER D 110 5.69 -11.63 -21.06
C SER D 110 5.09 -10.31 -20.54
N LEU D 111 5.55 -9.23 -21.15
CA LEU D 111 5.10 -7.86 -20.80
C LEU D 111 3.58 -7.77 -20.87
N ARG D 112 3.07 -8.31 -21.95
CA ARG D 112 1.60 -8.29 -22.25
C ARG D 112 0.82 -8.94 -21.15
N LEU D 113 1.35 -10.06 -20.70
CA LEU D 113 0.76 -10.82 -19.57
C LEU D 113 0.81 -10.08 -18.23
N VAL D 114 1.95 -9.47 -17.97
CA VAL D 114 2.08 -8.64 -16.78
C VAL D 114 0.97 -7.59 -16.76
N ALA D 115 0.85 -6.93 -17.89
CA ALA D 115 -0.11 -5.84 -18.07
C ALA D 115 -1.55 -6.31 -17.93
N ALA D 116 -1.83 -7.37 -18.67
CA ALA D 116 -3.18 -7.99 -18.73
C ALA D 116 -3.69 -8.44 -17.37
N ASN D 117 -2.74 -8.70 -16.49
CA ASN D 117 -3.03 -9.14 -15.09
C ASN D 117 -2.94 -8.01 -14.06
N SER D 118 -2.82 -6.80 -14.61
CA SER D 118 -2.85 -5.50 -13.85
C SER D 118 -1.65 -5.30 -12.92
N TYR D 119 -0.55 -5.87 -13.31
CA TYR D 119 0.66 -5.73 -12.54
C TYR D 119 1.49 -4.52 -13.01
N THR D 120 2.19 -3.90 -12.08
CA THR D 120 2.89 -2.60 -12.34
C THR D 120 4.37 -2.71 -12.50
N SER D 121 4.93 -3.73 -11.86
CA SER D 121 6.39 -3.99 -11.90
C SER D 121 6.76 -5.43 -12.26
N VAL D 122 7.78 -5.54 -13.09
CA VAL D 122 8.31 -6.84 -13.58
C VAL D 122 9.83 -6.91 -13.65
N ALA D 123 10.35 -8.04 -13.20
CA ALA D 123 11.79 -8.37 -13.27
C ALA D 123 12.11 -9.45 -14.30
N PHE D 124 13.12 -9.15 -15.08
CA PHE D 124 13.62 -10.01 -16.19
C PHE D 124 15.04 -10.52 -16.02
N PRO D 125 15.24 -11.82 -16.23
CA PRO D 125 16.57 -12.31 -16.41
C PRO D 125 16.97 -12.30 -17.86
N ALA D 126 18.24 -12.62 -18.08
CA ALA D 126 18.83 -12.60 -19.45
C ALA D 126 18.40 -13.86 -20.24
N ILE D 127 17.17 -13.80 -20.73
CA ILE D 127 16.50 -14.95 -21.37
C ILE D 127 17.29 -15.45 -22.56
N SER D 128 17.41 -16.76 -22.61
CA SER D 128 18.10 -17.53 -23.71
C SER D 128 19.64 -17.51 -23.72
N THR D 129 20.22 -16.74 -22.83
CA THR D 129 21.70 -16.51 -22.80
C THR D 129 22.49 -17.52 -22.01
N GLY D 130 21.76 -18.36 -21.29
CA GLY D 130 22.40 -19.43 -20.52
C GLY D 130 22.56 -20.73 -21.32
N VAL D 131 21.83 -21.74 -20.88
CA VAL D 131 21.90 -23.09 -21.49
C VAL D 131 21.40 -23.04 -22.97
N TYR D 132 20.48 -22.13 -23.26
CA TYR D 132 19.97 -21.93 -24.66
C TYR D 132 20.94 -21.22 -25.64
N GLY D 133 22.04 -20.75 -25.07
CA GLY D 133 23.27 -20.36 -25.82
C GLY D 133 23.17 -19.21 -26.77
N TYR D 134 22.37 -18.23 -26.41
CA TYR D 134 22.20 -17.00 -27.23
C TYR D 134 23.35 -16.05 -26.97
N PRO D 135 24.01 -15.54 -28.02
CA PRO D 135 25.09 -14.59 -27.83
C PRO D 135 24.64 -13.43 -26.95
N ARG D 136 25.36 -13.31 -25.85
CA ARG D 136 25.05 -12.41 -24.70
C ARG D 136 24.74 -10.94 -25.15
N ALA D 137 25.46 -10.49 -26.16
CA ALA D 137 25.39 -9.06 -26.61
C ALA D 137 24.20 -8.77 -27.53
N ALA D 138 23.99 -9.68 -28.45
CA ALA D 138 22.87 -9.60 -29.44
C ALA D 138 21.52 -9.70 -28.73
N ALA D 139 21.50 -10.61 -27.77
CA ALA D 139 20.33 -10.88 -26.88
C ALA D 139 19.92 -9.65 -26.07
N ALA D 140 20.88 -9.12 -25.34
CA ALA D 140 20.69 -7.90 -24.52
C ALA D 140 20.20 -6.70 -25.34
N GLU D 141 20.68 -6.63 -26.56
CA GLU D 141 20.25 -5.58 -27.51
C GLU D 141 18.75 -5.67 -27.75
N ILE D 142 18.32 -6.88 -28.03
CA ILE D 142 16.90 -7.19 -28.30
C ILE D 142 16.02 -6.96 -27.07
N ALA D 143 16.54 -7.42 -25.96
CA ALA D 143 15.86 -7.26 -24.67
C ALA D 143 15.57 -5.77 -24.40
N VAL D 144 16.64 -4.99 -24.41
CA VAL D 144 16.56 -3.54 -24.12
C VAL D 144 15.67 -2.80 -25.12
N LYS D 145 15.88 -3.08 -26.39
CA LYS D 145 15.13 -2.40 -27.46
C LYS D 145 13.62 -2.67 -27.31
N THR D 146 13.32 -3.96 -27.23
CA THR D 146 11.92 -4.47 -27.18
C THR D 146 11.17 -3.91 -25.98
N VAL D 147 11.81 -4.01 -24.84
CA VAL D 147 11.22 -3.54 -23.55
C VAL D 147 11.01 -2.02 -23.55
N SER D 148 12.06 -1.33 -23.99
CA SER D 148 12.05 0.15 -24.06
C SER D 148 10.92 0.68 -24.94
N GLU D 149 10.80 0.07 -26.08
CA GLU D 149 9.75 0.49 -27.01
C GLU D 149 8.35 0.22 -26.50
N PHE D 150 8.24 -0.84 -25.72
CA PHE D 150 6.94 -1.32 -25.23
C PHE D 150 6.41 -0.36 -24.18
N ILE D 151 7.33 0.07 -23.34
CA ILE D 151 6.92 0.88 -22.19
C ILE D 151 6.67 2.32 -22.57
N THR D 152 7.18 2.70 -23.71
CA THR D 152 6.81 4.01 -24.22
C THR D 152 5.42 4.01 -24.81
N ARG D 153 5.00 2.86 -25.33
CA ARG D 153 3.64 2.72 -25.90
C ARG D 153 2.58 2.41 -24.89
N HIS D 154 3.03 2.11 -23.68
CA HIS D 154 2.13 1.50 -22.67
C HIS D 154 2.37 2.00 -21.25
N ALA D 155 1.27 2.25 -20.58
CA ALA D 155 1.29 2.65 -19.14
C ALA D 155 1.80 1.53 -18.24
N LEU D 156 1.39 0.32 -18.61
CA LEU D 156 1.70 -0.90 -17.86
C LEU D 156 2.58 -1.85 -18.68
N PRO D 157 3.61 -2.43 -18.04
CA PRO D 157 4.00 -2.15 -16.70
C PRO D 157 4.67 -0.79 -16.53
N GLU D 158 4.57 -0.27 -15.32
CA GLU D 158 5.20 1.02 -14.93
C GLU D 158 6.71 0.90 -14.77
N GLN D 159 7.10 -0.11 -14.01
CA GLN D 159 8.53 -0.39 -13.67
C GLN D 159 9.05 -1.72 -14.24
N VAL D 160 10.20 -1.64 -14.86
CA VAL D 160 10.89 -2.84 -15.37
C VAL D 160 12.31 -2.97 -14.85
N TYR D 161 12.60 -4.13 -14.29
CA TYR D 161 13.96 -4.45 -13.82
C TYR D 161 14.63 -5.51 -14.68
N PHE D 162 15.77 -5.15 -15.22
CA PHE D 162 16.67 -6.14 -15.85
C PHE D 162 17.63 -6.69 -14.80
N VAL D 163 17.38 -7.92 -14.41
CA VAL D 163 18.25 -8.62 -13.44
C VAL D 163 19.37 -9.38 -14.14
N CYS D 164 20.57 -8.95 -13.81
CA CYS D 164 21.79 -9.50 -14.39
C CYS D 164 22.58 -10.26 -13.35
N TYR D 165 22.97 -11.47 -13.74
CA TYR D 165 23.56 -12.47 -12.81
C TYR D 165 25.06 -12.30 -12.55
N ASP D 166 25.69 -11.57 -13.43
CA ASP D 166 27.11 -11.22 -13.34
C ASP D 166 27.37 -9.77 -13.75
N GLU D 167 28.53 -9.26 -13.37
CA GLU D 167 28.89 -7.84 -13.59
C GLU D 167 29.03 -7.52 -15.07
N GLU D 168 29.61 -8.45 -15.80
CA GLU D 168 29.90 -8.26 -17.23
C GLU D 168 28.60 -7.91 -17.97
N ASN D 169 27.61 -8.76 -17.71
CA ASN D 169 26.25 -8.61 -18.29
C ASN D 169 25.56 -7.33 -17.85
N ALA D 170 25.66 -7.08 -16.55
CA ALA D 170 25.12 -5.85 -15.96
C ALA D 170 25.59 -4.59 -16.72
N HIS D 171 26.91 -4.50 -16.88
CA HIS D 171 27.57 -3.36 -17.60
C HIS D 171 27.09 -3.24 -19.05
N LEU D 172 26.97 -4.40 -19.65
CA LEU D 172 26.46 -4.55 -21.01
C LEU D 172 25.12 -3.84 -21.22
N TYR D 173 24.19 -4.21 -20.36
CA TYR D 173 22.81 -3.65 -20.32
C TYR D 173 22.83 -2.15 -20.07
N GLU D 174 23.52 -1.77 -19.01
CA GLU D 174 23.70 -0.36 -18.60
C GLU D 174 24.13 0.53 -19.74
N ARG D 175 25.06 0.00 -20.50
CA ARG D 175 25.68 0.72 -21.62
C ARG D 175 24.64 0.90 -22.72
N LEU D 176 23.90 -0.16 -22.97
CA LEU D 176 22.88 -0.19 -24.04
C LEU D 176 21.74 0.78 -23.74
N LEU D 177 21.45 0.89 -22.46
CA LEU D 177 20.37 1.73 -21.93
C LEU D 177 20.66 3.22 -22.01
N THR D 178 21.90 3.53 -21.63
CA THR D 178 22.49 4.87 -21.65
C THR D 178 22.63 5.44 -23.10
N GLN D 179 22.77 4.51 -24.04
CA GLN D 179 23.00 4.84 -25.45
C GLN D 179 21.69 5.05 -26.17
N GLN D 180 20.64 5.09 -25.37
CA GLN D 180 19.27 5.22 -25.84
C GLN D 180 18.75 6.61 -25.51
N LYS E 8 -45.90 7.17 6.75
CA LYS E 8 -46.02 7.69 8.17
C LYS E 8 -44.88 8.61 8.59
N THR E 9 -43.68 8.17 8.24
CA THR E 9 -42.47 8.99 8.38
C THR E 9 -42.30 9.83 7.17
N ARG E 10 -43.03 9.47 6.12
CA ARG E 10 -42.80 10.02 4.77
C ARG E 10 -43.81 11.05 4.30
N ILE E 11 -45.01 10.94 4.83
CA ILE E 11 -46.10 11.85 4.44
C ILE E 11 -46.52 12.66 5.63
N HIS E 12 -46.55 13.96 5.46
CA HIS E 12 -46.94 14.87 6.55
C HIS E 12 -48.03 15.84 6.16
N VAL E 13 -48.81 16.18 7.16
CA VAL E 13 -49.86 17.20 7.04
C VAL E 13 -49.49 18.41 7.85
N VAL E 14 -49.58 19.52 7.20
CA VAL E 14 -49.12 20.74 7.78
C VAL E 14 -50.10 21.83 7.41
N GLN E 15 -50.25 22.75 8.35
CA GLN E 15 -51.24 23.84 8.23
C GLN E 15 -50.59 25.18 8.03
N GLY E 16 -51.03 25.81 6.96
CA GLY E 16 -50.64 27.19 6.68
C GLY E 16 -50.36 27.51 5.25
N ASP E 17 -49.37 28.38 5.11
CA ASP E 17 -48.98 28.96 3.81
C ASP E 17 -47.82 28.18 3.13
N ILE E 18 -48.19 27.54 2.03
CA ILE E 18 -47.27 26.69 1.22
C ILE E 18 -45.97 27.40 0.78
N THR E 19 -46.04 28.69 0.65
CA THR E 19 -44.89 29.50 0.14
C THR E 19 -43.77 29.66 1.13
N LYS E 20 -44.10 29.28 2.36
CA LYS E 20 -43.15 29.36 3.50
C LYS E 20 -42.35 28.07 3.70
N LEU E 21 -42.82 27.01 3.07
CA LEU E 21 -42.21 25.67 3.17
C LEU E 21 -40.89 25.47 2.46
N ALA E 22 -39.88 25.24 3.28
CA ALA E 22 -38.51 24.93 2.79
C ALA E 22 -38.46 23.46 2.39
N VAL E 23 -38.98 23.18 1.22
CA VAL E 23 -38.88 21.86 0.60
C VAL E 23 -38.22 21.95 -0.77
N ASP E 24 -37.88 20.82 -1.35
CA ASP E 24 -37.21 20.81 -2.69
C ASP E 24 -38.14 21.43 -3.73
N VAL E 25 -39.34 20.91 -3.76
CA VAL E 25 -40.36 21.36 -4.73
C VAL E 25 -41.72 21.70 -4.11
N ILE E 26 -42.20 22.84 -4.56
CA ILE E 26 -43.53 23.38 -4.17
C ILE E 26 -44.47 23.25 -5.34
N VAL E 27 -45.64 22.70 -5.09
CA VAL E 27 -46.63 22.47 -6.16
C VAL E 27 -47.66 23.60 -6.24
N ASN E 28 -47.80 24.09 -7.46
CA ASN E 28 -48.78 25.15 -7.79
C ASN E 28 -50.06 24.61 -8.45
N ALA E 29 -51.18 25.03 -7.88
CA ALA E 29 -52.53 24.77 -8.44
C ALA E 29 -52.83 25.80 -9.53
N ALA E 30 -52.47 25.41 -10.74
CA ALA E 30 -52.41 26.33 -11.88
C ALA E 30 -53.60 26.20 -12.80
N ALA E 31 -53.66 27.19 -13.69
CA ALA E 31 -54.56 27.18 -14.88
C ALA E 31 -53.73 26.89 -16.14
N PRO E 32 -54.38 26.38 -17.21
CA PRO E 32 -53.66 25.99 -18.42
C PRO E 32 -52.69 27.02 -18.96
N SER E 33 -53.03 28.28 -18.75
CA SER E 33 -52.18 29.43 -19.20
C SER E 33 -50.83 29.46 -18.50
N LEU E 34 -50.83 29.00 -17.26
CA LEU E 34 -49.66 29.02 -16.35
C LEU E 34 -49.28 30.44 -15.88
N MET E 35 -50.22 31.36 -15.97
CA MET E 35 -49.90 32.80 -15.83
C MET E 35 -50.41 33.56 -14.61
N GLY E 36 -51.65 33.99 -14.70
CA GLY E 36 -52.27 34.83 -13.66
C GLY E 36 -52.95 33.82 -12.79
N GLY E 37 -53.37 34.29 -11.62
CA GLY E 37 -54.38 33.70 -10.77
C GLY E 37 -54.43 34.26 -9.34
N GLY E 38 -55.42 33.73 -8.69
CA GLY E 38 -55.93 34.31 -7.47
C GLY E 38 -55.76 33.61 -6.16
N GLY E 39 -55.61 32.29 -6.19
CA GLY E 39 -55.52 31.48 -4.97
C GLY E 39 -54.08 31.24 -4.63
N VAL E 40 -53.66 29.98 -4.69
CA VAL E 40 -52.25 29.64 -4.40
C VAL E 40 -51.34 30.25 -5.47
N ALA E 41 -51.82 30.14 -6.69
CA ALA E 41 -51.08 30.62 -7.88
C ALA E 41 -50.57 32.06 -7.68
N GLY E 42 -51.44 32.89 -7.14
CA GLY E 42 -51.09 34.31 -6.83
C GLY E 42 -50.10 34.41 -5.68
N ALA E 43 -50.42 33.71 -4.61
CA ALA E 43 -49.50 33.61 -3.42
C ALA E 43 -48.08 33.22 -3.84
N ILE E 44 -48.04 32.18 -4.64
CA ILE E 44 -46.79 31.57 -5.11
C ILE E 44 -45.99 32.55 -5.97
N HIS E 45 -46.68 33.10 -6.96
CA HIS E 45 -46.04 34.06 -7.91
C HIS E 45 -45.52 35.31 -7.21
N ARG E 46 -46.36 35.83 -6.35
CA ARG E 46 -46.01 37.01 -5.54
C ARG E 46 -44.77 36.73 -4.65
N ALA E 47 -44.78 35.57 -4.02
CA ALA E 47 -43.68 35.12 -3.14
C ALA E 47 -42.37 34.81 -3.90
N ALA E 48 -42.55 34.24 -5.08
CA ALA E 48 -41.42 33.79 -5.94
C ALA E 48 -40.71 34.95 -6.61
N GLY E 49 -41.54 35.92 -6.95
CA GLY E 49 -41.08 37.11 -7.70
C GLY E 49 -41.18 36.93 -9.21
N PRO E 50 -40.67 37.91 -9.99
CA PRO E 50 -40.85 37.95 -11.46
C PRO E 50 -40.17 36.84 -12.25
N ALA E 51 -39.15 36.23 -11.65
CA ALA E 51 -38.39 35.17 -12.34
C ALA E 51 -39.29 33.99 -12.72
N LEU E 52 -40.25 33.75 -11.85
CA LEU E 52 -41.19 32.62 -12.01
C LEU E 52 -42.04 32.76 -13.28
N LEU E 53 -42.54 33.97 -13.41
CA LEU E 53 -43.40 34.35 -14.53
C LEU E 53 -42.63 34.24 -15.84
N ASP E 54 -41.42 34.77 -15.83
CA ASP E 54 -40.51 34.70 -17.01
C ASP E 54 -40.34 33.26 -17.46
N ALA E 55 -40.15 32.41 -16.46
CA ALA E 55 -39.97 30.96 -16.67
C ALA E 55 -41.25 30.31 -17.21
N CYS E 56 -42.37 30.65 -16.60
CA CYS E 56 -43.70 30.16 -17.06
C CYS E 56 -43.98 30.59 -18.51
N LEU E 57 -43.51 31.77 -18.86
CA LEU E 57 -43.63 32.27 -20.24
C LEU E 57 -42.95 31.43 -21.22
N LYS E 58 -41.68 31.21 -20.90
CA LYS E 58 -40.77 30.36 -21.71
C LYS E 58 -41.38 29.02 -22.02
N VAL E 59 -42.01 28.49 -20.99
CA VAL E 59 -42.67 27.15 -21.07
C VAL E 59 -43.83 27.21 -22.06
N ARG E 60 -44.72 28.14 -21.76
CA ARG E 60 -45.95 28.47 -22.57
C ARG E 60 -45.58 28.60 -24.04
N GLN E 61 -44.55 29.37 -24.23
CA GLN E 61 -43.92 29.61 -25.52
C GLN E 61 -43.50 28.32 -26.23
N GLN E 62 -43.08 27.37 -25.43
CA GLN E 62 -42.45 26.12 -25.90
C GLN E 62 -43.41 24.94 -26.06
N GLN E 63 -44.42 24.92 -25.22
CA GLN E 63 -45.43 23.81 -25.23
C GLN E 63 -46.89 24.25 -25.28
N GLY E 64 -47.08 25.55 -25.36
CA GLY E 64 -48.41 26.13 -25.30
C GLY E 64 -49.08 25.90 -23.95
N ASP E 65 -50.41 25.89 -23.97
CA ASP E 65 -51.19 25.66 -22.75
C ASP E 65 -50.88 24.29 -22.18
N CYS E 66 -50.79 24.28 -20.86
CA CYS E 66 -50.66 23.02 -20.07
C CYS E 66 -52.02 22.37 -19.87
N PRO E 67 -52.24 21.20 -20.50
CA PRO E 67 -53.56 20.58 -20.40
C PRO E 67 -53.91 20.09 -19.02
N THR E 68 -55.21 19.97 -18.82
CA THR E 68 -55.77 19.53 -17.53
C THR E 68 -55.21 18.15 -17.23
N GLY E 69 -54.80 18.02 -15.99
CA GLY E 69 -54.26 16.75 -15.43
C GLY E 69 -52.76 16.58 -15.58
N HIS E 70 -52.19 17.52 -16.30
CA HIS E 70 -50.74 17.51 -16.58
C HIS E 70 -50.00 18.57 -15.79
N ALA E 71 -48.69 18.54 -15.94
CA ALA E 71 -47.82 19.35 -15.09
C ALA E 71 -46.49 19.64 -15.70
N VAL E 72 -45.96 20.75 -15.25
CA VAL E 72 -44.63 21.23 -15.68
C VAL E 72 -43.84 21.71 -14.49
N ILE E 73 -42.55 21.74 -14.69
CA ILE E 73 -41.62 22.17 -13.66
C ILE E 73 -40.75 23.34 -14.13
N THR E 74 -40.56 24.26 -13.19
CA THR E 74 -39.73 25.46 -13.42
C THR E 74 -38.90 25.78 -12.23
N LEU E 75 -38.00 26.72 -12.43
CA LEU E 75 -37.27 27.36 -11.33
C LEU E 75 -38.23 28.00 -10.33
N ALA E 76 -37.71 28.45 -9.20
CA ALA E 76 -38.59 28.91 -8.05
C ALA E 76 -38.27 30.30 -7.49
N GLY E 77 -37.28 30.94 -8.09
CA GLY E 77 -36.90 32.29 -7.72
C GLY E 77 -36.75 32.48 -6.23
N ASP E 78 -37.44 33.46 -5.68
CA ASP E 78 -37.27 33.89 -4.25
C ASP E 78 -37.86 32.95 -3.22
N LEU E 79 -38.61 31.98 -3.69
CA LEU E 79 -39.15 30.93 -2.81
C LEU E 79 -38.04 30.16 -2.12
N PRO E 80 -38.32 29.61 -0.93
CA PRO E 80 -37.27 28.83 -0.26
C PRO E 80 -37.15 27.44 -0.88
N ALA E 81 -38.06 27.13 -1.75
CA ALA E 81 -37.97 25.89 -2.54
C ALA E 81 -36.94 25.99 -3.64
N LYS E 82 -36.63 24.85 -4.21
CA LYS E 82 -35.64 24.75 -5.33
C LYS E 82 -36.28 24.80 -6.67
N ALA E 83 -37.50 24.29 -6.69
CA ALA E 83 -38.30 24.28 -7.92
C ALA E 83 -39.77 24.36 -7.62
N VAL E 84 -40.49 24.85 -8.63
CA VAL E 84 -41.97 24.87 -8.59
C VAL E 84 -42.49 23.99 -9.68
N VAL E 85 -43.40 23.14 -9.28
CA VAL E 85 -44.19 22.31 -10.21
C VAL E 85 -45.58 22.91 -10.34
N HIS E 86 -45.88 23.26 -11.57
CA HIS E 86 -47.17 23.82 -11.90
C HIS E 86 -47.98 22.72 -12.50
N THR E 87 -49.08 22.45 -11.85
CA THR E 87 -50.04 21.45 -12.34
C THR E 87 -51.45 22.01 -12.41
N VAL E 88 -52.18 21.44 -13.35
CA VAL E 88 -53.55 21.87 -13.70
C VAL E 88 -54.62 20.86 -13.28
N GLY E 89 -55.29 21.21 -12.18
CA GLY E 89 -56.42 20.42 -11.63
C GLY E 89 -57.67 20.58 -12.48
N PRO E 90 -58.63 19.66 -12.34
CA PRO E 90 -59.82 19.80 -13.15
C PRO E 90 -60.79 20.73 -12.51
N VAL E 91 -61.64 21.29 -13.35
CA VAL E 91 -62.77 22.07 -12.88
C VAL E 91 -63.88 21.12 -12.51
N TRP E 92 -64.42 21.31 -11.32
CA TRP E 92 -65.51 20.47 -10.83
C TRP E 92 -66.79 20.83 -11.59
N ARG E 93 -67.29 19.82 -12.28
CA ARG E 93 -68.58 19.88 -13.00
C ARG E 93 -69.51 18.92 -12.18
N GLY E 94 -69.57 17.65 -12.52
CA GLY E 94 -70.63 16.86 -11.80
C GLY E 94 -70.19 15.48 -11.34
N GLY E 95 -68.94 15.14 -11.59
CA GLY E 95 -68.45 13.77 -11.23
C GLY E 95 -68.74 12.72 -12.32
N GLU E 96 -69.03 13.24 -13.50
CA GLU E 96 -69.38 12.47 -14.73
C GLU E 96 -68.36 12.71 -15.85
N GLN E 97 -67.75 13.87 -15.72
CA GLN E 97 -66.88 14.39 -16.77
C GLN E 97 -65.45 13.96 -16.53
N ASN E 98 -65.29 12.83 -15.87
CA ASN E 98 -63.96 12.21 -15.63
C ASN E 98 -63.05 13.07 -14.72
N GLU E 99 -63.68 13.87 -13.86
CA GLU E 99 -62.97 14.85 -12.93
C GLU E 99 -62.05 14.16 -11.92
N ASP E 100 -62.57 13.08 -11.36
CA ASP E 100 -61.83 12.27 -10.37
C ASP E 100 -60.50 11.68 -10.93
N GLN E 101 -60.58 11.16 -12.15
CA GLN E 101 -59.43 10.56 -12.93
C GLN E 101 -58.38 11.67 -13.21
N LEU E 102 -58.89 12.82 -13.60
CA LEU E 102 -58.03 14.01 -13.96
C LEU E 102 -57.30 14.62 -12.74
N LEU E 103 -57.98 14.62 -11.61
CA LEU E 103 -57.38 15.10 -10.35
C LEU E 103 -56.23 14.17 -9.91
N GLN E 104 -56.55 12.90 -10.01
CA GLN E 104 -55.56 11.82 -9.81
C GLN E 104 -54.30 12.07 -10.67
N ASP E 105 -54.56 12.31 -11.95
CA ASP E 105 -53.50 12.52 -12.97
C ASP E 105 -52.62 13.71 -12.59
N ALA E 106 -53.27 14.72 -12.07
CA ALA E 106 -52.57 15.94 -11.63
C ALA E 106 -51.52 15.61 -10.56
N TYR E 107 -51.97 14.83 -9.60
CA TYR E 107 -51.10 14.42 -8.47
C TYR E 107 -49.99 13.50 -8.98
N LEU E 108 -50.39 12.52 -9.76
CA LEU E 108 -49.44 11.53 -10.38
C LEU E 108 -48.33 12.21 -11.18
N ASN E 109 -48.73 12.98 -12.16
CA ASN E 109 -47.75 13.65 -13.08
C ASN E 109 -46.83 14.62 -12.37
N SER E 110 -47.37 15.23 -11.33
CA SER E 110 -46.61 16.15 -10.45
C SER E 110 -45.48 15.41 -9.74
N LEU E 111 -45.90 14.33 -9.11
CA LEU E 111 -44.95 13.40 -8.42
C LEU E 111 -43.87 12.87 -9.37
N ARG E 112 -44.34 12.41 -10.52
CA ARG E 112 -43.45 11.87 -11.58
C ARG E 112 -42.36 12.86 -11.98
N LEU E 113 -42.77 14.10 -12.12
CA LEU E 113 -41.84 15.22 -12.43
C LEU E 113 -40.84 15.54 -11.32
N VAL E 114 -41.34 15.55 -10.11
CA VAL E 114 -40.46 15.74 -8.93
C VAL E 114 -39.33 14.69 -8.97
N ALA E 115 -39.76 13.46 -9.17
CA ALA E 115 -38.88 12.27 -9.22
C ALA E 115 -37.89 12.34 -10.38
N ALA E 116 -38.45 12.59 -11.55
CA ALA E 116 -37.68 12.69 -12.84
C ALA E 116 -36.58 13.77 -12.80
N ASN E 117 -36.78 14.72 -11.92
CA ASN E 117 -35.81 15.84 -11.70
C ASN E 117 -34.96 15.70 -10.44
N SER E 118 -35.06 14.51 -9.88
CA SER E 118 -34.18 14.01 -8.78
C SER E 118 -34.41 14.74 -7.50
N TYR E 119 -35.63 15.20 -7.33
CA TYR E 119 -35.99 15.92 -6.09
C TYR E 119 -36.54 14.94 -5.07
N THR E 120 -36.26 15.25 -3.82
CA THR E 120 -36.56 14.29 -2.70
C THR E 120 -37.81 14.65 -1.89
N SER E 121 -38.10 15.93 -1.87
CA SER E 121 -39.24 16.47 -1.10
C SER E 121 -40.16 17.38 -1.90
N VAL E 122 -41.45 17.18 -1.70
CA VAL E 122 -42.50 17.96 -2.38
C VAL E 122 -43.67 18.36 -1.47
N ALA E 123 -44.08 19.61 -1.62
CA ALA E 123 -45.29 20.17 -0.96
C ALA E 123 -46.48 20.38 -1.91
N PHE E 124 -47.62 19.89 -1.46
CA PHE E 124 -48.92 19.96 -2.19
C PHE E 124 -50.00 20.81 -1.52
N PRO E 125 -50.63 21.69 -2.29
CA PRO E 125 -51.86 22.28 -1.81
C PRO E 125 -53.06 21.42 -2.20
N ALA E 126 -54.19 21.84 -1.69
CA ALA E 126 -55.47 21.11 -1.96
C ALA E 126 -55.99 21.46 -3.36
N ILE E 127 -55.38 20.81 -4.34
CA ILE E 127 -55.63 21.08 -5.78
C ILE E 127 -57.10 20.89 -6.10
N SER E 128 -57.59 21.87 -6.85
CA SER E 128 -59.00 21.92 -7.40
C SER E 128 -60.13 22.29 -6.41
N THR E 129 -59.78 22.42 -5.15
CA THR E 129 -60.77 22.62 -4.05
C THR E 129 -61.14 24.07 -3.79
N GLY E 130 -60.39 24.95 -4.39
CA GLY E 130 -60.65 26.38 -4.26
C GLY E 130 -61.59 26.91 -5.33
N VAL E 131 -61.03 27.74 -6.19
CA VAL E 131 -61.77 28.40 -7.30
C VAL E 131 -62.37 27.35 -8.27
N TYR E 132 -61.69 26.22 -8.43
CA TYR E 132 -62.17 25.09 -9.31
C TYR E 132 -63.32 24.24 -8.72
N GLY E 133 -63.64 24.55 -7.47
CA GLY E 133 -64.86 24.05 -6.78
C GLY E 133 -65.08 22.55 -6.57
N TYR E 134 -63.98 21.83 -6.36
CA TYR E 134 -64.03 20.36 -6.10
C TYR E 134 -64.46 20.10 -4.66
N PRO E 135 -65.47 19.22 -4.41
CA PRO E 135 -65.84 18.89 -3.04
C PRO E 135 -64.65 18.45 -2.20
N ARG E 136 -64.42 19.22 -1.16
CA ARG E 136 -63.17 19.13 -0.36
C ARG E 136 -62.83 17.73 0.19
N ALA E 137 -63.88 16.98 0.49
CA ALA E 137 -63.73 15.62 1.11
C ALA E 137 -63.37 14.53 0.10
N ALA E 138 -64.05 14.57 -1.02
CA ALA E 138 -63.81 13.62 -2.15
C ALA E 138 -62.41 13.81 -2.74
N ALA E 139 -62.07 15.09 -2.87
CA ALA E 139 -60.74 15.55 -3.39
C ALA E 139 -59.59 15.03 -2.53
N ALA E 140 -59.69 15.33 -1.24
CA ALA E 140 -58.68 14.91 -0.22
C ALA E 140 -58.49 13.39 -0.16
N GLU E 141 -59.58 12.67 -0.37
CA GLU E 141 -59.57 11.19 -0.47
C GLU E 141 -58.69 10.71 -1.64
N ILE E 142 -58.91 11.33 -2.79
CA ILE E 142 -58.10 11.07 -4.02
C ILE E 142 -56.60 11.45 -3.83
N ALA E 143 -56.40 12.63 -3.27
CA ALA E 143 -55.05 13.18 -3.00
C ALA E 143 -54.24 12.17 -2.17
N VAL E 144 -54.81 11.84 -1.02
CA VAL E 144 -54.16 10.94 -0.04
C VAL E 144 -53.93 9.54 -0.61
N LYS E 145 -54.97 8.99 -1.23
CA LYS E 145 -54.91 7.62 -1.80
C LYS E 145 -53.81 7.54 -2.88
N THR E 146 -53.90 8.47 -3.81
CA THR E 146 -52.98 8.55 -4.97
C THR E 146 -51.51 8.70 -4.53
N VAL E 147 -51.29 9.67 -3.67
CA VAL E 147 -49.92 10.00 -3.15
C VAL E 147 -49.33 8.83 -2.36
N SER E 148 -50.16 8.29 -1.49
CA SER E 148 -49.79 7.16 -0.60
C SER E 148 -49.41 5.93 -1.39
N GLU E 149 -50.27 5.59 -2.33
CA GLU E 149 -50.03 4.42 -3.23
C GLU E 149 -48.77 4.62 -4.06
N PHE E 150 -48.54 5.85 -4.44
CA PHE E 150 -47.36 6.21 -5.28
C PHE E 150 -46.04 6.05 -4.51
N ILE E 151 -46.00 6.64 -3.33
CA ILE E 151 -44.74 6.61 -2.52
C ILE E 151 -44.43 5.17 -2.05
N THR E 152 -45.50 4.39 -1.92
CA THR E 152 -45.38 2.93 -1.67
C THR E 152 -44.60 2.23 -2.79
N ARG E 153 -44.89 2.62 -4.02
CA ARG E 153 -44.25 2.02 -5.23
C ARG E 153 -42.93 2.64 -5.64
N HIS E 154 -42.52 3.72 -4.95
CA HIS E 154 -41.38 4.54 -5.41
C HIS E 154 -40.51 5.09 -4.28
N ALA E 155 -39.21 5.07 -4.53
CA ALA E 155 -38.22 5.69 -3.62
C ALA E 155 -38.34 7.24 -3.56
N LEU E 156 -38.60 7.79 -4.72
CA LEU E 156 -38.70 9.25 -4.94
C LEU E 156 -40.10 9.68 -5.37
N PRO E 157 -40.61 10.75 -4.76
CA PRO E 157 -39.99 11.51 -3.68
C PRO E 157 -40.03 10.81 -2.34
N GLU E 158 -39.10 11.21 -1.51
CA GLU E 158 -38.97 10.65 -0.16
C GLU E 158 -39.97 11.24 0.80
N GLN E 159 -40.07 12.55 0.77
CA GLN E 159 -40.94 13.29 1.66
C GLN E 159 -42.04 14.00 0.89
N VAL E 160 -43.26 13.85 1.36
CA VAL E 160 -44.41 14.60 0.79
C VAL E 160 -45.19 15.33 1.89
N TYR E 161 -45.43 16.59 1.62
CA TYR E 161 -46.21 17.42 2.54
C TYR E 161 -47.50 17.85 1.93
N PHE E 162 -48.56 17.62 2.68
CA PHE E 162 -49.86 18.11 2.29
C PHE E 162 -50.08 19.41 3.05
N VAL E 163 -49.99 20.51 2.33
CA VAL E 163 -50.21 21.84 2.91
C VAL E 163 -51.68 22.22 2.84
N CYS E 164 -52.23 22.42 4.02
CA CYS E 164 -53.64 22.74 4.19
C CYS E 164 -53.82 24.18 4.72
N TYR E 165 -54.70 24.91 4.05
CA TYR E 165 -54.85 26.38 4.25
C TYR E 165 -55.74 26.75 5.43
N ASP E 166 -56.54 25.80 5.85
CA ASP E 166 -57.44 25.97 6.99
C ASP E 166 -57.44 24.69 7.86
N GLU E 167 -57.93 24.85 9.08
CA GLU E 167 -57.88 23.77 10.04
C GLU E 167 -58.84 22.61 9.71
N GLU E 168 -60.00 22.95 9.18
CA GLU E 168 -61.03 21.94 8.80
C GLU E 168 -60.43 20.93 7.82
N ASN E 169 -59.79 21.48 6.79
CA ASN E 169 -59.09 20.69 5.76
C ASN E 169 -57.94 19.85 6.33
N ALA E 170 -57.14 20.51 7.14
CA ALA E 170 -55.98 19.86 7.82
C ALA E 170 -56.41 18.59 8.55
N HIS E 171 -57.46 18.74 9.35
CA HIS E 171 -58.07 17.60 10.11
C HIS E 171 -58.58 16.48 9.20
N LEU E 172 -59.22 16.92 8.12
CA LEU E 172 -59.77 16.04 7.05
C LEU E 172 -58.71 15.06 6.52
N TYR E 173 -57.60 15.66 6.12
CA TYR E 173 -56.40 14.94 5.64
C TYR E 173 -55.83 14.00 6.72
N GLU E 174 -55.56 14.55 7.89
CA GLU E 174 -55.00 13.76 9.04
C GLU E 174 -55.81 12.50 9.37
N ARG E 175 -57.12 12.64 9.28
CA ARG E 175 -58.11 11.56 9.60
C ARG E 175 -58.07 10.39 8.60
N LEU E 176 -57.58 10.73 7.42
CA LEU E 176 -57.37 9.80 6.26
C LEU E 176 -56.20 8.74 6.47
N LEU E 177 -56.58 7.53 6.88
CA LEU E 177 -55.64 6.43 7.22
C LEU E 177 -55.14 6.63 8.67
N LYS F 8 61.10 48.40 -9.55
CA LYS F 8 62.20 49.33 -9.46
C LYS F 8 61.72 50.21 -8.30
N THR F 9 61.37 51.45 -8.64
CA THR F 9 60.71 52.38 -7.71
C THR F 9 59.20 52.25 -7.83
N ARG F 10 58.75 51.58 -8.88
CA ARG F 10 57.30 51.50 -9.26
C ARG F 10 56.61 50.17 -8.92
N ILE F 11 57.40 49.12 -8.88
CA ILE F 11 56.88 47.76 -8.63
C ILE F 11 57.47 47.24 -7.33
N HIS F 12 56.60 46.78 -6.46
CA HIS F 12 57.03 46.28 -5.17
C HIS F 12 56.46 44.93 -4.83
N VAL F 13 57.25 44.21 -4.07
CA VAL F 13 56.85 42.90 -3.54
C VAL F 13 56.65 43.03 -2.05
N VAL F 14 55.47 42.68 -1.63
CA VAL F 14 55.12 42.70 -0.23
C VAL F 14 54.56 41.34 0.15
N GLN F 15 54.85 40.98 1.38
CA GLN F 15 54.42 39.71 1.95
C GLN F 15 53.34 39.91 3.00
N GLY F 16 52.23 39.22 2.76
CA GLY F 16 51.12 39.21 3.69
C GLY F 16 49.73 39.18 3.10
N ASP F 17 48.84 39.82 3.85
CA ASP F 17 47.40 39.87 3.55
C ASP F 17 47.01 41.10 2.73
N ILE F 18 46.66 40.83 1.49
CA ILE F 18 46.24 41.87 0.51
C ILE F 18 45.14 42.84 0.99
N THR F 19 44.30 42.35 1.87
CA THR F 19 43.12 43.14 2.36
C THR F 19 43.50 44.26 3.30
N LYS F 20 44.73 44.21 3.72
CA LYS F 20 45.31 45.22 4.64
C LYS F 20 45.98 46.39 3.92
N LEU F 21 46.24 46.18 2.64
CA LEU F 21 46.92 47.15 1.80
C LEU F 21 46.09 48.38 1.46
N ALA F 22 46.55 49.51 1.98
CA ALA F 22 45.98 50.86 1.62
C ALA F 22 46.52 51.33 0.25
N VAL F 23 45.95 50.77 -0.78
CA VAL F 23 46.22 51.20 -2.16
C VAL F 23 44.91 51.60 -2.85
N ASP F 24 45.03 52.21 -4.01
CA ASP F 24 43.85 52.70 -4.73
C ASP F 24 42.94 51.48 -5.03
N VAL F 25 43.55 50.49 -5.65
CA VAL F 25 42.83 49.30 -6.08
C VAL F 25 43.45 48.02 -5.62
N ILE F 26 42.58 47.16 -5.17
CA ILE F 26 42.94 45.78 -4.79
C ILE F 26 42.35 44.79 -5.78
N VAL F 27 43.17 43.89 -6.24
CA VAL F 27 42.75 42.90 -7.24
C VAL F 27 42.31 41.58 -6.59
N ASN F 28 41.13 41.16 -6.99
CA ASN F 28 40.55 39.87 -6.56
C ASN F 28 40.68 38.75 -7.61
N ALA F 29 41.19 37.61 -7.14
CA ALA F 29 41.30 36.35 -7.93
C ALA F 29 39.95 35.64 -7.84
N ALA F 30 39.14 35.96 -8.80
CA ALA F 30 37.70 35.61 -8.82
C ALA F 30 37.40 34.41 -9.69
N ALA F 31 36.18 33.95 -9.50
CA ALA F 31 35.50 32.98 -10.42
C ALA F 31 34.46 33.70 -11.30
N PRO F 32 34.11 33.09 -12.46
CA PRO F 32 33.20 33.76 -13.40
C PRO F 32 31.92 34.31 -12.78
N SER F 33 31.47 33.65 -11.75
CA SER F 33 30.24 34.04 -11.02
C SER F 33 30.38 35.39 -10.31
N LEU F 34 31.60 35.66 -9.91
CA LEU F 34 31.97 36.89 -9.12
C LEU F 34 31.39 36.88 -7.70
N MET F 35 31.00 35.71 -7.25
CA MET F 35 30.18 35.62 -6.03
C MET F 35 30.87 35.08 -4.79
N GLY F 36 32.15 35.30 -4.71
CA GLY F 36 32.83 34.99 -3.48
C GLY F 36 33.29 33.55 -3.51
N GLY F 37 34.23 33.25 -2.64
CA GLY F 37 34.89 31.96 -2.66
C GLY F 37 35.72 31.69 -1.45
N GLY F 38 36.77 30.90 -1.65
CA GLY F 38 37.57 30.37 -0.54
C GLY F 38 38.96 30.89 -0.25
N GLY F 39 39.62 31.43 -1.27
CA GLY F 39 40.98 31.90 -1.13
C GLY F 39 40.98 33.38 -0.87
N VAL F 40 41.56 34.14 -1.78
CA VAL F 40 41.58 35.60 -1.61
C VAL F 40 40.15 36.14 -1.63
N ALA F 41 39.39 35.57 -2.55
CA ALA F 41 38.01 36.00 -2.82
C ALA F 41 37.20 36.10 -1.53
N GLY F 42 37.40 35.10 -0.70
CA GLY F 42 36.72 35.04 0.61
C GLY F 42 37.27 36.09 1.53
N ALA F 43 38.58 36.11 1.61
CA ALA F 43 39.29 37.13 2.45
C ALA F 43 38.78 38.56 2.14
N ILE F 44 38.76 38.80 0.84
CA ILE F 44 38.42 40.13 0.29
C ILE F 44 36.97 40.50 0.62
N HIS F 45 36.09 39.55 0.32
CA HIS F 45 34.63 39.76 0.58
C HIS F 45 34.34 39.96 2.07
N ARG F 46 34.96 39.12 2.87
CA ARG F 46 34.76 39.17 4.33
C ARG F 46 35.25 40.52 4.88
N ALA F 47 36.40 40.94 4.37
CA ALA F 47 37.03 42.23 4.77
C ALA F 47 36.25 43.47 4.30
N ALA F 48 35.73 43.34 3.09
CA ALA F 48 35.02 44.43 2.39
C ALA F 48 33.64 44.68 2.96
N GLY F 49 33.04 43.58 3.36
CA GLY F 49 31.66 43.58 3.89
C GLY F 49 30.62 43.39 2.77
N PRO F 50 29.33 43.48 3.10
CA PRO F 50 28.24 43.09 2.21
C PRO F 50 28.05 43.97 0.97
N ALA F 51 28.57 45.18 1.04
CA ALA F 51 28.44 46.14 -0.08
C ALA F 51 29.07 45.58 -1.34
N LEU F 52 30.14 44.86 -1.13
CA LEU F 52 30.94 44.30 -2.24
C LEU F 52 30.13 43.30 -3.06
N LEU F 53 29.48 42.44 -2.30
CA LEU F 53 28.64 41.38 -2.86
C LEU F 53 27.45 42.00 -3.64
N ASP F 54 26.80 42.95 -3.02
CA ASP F 54 25.70 43.71 -3.69
C ASP F 54 26.13 44.27 -5.03
N ALA F 55 27.33 44.80 -5.02
CA ALA F 55 27.94 45.39 -6.21
C ALA F 55 28.23 44.31 -7.25
N CYS F 56 28.81 43.23 -6.79
CA CYS F 56 29.11 42.07 -7.67
C CYS F 56 27.86 41.45 -8.31
N LEU F 57 26.79 41.49 -7.55
CA LEU F 57 25.46 41.08 -8.04
C LEU F 57 24.95 41.91 -9.20
N LYS F 58 24.96 43.21 -8.98
CA LYS F 58 24.60 44.22 -9.98
C LYS F 58 25.32 43.99 -11.31
N VAL F 59 26.60 43.70 -11.19
CA VAL F 59 27.50 43.47 -12.36
C VAL F 59 27.06 42.25 -13.13
N ARG F 60 27.01 41.16 -12.40
CA ARG F 60 26.49 39.82 -12.85
C ARG F 60 25.18 39.94 -13.59
N GLN F 61 24.31 40.67 -12.94
CA GLN F 61 23.00 41.03 -13.47
C GLN F 61 23.09 41.74 -14.83
N GLN F 62 24.14 42.52 -14.98
CA GLN F 62 24.33 43.46 -16.11
C GLN F 62 25.16 42.91 -17.27
N GLN F 63 26.09 42.04 -16.93
CA GLN F 63 26.97 41.42 -17.94
C GLN F 63 27.06 39.89 -17.88
N GLY F 64 26.29 39.31 -17.00
CA GLY F 64 26.38 37.88 -16.73
C GLY F 64 27.74 37.48 -16.18
N ASP F 65 28.09 36.25 -16.41
CA ASP F 65 29.38 35.70 -15.96
C ASP F 65 30.52 36.48 -16.57
N CYS F 66 31.52 36.74 -15.74
CA CYS F 66 32.78 37.33 -16.17
C CYS F 66 33.70 36.26 -16.78
N PRO F 67 33.95 36.36 -18.10
CA PRO F 67 34.75 35.33 -18.73
C PRO F 67 36.18 35.30 -18.29
N THR F 68 36.74 34.13 -18.46
CA THR F 68 38.12 33.91 -18.13
C THR F 68 38.97 34.92 -18.89
N GLY F 69 39.94 35.46 -18.16
CA GLY F 69 40.97 36.37 -18.71
C GLY F 69 40.52 37.83 -18.68
N HIS F 70 39.26 38.00 -18.30
CA HIS F 70 38.66 39.34 -18.24
C HIS F 70 38.46 39.80 -16.83
N ALA F 71 37.99 41.03 -16.72
CA ALA F 71 37.95 41.70 -15.43
C ALA F 71 36.93 42.78 -15.35
N VAL F 72 36.52 43.02 -14.13
CA VAL F 72 35.56 44.08 -13.81
C VAL F 72 35.95 44.81 -12.54
N ILE F 73 35.43 46.02 -12.42
CA ILE F 73 35.74 46.88 -11.29
C ILE F 73 34.49 47.30 -10.55
N THR F 74 34.62 47.30 -9.24
CA THR F 74 33.53 47.68 -8.33
C THR F 74 34.04 48.49 -7.18
N LEU F 75 33.10 49.04 -6.45
CA LEU F 75 33.38 49.70 -5.17
C LEU F 75 34.08 48.69 -4.22
N ALA F 76 34.54 49.17 -3.09
CA ALA F 76 35.40 48.35 -2.18
C ALA F 76 34.95 48.29 -0.70
N GLY F 77 33.84 48.96 -0.43
CA GLY F 77 33.24 48.98 0.90
C GLY F 77 34.22 49.25 2.01
N ASP F 78 34.29 48.35 2.98
CA ASP F 78 35.11 48.54 4.21
C ASP F 78 36.61 48.39 4.03
N LEU F 79 37.00 47.92 2.88
CA LEU F 79 38.44 47.81 2.56
C LEU F 79 39.11 49.19 2.62
N PRO F 80 40.41 49.23 2.94
CA PRO F 80 41.09 50.52 2.90
C PRO F 80 41.37 50.96 1.47
N ALA F 81 41.11 50.09 0.52
CA ALA F 81 41.21 50.46 -0.89
C ALA F 81 40.04 51.29 -1.34
N LYS F 82 40.18 51.87 -2.51
CA LYS F 82 39.09 52.71 -3.12
C LYS F 82 38.19 51.91 -4.04
N ALA F 83 38.78 50.90 -4.63
CA ALA F 83 38.08 50.02 -5.50
C ALA F 83 38.66 48.63 -5.49
N VAL F 84 37.80 47.70 -5.88
CA VAL F 84 38.22 46.31 -6.14
C VAL F 84 38.02 45.95 -7.59
N VAL F 85 39.08 45.39 -8.15
CA VAL F 85 39.05 44.79 -9.49
C VAL F 85 38.97 43.29 -9.33
N HIS F 86 37.91 42.76 -9.87
CA HIS F 86 37.68 41.32 -9.90
C HIS F 86 38.08 40.80 -11.24
N THR F 87 39.06 39.93 -11.22
CA THR F 87 39.52 39.27 -12.46
C THR F 87 39.52 37.76 -12.33
N VAL F 88 39.31 37.13 -13.46
CA VAL F 88 39.18 35.67 -13.58
C VAL F 88 40.36 35.01 -14.27
N GLY F 89 41.17 34.37 -13.45
CA GLY F 89 42.35 33.61 -13.92
C GLY F 89 41.94 32.31 -14.57
N PRO F 90 42.82 31.74 -15.38
CA PRO F 90 42.47 30.47 -15.92
C PRO F 90 42.69 29.35 -14.95
N VAL F 91 41.94 28.30 -15.18
CA VAL F 91 42.20 27.02 -14.54
C VAL F 91 43.33 26.31 -15.26
N TRP F 92 44.27 25.82 -14.47
CA TRP F 92 45.38 25.05 -15.01
C TRP F 92 44.86 23.67 -15.40
N ARG F 93 44.87 23.45 -16.68
CA ARG F 93 44.55 22.16 -17.26
C ARG F 93 45.98 22.01 -17.51
N GLY F 94 46.48 21.00 -18.20
CA GLY F 94 47.90 20.96 -18.37
C GLY F 94 48.10 22.21 -19.22
N GLY F 95 49.34 22.61 -19.49
CA GLY F 95 49.66 23.92 -20.04
C GLY F 95 49.24 24.16 -21.47
N GLU F 96 48.46 23.23 -21.98
CA GLU F 96 48.22 23.15 -23.44
C GLU F 96 46.91 23.73 -23.92
N GLN F 97 46.29 24.50 -23.06
CA GLN F 97 44.93 25.01 -23.32
C GLN F 97 44.83 26.51 -23.36
N ASN F 98 45.92 27.11 -23.79
CA ASN F 98 46.03 28.58 -23.89
C ASN F 98 46.07 29.32 -22.53
N GLU F 99 46.47 28.60 -21.49
CA GLU F 99 46.41 29.09 -20.11
C GLU F 99 47.35 30.26 -19.85
N ASP F 100 48.54 30.13 -20.40
CA ASP F 100 49.58 31.17 -20.31
C ASP F 100 49.07 32.54 -20.83
N GLN F 101 48.44 32.50 -21.98
CA GLN F 101 47.89 33.69 -22.67
C GLN F 101 46.77 34.30 -21.84
N LEU F 102 45.93 33.44 -21.32
CA LEU F 102 44.74 33.84 -20.53
C LEU F 102 45.11 34.47 -19.19
N LEU F 103 46.17 33.95 -18.60
CA LEU F 103 46.70 34.51 -17.34
C LEU F 103 47.25 35.92 -17.58
N GLN F 104 47.98 36.01 -18.66
CA GLN F 104 48.50 37.30 -19.20
C GLN F 104 47.36 38.31 -19.33
N ASP F 105 46.30 37.84 -19.97
CA ASP F 105 45.09 38.66 -20.25
C ASP F 105 44.45 39.18 -18.96
N ALA F 106 44.43 38.31 -17.98
CA ALA F 106 43.87 38.66 -16.66
C ALA F 106 44.61 39.85 -16.07
N TYR F 107 45.92 39.77 -16.15
CA TYR F 107 46.80 40.84 -15.59
C TYR F 107 46.67 42.15 -16.42
N LEU F 108 46.74 41.96 -17.72
CA LEU F 108 46.55 43.07 -18.70
C LEU F 108 45.22 43.85 -18.50
N ASN F 109 44.14 43.12 -18.60
CA ASN F 109 42.77 43.74 -18.49
C ASN F 109 42.52 44.39 -17.15
N SER F 110 43.10 43.80 -16.13
CA SER F 110 43.04 44.35 -14.77
C SER F 110 43.70 45.75 -14.74
N LEU F 111 44.92 45.76 -15.21
CA LEU F 111 45.74 46.99 -15.27
C LEU F 111 44.99 48.07 -16.06
N ARG F 112 44.47 47.63 -17.19
CA ARG F 112 43.74 48.52 -18.15
C ARG F 112 42.58 49.20 -17.46
N LEU F 113 41.87 48.42 -16.67
CA LEU F 113 40.73 48.92 -15.87
C LEU F 113 41.14 49.91 -14.78
N VAL F 114 42.23 49.57 -14.11
CA VAL F 114 42.79 50.47 -13.06
C VAL F 114 43.04 51.86 -13.67
N ALA F 115 43.71 51.80 -14.80
CA ALA F 115 44.09 53.00 -15.57
C ALA F 115 42.86 53.79 -16.04
N ALA F 116 41.97 53.04 -16.68
CA ALA F 116 40.72 53.60 -17.29
C ALA F 116 39.84 54.30 -16.28
N ASN F 117 40.02 53.91 -15.03
CA ASN F 117 39.26 54.50 -13.89
C ASN F 117 40.08 55.51 -13.07
N SER F 118 41.22 55.86 -13.64
CA SER F 118 42.11 56.96 -13.16
C SER F 118 42.75 56.66 -11.82
N TYR F 119 42.97 55.40 -11.58
CA TYR F 119 43.66 54.97 -10.37
C TYR F 119 45.15 54.85 -10.57
N THR F 120 45.88 55.15 -9.52
CA THR F 120 47.38 55.28 -9.61
C THR F 120 48.15 54.10 -9.03
N SER F 121 47.52 53.44 -8.08
CA SER F 121 48.10 52.26 -7.38
C SER F 121 47.19 51.03 -7.35
N VAL F 122 47.81 49.91 -7.62
CA VAL F 122 47.11 48.60 -7.62
C VAL F 122 47.92 47.46 -6.94
N ALA F 123 47.18 46.66 -6.18
CA ALA F 123 47.74 45.44 -5.54
C ALA F 123 47.21 44.16 -6.17
N PHE F 124 48.16 43.27 -6.45
CA PHE F 124 47.90 41.94 -7.08
C PHE F 124 48.22 40.73 -6.20
N PRO F 125 47.30 39.77 -6.13
CA PRO F 125 47.65 38.47 -5.59
C PRO F 125 48.12 37.54 -6.67
N ALA F 126 48.57 36.36 -6.24
CA ALA F 126 49.15 35.37 -7.17
C ALA F 126 48.03 34.63 -7.85
N ILE F 127 47.50 35.30 -8.85
CA ILE F 127 46.31 34.81 -9.60
C ILE F 127 46.56 33.44 -10.20
N SER F 128 45.56 32.59 -10.01
CA SER F 128 45.48 31.19 -10.58
C SER F 128 46.33 30.11 -9.86
N THR F 129 47.14 30.54 -8.91
CA THR F 129 48.14 29.66 -8.27
C THR F 129 47.62 28.88 -7.08
N GLY F 130 46.44 29.25 -6.65
CA GLY F 130 45.80 28.57 -5.53
C GLY F 130 44.97 27.36 -5.98
N VAL F 131 43.66 27.49 -5.81
CA VAL F 131 42.69 26.39 -6.14
C VAL F 131 42.73 26.13 -7.65
N TYR F 132 43.01 27.15 -8.45
CA TYR F 132 43.08 26.97 -9.95
C TYR F 132 44.34 26.20 -10.45
N GLY F 133 45.22 25.95 -9.50
CA GLY F 133 46.38 25.04 -9.67
C GLY F 133 47.44 25.33 -10.71
N TYR F 134 47.71 26.61 -10.90
CA TYR F 134 48.77 27.06 -11.83
C TYR F 134 50.13 26.86 -11.17
N PRO F 135 51.08 26.16 -11.82
CA PRO F 135 52.46 26.11 -11.32
C PRO F 135 53.04 27.48 -10.93
N ARG F 136 53.34 27.57 -9.66
CA ARG F 136 53.70 28.84 -8.98
C ARG F 136 54.77 29.66 -9.70
N ALA F 137 55.72 28.94 -10.28
CA ALA F 137 56.94 29.56 -10.89
C ALA F 137 56.69 30.13 -12.27
N ALA F 138 55.98 29.35 -13.06
CA ALA F 138 55.57 29.74 -14.45
C ALA F 138 54.62 30.93 -14.41
N ALA F 139 53.71 30.87 -13.45
CA ALA F 139 52.70 31.94 -13.18
C ALA F 139 53.33 33.30 -12.84
N ALA F 140 54.18 33.26 -11.83
CA ALA F 140 54.93 34.44 -11.35
C ALA F 140 55.78 35.09 -12.45
N GLU F 141 56.31 34.25 -13.31
CA GLU F 141 57.11 34.70 -14.48
C GLU F 141 56.25 35.59 -15.37
N ILE F 142 55.06 35.07 -15.66
CA ILE F 142 54.09 35.77 -16.52
C ILE F 142 53.60 37.06 -15.85
N ALA F 143 53.30 36.95 -14.57
CA ALA F 143 52.82 38.08 -13.78
C ALA F 143 53.82 39.25 -13.90
N VAL F 144 55.04 38.94 -13.50
CA VAL F 144 56.12 39.94 -13.47
C VAL F 144 56.38 40.53 -14.87
N LYS F 145 56.47 39.65 -15.84
CA LYS F 145 56.84 40.04 -17.21
C LYS F 145 55.78 40.99 -17.76
N THR F 146 54.55 40.53 -17.67
CA THR F 146 53.36 41.25 -18.17
C THR F 146 53.20 42.62 -17.53
N VAL F 147 53.23 42.63 -16.20
CA VAL F 147 53.10 43.88 -15.41
C VAL F 147 54.22 44.88 -15.70
N SER F 148 55.44 44.35 -15.70
CA SER F 148 56.66 45.14 -15.96
C SER F 148 56.61 45.81 -17.32
N GLU F 149 56.33 45.00 -18.31
CA GLU F 149 56.27 45.47 -19.72
C GLU F 149 55.18 46.53 -19.87
N PHE F 150 54.11 46.34 -19.12
CA PHE F 150 52.93 47.24 -19.18
C PHE F 150 53.24 48.60 -18.60
N ILE F 151 53.79 48.60 -17.40
CA ILE F 151 54.12 49.88 -16.73
C ILE F 151 55.20 50.66 -17.49
N THR F 152 56.03 49.92 -18.20
CA THR F 152 57.04 50.50 -19.11
C THR F 152 56.36 51.33 -20.18
N ARG F 153 55.28 50.79 -20.71
CA ARG F 153 54.51 51.44 -21.83
C ARG F 153 53.47 52.47 -21.38
N HIS F 154 53.26 52.59 -20.07
CA HIS F 154 52.12 53.37 -19.55
C HIS F 154 52.42 54.15 -18.27
N ALA F 155 51.89 55.36 -18.22
CA ALA F 155 52.00 56.21 -17.02
C ALA F 155 51.21 55.65 -15.83
N LEU F 156 50.07 55.09 -16.18
CA LEU F 156 49.10 54.56 -15.21
C LEU F 156 48.92 53.04 -15.37
N PRO F 157 48.91 52.31 -14.25
CA PRO F 157 49.12 52.78 -12.90
C PRO F 157 50.58 53.10 -12.62
N GLU F 158 50.75 54.01 -11.68
CA GLU F 158 52.08 54.50 -11.28
C GLU F 158 52.78 53.46 -10.43
N GLN F 159 52.03 52.96 -9.46
CA GLN F 159 52.53 51.99 -8.44
C GLN F 159 51.81 50.64 -8.51
N VAL F 160 52.60 49.60 -8.52
CA VAL F 160 52.10 48.21 -8.49
C VAL F 160 52.70 47.41 -7.34
N TYR F 161 51.80 46.79 -6.58
CA TYR F 161 52.21 45.87 -5.50
C TYR F 161 51.85 44.42 -5.79
N PHE F 162 52.85 43.58 -5.79
CA PHE F 162 52.64 42.13 -5.81
C PHE F 162 52.55 41.64 -4.38
N VAL F 163 51.34 41.30 -3.99
CA VAL F 163 51.09 40.73 -2.67
C VAL F 163 51.21 39.19 -2.66
N CYS F 164 52.17 38.74 -1.89
CA CYS F 164 52.49 37.32 -1.76
C CYS F 164 52.12 36.80 -0.37
N TYR F 165 51.41 35.68 -0.38
CA TYR F 165 50.76 35.14 0.85
C TYR F 165 51.66 34.28 1.74
N ASP F 166 52.74 33.83 1.14
CA ASP F 166 53.79 33.07 1.84
C ASP F 166 55.20 33.55 1.44
N GLU F 167 56.19 33.19 2.26
CA GLU F 167 57.56 33.65 2.03
C GLU F 167 58.17 33.05 0.79
N GLU F 168 57.85 31.80 0.52
CA GLU F 168 58.41 31.07 -0.64
C GLU F 168 58.10 31.82 -1.94
N ASN F 169 56.83 32.14 -2.07
CA ASN F 169 56.30 32.94 -3.22
C ASN F 169 56.92 34.36 -3.32
N ALA F 170 56.93 35.01 -2.19
CA ALA F 170 57.55 36.33 -2.06
C ALA F 170 58.96 36.34 -2.68
N HIS F 171 59.77 35.38 -2.24
CA HIS F 171 61.21 35.25 -2.66
C HIS F 171 61.31 35.04 -4.17
N LEU F 172 60.37 34.22 -4.62
CA LEU F 172 60.21 33.86 -6.03
C LEU F 172 60.09 35.09 -6.94
N TYR F 173 59.14 35.91 -6.56
CA TYR F 173 58.85 37.19 -7.23
C TYR F 173 60.06 38.12 -7.19
N GLU F 174 60.55 38.32 -5.98
CA GLU F 174 61.71 39.21 -5.71
C GLU F 174 62.90 38.90 -6.62
N ARG F 175 63.12 37.63 -6.82
CA ARG F 175 64.24 37.13 -7.63
C ARG F 175 64.00 37.46 -9.09
N LEU F 176 62.78 37.24 -9.51
CA LEU F 176 62.36 37.45 -10.90
C LEU F 176 62.46 38.92 -11.30
N LEU F 177 62.14 39.74 -10.33
CA LEU F 177 62.14 41.21 -10.49
C LEU F 177 63.52 41.78 -10.71
N THR F 178 64.43 41.27 -9.91
CA THR F 178 65.85 41.63 -9.98
C THR F 178 66.55 41.03 -11.22
N GLN F 179 65.85 40.12 -11.90
CA GLN F 179 66.37 39.46 -13.13
C GLN F 179 66.01 40.29 -14.38
N GLN F 180 65.49 41.49 -14.14
CA GLN F 180 65.10 42.43 -15.20
C GLN F 180 65.95 43.70 -15.18
N LYS G 8 -10.87 51.07 25.65
CA LYS G 8 -10.03 50.96 24.43
C LYS G 8 -10.88 50.71 23.18
N THR G 9 -10.42 51.15 22.04
CA THR G 9 -10.97 50.63 20.75
C THR G 9 -11.06 49.05 20.67
N ARG G 10 -10.24 48.42 21.48
CA ARG G 10 -9.91 46.97 21.39
C ARG G 10 -10.44 46.06 22.51
N ILE G 11 -10.70 46.67 23.65
CA ILE G 11 -11.22 45.93 24.82
C ILE G 11 -12.60 46.42 25.18
N HIS G 12 -13.51 45.49 25.30
CA HIS G 12 -14.91 45.84 25.62
C HIS G 12 -15.48 45.06 26.77
N VAL G 13 -16.38 45.73 27.48
CA VAL G 13 -17.12 45.10 28.57
C VAL G 13 -18.56 44.90 28.11
N VAL G 14 -18.98 43.66 28.15
CA VAL G 14 -20.35 43.31 27.81
C VAL G 14 -20.97 42.54 28.97
N GLN G 15 -22.26 42.76 29.13
CA GLN G 15 -23.01 42.16 30.23
C GLN G 15 -24.00 41.13 29.72
N GLY G 16 -23.84 39.93 30.24
CA GLY G 16 -24.72 38.83 29.90
C GLY G 16 -24.10 37.45 29.83
N ASP G 17 -24.69 36.66 28.95
CA ASP G 17 -24.36 35.23 28.75
C ASP G 17 -23.33 35.02 27.63
N ILE G 18 -22.15 34.62 28.06
CA ILE G 18 -20.97 34.41 27.17
C ILE G 18 -21.26 33.49 25.98
N THR G 19 -22.18 32.58 26.18
CA THR G 19 -22.51 31.54 25.13
C THR G 19 -23.26 32.10 23.91
N LYS G 20 -23.73 33.31 24.08
CA LYS G 20 -24.49 34.04 23.04
C LYS G 20 -23.58 34.89 22.13
N LEU G 21 -22.36 35.11 22.60
CA LEU G 21 -21.36 35.95 21.91
C LEU G 21 -20.79 35.34 20.63
N ALA G 22 -21.11 35.97 19.52
CA ALA G 22 -20.52 35.65 18.19
C ALA G 22 -19.12 36.24 18.07
N VAL G 23 -18.18 35.59 18.69
CA VAL G 23 -16.73 35.94 18.57
C VAL G 23 -15.95 34.74 18.04
N ASP G 24 -14.70 34.96 17.66
CA ASP G 24 -13.86 33.85 17.15
C ASP G 24 -13.72 32.76 18.22
N VAL G 25 -13.30 33.19 19.39
CA VAL G 25 -13.08 32.30 20.53
C VAL G 25 -13.79 32.71 21.80
N ILE G 26 -14.36 31.71 22.42
CA ILE G 26 -15.01 31.83 23.75
C ILE G 26 -14.16 31.09 24.78
N VAL G 27 -13.87 31.78 25.87
CA VAL G 27 -13.06 31.18 26.94
C VAL G 27 -13.93 30.52 28.02
N ASN G 28 -13.57 29.29 28.31
CA ASN G 28 -14.16 28.49 29.42
C ASN G 28 -13.30 28.45 30.71
N ALA G 29 -13.98 28.77 31.80
CA ALA G 29 -13.43 28.63 33.15
C ALA G 29 -13.59 27.18 33.59
N ALA G 30 -12.54 26.45 33.32
CA ALA G 30 -12.54 24.98 33.46
C ALA G 30 -11.86 24.46 34.72
N ALA G 31 -12.08 23.16 34.93
CA ALA G 31 -11.32 22.36 35.91
C ALA G 31 -10.29 21.49 35.18
N PRO G 32 -9.22 21.06 35.89
CA PRO G 32 -8.17 20.23 35.27
C PRO G 32 -8.65 19.06 34.43
N SER G 33 -9.76 18.48 34.84
CA SER G 33 -10.36 17.34 34.14
C SER G 33 -10.85 17.72 32.75
N LEU G 34 -11.30 18.97 32.64
CA LEU G 34 -11.91 19.54 31.39
C LEU G 34 -13.32 18.98 31.08
N MET G 35 -13.90 18.36 32.09
CA MET G 35 -14.99 17.40 31.88
C MET G 35 -16.38 17.86 32.36
N GLY G 36 -16.62 19.16 32.37
CA GLY G 36 -18.00 19.66 32.58
C GLY G 36 -18.25 19.97 34.04
N GLY G 37 -19.30 20.76 34.34
CA GLY G 37 -19.15 21.56 35.54
C GLY G 37 -20.26 22.51 35.75
N GLY G 38 -19.99 23.46 36.59
CA GLY G 38 -21.14 24.15 37.04
C GLY G 38 -21.13 25.59 36.70
N GLY G 39 -19.96 26.15 36.59
CA GLY G 39 -19.89 27.56 36.32
C GLY G 39 -20.32 27.74 34.89
N VAL G 40 -19.62 28.61 34.19
CA VAL G 40 -19.87 28.75 32.77
C VAL G 40 -19.60 27.43 32.10
N ALA G 41 -18.77 26.63 32.73
CA ALA G 41 -18.38 25.34 32.13
C ALA G 41 -19.62 24.54 31.63
N GLY G 42 -20.64 24.57 32.46
CA GLY G 42 -21.91 23.88 32.18
C GLY G 42 -22.69 24.62 31.11
N ALA G 43 -22.82 25.91 31.32
CA ALA G 43 -23.49 26.77 30.33
C ALA G 43 -22.93 26.49 28.92
N ILE G 44 -21.61 26.52 28.89
CA ILE G 44 -20.86 26.40 27.64
C ILE G 44 -21.11 25.05 26.99
N HIS G 45 -20.93 24.02 27.80
CA HIS G 45 -21.09 22.61 27.31
C HIS G 45 -22.49 22.33 26.83
N ARG G 46 -23.44 22.78 27.61
CA ARG G 46 -24.87 22.61 27.26
C ARG G 46 -25.19 23.34 25.95
N ALA G 47 -24.66 24.55 25.82
CA ALA G 47 -24.87 25.39 24.61
C ALA G 47 -24.18 24.81 23.38
N ALA G 48 -23.00 24.29 23.61
CA ALA G 48 -22.10 23.77 22.53
C ALA G 48 -22.59 22.45 21.97
N GLY G 49 -23.14 21.67 22.88
CA GLY G 49 -23.60 20.32 22.58
C GLY G 49 -22.55 19.26 22.84
N PRO G 50 -22.88 17.98 22.55
CA PRO G 50 -21.97 16.82 22.84
C PRO G 50 -20.60 16.78 22.14
N ALA G 51 -20.49 17.48 21.02
CA ALA G 51 -19.20 17.55 20.27
C ALA G 51 -18.06 18.08 21.15
N LEU G 52 -18.41 19.01 22.01
CA LEU G 52 -17.43 19.74 22.85
C LEU G 52 -16.76 18.79 23.82
N LEU G 53 -17.62 17.99 24.39
CA LEU G 53 -17.22 16.99 25.37
C LEU G 53 -16.31 15.94 24.71
N ASP G 54 -16.75 15.47 23.56
CA ASP G 54 -15.94 14.49 22.77
C ASP G 54 -14.53 15.02 22.56
N ALA G 55 -14.49 16.31 22.23
CA ALA G 55 -13.24 17.01 21.93
C ALA G 55 -12.38 17.14 23.19
N CYS G 56 -13.02 17.52 24.27
CA CYS G 56 -12.35 17.60 25.60
C CYS G 56 -11.78 16.25 26.07
N LEU G 57 -12.49 15.19 25.74
CA LEU G 57 -12.03 13.82 26.00
C LEU G 57 -10.75 13.47 25.29
N LYS G 58 -10.78 13.73 23.99
CA LYS G 58 -9.61 13.54 23.10
C LYS G 58 -8.34 14.19 23.63
N VAL G 59 -8.54 15.40 24.12
CA VAL G 59 -7.46 16.23 24.70
C VAL G 59 -6.89 15.57 25.92
N ARG G 60 -7.80 15.31 26.85
CA ARG G 60 -7.55 14.58 28.16
C ARG G 60 -6.74 13.32 27.92
N GLN G 61 -7.25 12.59 26.95
CA GLN G 61 -6.63 11.37 26.39
C GLN G 61 -5.18 11.57 25.99
N GLN G 62 -4.95 12.75 25.46
CA GLN G 62 -3.67 13.10 24.81
C GLN G 62 -2.63 13.81 25.70
N GLN G 63 -3.13 14.59 26.64
CA GLN G 63 -2.24 15.34 27.56
C GLN G 63 -2.55 15.19 29.04
N GLY G 64 -3.53 14.37 29.32
CA GLY G 64 -4.03 14.19 30.67
C GLY G 64 -4.68 15.46 31.20
N ASP G 65 -4.64 15.60 32.52
CA ASP G 65 -5.21 16.79 33.19
C ASP G 65 -4.52 18.05 32.75
N CYS G 66 -5.33 19.07 32.55
CA CYS G 66 -4.85 20.44 32.24
C CYS G 66 -4.45 21.16 33.53
N PRO G 67 -3.16 21.43 33.71
CA PRO G 67 -2.74 22.02 34.94
C PRO G 67 -3.20 23.42 35.14
N THR G 68 -3.23 23.79 36.41
CA THR G 68 -3.66 25.13 36.82
C THR G 68 -2.78 26.17 36.16
N GLY G 69 -3.45 27.19 35.66
CA GLY G 69 -2.80 28.35 35.00
C GLY G 69 -2.58 28.16 33.50
N HIS G 70 -2.85 26.95 33.05
CA HIS G 70 -2.68 26.60 31.63
C HIS G 70 -4.00 26.48 30.90
N ALA G 71 -3.88 26.24 29.60
CA ALA G 71 -5.04 26.28 28.72
C ALA G 71 -4.91 25.45 27.47
N VAL G 72 -6.07 25.05 26.97
CA VAL G 72 -6.19 24.28 25.74
C VAL G 72 -7.32 24.80 24.88
N ILE G 73 -7.21 24.48 23.60
CA ILE G 73 -8.19 24.93 22.64
C ILE G 73 -8.82 23.75 21.90
N THR G 74 -10.11 23.90 21.66
CA THR G 74 -10.92 22.90 20.98
C THR G 74 -11.94 23.52 20.08
N LEU G 75 -12.56 22.65 19.27
CA LEU G 75 -13.75 23.07 18.46
C LEU G 75 -14.84 23.56 19.39
N ALA G 76 -15.90 24.09 18.79
CA ALA G 76 -16.96 24.81 19.57
C ALA G 76 -18.37 24.35 19.31
N GLY G 77 -18.49 23.36 18.46
CA GLY G 77 -19.81 22.76 18.12
C GLY G 77 -20.90 23.75 17.80
N ASP G 78 -22.02 23.66 18.51
CA ASP G 78 -23.24 24.52 18.25
C ASP G 78 -23.12 25.99 18.71
N LEU G 79 -22.06 26.30 19.43
CA LEU G 79 -21.79 27.71 19.80
C LEU G 79 -21.65 28.58 18.53
N PRO G 80 -22.03 29.87 18.62
CA PRO G 80 -21.72 30.75 17.50
C PRO G 80 -20.22 31.09 17.36
N ALA G 81 -19.44 30.73 18.33
CA ALA G 81 -17.98 30.89 18.26
C ALA G 81 -17.36 29.86 17.31
N LYS G 82 -16.11 30.10 16.98
CA LYS G 82 -15.36 29.19 16.11
C LYS G 82 -14.59 28.17 16.90
N ALA G 83 -14.18 28.60 18.06
CA ALA G 83 -13.42 27.73 18.96
C ALA G 83 -13.70 28.07 20.41
N VAL G 84 -13.45 27.09 21.25
CA VAL G 84 -13.46 27.28 22.69
C VAL G 84 -12.08 27.02 23.26
N VAL G 85 -11.68 27.96 24.08
CA VAL G 85 -10.43 27.84 24.87
C VAL G 85 -10.81 27.51 26.30
N HIS G 86 -10.31 26.38 26.73
CA HIS G 86 -10.53 25.91 28.10
C HIS G 86 -9.32 26.22 28.89
N THR G 87 -9.51 27.01 29.90
CA THR G 87 -8.42 27.36 30.83
C THR G 87 -8.80 27.12 32.27
N VAL G 88 -7.77 26.82 33.04
CA VAL G 88 -7.89 26.44 34.46
C VAL G 88 -7.36 27.51 35.39
N GLY G 89 -8.31 28.20 35.97
CA GLY G 89 -8.04 29.21 37.01
C GLY G 89 -7.58 28.58 38.32
N PRO G 90 -6.93 29.36 39.20
CA PRO G 90 -6.59 28.81 40.48
C PRO G 90 -7.75 28.83 41.45
N VAL G 91 -7.67 27.90 42.38
CA VAL G 91 -8.56 27.89 43.54
C VAL G 91 -8.02 28.87 44.55
N TRP G 92 -8.91 29.74 45.02
CA TRP G 92 -8.55 30.77 46.01
C TRP G 92 -8.34 30.16 47.40
N ARG G 93 -7.17 30.47 47.96
CA ARG G 93 -6.70 29.93 49.25
C ARG G 93 -6.15 30.96 50.22
N GLY G 94 -6.57 32.20 50.04
CA GLY G 94 -6.20 33.31 50.94
C GLY G 94 -5.19 34.30 50.42
N GLY G 95 -4.54 33.94 49.32
CA GLY G 95 -3.62 34.86 48.61
C GLY G 95 -2.13 34.63 48.78
N GLU G 96 -1.79 33.66 49.60
CA GLU G 96 -0.36 33.37 49.95
C GLU G 96 0.19 32.15 49.22
N GLN G 97 -0.61 31.65 48.32
CA GLN G 97 -0.35 30.39 47.61
C GLN G 97 -0.17 30.56 46.10
N ASN G 98 0.33 31.73 45.76
CA ASN G 98 0.69 32.09 44.36
C ASN G 98 -0.50 32.24 43.40
N GLU G 99 -1.66 32.48 43.98
CA GLU G 99 -2.94 32.49 43.24
C GLU G 99 -2.99 33.61 42.21
N ASP G 100 -2.52 34.76 42.62
CA ASP G 100 -2.47 35.98 41.77
C ASP G 100 -1.70 35.73 40.45
N GLN G 101 -0.55 35.10 40.61
CA GLN G 101 0.34 34.73 39.49
C GLN G 101 -0.33 33.73 38.53
N LEU G 102 -0.97 32.75 39.14
CA LEU G 102 -1.62 31.64 38.41
C LEU G 102 -2.84 32.10 37.62
N LEU G 103 -3.55 33.05 38.18
CA LEU G 103 -4.72 33.65 37.52
C LEU G 103 -4.25 34.44 36.30
N GLN G 104 -3.19 35.17 36.54
CA GLN G 104 -2.45 35.90 35.47
C GLN G 104 -2.12 34.94 34.30
N ASP G 105 -1.52 33.83 34.68
CA ASP G 105 -1.06 32.78 33.76
C ASP G 105 -2.23 32.24 32.91
N ALA G 106 -3.36 32.09 33.56
CA ALA G 106 -4.60 31.59 32.90
C ALA G 106 -5.04 32.51 31.77
N TYR G 107 -5.02 33.77 32.08
CA TYR G 107 -5.36 34.82 31.08
C TYR G 107 -4.29 34.88 29.95
N LEU G 108 -3.04 34.93 30.36
CA LEU G 108 -1.88 34.95 29.42
C LEU G 108 -1.92 33.80 28.42
N ASN G 109 -1.91 32.58 28.96
CA ASN G 109 -1.85 31.35 28.12
C ASN G 109 -3.05 31.23 27.19
N SER G 110 -4.16 31.72 27.68
CA SER G 110 -5.43 31.73 26.89
C SER G 110 -5.26 32.61 25.66
N LEU G 111 -4.82 33.83 25.95
CA LEU G 111 -4.52 34.84 24.90
C LEU G 111 -3.51 34.33 23.86
N ARG G 112 -2.45 33.74 24.38
CA ARG G 112 -1.38 33.14 23.58
C ARG G 112 -1.91 32.09 22.61
N LEU G 113 -2.79 31.26 23.12
CA LEU G 113 -3.46 30.21 22.29
C LEU G 113 -4.39 30.78 21.23
N VAL G 114 -5.15 31.78 21.61
CA VAL G 114 -6.01 32.46 20.65
C VAL G 114 -5.15 32.95 19.46
N ALA G 115 -4.06 33.59 19.84
CA ALA G 115 -3.10 34.20 18.88
C ALA G 115 -2.46 33.14 17.99
N ALA G 116 -1.92 32.14 18.66
CA ALA G 116 -1.22 31.00 18.02
C ALA G 116 -2.08 30.25 17.01
N ASN G 117 -3.38 30.36 17.21
CA ASN G 117 -4.40 29.73 16.30
C ASN G 117 -5.05 30.70 15.33
N SER G 118 -4.44 31.87 15.27
CA SER G 118 -4.74 32.94 14.25
C SER G 118 -6.13 33.52 14.40
N TYR G 119 -6.60 33.52 15.62
CA TYR G 119 -7.91 34.09 15.94
C TYR G 119 -7.78 35.55 16.33
N THR G 120 -8.79 36.32 15.97
CA THR G 120 -8.73 37.81 16.10
C THR G 120 -9.50 38.37 17.29
N SER G 121 -10.53 37.62 17.65
CA SER G 121 -11.44 38.00 18.76
C SER G 121 -11.67 36.91 19.80
N VAL G 122 -11.63 37.33 21.05
CA VAL G 122 -11.84 36.44 22.20
C VAL G 122 -12.71 37.03 23.31
N ALA G 123 -13.58 36.18 23.82
CA ALA G 123 -14.46 36.51 24.98
C ALA G 123 -14.03 35.78 26.25
N PHE G 124 -13.97 36.55 27.32
CA PHE G 124 -13.57 36.08 28.68
C PHE G 124 -14.63 36.20 29.76
N PRO G 125 -14.82 35.12 30.55
CA PRO G 125 -15.59 35.27 31.74
C PRO G 125 -14.71 35.60 32.91
N ALA G 126 -15.36 35.86 34.03
CA ALA G 126 -14.66 36.21 35.28
C ALA G 126 -14.08 34.94 35.92
N ILE G 127 -12.97 34.54 35.36
CA ILE G 127 -12.26 33.31 35.78
C ILE G 127 -11.91 33.32 37.26
N SER G 128 -12.20 32.18 37.87
CA SER G 128 -11.89 31.85 39.30
C SER G 128 -12.82 32.49 40.37
N THR G 129 -13.72 33.36 39.92
CA THR G 129 -14.55 34.19 40.84
C THR G 129 -15.84 33.53 41.28
N GLY G 130 -16.13 32.41 40.67
CA GLY G 130 -17.33 31.66 41.02
C GLY G 130 -17.06 30.63 42.10
N VAL G 131 -17.15 29.36 41.70
CA VAL G 131 -16.93 28.22 42.60
C VAL G 131 -15.51 28.25 43.22
N TYR G 132 -14.55 28.72 42.45
CA TYR G 132 -13.10 28.78 42.88
C TYR G 132 -12.82 29.88 43.90
N GLY G 133 -13.84 30.68 44.13
CA GLY G 133 -13.91 31.64 45.25
C GLY G 133 -12.89 32.76 45.34
N TYR G 134 -12.49 33.26 44.19
CA TYR G 134 -11.52 34.38 44.11
C TYR G 134 -12.25 35.69 44.39
N PRO G 135 -11.74 36.51 45.33
CA PRO G 135 -12.33 37.82 45.55
C PRO G 135 -12.52 38.61 44.26
N ARG G 136 -13.79 38.89 43.99
CA ARG G 136 -14.31 39.49 42.71
C ARG G 136 -13.47 40.72 42.24
N ALA G 137 -12.86 41.34 43.25
CA ALA G 137 -12.21 42.67 43.11
C ALA G 137 -10.75 42.61 42.69
N ALA G 138 -10.00 41.82 43.44
CA ALA G 138 -8.58 41.54 43.16
C ALA G 138 -8.48 40.86 41.79
N ALA G 139 -9.38 39.91 41.58
CA ALA G 139 -9.46 39.13 40.31
C ALA G 139 -9.61 39.99 39.04
N ALA G 140 -10.66 40.81 39.05
CA ALA G 140 -10.97 41.74 37.92
C ALA G 140 -9.80 42.67 37.62
N GLU G 141 -9.05 42.93 38.66
CA GLU G 141 -7.91 43.81 38.57
C GLU G 141 -6.79 43.17 37.74
N ILE G 142 -6.56 41.92 38.06
CA ILE G 142 -5.54 41.09 37.41
C ILE G 142 -5.95 40.82 35.96
N ALA G 143 -7.22 40.53 35.79
CA ALA G 143 -7.82 40.29 34.46
C ALA G 143 -7.55 41.48 33.51
N VAL G 144 -8.02 42.62 33.94
CA VAL G 144 -7.91 43.87 33.17
C VAL G 144 -6.43 44.27 32.91
N LYS G 145 -5.63 44.23 33.97
CA LYS G 145 -4.19 44.61 33.91
C LYS G 145 -3.42 43.72 32.90
N THR G 146 -3.56 42.44 33.13
CA THR G 146 -2.92 41.38 32.29
C THR G 146 -3.30 41.49 30.81
N VAL G 147 -4.61 41.54 30.57
CA VAL G 147 -5.18 41.60 29.19
C VAL G 147 -4.75 42.86 28.45
N SER G 148 -4.87 43.96 29.17
CA SER G 148 -4.51 45.31 28.67
C SER G 148 -3.05 45.43 28.29
N GLU G 149 -2.21 45.01 29.21
CA GLU G 149 -0.73 44.98 28.97
C GLU G 149 -0.36 44.07 27.78
N PHE G 150 -1.08 42.98 27.67
CA PHE G 150 -0.82 41.96 26.61
C PHE G 150 -1.15 42.54 25.23
N ILE G 151 -2.31 43.10 25.14
CA ILE G 151 -2.85 43.64 23.89
C ILE G 151 -2.01 44.83 23.38
N THR G 152 -1.46 45.52 24.35
CA THR G 152 -0.49 46.61 24.11
C THR G 152 0.74 46.10 23.40
N ARG G 153 1.19 44.93 23.83
CA ARG G 153 2.41 44.28 23.25
C ARG G 153 2.17 43.41 22.00
N HIS G 154 0.92 43.23 21.60
CA HIS G 154 0.58 42.22 20.58
C HIS G 154 -0.54 42.61 19.64
N ALA G 155 -0.35 42.31 18.37
CA ALA G 155 -1.38 42.55 17.33
C ALA G 155 -2.62 41.67 17.53
N LEU G 156 -2.34 40.44 17.92
CA LEU G 156 -3.35 39.38 18.11
C LEU G 156 -3.45 38.97 19.59
N PRO G 157 -4.69 38.89 20.10
CA PRO G 157 -5.93 39.14 19.43
C PRO G 157 -6.19 40.61 19.28
N GLU G 158 -6.95 40.91 18.27
CA GLU G 158 -7.33 42.29 17.95
C GLU G 158 -8.36 42.81 18.93
N GLN G 159 -9.37 42.00 19.11
CA GLN G 159 -10.55 42.33 19.95
C GLN G 159 -10.69 41.39 21.15
N VAL G 160 -10.89 42.00 22.30
CA VAL G 160 -11.17 41.28 23.56
C VAL G 160 -12.46 41.74 24.23
N TYR G 161 -13.29 40.76 24.54
CA TYR G 161 -14.54 41.01 25.29
C TYR G 161 -14.51 40.40 26.69
N PHE G 162 -14.68 41.27 27.68
CA PHE G 162 -14.90 40.84 29.07
C PHE G 162 -16.39 40.65 29.31
N VAL G 163 -16.79 39.39 29.38
CA VAL G 163 -18.19 39.04 29.62
C VAL G 163 -18.47 38.93 31.10
N CYS G 164 -19.35 39.79 31.53
CA CYS G 164 -19.76 39.89 32.93
C CYS G 164 -21.21 39.45 33.13
N TYR G 165 -21.39 38.58 34.11
CA TYR G 165 -22.69 37.89 34.33
C TYR G 165 -23.75 38.67 35.09
N ASP G 166 -23.31 39.73 35.72
CA ASP G 166 -24.21 40.64 36.42
C ASP G 166 -23.76 42.05 36.18
N GLU G 167 -24.64 42.99 36.46
CA GLU G 167 -24.36 44.41 36.30
C GLU G 167 -23.52 45.00 37.42
N GLU G 168 -23.30 44.24 38.49
CA GLU G 168 -22.36 44.62 39.56
C GLU G 168 -20.92 44.49 39.09
N ASN G 169 -20.61 43.29 38.60
CA ASN G 169 -19.31 43.01 38.00
C ASN G 169 -19.05 43.87 36.75
N ALA G 170 -20.07 43.99 35.91
CA ALA G 170 -19.98 44.78 34.67
C ALA G 170 -19.45 46.17 35.00
N HIS G 171 -20.11 46.83 35.94
CA HIS G 171 -19.75 48.18 36.36
C HIS G 171 -18.31 48.23 36.83
N LEU G 172 -17.99 47.26 37.67
CA LEU G 172 -16.63 47.12 38.23
C LEU G 172 -15.50 47.20 37.18
N TYR G 173 -15.60 46.31 36.22
CA TYR G 173 -14.64 46.22 35.11
C TYR G 173 -14.55 47.53 34.32
N GLU G 174 -15.71 48.10 34.03
CA GLU G 174 -15.78 49.29 33.11
C GLU G 174 -15.30 50.54 33.78
N ARG G 175 -14.81 50.36 34.99
CA ARG G 175 -14.28 51.39 35.87
C ARG G 175 -12.77 51.26 35.94
N LEU G 176 -12.35 50.02 36.09
CA LEU G 176 -10.91 49.63 36.12
C LEU G 176 -10.21 49.91 34.79
N LEU G 177 -11.00 49.77 33.75
CA LEU G 177 -10.59 50.00 32.35
C LEU G 177 -10.28 51.45 32.04
N THR G 178 -11.15 52.27 32.61
CA THR G 178 -11.07 53.69 32.51
C THR G 178 -10.12 54.11 33.58
N GLN G 179 -9.15 53.26 33.93
CA GLN G 179 -8.07 53.58 34.89
C GLN G 179 -6.63 53.18 34.56
N GLN G 180 -6.41 52.90 33.28
CA GLN G 180 -5.09 52.66 32.71
C GLN G 180 -4.71 53.66 31.65
N LYS H 8 32.81 52.85 24.02
CA LYS H 8 32.99 53.59 22.74
C LYS H 8 31.80 54.57 22.44
N THR H 9 31.85 55.17 21.27
CA THR H 9 30.72 55.92 20.74
C THR H 9 29.71 54.93 20.11
N ARG H 10 30.24 53.76 19.78
CA ARG H 10 29.54 52.74 18.93
C ARG H 10 29.07 51.49 19.65
N ILE H 11 29.74 51.19 20.74
CA ILE H 11 29.43 50.00 21.55
C ILE H 11 28.94 50.43 22.91
N HIS H 12 27.79 49.90 23.29
CA HIS H 12 27.18 50.25 24.58
C HIS H 12 26.78 49.06 25.41
N VAL H 13 26.88 49.27 26.71
CA VAL H 13 26.44 48.27 27.71
C VAL H 13 25.20 48.77 28.38
N VAL H 14 24.15 48.00 28.25
CA VAL H 14 22.91 48.33 28.95
C VAL H 14 22.52 47.13 29.79
N GLN H 15 21.84 47.47 30.87
CA GLN H 15 21.34 46.49 31.80
C GLN H 15 19.83 46.36 31.75
N GLY H 16 19.40 45.14 31.51
CA GLY H 16 17.98 44.80 31.54
C GLY H 16 17.51 43.77 30.55
N ASP H 17 16.28 43.96 30.13
CA ASP H 17 15.55 43.03 29.26
C ASP H 17 15.69 43.40 27.77
N ILE H 18 16.43 42.55 27.06
CA ILE H 18 16.70 42.70 25.60
C ILE H 18 15.44 42.92 24.72
N THR H 19 14.33 42.39 25.15
CA THR H 19 13.06 42.43 24.33
C THR H 19 12.42 43.81 24.28
N LYS H 20 12.93 44.65 25.15
CA LYS H 20 12.41 46.01 25.29
C LYS H 20 13.20 47.01 24.46
N LEU H 21 14.35 46.57 24.01
CA LEU H 21 15.26 47.40 23.19
C LEU H 21 14.77 47.69 21.78
N ALA H 22 14.50 48.96 21.54
CA ALA H 22 14.17 49.49 20.18
C ALA H 22 15.43 49.67 19.32
N VAL H 23 15.91 48.56 18.81
CA VAL H 23 17.04 48.54 17.89
C VAL H 23 16.63 47.87 16.60
N ASP H 24 17.47 47.95 15.59
CA ASP H 24 17.15 47.33 14.28
C ASP H 24 16.99 45.81 14.45
N VAL H 25 18.01 45.23 15.04
CA VAL H 25 18.03 43.79 15.24
C VAL H 25 18.35 43.40 16.68
N ILE H 26 17.57 42.43 17.10
CA ILE H 26 17.76 41.75 18.41
C ILE H 26 18.29 40.33 18.21
N VAL H 27 19.32 39.99 18.96
CA VAL H 27 19.95 38.67 18.84
C VAL H 27 19.43 37.68 19.86
N ASN H 28 19.04 36.54 19.34
CA ASN H 28 18.54 35.39 20.15
C ASN H 28 19.58 34.29 20.33
N ALA H 29 19.77 33.95 21.61
CA ALA H 29 20.61 32.80 22.04
C ALA H 29 19.79 31.50 21.91
N ALA H 30 19.93 30.93 20.74
CA ALA H 30 19.08 29.83 20.28
C ALA H 30 19.74 28.47 20.38
N ALA H 31 18.88 27.48 20.18
CA ALA H 31 19.28 26.05 20.02
C ALA H 31 19.10 25.66 18.56
N PRO H 32 19.83 24.61 18.12
CA PRO H 32 19.82 24.25 16.70
C PRO H 32 18.44 24.12 16.07
N SER H 33 17.49 23.72 16.88
CA SER H 33 16.09 23.54 16.45
C SER H 33 15.43 24.86 16.06
N LEU H 34 15.87 25.93 16.72
CA LEU H 34 15.33 27.31 16.55
C LEU H 34 13.92 27.48 17.09
N MET H 35 13.52 26.54 17.91
CA MET H 35 12.09 26.42 18.29
C MET H 35 11.71 26.83 19.68
N GLY H 36 12.43 27.81 20.20
CA GLY H 36 12.01 28.41 21.44
C GLY H 36 12.62 27.63 22.57
N GLY H 37 12.68 28.27 23.71
CA GLY H 37 13.35 27.69 24.86
C GLY H 37 13.07 28.43 26.14
N GLY H 38 14.05 28.41 27.01
CA GLY H 38 13.84 28.97 28.35
C GLY H 38 14.28 30.41 28.49
N GLY H 39 15.50 30.68 28.11
CA GLY H 39 16.18 31.84 28.71
C GLY H 39 15.92 33.23 28.19
N VAL H 40 16.59 33.49 27.11
CA VAL H 40 16.27 34.64 26.28
C VAL H 40 15.27 34.19 25.24
N ALA H 41 15.54 33.01 24.72
CA ALA H 41 14.76 32.43 23.62
C ALA H 41 13.26 32.50 23.95
N GLY H 42 12.96 32.17 25.18
CA GLY H 42 11.56 32.17 25.66
C GLY H 42 11.02 33.60 25.78
N ALA H 43 11.83 34.42 26.42
CA ALA H 43 11.51 35.86 26.57
C ALA H 43 11.16 36.49 25.20
N ILE H 44 12.06 36.21 24.28
CA ILE H 44 12.01 36.77 22.92
C ILE H 44 10.76 36.31 22.18
N HIS H 45 10.57 35.01 22.18
CA HIS H 45 9.38 34.40 21.51
C HIS H 45 8.06 34.88 22.08
N ARG H 46 8.01 34.90 23.39
CA ARG H 46 6.80 35.36 24.11
C ARG H 46 6.49 36.81 23.75
N ALA H 47 7.55 37.61 23.74
CA ALA H 47 7.44 39.06 23.43
C ALA H 47 7.07 39.32 21.99
N ALA H 48 7.64 38.50 21.13
CA ALA H 48 7.50 38.64 19.65
C ALA H 48 6.13 38.21 19.14
N GLY H 49 5.65 37.18 19.79
CA GLY H 49 4.37 36.56 19.45
C GLY H 49 4.56 35.43 18.47
N PRO H 50 3.43 34.85 17.99
CA PRO H 50 3.45 33.59 17.19
C PRO H 50 4.09 33.70 15.81
N ALA H 51 4.14 34.91 15.29
CA ALA H 51 4.74 35.15 13.95
C ALA H 51 6.19 34.65 13.89
N LEU H 52 6.87 34.81 15.02
CA LEU H 52 8.31 34.51 15.14
C LEU H 52 8.55 33.02 14.93
N LEU H 53 7.70 32.28 15.60
CA LEU H 53 7.75 30.80 15.58
C LEU H 53 7.44 30.28 14.19
N ASP H 54 6.40 30.82 13.59
CA ASP H 54 6.03 30.50 12.16
C ASP H 54 7.23 30.69 11.22
N ALA H 55 7.92 31.80 11.46
CA ALA H 55 9.09 32.18 10.67
C ALA H 55 10.23 31.21 10.92
N CYS H 56 10.43 30.91 12.18
CA CYS H 56 11.49 29.92 12.57
C CYS H 56 11.24 28.52 11.98
N LEU H 57 9.98 28.18 11.89
CA LEU H 57 9.53 26.93 11.25
C LEU H 57 9.91 26.86 9.78
N LYS H 58 9.54 27.91 9.07
CA LYS H 58 9.86 28.09 7.65
C LYS H 58 11.36 27.87 7.37
N VAL H 59 12.15 28.43 8.26
CA VAL H 59 13.63 28.40 8.16
C VAL H 59 14.10 26.96 8.30
N ARG H 60 13.69 26.38 9.41
CA ARG H 60 13.95 24.95 9.80
C ARG H 60 13.63 24.03 8.63
N GLN H 61 12.45 24.29 8.11
CA GLN H 61 11.92 23.59 6.95
C GLN H 61 12.85 23.67 5.74
N GLN H 62 13.53 24.80 5.64
CA GLN H 62 14.32 25.17 4.46
C GLN H 62 15.81 24.82 4.55
N GLN H 63 16.30 24.86 5.76
CA GLN H 63 17.75 24.69 6.03
C GLN H 63 18.06 23.66 7.13
N GLY H 64 17.01 23.10 7.67
CA GLY H 64 17.13 22.14 8.78
C GLY H 64 17.66 22.82 10.03
N ASP H 65 18.31 22.02 10.87
CA ASP H 65 18.89 22.53 12.11
C ASP H 65 19.95 23.55 11.79
N CYS H 66 19.95 24.60 12.60
CA CYS H 66 21.00 25.66 12.57
C CYS H 66 22.24 25.21 13.36
N PRO H 67 23.37 24.98 12.67
CA PRO H 67 24.49 24.42 13.35
C PRO H 67 25.10 25.37 14.31
N THR H 68 25.81 24.79 15.25
CA THR H 68 26.53 25.55 16.27
C THR H 68 27.50 26.50 15.61
N GLY H 69 27.49 27.70 16.13
CA GLY H 69 28.39 28.80 15.67
C GLY H 69 27.82 29.62 14.49
N HIS H 70 26.70 29.14 13.98
CA HIS H 70 26.02 29.82 12.87
C HIS H 70 24.77 30.54 13.29
N ALA H 71 24.18 31.21 12.32
CA ALA H 71 23.07 32.15 12.60
C ALA H 71 22.17 32.41 11.42
N VAL H 72 20.94 32.74 11.78
CA VAL H 72 19.88 33.04 10.81
C VAL H 72 19.08 34.24 11.26
N ILE H 73 18.44 34.84 10.27
CA ILE H 73 17.68 36.03 10.49
C ILE H 73 16.24 35.86 10.02
N THR H 74 15.37 36.42 10.82
CA THR H 74 13.92 36.37 10.60
C THR H 74 13.26 37.65 10.98
N LEU H 75 12.00 37.75 10.57
CA LEU H 75 11.11 38.84 11.02
C LEU H 75 11.01 38.82 12.55
N ALA H 76 10.40 39.85 13.11
CA ALA H 76 10.45 40.09 14.59
C ALA H 76 9.09 40.28 15.26
N GLY H 77 8.06 40.20 14.44
CA GLY H 77 6.69 40.35 14.90
C GLY H 77 6.46 41.53 15.83
N ASP H 78 5.93 41.25 17.01
CA ASP H 78 5.52 42.31 18.01
C ASP H 78 6.65 43.00 18.75
N LEU H 79 7.85 42.49 18.57
CA LEU H 79 9.05 43.16 19.13
C LEU H 79 9.20 44.58 18.57
N PRO H 80 9.81 45.49 19.35
CA PRO H 80 10.08 46.82 18.77
C PRO H 80 11.24 46.81 17.78
N ALA H 81 11.93 45.70 17.71
CA ALA H 81 12.99 45.53 16.71
C ALA H 81 12.41 45.31 15.33
N LYS H 82 13.27 45.41 14.35
CA LYS H 82 12.86 45.16 12.94
C LYS H 82 13.07 43.72 12.51
N ALA H 83 14.06 43.12 13.13
CA ALA H 83 14.39 41.72 12.85
C ALA H 83 15.01 41.06 14.06
N VAL H 84 14.90 39.74 14.05
CA VAL H 84 15.58 38.90 15.02
C VAL H 84 16.60 38.03 14.31
N VAL H 85 17.79 38.04 14.89
CA VAL H 85 18.87 37.12 14.49
C VAL H 85 18.96 36.02 15.54
N HIS H 86 18.75 34.82 15.08
CA HIS H 86 18.87 33.63 15.89
C HIS H 86 20.22 33.04 15.63
N THR H 87 20.99 32.96 16.69
CA THR H 87 22.31 32.31 16.63
C THR H 87 22.46 31.25 17.73
N VAL H 88 23.28 30.26 17.39
CA VAL H 88 23.53 29.07 18.22
C VAL H 88 24.93 29.08 18.81
N GLY H 89 24.96 29.40 20.08
CA GLY H 89 26.21 29.33 20.88
C GLY H 89 26.63 27.90 21.17
N PRO H 90 27.91 27.71 21.56
CA PRO H 90 28.30 26.37 21.89
C PRO H 90 27.92 26.01 23.30
N VAL H 91 27.78 24.72 23.48
CA VAL H 91 27.64 24.14 24.81
C VAL H 91 29.02 24.00 25.43
N TRP H 92 29.13 24.49 26.66
CA TRP H 92 30.43 24.45 27.39
C TRP H 92 30.76 23.06 27.90
N ARG H 93 31.96 22.63 27.55
CA ARG H 93 32.47 21.26 27.85
C ARG H 93 33.87 21.18 28.45
N GLY H 94 34.28 22.28 29.06
CA GLY H 94 35.60 22.34 29.74
C GLY H 94 36.71 23.11 29.04
N GLY H 95 36.48 23.42 27.78
CA GLY H 95 37.38 24.32 27.02
C GLY H 95 38.31 23.65 26.03
N GLU H 96 38.23 22.33 25.97
CA GLU H 96 39.08 21.50 25.09
C GLU H 96 38.34 20.94 23.87
N GLN H 97 37.17 21.50 23.60
CA GLN H 97 36.31 21.08 22.46
C GLN H 97 35.97 22.22 21.48
N ASN H 98 36.91 23.16 21.31
CA ASN H 98 36.82 24.27 20.32
C ASN H 98 35.73 25.31 20.63
N GLU H 99 35.34 25.37 21.90
CA GLU H 99 34.17 26.20 22.36
C GLU H 99 34.40 27.69 22.15
N ASP H 100 35.61 28.09 22.48
CA ASP H 100 36.16 29.46 22.34
C ASP H 100 35.91 30.02 20.91
N GLN H 101 36.33 29.20 19.97
CA GLN H 101 36.27 29.50 18.52
C GLN H 101 34.81 29.62 18.07
N LEU H 102 34.02 28.68 18.54
CA LEU H 102 32.60 28.55 18.14
C LEU H 102 31.73 29.68 18.68
N LEU H 103 32.06 30.14 19.87
CA LEU H 103 31.40 31.29 20.47
C LEU H 103 31.70 32.56 19.67
N GLN H 104 32.96 32.68 19.33
CA GLN H 104 33.47 33.73 18.42
C GLN H 104 32.64 33.76 17.12
N ASP H 105 32.51 32.57 16.55
CA ASP H 105 31.80 32.36 15.28
C ASP H 105 30.34 32.82 15.36
N ALA H 106 29.75 32.51 16.49
CA ALA H 106 28.36 32.91 16.77
C ALA H 106 28.18 34.43 16.69
N TYR H 107 29.11 35.11 17.32
CA TYR H 107 29.12 36.60 17.32
C TYR H 107 29.42 37.17 15.91
N LEU H 108 30.46 36.62 15.32
CA LEU H 108 30.86 37.00 13.94
C LEU H 108 29.73 36.85 12.90
N ASN H 109 29.20 35.63 12.79
CA ASN H 109 28.13 35.30 11.81
C ASN H 109 26.86 36.10 12.04
N SER H 110 26.61 36.40 13.30
CA SER H 110 25.46 37.27 13.69
C SER H 110 25.62 38.68 13.13
N LEU H 111 26.76 39.25 13.46
CA LEU H 111 27.15 40.58 12.96
C LEU H 111 27.09 40.66 11.41
N ARG H 112 27.70 39.66 10.79
CA ARG H 112 27.74 39.55 9.33
C ARG H 112 26.32 39.63 8.73
N LEU H 113 25.41 38.92 9.38
CA LEU H 113 23.98 38.87 8.94
C LEU H 113 23.27 40.20 9.12
N VAL H 114 23.53 40.81 10.24
CA VAL H 114 22.99 42.16 10.49
C VAL H 114 23.39 43.10 9.35
N ALA H 115 24.68 43.06 9.06
CA ALA H 115 25.30 43.89 8.01
C ALA H 115 24.74 43.59 6.61
N ALA H 116 24.75 42.31 6.30
CA ALA H 116 24.26 41.77 4.99
C ALA H 116 22.81 42.15 4.68
N ASN H 117 22.07 42.41 5.74
CA ASN H 117 20.63 42.79 5.66
C ASN H 117 20.40 44.25 5.89
N SER H 118 21.52 44.97 5.86
CA SER H 118 21.57 46.46 5.81
C SER H 118 21.05 47.11 7.08
N TYR H 119 21.22 46.39 8.17
CA TYR H 119 20.81 46.89 9.49
C TYR H 119 21.97 47.62 10.18
N THR H 120 21.62 48.66 10.92
CA THR H 120 22.62 49.61 11.49
C THR H 120 22.92 49.40 12.96
N SER H 121 21.93 48.86 13.65
CA SER H 121 22.01 48.60 15.09
C SER H 121 21.59 47.17 15.49
N VAL H 122 22.39 46.62 16.39
CA VAL H 122 22.16 45.27 16.93
C VAL H 122 22.36 45.14 18.44
N ALA H 123 21.44 44.39 19.05
CA ALA H 123 21.52 44.04 20.50
C ALA H 123 21.85 42.59 20.74
N PHE H 124 22.80 42.40 21.64
CA PHE H 124 23.33 41.06 22.03
C PHE H 124 23.11 40.66 23.48
N PRO H 125 22.65 39.44 23.72
CA PRO H 125 22.70 38.92 25.04
C PRO H 125 23.98 38.17 25.27
N ALA H 126 24.15 37.74 26.50
CA ALA H 126 25.36 36.98 26.90
C ALA H 126 25.24 35.52 26.45
N ILE H 127 25.52 35.33 25.17
CA ILE H 127 25.39 34.02 24.50
C ILE H 127 26.22 32.96 25.18
N SER H 128 25.56 31.83 25.38
CA SER H 128 26.15 30.56 25.94
C SER H 128 26.35 30.50 27.48
N THR H 129 26.11 31.62 28.13
CA THR H 129 26.44 31.80 29.57
C THR H 129 25.35 31.34 30.50
N GLY H 130 24.22 31.06 29.94
CA GLY H 130 23.08 30.58 30.73
C GLY H 130 23.06 29.07 30.86
N VAL H 131 22.03 28.47 30.27
CA VAL H 131 21.84 27.00 30.31
C VAL H 131 23.05 26.27 29.63
N TYR H 132 23.68 26.91 28.64
CA TYR H 132 24.87 26.30 27.91
C TYR H 132 26.18 26.31 28.72
N GLY H 133 26.09 26.97 29.86
CA GLY H 133 27.11 26.89 30.96
C GLY H 133 28.51 27.37 30.68
N TYR H 134 28.62 28.39 29.86
CA TYR H 134 29.93 29.00 29.54
C TYR H 134 30.36 29.90 30.70
N PRO H 135 31.59 29.72 31.22
CA PRO H 135 32.11 30.66 32.23
C PRO H 135 31.95 32.12 31.83
N ARG H 136 31.20 32.83 32.66
CA ARG H 136 30.73 34.21 32.39
C ARG H 136 31.82 35.18 31.94
N ALA H 137 32.98 35.01 32.54
CA ALA H 137 34.10 35.98 32.35
C ALA H 137 34.86 35.74 31.06
N ALA H 138 35.12 34.48 30.80
CA ALA H 138 35.83 34.04 29.56
C ALA H 138 35.00 34.38 28.32
N ALA H 139 33.71 34.13 28.47
CA ALA H 139 32.67 34.41 27.43
C ALA H 139 32.62 35.89 27.04
N ALA H 140 32.42 36.71 28.06
CA ALA H 140 32.36 38.19 27.91
C ALA H 140 33.61 38.77 27.25
N GLU H 141 34.75 38.15 27.55
CA GLU H 141 36.07 38.52 26.96
C GLU H 141 36.03 38.33 25.46
N ILE H 142 35.55 37.17 25.07
CA ILE H 142 35.40 36.79 23.64
C ILE H 142 34.36 37.68 22.90
N ALA H 143 33.25 37.89 23.57
CA ALA H 143 32.16 38.75 23.07
C ALA H 143 32.70 40.15 22.72
N VAL H 144 33.27 40.76 23.72
CA VAL H 144 33.80 42.15 23.61
C VAL H 144 34.93 42.27 22.57
N LYS H 145 35.87 41.34 22.66
CA LYS H 145 37.05 41.33 21.75
C LYS H 145 36.59 41.19 20.28
N THR H 146 35.78 40.18 20.06
CA THR H 146 35.25 39.84 18.73
C THR H 146 34.45 40.97 18.09
N VAL H 147 33.51 41.47 18.86
CA VAL H 147 32.61 42.58 18.43
C VAL H 147 33.38 43.87 18.15
N SER H 148 34.26 44.19 19.06
CA SER H 148 35.13 45.39 18.97
C SER H 148 36.01 45.37 17.74
N GLU H 149 36.69 44.25 17.58
CA GLU H 149 37.60 44.04 16.40
C GLU H 149 36.82 44.09 15.08
N PHE H 150 35.61 43.58 15.13
CA PHE H 150 34.74 43.56 13.96
C PHE H 150 34.29 44.98 13.55
N ILE H 151 33.78 45.73 14.50
CA ILE H 151 33.24 47.08 14.20
C ILE H 151 34.37 48.03 13.79
N THR H 152 35.56 47.74 14.28
CA THR H 152 36.79 48.41 13.83
C THR H 152 37.01 48.21 12.31
N ARG H 153 36.76 47.00 11.85
CA ARG H 153 36.97 46.61 10.43
C ARG H 153 35.77 46.92 9.50
N HIS H 154 34.67 47.39 10.06
CA HIS H 154 33.37 47.45 9.31
C HIS H 154 32.46 48.63 9.68
N ALA H 155 31.86 49.21 8.64
CA ALA H 155 30.94 50.37 8.80
C ALA H 155 29.65 49.94 9.48
N LEU H 156 29.26 48.73 9.11
CA LEU H 156 28.00 48.09 9.56
C LEU H 156 28.27 46.83 10.38
N PRO H 157 27.57 46.68 11.52
CA PRO H 157 26.62 47.61 12.07
C PRO H 157 27.32 48.82 12.70
N GLU H 158 26.56 49.91 12.72
CA GLU H 158 27.04 51.20 13.29
C GLU H 158 27.08 51.16 14.80
N GLN H 159 25.96 50.69 15.33
CA GLN H 159 25.71 50.62 16.79
C GLN H 159 25.53 49.17 17.30
N VAL H 160 26.23 48.87 18.37
CA VAL H 160 26.12 47.58 19.06
C VAL H 160 25.80 47.74 20.54
N TYR H 161 24.77 47.02 20.95
CA TYR H 161 24.37 46.99 22.37
C TYR H 161 24.57 45.64 23.00
N PHE H 162 25.37 45.64 24.06
CA PHE H 162 25.51 44.43 24.89
C PHE H 162 24.50 44.50 26.02
N VAL H 163 23.49 43.68 25.89
CA VAL H 163 22.40 43.62 26.89
C VAL H 163 22.72 42.57 27.94
N CYS H 164 22.84 43.10 29.15
CA CYS H 164 23.20 42.30 30.32
C CYS H 164 22.03 42.20 31.29
N TYR H 165 21.76 40.96 31.68
CA TYR H 165 20.51 40.63 32.42
C TYR H 165 20.58 40.86 33.92
N ASP H 166 21.82 40.96 34.40
CA ASP H 166 22.08 41.27 35.80
C ASP H 166 23.23 42.29 35.90
N GLU H 167 23.32 42.89 37.07
CA GLU H 167 24.31 43.96 37.28
C GLU H 167 25.77 43.42 37.32
N GLU H 168 25.97 42.20 37.82
CA GLU H 168 27.32 41.57 37.88
C GLU H 168 27.95 41.50 36.50
N ASN H 169 27.16 40.96 35.60
CA ASN H 169 27.52 40.81 34.17
C ASN H 169 27.76 42.17 33.49
N ALA H 170 26.84 43.07 33.73
CA ALA H 170 26.90 44.44 33.20
C ALA H 170 28.26 45.08 33.51
N HIS H 171 28.63 45.00 34.78
CA HIS H 171 29.92 45.52 35.27
C HIS H 171 31.11 44.91 34.54
N LEU H 172 31.00 43.61 34.44
CA LEU H 172 32.00 42.74 33.83
C LEU H 172 32.39 43.26 32.45
N TYR H 173 31.35 43.45 31.65
CA TYR H 173 31.45 43.96 30.29
C TYR H 173 32.07 45.35 30.31
N GLU H 174 31.46 46.22 31.09
CA GLU H 174 31.86 47.67 31.17
C GLU H 174 33.34 47.82 31.41
N ARG H 175 33.83 46.94 32.24
CA ARG H 175 35.22 46.99 32.61
C ARG H 175 36.12 46.54 31.46
N LEU H 176 35.67 45.51 30.79
CA LEU H 176 36.42 44.90 29.64
C LEU H 176 36.50 45.88 28.49
N LEU H 177 35.46 46.64 28.36
CA LEU H 177 35.33 47.65 27.29
C LEU H 177 36.31 48.79 27.43
N THR H 178 36.45 49.21 28.66
CA THR H 178 37.39 50.27 29.02
C THR H 178 38.85 49.77 28.95
N GLN H 179 39.01 48.48 28.74
CA GLN H 179 40.33 47.85 28.56
C GLN H 179 40.74 47.79 27.07
N GLN H 180 40.01 48.56 26.26
CA GLN H 180 40.30 48.87 24.78
C GLN H 180 41.61 48.28 24.20
N LYS I 8 12.32 -19.71 18.23
CA LYS I 8 11.27 -18.67 17.99
C LYS I 8 9.87 -19.30 18.24
N THR I 9 8.89 -18.93 17.43
CA THR I 9 7.52 -19.45 17.53
C THR I 9 7.34 -20.78 16.73
N ARG I 10 8.26 -20.97 15.82
CA ARG I 10 8.18 -22.00 14.75
C ARG I 10 9.13 -23.18 14.89
N ILE I 11 10.20 -22.95 15.61
CA ILE I 11 11.19 -23.99 15.90
C ILE I 11 11.23 -24.32 17.39
N HIS I 12 11.12 -25.59 17.69
CA HIS I 12 11.14 -26.05 19.11
C HIS I 12 12.10 -27.17 19.38
N VAL I 13 12.61 -27.15 20.60
CA VAL I 13 13.50 -28.18 21.09
C VAL I 13 12.76 -29.00 22.11
N VAL I 14 12.66 -30.29 21.83
CA VAL I 14 12.07 -31.22 22.81
C VAL I 14 13.06 -32.33 23.11
N GLN I 15 12.93 -32.82 24.32
CA GLN I 15 13.79 -33.88 24.81
C GLN I 15 13.04 -35.17 25.01
N GLY I 16 13.53 -36.19 24.31
CA GLY I 16 12.98 -37.53 24.41
C GLY I 16 12.98 -38.36 23.16
N ASP I 17 11.94 -39.19 23.08
CA ASP I 17 11.80 -40.22 22.05
C ASP I 17 10.94 -39.69 20.90
N ILE I 18 11.62 -39.50 19.78
CA ILE I 18 11.01 -39.02 18.52
C ILE I 18 9.75 -39.77 18.09
N THR I 19 9.67 -41.03 18.42
CA THR I 19 8.57 -41.93 17.94
C THR I 19 7.25 -41.67 18.62
N LYS I 20 7.35 -40.89 19.67
CA LYS I 20 6.19 -40.50 20.49
C LYS I 20 5.55 -39.19 20.03
N LEU I 21 6.29 -38.46 19.22
CA LEU I 21 5.86 -37.14 18.69
C LEU I 21 4.75 -37.17 17.66
N ALA I 22 3.62 -36.63 18.06
CA ALA I 22 2.44 -36.44 17.18
C ALA I 22 2.66 -35.22 16.31
N VAL I 23 3.45 -35.40 15.27
CA VAL I 23 3.64 -34.40 14.22
C VAL I 23 3.27 -34.97 12.86
N ASP I 24 3.20 -34.12 11.86
CA ASP I 24 2.88 -34.56 10.47
C ASP I 24 3.93 -35.57 9.98
N VAL I 25 5.16 -35.15 10.04
CA VAL I 25 6.27 -35.98 9.60
C VAL I 25 7.42 -36.13 10.59
N ILE I 26 7.87 -37.37 10.68
CA ILE I 26 8.99 -37.77 11.53
C ILE I 26 10.17 -38.13 10.65
N VAL I 27 11.32 -37.59 10.99
CA VAL I 27 12.52 -37.83 10.21
C VAL I 27 13.39 -38.95 10.77
N ASN I 28 13.77 -39.84 9.87
CA ASN I 28 14.63 -40.99 10.18
C ASN I 28 16.04 -40.82 9.68
N ALA I 29 16.97 -41.06 10.62
CA ALA I 29 18.43 -41.06 10.34
C ALA I 29 18.81 -42.42 9.81
N ALA I 30 18.77 -42.50 8.50
CA ALA I 30 18.85 -43.77 7.75
C ALA I 30 20.20 -44.02 7.13
N ALA I 31 20.31 -45.23 6.66
CA ALA I 31 21.45 -45.70 5.82
C ALA I 31 20.96 -45.87 4.37
N PRO I 32 21.87 -45.86 3.39
CA PRO I 32 21.50 -45.91 1.98
C PRO I 32 20.56 -47.03 1.60
N SER I 33 20.67 -48.12 2.32
CA SER I 33 19.78 -49.31 2.13
C SER I 33 18.32 -49.01 2.45
N LEU I 34 18.12 -48.10 3.41
CA LEU I 34 16.78 -47.74 3.98
C LEU I 34 16.14 -48.86 4.77
N MET I 35 16.95 -49.84 5.13
CA MET I 35 16.44 -51.06 5.74
C MET I 35 16.97 -50.74 7.10
N GLY I 36 16.32 -51.19 8.17
CA GLY I 36 16.49 -50.73 9.61
C GLY I 36 17.89 -50.90 10.17
N GLY I 37 18.05 -50.42 11.38
CA GLY I 37 19.36 -50.34 11.98
C GLY I 37 19.42 -50.06 13.45
N GLY I 38 20.43 -49.31 13.83
CA GLY I 38 20.66 -49.09 15.23
C GLY I 38 19.89 -48.03 15.96
N GLY I 39 20.21 -46.78 15.72
CA GLY I 39 19.84 -45.75 16.74
C GLY I 39 18.35 -45.31 16.82
N VAL I 40 18.02 -44.56 15.81
CA VAL I 40 16.67 -44.05 15.65
C VAL I 40 15.95 -44.96 14.68
N ALA I 41 16.69 -45.33 13.66
CA ALA I 41 16.18 -46.18 12.57
C ALA I 41 15.44 -47.41 13.13
N GLY I 42 16.06 -48.01 14.12
CA GLY I 42 15.46 -49.17 14.78
C GLY I 42 14.21 -48.77 15.58
N ALA I 43 14.38 -47.75 16.40
CA ALA I 43 13.27 -47.23 17.25
C ALA I 43 12.03 -46.96 16.40
N ILE I 44 12.32 -46.30 15.28
CA ILE I 44 11.28 -45.84 14.33
C ILE I 44 10.56 -47.02 13.70
N HIS I 45 11.36 -47.91 13.16
CA HIS I 45 10.82 -49.14 12.52
C HIS I 45 9.99 -49.97 13.48
N ARG I 46 10.54 -50.15 14.66
CA ARG I 46 9.89 -50.99 15.68
C ARG I 46 8.55 -50.38 16.06
N ALA I 47 8.57 -49.08 16.21
CA ALA I 47 7.37 -48.31 16.59
C ALA I 47 6.32 -48.25 15.50
N ALA I 48 6.82 -48.15 14.28
CA ALA I 48 5.97 -48.01 13.06
C ALA I 48 5.28 -49.30 12.67
N GLY I 49 6.02 -50.37 12.87
CA GLY I 49 5.57 -51.72 12.52
C GLY I 49 6.02 -52.10 11.12
N PRO I 50 5.61 -53.28 10.65
CA PRO I 50 6.14 -53.88 9.42
C PRO I 50 5.80 -53.11 8.14
N ALA I 51 4.75 -52.32 8.20
CA ALA I 51 4.26 -51.55 7.00
C ALA I 51 5.38 -50.65 6.48
N LEU I 52 6.18 -50.16 7.41
CA LEU I 52 7.24 -49.18 7.11
C LEU I 52 8.29 -49.82 6.24
N LEU I 53 8.65 -51.00 6.67
CA LEU I 53 9.71 -51.77 6.00
C LEU I 53 9.25 -52.12 4.59
N ASP I 54 8.01 -52.58 4.49
CA ASP I 54 7.39 -52.92 3.19
C ASP I 54 7.50 -51.74 2.22
N ALA I 55 7.22 -50.57 2.79
CA ALA I 55 7.25 -49.30 2.05
C ALA I 55 8.67 -48.94 1.66
N CYS I 56 9.59 -49.12 2.60
CA CYS I 56 11.04 -48.89 2.33
C CYS I 56 11.60 -49.83 1.24
N LEU I 57 11.08 -51.03 1.23
CA LEU I 57 11.42 -52.03 0.18
C LEU I 57 11.03 -51.58 -1.22
N LYS I 58 9.77 -51.18 -1.31
CA LYS I 58 9.17 -50.66 -2.55
C LYS I 58 10.00 -49.55 -3.15
N VAL I 59 10.44 -48.68 -2.26
CA VAL I 59 11.26 -47.49 -2.63
C VAL I 59 12.58 -47.95 -3.21
N ARG I 60 13.27 -48.73 -2.41
CA ARG I 60 14.59 -49.39 -2.75
C ARG I 60 14.51 -50.02 -4.14
N GLN I 61 13.44 -50.76 -4.29
CA GLN I 61 13.11 -51.46 -5.53
C GLN I 61 13.03 -50.51 -6.70
N GLN I 62 12.56 -49.32 -6.39
CA GLN I 62 12.19 -48.30 -7.42
C GLN I 62 13.29 -47.32 -7.74
N GLN I 63 14.12 -47.06 -6.75
CA GLN I 63 15.18 -46.04 -6.85
C GLN I 63 16.54 -46.50 -6.37
N GLY I 64 16.59 -47.74 -5.97
CA GLY I 64 17.83 -48.31 -5.43
C GLY I 64 18.22 -47.63 -4.13
N ASP I 65 19.51 -47.70 -3.83
CA ASP I 65 20.05 -47.09 -2.62
C ASP I 65 19.83 -45.59 -2.63
N CYS I 66 19.47 -45.09 -1.46
CA CYS I 66 19.30 -43.63 -1.22
C CYS I 66 20.65 -42.99 -0.93
N PRO I 67 21.11 -42.13 -1.85
CA PRO I 67 22.44 -41.60 -1.69
C PRO I 67 22.56 -40.66 -0.54
N THR I 68 23.78 -40.54 -0.10
CA THR I 68 24.11 -39.66 1.01
C THR I 68 23.68 -38.24 0.68
N GLY I 69 23.08 -37.62 1.67
CA GLY I 69 22.61 -36.21 1.60
C GLY I 69 21.22 -36.06 1.04
N HIS I 70 20.67 -37.18 0.60
CA HIS I 70 19.33 -37.19 0.04
C HIS I 70 18.31 -37.81 0.95
N ALA I 71 17.07 -37.80 0.48
CA ALA I 71 15.96 -38.23 1.28
C ALA I 71 14.76 -38.72 0.49
N VAL I 72 13.99 -39.55 1.16
CA VAL I 72 12.74 -40.10 0.63
C VAL I 72 11.66 -40.08 1.69
N ILE I 73 10.44 -40.16 1.21
CA ILE I 73 9.29 -40.13 2.08
C ILE I 73 8.39 -41.33 1.86
N THR I 74 7.87 -41.83 2.96
CA THR I 74 7.00 -42.99 2.99
C THR I 74 5.91 -42.84 4.00
N LEU I 75 4.97 -43.78 3.92
CA LEU I 75 3.92 -43.90 4.93
C LEU I 75 4.56 -44.14 6.31
N ALA I 76 3.74 -44.10 7.36
CA ALA I 76 4.28 -44.14 8.77
C ALA I 76 3.66 -45.20 9.69
N GLY I 77 2.76 -45.98 9.10
CA GLY I 77 2.14 -47.09 9.79
C GLY I 77 1.64 -46.72 11.17
N ASP I 78 2.08 -47.45 12.19
CA ASP I 78 1.55 -47.30 13.60
C ASP I 78 2.00 -46.05 14.33
N LEU I 79 2.95 -45.35 13.75
CA LEU I 79 3.45 -44.10 14.35
C LEU I 79 2.33 -43.10 14.47
N PRO I 80 2.39 -42.17 15.44
CA PRO I 80 1.35 -41.14 15.50
C PRO I 80 1.57 -40.08 14.42
N ALA I 81 2.69 -40.15 13.75
CA ALA I 81 2.93 -39.29 12.58
C ALA I 81 2.12 -39.71 11.36
N LYS I 82 2.07 -38.84 10.39
CA LYS I 82 1.39 -39.14 9.10
C LYS I 82 2.32 -39.73 8.05
N ALA I 83 3.55 -39.33 8.13
CA ALA I 83 4.56 -39.82 7.24
C ALA I 83 5.93 -39.85 7.90
N VAL I 84 6.78 -40.68 7.32
CA VAL I 84 8.18 -40.72 7.68
C VAL I 84 9.04 -40.31 6.50
N VAL I 85 9.98 -39.44 6.80
CA VAL I 85 11.04 -39.05 5.87
C VAL I 85 12.34 -39.69 6.29
N HIS I 86 12.87 -40.47 5.37
CA HIS I 86 14.10 -41.18 5.58
C HIS I 86 15.14 -40.41 4.85
N THR I 87 16.10 -39.97 5.62
CA THR I 87 17.25 -39.26 5.06
C THR I 87 18.57 -39.86 5.54
N VAL I 88 19.56 -39.72 4.66
CA VAL I 88 20.88 -40.31 4.83
C VAL I 88 21.93 -39.26 5.10
N GLY I 89 22.31 -39.22 6.36
CA GLY I 89 23.41 -38.35 6.81
C GLY I 89 24.77 -38.85 6.36
N PRO I 90 25.78 -37.97 6.35
CA PRO I 90 27.08 -38.47 6.03
C PRO I 90 27.78 -39.15 7.17
N VAL I 91 28.69 -40.01 6.79
CA VAL I 91 29.60 -40.60 7.75
C VAL I 91 30.72 -39.62 7.99
N TRP I 92 31.03 -39.41 9.26
CA TRP I 92 32.12 -38.48 9.66
C TRP I 92 33.49 -39.07 9.44
N ARG I 93 34.30 -38.30 8.71
CA ARG I 93 35.67 -38.72 8.25
C ARG I 93 36.78 -37.71 8.53
N GLY I 94 36.53 -36.85 9.49
CA GLY I 94 37.53 -35.82 9.91
C GLY I 94 37.28 -34.39 9.44
N GLY I 95 36.36 -34.22 8.51
CA GLY I 95 35.89 -32.89 8.09
C GLY I 95 36.42 -32.39 6.76
N GLU I 96 37.27 -33.18 6.14
CA GLU I 96 37.94 -32.82 4.87
C GLU I 96 37.27 -33.45 3.63
N GLN I 97 36.17 -34.12 3.89
CA GLN I 97 35.48 -34.96 2.89
C GLN I 97 34.04 -34.53 2.57
N ASN I 98 33.84 -33.23 2.68
CA ASN I 98 32.58 -32.56 2.28
C ASN I 98 31.39 -32.93 3.17
N GLU I 99 31.71 -33.35 4.37
CA GLU I 99 30.69 -33.84 5.33
C GLU I 99 29.68 -32.78 5.75
N ASP I 100 30.22 -31.62 6.01
CA ASP I 100 29.43 -30.43 6.46
C ASP I 100 28.32 -30.08 5.45
N GLN I 101 28.71 -30.06 4.20
CA GLN I 101 27.81 -29.77 3.06
C GLN I 101 26.73 -30.84 2.95
N LEU I 102 27.15 -32.09 3.10
CA LEU I 102 26.26 -33.28 2.93
C LEU I 102 25.24 -33.39 4.03
N LEU I 103 25.67 -33.01 5.22
CA LEU I 103 24.75 -32.96 6.37
C LEU I 103 23.68 -31.89 6.15
N GLN I 104 24.15 -30.76 5.70
CA GLN I 104 23.29 -29.63 5.28
C GLN I 104 22.22 -30.12 4.30
N ASP I 105 22.71 -30.81 3.29
CA ASP I 105 21.86 -31.35 2.20
C ASP I 105 20.76 -32.27 2.76
N ALA I 106 21.16 -33.06 3.73
CA ALA I 106 20.24 -34.02 4.36
C ALA I 106 19.06 -33.28 4.97
N TYR I 107 19.39 -32.21 5.65
CA TYR I 107 18.37 -31.38 6.33
C TYR I 107 17.51 -30.66 5.29
N LEU I 108 18.20 -30.05 4.34
CA LEU I 108 17.52 -29.32 3.23
C LEU I 108 16.53 -30.20 2.46
N ASN I 109 17.03 -31.28 1.91
CA ASN I 109 16.19 -32.21 1.10
C ASN I 109 15.01 -32.80 1.88
N SER I 110 15.27 -33.03 3.14
CA SER I 110 14.22 -33.53 4.07
C SER I 110 13.08 -32.50 4.14
N LEU I 111 13.47 -31.28 4.46
CA LEU I 111 12.53 -30.13 4.56
C LEU I 111 11.74 -29.94 3.27
N ARG I 112 12.48 -30.00 2.17
CA ARG I 112 11.91 -29.84 0.80
C ARG I 112 10.81 -30.87 0.53
N LEU I 113 11.08 -32.10 0.96
CA LEU I 113 10.13 -33.21 0.82
C LEU I 113 8.89 -33.06 1.71
N VAL I 114 9.12 -32.62 2.94
CA VAL I 114 7.98 -32.34 3.84
C VAL I 114 7.03 -31.35 3.16
N ALA I 115 7.64 -30.28 2.66
CA ALA I 115 6.94 -29.18 2.00
C ALA I 115 6.20 -29.65 0.74
N ALA I 116 6.97 -30.32 -0.12
CA ALA I 116 6.47 -30.86 -1.42
C ALA I 116 5.28 -31.79 -1.27
N ASN I 117 5.17 -32.39 -0.10
CA ASN I 117 4.06 -33.32 0.25
C ASN I 117 2.99 -32.66 1.13
N SER I 118 3.11 -31.35 1.24
CA SER I 118 2.08 -30.46 1.85
C SER I 118 1.90 -30.72 3.33
N TYR I 119 2.98 -31.15 3.94
CA TYR I 119 3.02 -31.31 5.39
C TYR I 119 3.45 -29.97 6.12
N THR I 120 2.87 -29.74 7.30
CA THR I 120 3.05 -28.48 8.03
C THR I 120 4.04 -28.56 9.18
N SER I 121 4.17 -29.76 9.72
CA SER I 121 5.08 -30.04 10.89
C SER I 121 6.01 -31.22 10.71
N VAL I 122 7.24 -31.00 11.13
CA VAL I 122 8.29 -32.04 11.05
C VAL I 122 9.17 -32.14 12.29
N ALA I 123 9.47 -33.38 12.67
CA ALA I 123 10.43 -33.70 13.76
C ALA I 123 11.72 -34.28 13.27
N PHE I 124 12.80 -33.74 13.81
CA PHE I 124 14.21 -34.13 13.48
C PHE I 124 15.01 -34.70 14.64
N PRO I 125 15.71 -35.83 14.38
CA PRO I 125 16.71 -36.25 15.30
C PRO I 125 18.06 -35.67 14.94
N ALA I 126 19.02 -35.92 15.80
CA ALA I 126 20.38 -35.42 15.61
C ALA I 126 21.14 -36.27 14.59
N ILE I 127 20.84 -35.99 13.35
CA ILE I 127 21.36 -36.78 12.20
C ILE I 127 22.87 -36.79 12.17
N SER I 128 23.38 -37.98 11.93
CA SER I 128 24.85 -38.29 11.79
C SER I 128 25.69 -38.32 13.09
N THR I 129 25.06 -37.96 14.20
CA THR I 129 25.77 -37.82 15.49
C THR I 129 25.90 -39.09 16.31
N GLY I 130 25.19 -40.11 15.88
CA GLY I 130 25.25 -41.42 16.56
C GLY I 130 26.37 -42.31 16.02
N VAL I 131 25.95 -43.39 15.38
CA VAL I 131 26.87 -44.37 14.76
C VAL I 131 27.77 -43.71 13.72
N TYR I 132 27.22 -42.74 13.01
CA TYR I 132 27.97 -42.04 11.91
C TYR I 132 29.05 -41.06 12.42
N GLY I 133 29.05 -40.88 13.71
CA GLY I 133 30.17 -40.26 14.48
C GLY I 133 30.51 -38.81 14.22
N TYR I 134 29.47 -38.03 13.91
CA TYR I 134 29.64 -36.58 13.64
C TYR I 134 29.78 -35.85 14.99
N PRO I 135 30.81 -34.99 15.15
CA PRO I 135 30.94 -34.20 16.36
C PRO I 135 29.67 -33.45 16.69
N ARG I 136 29.14 -33.77 17.86
CA ARG I 136 27.79 -33.33 18.31
C ARG I 136 27.52 -31.84 18.15
N ALA I 137 28.56 -31.07 18.40
CA ALA I 137 28.46 -29.58 18.46
C ALA I 137 28.45 -28.91 17.08
N ALA I 138 29.36 -29.38 16.24
CA ALA I 138 29.48 -28.90 14.85
C ALA I 138 28.20 -29.24 14.07
N ALA I 139 27.74 -30.46 14.31
CA ALA I 139 26.49 -31.01 13.68
C ALA I 139 25.26 -30.15 14.00
N ALA I 140 25.03 -29.97 15.29
CA ALA I 140 23.90 -29.18 15.81
C ALA I 140 23.90 -27.74 15.28
N GLU I 141 25.09 -27.22 15.09
CA GLU I 141 25.29 -25.86 14.50
C GLU I 141 24.69 -25.82 13.10
N ILE I 142 25.08 -26.83 12.32
CA ILE I 142 24.61 -26.97 10.92
C ILE I 142 23.09 -27.21 10.86
N ALA I 143 22.64 -28.07 11.74
CA ALA I 143 21.20 -28.40 11.82
C ALA I 143 20.38 -27.12 12.03
N VAL I 144 20.74 -26.43 13.09
CA VAL I 144 20.01 -25.20 13.51
C VAL I 144 20.08 -24.10 12.44
N LYS I 145 21.27 -23.89 11.94
CA LYS I 145 21.52 -22.83 10.95
C LYS I 145 20.69 -23.09 9.69
N THR I 146 20.83 -24.30 9.20
CA THR I 146 20.18 -24.75 7.94
C THR I 146 18.67 -24.66 8.03
N VAL I 147 18.15 -25.24 9.10
CA VAL I 147 16.69 -25.27 9.33
C VAL I 147 16.11 -23.86 9.51
N SER I 148 16.80 -23.08 10.31
CA SER I 148 16.41 -21.67 10.62
C SER I 148 16.37 -20.80 9.37
N GLU I 149 17.44 -20.86 8.61
CA GLU I 149 17.54 -20.12 7.33
C GLU I 149 16.45 -20.55 6.36
N PHE I 150 16.13 -21.83 6.39
CA PHE I 150 15.14 -22.42 5.47
C PHE I 150 13.75 -21.91 5.78
N ILE I 151 13.43 -21.98 7.03
CA ILE I 151 12.12 -21.62 7.53
C ILE I 151 11.83 -20.13 7.34
N THR I 152 12.90 -19.40 7.41
CA THR I 152 12.90 -17.96 7.11
C THR I 152 12.46 -17.69 5.66
N ARG I 153 12.98 -18.52 4.75
CA ARG I 153 12.68 -18.41 3.29
C ARG I 153 11.38 -19.09 2.83
N HIS I 154 10.70 -19.81 3.73
CA HIS I 154 9.56 -20.69 3.30
C HIS I 154 8.41 -20.78 4.31
N ALA I 155 7.21 -20.79 3.77
CA ALA I 155 5.99 -20.95 4.57
C ALA I 155 5.89 -22.35 5.17
N LEU I 156 6.33 -23.31 4.38
CA LEU I 156 6.27 -24.75 4.72
C LEU I 156 7.66 -25.36 4.85
N PRO I 157 7.88 -26.16 5.91
CA PRO I 157 6.96 -26.44 6.98
C PRO I 157 6.79 -25.26 7.94
N GLU I 158 5.63 -25.25 8.56
CA GLU I 158 5.27 -24.20 9.54
C GLU I 158 5.99 -24.42 10.87
N GLN I 159 5.93 -25.65 11.32
CA GLN I 159 6.53 -26.06 12.62
C GLN I 159 7.65 -27.09 12.46
N VAL I 160 8.74 -26.82 13.16
CA VAL I 160 9.88 -27.75 13.24
C VAL I 160 10.28 -28.11 14.66
N TYR I 161 10.37 -29.40 14.90
CA TYR I 161 10.83 -29.93 16.22
C TYR I 161 12.18 -30.62 16.14
N PHE I 162 13.11 -30.11 16.92
CA PHE I 162 14.38 -30.78 17.11
C PHE I 162 14.26 -31.70 18.29
N VAL I 163 14.20 -32.99 18.00
CA VAL I 163 14.14 -34.02 19.05
C VAL I 163 15.53 -34.46 19.46
N CYS I 164 15.78 -34.22 20.72
CA CYS I 164 17.07 -34.55 21.34
C CYS I 164 16.94 -35.69 22.37
N TYR I 165 17.83 -36.65 22.24
CA TYR I 165 17.71 -37.95 22.98
C TYR I 165 18.27 -37.97 24.39
N ASP I 166 19.28 -37.15 24.59
CA ASP I 166 19.82 -36.85 25.91
C ASP I 166 19.70 -35.38 26.16
N GLU I 167 19.78 -35.01 27.42
CA GLU I 167 19.69 -33.59 27.79
C GLU I 167 20.92 -32.82 27.25
N GLU I 168 22.10 -33.35 27.48
CA GLU I 168 23.29 -32.56 27.07
C GLU I 168 23.07 -31.92 25.67
N ASN I 169 22.60 -32.76 24.77
CA ASN I 169 22.26 -32.38 23.38
C ASN I 169 21.15 -31.33 23.33
N ALA I 170 20.10 -31.61 24.09
CA ALA I 170 18.94 -30.69 24.20
C ALA I 170 19.41 -29.25 24.49
N HIS I 171 20.23 -29.13 25.50
CA HIS I 171 20.80 -27.84 25.93
C HIS I 171 21.59 -27.17 24.83
N LEU I 172 22.37 -28.00 24.18
CA LEU I 172 23.26 -27.63 23.09
C LEU I 172 22.50 -26.85 22.02
N TYR I 173 21.42 -27.48 21.60
CA TYR I 173 20.47 -26.93 20.60
C TYR I 173 19.87 -25.64 21.11
N GLU I 174 19.30 -25.74 22.29
CA GLU I 174 18.59 -24.60 22.96
C GLU I 174 19.42 -23.33 22.94
N ARG I 175 20.68 -23.54 23.22
CA ARG I 175 21.62 -22.46 23.37
C ARG I 175 21.88 -21.82 22.01
N LEU I 176 22.03 -22.68 21.03
CA LEU I 176 22.32 -22.26 19.64
C LEU I 176 21.16 -21.46 19.04
N LEU I 177 19.99 -21.88 19.43
CA LEU I 177 18.75 -21.28 18.95
C LEU I 177 18.59 -19.87 19.43
N THR I 178 18.92 -19.70 20.69
CA THR I 178 18.90 -18.39 21.35
C THR I 178 20.06 -17.49 20.87
N GLN I 179 20.98 -18.07 20.12
CA GLN I 179 22.08 -17.34 19.46
C GLN I 179 21.71 -16.90 18.03
N GLN I 180 20.49 -17.24 17.62
CA GLN I 180 19.93 -16.92 16.31
C GLN I 180 18.68 -16.06 16.44
N LYS J 8 -53.13 26.90 -53.13
CA LYS J 8 -52.46 28.21 -53.04
C LYS J 8 -53.35 29.32 -52.44
N THR J 9 -52.79 30.52 -52.27
CA THR J 9 -51.37 30.92 -52.49
C THR J 9 -50.52 30.67 -51.26
N ARG J 10 -51.22 30.25 -50.22
CA ARG J 10 -50.66 30.11 -48.87
C ARG J 10 -50.47 28.66 -48.42
N ILE J 11 -51.25 27.78 -49.02
CA ILE J 11 -51.21 26.35 -48.69
C ILE J 11 -50.75 25.57 -49.90
N HIS J 12 -49.75 24.75 -49.69
CA HIS J 12 -49.21 23.90 -50.78
C HIS J 12 -49.11 22.43 -50.42
N VAL J 13 -49.26 21.63 -51.45
CA VAL J 13 -49.09 20.19 -51.35
C VAL J 13 -47.82 19.83 -52.07
N VAL J 14 -46.93 19.22 -51.31
CA VAL J 14 -45.67 18.74 -51.85
C VAL J 14 -45.52 17.25 -51.56
N GLN J 15 -44.93 16.57 -52.52
CA GLN J 15 -44.72 15.14 -52.43
C GLN J 15 -43.26 14.82 -52.21
N GLY J 16 -43.04 14.12 -51.13
CA GLY J 16 -41.71 13.64 -50.79
C GLY J 16 -41.36 13.62 -49.32
N ASP J 17 -40.08 13.85 -49.09
CA ASP J 17 -39.46 13.69 -47.77
C ASP J 17 -39.39 15.03 -47.04
N ILE J 18 -40.20 15.09 -45.99
CA ILE J 18 -40.35 16.31 -45.13
C ILE J 18 -39.03 16.89 -44.61
N THR J 19 -38.07 16.02 -44.43
CA THR J 19 -36.75 16.40 -43.83
C THR J 19 -35.88 17.25 -44.77
N LYS J 20 -36.32 17.28 -46.01
CA LYS J 20 -35.59 17.99 -47.09
C LYS J 20 -36.10 19.42 -47.28
N LEU J 21 -37.26 19.65 -46.71
CA LEU J 21 -37.95 20.96 -46.81
C LEU J 21 -37.32 22.09 -46.03
N ALA J 22 -36.82 23.06 -46.79
CA ALA J 22 -36.27 24.33 -46.23
C ALA J 22 -37.41 25.28 -45.87
N VAL J 23 -38.02 24.99 -44.74
CA VAL J 23 -39.05 25.87 -44.17
C VAL J 23 -38.66 26.29 -42.76
N ASP J 24 -39.38 27.24 -42.22
CA ASP J 24 -39.10 27.72 -40.85
C ASP J 24 -39.24 26.57 -39.84
N VAL J 25 -40.39 25.93 -39.89
CA VAL J 25 -40.70 24.83 -38.97
C VAL J 25 -41.21 23.58 -39.63
N ILE J 26 -40.63 22.49 -39.17
CA ILE J 26 -41.01 21.13 -39.60
C ILE J 26 -41.76 20.44 -38.48
N VAL J 27 -42.90 19.87 -38.83
CA VAL J 27 -43.73 19.17 -37.83
C VAL J 27 -43.45 17.67 -37.78
N ASN J 28 -43.24 17.21 -36.56
CA ASN J 28 -43.05 15.78 -36.26
C ASN J 28 -44.29 15.09 -35.67
N ALA J 29 -44.62 13.97 -36.29
CA ALA J 29 -45.67 13.06 -35.79
C ALA J 29 -45.08 12.14 -34.70
N ALA J 30 -45.24 12.64 -33.49
CA ALA J 30 -44.56 12.09 -32.32
C ALA J 30 -45.45 11.23 -31.45
N ALA J 31 -44.76 10.54 -30.53
CA ALA J 31 -45.40 9.80 -29.40
C ALA J 31 -45.18 10.57 -28.10
N PRO J 32 -46.03 10.33 -27.08
CA PRO J 32 -45.99 11.12 -25.83
C PRO J 32 -44.63 11.24 -25.17
N SER J 33 -43.84 10.21 -25.37
CA SER J 33 -42.44 10.17 -24.88
C SER J 33 -41.55 11.24 -25.53
N LEU J 34 -41.84 11.55 -26.78
CA LEU J 34 -41.04 12.47 -27.65
C LEU J 34 -39.66 11.91 -28.05
N MET J 35 -39.50 10.61 -27.93
CA MET J 35 -38.15 9.98 -27.97
C MET J 35 -37.85 9.02 -29.10
N GLY J 36 -38.09 9.49 -30.28
CA GLY J 36 -37.64 8.75 -31.43
C GLY J 36 -38.69 7.72 -31.78
N GLY J 37 -38.70 7.33 -33.05
CA GLY J 37 -39.67 6.34 -33.50
C GLY J 37 -39.38 5.76 -34.86
N GLY J 38 -40.41 5.18 -35.42
CA GLY J 38 -40.26 4.46 -36.68
C GLY J 38 -40.48 5.30 -37.91
N GLY J 39 -41.51 6.13 -37.88
CA GLY J 39 -42.00 6.69 -39.11
C GLY J 39 -41.26 7.95 -39.51
N VAL J 40 -41.93 9.08 -39.39
CA VAL J 40 -41.36 10.40 -39.71
C VAL J 40 -40.42 10.72 -38.58
N ALA J 41 -40.88 10.37 -37.39
CA ALA J 41 -40.13 10.61 -36.14
C ALA J 41 -38.68 10.13 -36.29
N GLY J 42 -38.53 8.96 -36.86
CA GLY J 42 -37.21 8.39 -37.12
C GLY J 42 -36.45 9.17 -38.19
N ALA J 43 -37.13 9.38 -39.29
CA ALA J 43 -36.56 10.16 -40.43
C ALA J 43 -36.02 11.51 -39.95
N ILE J 44 -36.88 12.15 -39.16
CA ILE J 44 -36.62 13.51 -38.63
C ILE J 44 -35.42 13.53 -37.69
N HIS J 45 -35.45 12.61 -36.73
CA HIS J 45 -34.35 12.48 -35.73
C HIS J 45 -33.02 12.15 -36.38
N ARG J 46 -33.07 11.22 -37.29
CA ARG J 46 -31.84 10.78 -38.01
C ARG J 46 -31.25 11.93 -38.81
N ALA J 47 -32.14 12.65 -39.49
CA ALA J 47 -31.77 13.82 -40.33
C ALA J 47 -31.27 15.01 -39.52
N ALA J 48 -31.89 15.19 -38.36
CA ALA J 48 -31.60 16.33 -37.42
C ALA J 48 -30.31 16.17 -36.66
N GLY J 49 -30.06 14.92 -36.33
CA GLY J 49 -28.88 14.54 -35.55
C GLY J 49 -29.18 14.55 -34.05
N PRO J 50 -28.13 14.35 -33.21
CA PRO J 50 -28.30 14.07 -31.77
C PRO J 50 -28.81 15.25 -30.96
N ALA J 51 -28.63 16.46 -31.49
CA ALA J 51 -29.07 17.69 -30.79
C ALA J 51 -30.55 17.65 -30.51
N LEU J 52 -31.28 17.04 -31.42
CA LEU J 52 -32.75 17.02 -31.39
C LEU J 52 -33.22 16.25 -30.19
N LEU J 53 -32.57 15.12 -30.04
CA LEU J 53 -32.88 14.17 -28.97
C LEU J 53 -32.59 14.81 -27.61
N ASP J 54 -31.41 15.42 -27.53
CA ASP J 54 -31.01 16.14 -26.31
C ASP J 54 -32.08 17.15 -25.90
N ALA J 55 -32.58 17.84 -26.92
CA ALA J 55 -33.60 18.89 -26.74
C ALA J 55 -34.92 18.28 -26.30
N CYS J 56 -35.27 17.19 -26.96
CA CYS J 56 -36.50 16.41 -26.57
C CYS J 56 -36.45 15.86 -25.14
N LEU J 57 -35.25 15.48 -24.74
CA LEU J 57 -35.00 15.06 -23.35
C LEU J 57 -35.28 16.14 -22.32
N LYS J 58 -34.68 17.29 -22.60
CA LYS J 58 -34.85 18.52 -21.77
C LYS J 58 -36.31 18.87 -21.53
N VAL J 59 -37.06 18.74 -22.60
CA VAL J 59 -38.51 19.02 -22.60
C VAL J 59 -39.23 18.05 -21.69
N ARG J 60 -39.03 16.77 -22.01
CA ARG J 60 -39.57 15.59 -21.25
C ARG J 60 -39.32 15.77 -19.75
N GLN J 61 -38.09 16.11 -19.49
CA GLN J 61 -37.59 16.42 -18.14
C GLN J 61 -38.38 17.53 -17.45
N GLN J 62 -38.83 18.46 -18.27
CA GLN J 62 -39.45 19.71 -17.79
C GLN J 62 -40.98 19.68 -17.72
N GLN J 63 -41.56 18.89 -18.60
CA GLN J 63 -43.02 18.84 -18.75
C GLN J 63 -43.60 17.41 -18.77
N GLY J 64 -42.72 16.45 -18.64
CA GLY J 64 -43.08 15.05 -18.74
C GLY J 64 -43.58 14.67 -20.12
N ASP J 65 -44.40 13.64 -20.16
CA ASP J 65 -44.99 13.17 -21.42
C ASP J 65 -45.85 14.27 -22.04
N CYS J 66 -45.72 14.37 -23.35
CA CYS J 66 -46.56 15.25 -24.17
C CYS J 66 -47.92 14.59 -24.46
N PRO J 67 -49.01 15.13 -23.87
CA PRO J 67 -50.29 14.50 -24.06
C PRO J 67 -50.81 14.56 -25.49
N THR J 68 -51.68 13.61 -25.75
CA THR J 68 -52.33 13.50 -27.06
C THR J 68 -53.07 14.78 -27.38
N GLY J 69 -52.88 15.20 -28.61
CA GLY J 69 -53.52 16.44 -29.17
C GLY J 69 -52.71 17.72 -28.94
N HIS J 70 -51.67 17.58 -28.16
CA HIS J 70 -50.82 18.72 -27.82
C HIS J 70 -49.50 18.68 -28.55
N ALA J 71 -48.73 19.72 -28.32
CA ALA J 71 -47.48 19.91 -29.08
C ALA J 71 -46.45 20.74 -28.35
N VAL J 72 -45.22 20.49 -28.74
CA VAL J 72 -44.06 21.23 -28.24
C VAL J 72 -43.12 21.61 -29.39
N ILE J 73 -42.31 22.62 -29.11
CA ILE J 73 -41.34 23.10 -30.08
C ILE J 73 -39.91 23.05 -29.54
N THR J 74 -39.03 22.65 -30.43
CA THR J 74 -37.59 22.53 -30.14
C THR J 74 -36.74 22.99 -31.28
N LEU J 75 -35.45 23.13 -30.99
CA LEU J 75 -34.43 23.40 -32.01
C LEU J 75 -34.47 22.27 -33.05
N ALA J 76 -33.72 22.45 -34.12
CA ALA J 76 -33.81 21.50 -35.30
C ALA J 76 -32.51 20.93 -35.82
N GLY J 77 -31.46 21.30 -35.13
CA GLY J 77 -30.14 20.77 -35.43
C GLY J 77 -29.81 20.82 -36.91
N ASP J 78 -29.42 19.69 -37.46
CA ASP J 78 -28.87 19.61 -38.87
C ASP J 78 -29.90 19.76 -39.97
N LEU J 79 -31.16 19.77 -39.55
CA LEU J 79 -32.26 19.98 -40.50
C LEU J 79 -32.18 21.36 -41.15
N PRO J 80 -32.67 21.52 -42.42
CA PRO J 80 -32.72 22.90 -42.95
C PRO J 80 -34.05 23.59 -42.58
N ALA J 81 -34.35 23.56 -41.30
CA ALA J 81 -35.50 24.22 -40.76
C ALA J 81 -34.91 24.95 -39.60
N LYS J 82 -35.70 25.84 -39.05
CA LYS J 82 -35.29 26.68 -37.91
C LYS J 82 -35.67 25.99 -36.62
N ALA J 83 -36.75 25.26 -36.71
CA ALA J 83 -37.29 24.57 -35.56
C ALA J 83 -38.11 23.36 -35.95
N VAL J 84 -38.24 22.47 -34.97
CA VAL J 84 -39.14 21.32 -35.09
C VAL J 84 -40.21 21.42 -34.03
N VAL J 85 -41.43 21.22 -34.52
CA VAL J 85 -42.61 21.09 -33.66
C VAL J 85 -43.00 19.63 -33.58
N HIS J 86 -42.97 19.14 -32.36
CA HIS J 86 -43.34 17.76 -32.07
C HIS J 86 -44.74 17.78 -31.55
N THR J 87 -45.60 17.09 -32.27
CA THR J 87 -47.01 16.95 -31.86
C THR J 87 -47.45 15.49 -31.86
N VAL J 88 -48.40 15.23 -30.96
CA VAL J 88 -48.93 13.88 -30.68
C VAL J 88 -50.36 13.68 -31.19
N GLY J 89 -50.41 12.97 -32.30
CA GLY J 89 -51.67 12.57 -32.91
C GLY J 89 -52.38 11.48 -32.10
N PRO J 90 -53.70 11.30 -32.31
CA PRO J 90 -54.37 10.25 -31.61
C PRO J 90 -54.19 8.92 -32.29
N VAL J 91 -54.30 7.90 -31.46
CA VAL J 91 -54.35 6.54 -31.96
C VAL J 91 -55.79 6.29 -32.40
N TRP J 92 -55.92 5.74 -33.60
CA TRP J 92 -57.24 5.40 -34.16
C TRP J 92 -57.86 4.17 -33.49
N ARG J 93 -59.09 4.36 -33.01
CA ARG J 93 -59.86 3.35 -32.24
C ARG J 93 -61.30 3.12 -32.71
N GLY J 94 -61.54 3.46 -33.95
CA GLY J 94 -62.87 3.24 -34.59
C GLY J 94 -63.76 4.47 -34.78
N GLY J 95 -63.39 5.56 -34.15
CA GLY J 95 -64.05 6.87 -34.37
C GLY J 95 -65.04 7.35 -33.32
N GLU J 96 -65.37 6.48 -32.38
CA GLU J 96 -66.23 6.81 -31.20
C GLU J 96 -65.44 7.13 -29.90
N GLN J 97 -64.16 7.46 -30.02
CA GLN J 97 -63.27 7.79 -28.88
C GLN J 97 -62.64 9.18 -28.94
N ASN J 98 -63.34 10.09 -29.57
CA ASN J 98 -62.95 11.52 -29.68
C ASN J 98 -61.71 11.78 -30.55
N GLU J 99 -61.42 10.83 -31.44
CA GLU J 99 -60.18 10.86 -32.28
C GLU J 99 -60.11 12.03 -33.24
N ASP J 100 -61.24 12.28 -33.87
CA ASP J 100 -61.43 13.40 -34.82
C ASP J 100 -61.07 14.77 -34.23
N GLN J 101 -61.59 14.98 -33.04
CA GLN J 101 -61.35 16.20 -32.25
C GLN J 101 -59.87 16.36 -31.88
N LEU J 102 -59.29 15.24 -31.45
CA LEU J 102 -57.88 15.18 -30.96
C LEU J 102 -56.86 15.40 -32.10
N LEU J 103 -57.21 14.91 -33.26
CA LEU J 103 -56.40 15.12 -34.48
C LEU J 103 -56.41 16.60 -34.86
N GLN J 104 -57.60 17.15 -34.80
CA GLN J 104 -57.85 18.60 -34.99
C GLN J 104 -56.94 19.43 -34.07
N ASP J 105 -56.99 19.04 -32.82
CA ASP J 105 -56.22 19.69 -31.74
C ASP J 105 -54.71 19.66 -32.02
N ALA J 106 -54.27 18.53 -32.53
CA ALA J 106 -52.84 18.36 -32.89
C ALA J 106 -52.41 19.40 -33.92
N TYR J 107 -53.24 19.55 -34.93
CA TYR J 107 -52.97 20.52 -36.04
C TYR J 107 -53.05 21.98 -35.49
N LEU J 108 -54.11 22.22 -34.74
CA LEU J 108 -54.34 23.57 -34.10
C LEU J 108 -53.19 24.02 -33.21
N ASN J 109 -52.89 23.19 -32.23
CA ASN J 109 -51.81 23.51 -31.24
C ASN J 109 -50.44 23.66 -31.88
N SER J 110 -50.25 22.87 -32.92
CA SER J 110 -49.00 22.96 -33.72
C SER J 110 -48.88 24.35 -34.36
N LEU J 111 -49.93 24.71 -35.07
CA LEU J 111 -50.02 26.02 -35.77
C LEU J 111 -49.83 27.19 -34.80
N ARG J 112 -50.54 27.07 -33.68
CA ARG J 112 -50.47 28.06 -32.59
C ARG J 112 -49.04 28.29 -32.09
N LEU J 113 -48.33 27.19 -31.94
CA LEU J 113 -46.92 27.23 -31.52
C LEU J 113 -46.01 27.88 -32.57
N VAL J 114 -46.24 27.52 -33.81
CA VAL J 114 -45.45 28.11 -34.92
C VAL J 114 -45.57 29.63 -34.82
N ALA J 115 -46.82 30.03 -34.70
CA ALA J 115 -47.20 31.47 -34.65
C ALA J 115 -46.59 32.19 -33.45
N ALA J 116 -46.81 31.56 -32.31
CA ALA J 116 -46.33 32.08 -30.98
C ALA J 116 -44.82 32.29 -30.93
N ASN J 117 -44.15 31.53 -31.77
CA ASN J 117 -42.66 31.58 -31.90
C ASN J 117 -42.18 32.38 -33.11
N SER J 118 -43.13 33.09 -33.70
CA SER J 118 -42.90 34.12 -34.77
C SER J 118 -42.38 33.51 -36.06
N TYR J 119 -42.77 32.27 -36.28
CA TYR J 119 -42.39 31.57 -37.51
C TYR J 119 -43.43 31.77 -38.62
N THR J 120 -42.96 31.84 -39.85
CA THR J 120 -43.82 32.22 -40.99
C THR J 120 -44.26 31.06 -41.87
N SER J 121 -43.43 30.03 -41.87
CA SER J 121 -43.66 28.82 -42.68
C SER J 121 -43.53 27.51 -41.90
N VAL J 122 -44.48 26.62 -42.19
CA VAL J 122 -44.54 25.31 -41.53
C VAL J 122 -44.89 24.16 -42.49
N ALA J 123 -44.18 23.07 -42.30
CA ALA J 123 -44.44 21.80 -43.03
C ALA J 123 -45.06 20.72 -42.14
N PHE J 124 -46.10 20.11 -42.68
CA PHE J 124 -46.88 19.03 -42.01
C PHE J 124 -46.86 17.66 -42.69
N PRO J 125 -46.65 16.59 -41.91
CA PRO J 125 -46.88 15.28 -42.44
C PRO J 125 -48.27 14.82 -42.13
N ALA J 126 -48.60 13.67 -42.67
CA ALA J 126 -49.95 13.11 -42.51
C ALA J 126 -50.06 12.46 -41.14
N ILE J 127 -50.26 13.32 -40.17
CA ILE J 127 -50.33 12.92 -38.74
C ILE J 127 -51.40 11.86 -38.49
N SER J 128 -50.98 10.85 -37.73
CA SER J 128 -51.82 9.71 -37.23
C SER J 128 -52.13 8.61 -38.27
N THR J 129 -51.74 8.83 -39.52
CA THR J 129 -52.15 7.95 -40.66
C THR J 129 -51.23 6.77 -40.90
N GLY J 130 -50.10 6.80 -40.24
CA GLY J 130 -49.15 5.69 -40.32
C GLY J 130 -49.43 4.60 -39.28
N VAL J 131 -48.51 4.49 -38.34
CA VAL J 131 -48.59 3.48 -37.25
C VAL J 131 -49.87 3.66 -36.43
N TYR J 132 -50.28 4.90 -36.25
CA TYR J 132 -51.49 5.23 -35.41
C TYR J 132 -52.81 4.90 -36.09
N GLY J 133 -52.69 4.47 -37.33
CA GLY J 133 -53.78 3.79 -38.09
C GLY J 133 -55.08 4.56 -38.37
N TYR J 134 -54.93 5.86 -38.56
CA TYR J 134 -56.09 6.74 -38.89
C TYR J 134 -56.44 6.59 -40.36
N PRO J 135 -57.72 6.33 -40.69
CA PRO J 135 -58.14 6.27 -42.08
C PRO J 135 -57.69 7.50 -42.85
N ARG J 136 -56.89 7.22 -43.86
CA ARG J 136 -56.16 8.25 -44.65
C ARG J 136 -57.02 9.42 -45.14
N ALA J 137 -58.24 9.07 -45.52
CA ALA J 137 -59.18 10.03 -46.17
C ALA J 137 -59.90 10.97 -45.19
N ALA J 138 -60.35 10.36 -44.10
CA ALA J 138 -61.00 11.11 -43.00
C ALA J 138 -60.01 12.09 -42.34
N ALA J 139 -58.81 11.58 -42.15
CA ALA J 139 -57.67 12.34 -41.59
C ALA J 139 -57.34 13.59 -42.40
N ALA J 140 -57.09 13.36 -43.66
CA ALA J 140 -56.72 14.44 -44.62
C ALA J 140 -57.80 15.53 -44.70
N GLU J 141 -59.04 15.11 -44.55
CA GLU J 141 -60.23 16.04 -44.53
C GLU J 141 -60.12 16.99 -43.36
N ILE J 142 -59.83 16.42 -42.21
CA ILE J 142 -59.61 17.19 -40.94
C ILE J 142 -58.37 18.12 -41.02
N ALA J 143 -57.30 17.58 -41.55
CA ALA J 143 -56.05 18.32 -41.74
C ALA J 143 -56.29 19.59 -42.55
N VAL J 144 -56.82 19.37 -43.73
CA VAL J 144 -57.08 20.47 -44.72
C VAL J 144 -58.08 21.48 -44.18
N LYS J 145 -59.16 20.98 -43.61
CA LYS J 145 -60.23 21.84 -43.05
C LYS J 145 -59.69 22.75 -41.94
N THR J 146 -59.06 22.10 -40.98
CA THR J 146 -58.51 22.75 -39.79
C THR J 146 -57.49 23.81 -40.13
N VAL J 147 -56.55 23.41 -40.97
CA VAL J 147 -55.43 24.31 -41.41
C VAL J 147 -55.92 25.50 -42.19
N SER J 148 -56.81 25.20 -43.12
CA SER J 148 -57.46 26.22 -44.02
C SER J 148 -58.24 27.26 -43.24
N GLU J 149 -59.09 26.77 -42.35
CA GLU J 149 -59.90 27.66 -41.45
C GLU J 149 -59.02 28.52 -40.54
N PHE J 150 -57.93 27.93 -40.10
CA PHE J 150 -56.98 28.61 -39.21
C PHE J 150 -56.26 29.76 -39.92
N ILE J 151 -55.71 29.46 -41.10
CA ILE J 151 -54.90 30.48 -41.85
C ILE J 151 -55.81 31.62 -42.33
N THR J 152 -57.07 31.27 -42.52
CA THR J 152 -58.11 32.26 -42.80
C THR J 152 -58.22 33.28 -41.67
N ARG J 153 -58.15 32.79 -40.45
CA ARG J 153 -58.31 33.64 -39.23
C ARG J 153 -57.04 34.28 -38.72
N HIS J 154 -55.92 33.97 -39.35
CA HIS J 154 -54.59 34.33 -38.80
C HIS J 154 -53.54 34.70 -39.84
N ALA J 155 -52.78 35.74 -39.54
CA ALA J 155 -51.67 36.18 -40.38
C ALA J 155 -50.55 35.13 -40.42
N LEU J 156 -50.32 34.56 -39.24
CA LEU J 156 -49.21 33.58 -38.98
C LEU J 156 -49.76 32.20 -38.62
N PRO J 157 -49.19 31.17 -39.26
CA PRO J 157 -48.16 31.21 -40.30
C PRO J 157 -48.66 31.63 -41.66
N GLU J 158 -47.74 32.21 -42.40
CA GLU J 158 -48.01 32.75 -43.71
C GLU J 158 -48.17 31.62 -44.71
N GLN J 159 -47.19 30.73 -44.66
CA GLN J 159 -47.10 29.59 -45.58
C GLN J 159 -47.22 28.25 -44.86
N VAL J 160 -48.04 27.39 -45.43
CA VAL J 160 -48.20 26.00 -44.96
C VAL J 160 -47.97 24.96 -46.06
N TYR J 161 -47.11 24.01 -45.75
CA TYR J 161 -46.87 22.87 -46.66
C TYR J 161 -47.38 21.57 -46.09
N PHE J 162 -48.25 20.93 -46.86
CA PHE J 162 -48.65 19.54 -46.60
C PHE J 162 -47.72 18.57 -47.32
N VAL J 163 -46.85 17.96 -46.55
CA VAL J 163 -45.88 16.98 -47.09
C VAL J 163 -46.48 15.59 -47.08
N CYS J 164 -46.60 15.08 -48.28
CA CYS J 164 -47.17 13.74 -48.54
C CYS J 164 -46.12 12.75 -49.04
N TYR J 165 -46.10 11.58 -48.39
CA TYR J 165 -45.00 10.58 -48.54
C TYR J 165 -45.16 9.65 -49.74
N ASP J 166 -46.38 9.60 -50.23
CA ASP J 166 -46.72 8.85 -51.46
C ASP J 166 -47.67 9.65 -52.36
N GLU J 167 -47.75 9.23 -53.63
CA GLU J 167 -48.59 9.91 -54.62
C GLU J 167 -50.09 9.83 -54.29
N GLU J 168 -50.52 8.68 -53.78
CA GLU J 168 -51.95 8.43 -53.46
C GLU J 168 -52.46 9.51 -52.50
N ASN J 169 -51.69 9.68 -51.45
CA ASN J 169 -51.96 10.70 -50.39
C ASN J 169 -51.91 12.14 -50.93
N ALA J 170 -50.88 12.39 -51.70
CA ALA J 170 -50.67 13.70 -52.35
C ALA J 170 -51.94 14.12 -53.12
N HIS J 171 -52.43 13.21 -53.95
CA HIS J 171 -53.67 13.42 -54.77
C HIS J 171 -54.85 13.74 -53.93
N LEU J 172 -54.95 12.94 -52.89
CA LEU J 172 -56.03 13.02 -51.89
C LEU J 172 -56.20 14.43 -51.35
N TYR J 173 -55.09 14.95 -50.87
CA TYR J 173 -54.96 16.33 -50.35
C TYR J 173 -55.32 17.35 -51.43
N GLU J 174 -54.63 17.22 -52.54
CA GLU J 174 -54.74 18.15 -53.70
C GLU J 174 -56.18 18.39 -54.12
N ARG J 175 -56.91 17.31 -54.10
CA ARG J 175 -58.31 17.31 -54.50
C ARG J 175 -59.16 18.05 -53.48
N LEU J 176 -58.92 17.72 -52.22
CA LEU J 176 -59.68 18.31 -51.07
C LEU J 176 -59.54 19.82 -51.02
N LEU J 177 -58.37 20.26 -51.41
CA LEU J 177 -58.03 21.71 -51.38
C LEU J 177 -58.74 22.50 -52.46
N THR J 178 -58.75 21.92 -53.63
CA THR J 178 -59.40 22.52 -54.81
C THR J 178 -60.94 22.42 -54.68
N GLN J 179 -61.38 21.67 -53.68
CA GLN J 179 -62.79 21.33 -53.48
C GLN J 179 -63.24 21.24 -52.02
N GLN J 180 -62.98 22.21 -51.12
CA GLN J 180 -62.35 23.56 -51.36
C GLN J 180 -62.30 24.37 -50.06
N THR K 9 16.95 -24.01 47.65
CA THR K 9 16.73 -23.69 49.11
C THR K 9 17.70 -24.55 49.97
N ARG K 10 17.64 -25.84 49.69
CA ARG K 10 18.35 -26.92 50.44
C ARG K 10 19.52 -27.56 49.70
N ILE K 11 19.47 -27.47 48.39
CA ILE K 11 20.54 -28.01 47.54
C ILE K 11 21.22 -26.88 46.79
N HIS K 12 22.53 -26.86 46.84
CA HIS K 12 23.29 -25.81 46.15
C HIS K 12 24.42 -26.34 45.33
N VAL K 13 24.71 -25.59 44.30
CA VAL K 13 25.85 -25.88 43.42
C VAL K 13 26.91 -24.83 43.60
N VAL K 14 28.08 -25.28 43.99
CA VAL K 14 29.24 -24.37 44.09
C VAL K 14 30.36 -24.89 43.19
N GLN K 15 31.13 -23.92 42.70
CA GLN K 15 32.33 -24.14 41.83
C GLN K 15 33.59 -23.94 42.66
N GLY K 16 34.39 -25.00 42.72
CA GLY K 16 35.73 -24.91 43.31
C GLY K 16 36.21 -26.12 44.04
N ASP K 17 37.02 -25.82 45.06
CA ASP K 17 37.76 -26.84 45.83
C ASP K 17 36.99 -27.23 47.08
N ILE K 18 36.51 -28.47 47.05
CA ILE K 18 35.71 -29.07 48.18
C ILE K 18 36.38 -28.97 49.55
N THR K 19 37.69 -28.96 49.59
CA THR K 19 38.47 -28.94 50.88
C THR K 19 38.36 -27.62 51.61
N LYS K 20 37.84 -26.63 50.89
CA LYS K 20 37.71 -25.24 51.40
C LYS K 20 36.35 -24.99 52.04
N LEU K 21 35.44 -25.89 51.74
CA LEU K 21 34.05 -25.78 52.22
C LEU K 21 33.85 -26.05 53.71
N ALA K 22 33.43 -25.00 54.39
CA ALA K 22 33.05 -25.06 55.82
C ALA K 22 31.65 -25.63 55.98
N VAL K 23 31.56 -26.92 55.84
CA VAL K 23 30.31 -27.65 56.09
C VAL K 23 30.55 -28.73 57.15
N ASP K 24 29.48 -29.40 57.57
CA ASP K 24 29.59 -30.42 58.63
C ASP K 24 30.37 -31.65 58.17
N VAL K 25 30.04 -32.09 56.99
CA VAL K 25 30.72 -33.22 56.41
C VAL K 25 31.05 -33.01 54.92
N ILE K 26 32.25 -33.38 54.60
CA ILE K 26 32.67 -33.36 53.19
C ILE K 26 32.90 -34.81 52.76
N VAL K 27 32.45 -35.08 51.57
CA VAL K 27 32.48 -36.44 51.05
C VAL K 27 33.71 -36.67 50.17
N ASN K 28 34.37 -37.76 50.47
CA ASN K 28 35.51 -38.23 49.71
C ASN K 28 35.14 -39.34 48.71
N ALA K 29 35.59 -39.13 47.47
CA ALA K 29 35.54 -40.16 46.40
C ALA K 29 36.72 -41.10 46.55
N ALA K 30 36.45 -42.17 47.28
CA ALA K 30 37.49 -43.09 47.74
C ALA K 30 37.58 -44.36 46.94
N ALA K 31 38.66 -45.07 47.24
CA ALA K 31 38.86 -46.47 46.79
C ALA K 31 38.63 -47.40 47.97
N PRO K 32 38.32 -48.68 47.69
CA PRO K 32 38.08 -49.65 48.77
C PRO K 32 39.08 -49.69 49.90
N SER K 33 40.33 -49.42 49.57
CA SER K 33 41.42 -49.40 50.57
C SER K 33 41.26 -48.31 51.61
N LEU K 34 40.65 -47.23 51.16
CA LEU K 34 40.48 -45.96 51.94
C LEU K 34 41.78 -45.18 52.19
N MET K 35 42.80 -45.46 51.39
CA MET K 35 44.19 -45.06 51.73
C MET K 35 44.97 -44.11 50.89
N GLY K 36 44.32 -43.14 50.31
CA GLY K 36 45.05 -42.05 49.71
C GLY K 36 45.14 -42.32 48.23
N GLY K 37 44.76 -41.30 47.45
CA GLY K 37 44.63 -41.39 46.01
C GLY K 37 45.02 -40.10 45.34
N GLY K 38 44.54 -39.96 44.12
CA GLY K 38 44.97 -38.84 43.27
C GLY K 38 44.04 -37.67 43.31
N GLY K 39 42.78 -37.93 43.11
CA GLY K 39 41.91 -36.83 42.68
C GLY K 39 41.38 -35.82 43.69
N VAL K 40 40.35 -36.25 44.35
CA VAL K 40 39.82 -35.48 45.48
C VAL K 40 40.42 -36.12 46.71
N ALA K 41 40.50 -37.43 46.66
CA ALA K 41 41.08 -38.23 47.75
C ALA K 41 42.42 -37.62 48.22
N GLY K 42 43.23 -37.26 47.24
CA GLY K 42 44.56 -36.71 47.52
C GLY K 42 44.45 -35.32 48.08
N ALA K 43 43.66 -34.53 47.39
CA ALA K 43 43.35 -33.14 47.86
C ALA K 43 42.91 -33.12 49.34
N ILE K 44 41.98 -34.03 49.61
CA ILE K 44 41.33 -34.13 50.91
C ILE K 44 42.32 -34.52 51.98
N HIS K 45 43.03 -35.59 51.69
CA HIS K 45 44.06 -36.12 52.65
C HIS K 45 45.13 -35.07 52.92
N ARG K 46 45.60 -34.47 51.87
CA ARG K 46 46.67 -33.47 51.98
C ARG K 46 46.20 -32.29 52.85
N ALA K 47 44.98 -31.88 52.59
CA ALA K 47 44.34 -30.74 53.32
C ALA K 47 44.03 -31.06 54.78
N ALA K 48 43.63 -32.29 54.99
CA ALA K 48 43.20 -32.80 56.32
C ALA K 48 44.38 -33.03 57.25
N GLY K 49 45.43 -33.49 56.63
CA GLY K 49 46.66 -33.88 57.33
C GLY K 49 46.70 -35.34 57.73
N PRO K 50 47.73 -35.75 58.47
CA PRO K 50 47.97 -37.17 58.80
C PRO K 50 46.93 -37.85 59.70
N ALA K 51 46.21 -37.05 60.47
CA ALA K 51 45.15 -37.61 61.37
C ALA K 51 44.12 -38.45 60.56
N LEU K 52 43.85 -37.98 59.36
CA LEU K 52 42.80 -38.58 58.51
C LEU K 52 43.17 -40.01 58.15
N LEU K 53 44.43 -40.14 57.78
CA LEU K 53 44.99 -41.41 57.35
C LEU K 53 44.97 -42.38 58.52
N ASP K 54 45.40 -41.89 59.67
CA ASP K 54 45.41 -42.72 60.93
C ASP K 54 44.02 -43.29 61.21
N ALA K 55 43.05 -42.42 61.02
CA ALA K 55 41.63 -42.75 61.20
C ALA K 55 41.15 -43.77 60.15
N CYS K 56 41.55 -43.54 58.93
CA CYS K 56 41.23 -44.49 57.82
C CYS K 56 41.85 -45.87 58.02
N LEU K 57 43.03 -45.86 58.63
CA LEU K 57 43.73 -47.12 59.01
C LEU K 57 42.95 -47.94 60.02
N LYS K 58 42.56 -47.25 61.08
CA LYS K 58 41.71 -47.82 62.15
C LYS K 58 40.45 -48.50 61.65
N VAL K 59 39.83 -47.84 60.70
CA VAL K 59 38.62 -48.33 60.04
C VAL K 59 38.89 -49.63 59.30
N ARG K 60 39.87 -49.53 58.40
CA ARG K 60 40.40 -50.64 57.53
C ARG K 60 40.68 -51.84 58.39
N GLN K 61 41.38 -51.54 59.46
CA GLN K 61 41.70 -52.49 60.55
C GLN K 61 40.48 -53.22 61.11
N GLN K 62 39.41 -52.47 61.18
CA GLN K 62 38.16 -52.87 61.87
C GLN K 62 37.10 -53.51 60.97
N GLN K 63 37.08 -53.11 59.72
CA GLN K 63 36.10 -53.64 58.75
C GLN K 63 36.67 -54.08 57.40
N GLY K 64 37.97 -54.02 57.30
CA GLY K 64 38.66 -54.31 56.04
C GLY K 64 38.31 -53.32 54.95
N ASP K 65 38.41 -53.78 53.72
CA ASP K 65 38.08 -52.94 52.55
C ASP K 65 36.64 -52.51 52.58
N CYS K 66 36.45 -51.25 52.19
CA CYS K 66 35.11 -50.64 52.01
C CYS K 66 34.54 -50.97 50.65
N PRO K 67 33.46 -51.75 50.60
CA PRO K 67 32.98 -52.23 49.33
C PRO K 67 32.37 -51.14 48.51
N THR K 68 32.37 -51.39 47.22
CA THR K 68 31.79 -50.46 46.26
C THR K 68 30.35 -50.19 46.66
N GLY K 69 30.02 -48.93 46.58
CA GLY K 69 28.64 -48.43 46.80
C GLY K 69 28.37 -48.09 48.27
N HIS K 70 29.33 -48.45 49.10
CA HIS K 70 29.20 -48.22 50.54
C HIS K 70 30.08 -47.08 51.01
N ALA K 71 29.97 -46.80 52.31
CA ALA K 71 30.59 -45.60 52.87
C ALA K 71 30.85 -45.68 54.34
N VAL K 72 31.86 -44.94 54.73
CA VAL K 72 32.28 -44.83 56.13
C VAL K 72 32.57 -43.40 56.49
N ILE K 73 32.51 -43.14 57.78
CA ILE K 73 32.71 -41.81 58.31
C ILE K 73 33.84 -41.78 59.33
N THR K 74 34.61 -40.71 59.23
CA THR K 74 35.77 -40.48 60.10
C THR K 74 35.90 -39.03 60.48
N LEU K 75 36.77 -38.79 61.43
CA LEU K 75 37.18 -37.42 61.80
C LEU K 75 37.74 -36.70 60.57
N ALA K 76 38.01 -35.41 60.70
CA ALA K 76 38.42 -34.58 59.52
C ALA K 76 39.70 -33.76 59.67
N GLY K 77 40.33 -33.94 60.79
CA GLY K 77 41.58 -33.25 61.11
C GLY K 77 41.58 -31.75 60.79
N ASP K 78 42.55 -31.32 59.98
CA ASP K 78 42.78 -29.87 59.66
C ASP K 78 41.75 -29.26 58.69
N LEU K 79 40.89 -30.08 58.15
CA LEU K 79 39.78 -29.58 57.30
C LEU K 79 38.85 -28.67 58.10
N PRO K 80 38.18 -27.72 57.42
CA PRO K 80 37.22 -26.90 58.16
C PRO K 80 35.91 -27.65 58.43
N ALA K 81 35.77 -28.80 57.83
CA ALA K 81 34.63 -29.70 58.10
C ALA K 81 34.77 -30.39 59.46
N LYS K 82 33.69 -31.00 59.89
CA LYS K 82 33.67 -31.70 61.20
C LYS K 82 33.98 -33.15 61.04
N ALA K 83 33.59 -33.65 59.90
CA ALA K 83 33.81 -35.05 59.58
C ALA K 83 33.99 -35.23 58.08
N VAL K 84 34.64 -36.33 57.75
CA VAL K 84 34.74 -36.78 56.36
C VAL K 84 34.03 -38.10 56.23
N VAL K 85 33.24 -38.15 55.19
CA VAL K 85 32.61 -39.39 54.74
C VAL K 85 33.36 -39.89 53.51
N HIS K 86 33.89 -41.07 53.66
CA HIS K 86 34.57 -41.75 52.58
C HIS K 86 33.59 -42.73 51.98
N THR K 87 33.31 -42.50 50.71
CA THR K 87 32.49 -43.44 49.93
C THR K 87 33.19 -43.90 48.62
N VAL K 88 32.82 -45.10 48.23
CA VAL K 88 33.41 -45.80 47.09
C VAL K 88 32.44 -45.91 45.93
N GLY K 89 32.71 -45.09 44.95
CA GLY K 89 31.97 -45.09 43.67
C GLY K 89 32.33 -46.29 42.83
N PRO K 90 31.48 -46.63 41.85
CA PRO K 90 31.85 -47.71 40.98
C PRO K 90 32.78 -47.29 39.88
N VAL K 91 33.53 -48.27 39.41
CA VAL K 91 34.35 -48.11 38.21
C VAL K 91 33.45 -48.30 37.02
N TRP K 92 33.54 -47.36 36.09
CA TRP K 92 32.72 -47.40 34.85
C TRP K 92 33.22 -48.47 33.89
N ARG K 93 32.29 -49.34 33.51
CA ARG K 93 32.56 -50.53 32.61
C ARG K 93 31.61 -50.61 31.40
N GLY K 94 31.02 -49.48 31.03
CA GLY K 94 30.11 -49.42 29.85
C GLY K 94 28.62 -49.34 30.12
N GLY K 95 28.25 -49.58 31.37
CA GLY K 95 26.85 -49.39 31.83
C GLY K 95 26.01 -50.64 32.03
N GLU K 96 26.58 -51.80 31.71
CA GLU K 96 25.88 -53.11 31.74
C GLU K 96 26.27 -53.95 32.99
N GLN K 97 27.00 -53.31 33.87
CA GLN K 97 27.58 -53.95 35.07
C GLN K 97 27.08 -53.36 36.40
N ASN K 98 25.85 -52.88 36.36
CA ASN K 98 25.11 -52.37 37.55
C ASN K 98 25.68 -51.08 38.13
N GLU K 99 26.41 -50.37 37.29
CA GLU K 99 27.17 -49.16 37.73
C GLU K 99 26.25 -48.04 38.22
N ASP K 100 25.18 -47.85 37.48
CA ASP K 100 24.14 -46.81 37.78
C ASP K 100 23.56 -46.98 39.20
N GLN K 101 23.24 -48.21 39.52
CA GLN K 101 22.70 -48.61 40.84
C GLN K 101 23.72 -48.34 41.95
N LEU K 102 24.95 -48.71 41.67
CA LEU K 102 26.07 -48.65 42.65
C LEU K 102 26.46 -47.21 42.97
N LEU K 103 26.37 -46.39 41.94
CA LEU K 103 26.64 -44.95 42.09
C LEU K 103 25.56 -44.33 42.99
N GLN K 104 24.36 -44.72 42.69
CA GLN K 104 23.16 -44.36 43.48
C GLN K 104 23.42 -44.69 44.96
N ASP K 105 23.84 -45.91 45.17
CA ASP K 105 24.09 -46.48 46.51
C ASP K 105 25.14 -45.68 47.27
N ALA K 106 26.15 -45.27 46.52
CA ALA K 106 27.22 -44.45 47.09
C ALA K 106 26.67 -43.15 47.68
N TYR K 107 25.83 -42.51 46.90
CA TYR K 107 25.21 -41.24 47.31
C TYR K 107 24.24 -41.48 48.50
N LEU K 108 23.40 -42.49 48.34
CA LEU K 108 22.44 -42.88 49.39
C LEU K 108 23.12 -43.17 50.74
N ASN K 109 24.03 -44.13 50.73
CA ASN K 109 24.71 -44.55 51.98
C ASN K 109 25.45 -43.41 52.65
N SER K 110 25.96 -42.54 51.81
CA SER K 110 26.72 -41.36 52.29
C SER K 110 25.80 -40.47 53.09
N LEU K 111 24.69 -40.14 52.45
CA LEU K 111 23.61 -39.31 53.04
C LEU K 111 23.10 -39.91 54.36
N ARG K 112 22.85 -41.21 54.30
CA ARG K 112 22.41 -41.99 55.46
C ARG K 112 23.34 -41.85 56.65
N LEU K 113 24.62 -41.93 56.36
CA LEU K 113 25.69 -41.78 57.39
C LEU K 113 25.75 -40.37 57.98
N VAL K 114 25.61 -39.39 57.10
CA VAL K 114 25.61 -37.99 57.55
C VAL K 114 24.49 -37.81 58.57
N ALA K 115 23.35 -38.31 58.17
CA ALA K 115 22.11 -38.24 58.98
C ALA K 115 22.24 -38.98 60.31
N ALA K 116 22.66 -40.20 60.20
CA ALA K 116 22.85 -41.10 61.37
C ALA K 116 23.79 -40.52 62.44
N ASN K 117 24.65 -39.65 61.99
CA ASN K 117 25.69 -39.03 62.87
C ASN K 117 25.32 -37.62 63.27
N SER K 118 24.07 -37.31 62.94
CA SER K 118 23.38 -36.05 63.35
C SER K 118 23.97 -34.79 62.74
N TYR K 119 24.52 -34.96 61.55
CA TYR K 119 25.05 -33.84 60.79
C TYR K 119 23.98 -33.21 59.89
N THR K 120 24.07 -31.90 59.76
CA THR K 120 23.03 -31.09 59.06
C THR K 120 23.40 -30.67 57.63
N SER K 121 24.70 -30.55 57.39
CA SER K 121 25.24 -30.17 56.08
C SER K 121 26.32 -31.09 55.53
N VAL K 122 26.20 -31.35 54.24
CA VAL K 122 27.16 -32.21 53.50
C VAL K 122 27.54 -31.69 52.13
N ALA K 123 28.82 -31.80 51.83
CA ALA K 123 29.38 -31.46 50.48
C ALA K 123 29.80 -32.70 49.70
N PHE K 124 29.39 -32.71 48.45
CA PHE K 124 29.66 -33.83 47.49
C PHE K 124 30.49 -33.47 46.25
N PRO K 125 31.47 -34.31 45.94
CA PRO K 125 32.14 -34.12 44.68
C PRO K 125 31.49 -34.99 43.66
N ALA K 126 31.95 -34.85 42.44
CA ALA K 126 31.38 -35.62 41.31
C ALA K 126 31.95 -37.04 41.31
N ILE K 127 31.38 -37.84 42.19
CA ILE K 127 31.84 -39.22 42.44
C ILE K 127 31.85 -40.06 41.17
N SER K 128 32.95 -40.77 40.99
CA SER K 128 33.19 -41.74 39.88
C SER K 128 33.55 -41.14 38.50
N THR K 129 33.49 -39.82 38.41
CA THR K 129 33.64 -39.10 37.12
C THR K 129 35.06 -38.77 36.75
N GLY K 130 35.95 -38.97 37.68
CA GLY K 130 37.38 -38.74 37.43
C GLY K 130 38.08 -39.99 36.91
N VAL K 131 38.98 -40.52 37.73
CA VAL K 131 39.77 -41.72 37.43
C VAL K 131 38.85 -42.93 37.11
N TYR K 132 37.72 -43.00 37.80
CA TYR K 132 36.77 -44.14 37.64
C TYR K 132 35.93 -44.08 36.36
N GLY K 133 36.10 -42.98 35.66
CA GLY K 133 35.68 -42.82 34.23
C GLY K 133 34.21 -42.87 33.90
N TYR K 134 33.38 -42.38 34.81
CA TYR K 134 31.92 -42.37 34.61
C TYR K 134 31.55 -41.19 33.74
N PRO K 135 30.79 -41.42 32.66
CA PRO K 135 30.31 -40.31 31.84
C PRO K 135 29.66 -39.21 32.67
N ARG K 136 30.26 -38.04 32.54
CA ARG K 136 29.95 -36.88 33.38
C ARG K 136 28.46 -36.54 33.52
N ALA K 137 27.75 -36.70 32.41
CA ALA K 137 26.34 -36.25 32.29
C ALA K 137 25.37 -37.24 32.91
N ALA K 138 25.61 -38.51 32.63
CA ALA K 138 24.80 -39.62 33.20
C ALA K 138 24.93 -39.67 34.73
N ALA K 139 26.17 -39.49 35.16
CA ALA K 139 26.55 -39.46 36.59
C ALA K 139 25.80 -38.37 37.34
N ALA K 140 25.94 -37.17 36.84
CA ALA K 140 25.34 -35.95 37.44
C ALA K 140 23.84 -36.07 37.55
N GLU K 141 23.27 -36.75 36.58
CA GLU K 141 21.82 -37.03 36.54
C GLU K 141 21.44 -37.86 37.77
N ILE K 142 22.23 -38.90 37.99
CA ILE K 142 22.01 -39.85 39.13
C ILE K 142 22.23 -39.15 40.47
N ALA K 143 23.30 -38.37 40.50
CA ALA K 143 23.66 -37.60 41.70
C ALA K 143 22.49 -36.70 42.13
N VAL K 144 22.08 -35.86 41.21
CA VAL K 144 21.00 -34.89 41.46
C VAL K 144 19.67 -35.57 41.83
N LYS K 145 19.33 -36.57 41.04
CA LYS K 145 18.04 -37.28 41.22
C LYS K 145 17.98 -37.93 42.59
N THR K 146 19.02 -38.70 42.86
CA THR K 146 19.16 -39.47 44.13
C THR K 146 19.12 -38.57 45.37
N VAL K 147 19.96 -37.54 45.33
CA VAL K 147 20.07 -36.58 46.43
C VAL K 147 18.74 -35.81 46.67
N SER K 148 18.19 -35.33 45.58
CA SER K 148 16.91 -34.56 45.57
C SER K 148 15.74 -35.36 46.13
N GLU K 149 15.60 -36.56 45.62
CA GLU K 149 14.56 -37.49 46.11
C GLU K 149 14.76 -37.81 47.60
N PHE K 150 16.02 -37.91 48.00
CA PHE K 150 16.36 -38.27 49.40
C PHE K 150 15.99 -37.17 50.37
N ILE K 151 16.40 -35.96 50.02
CA ILE K 151 16.16 -34.80 50.93
C ILE K 151 14.65 -34.47 51.00
N THR K 152 13.95 -34.83 49.94
CA THR K 152 12.47 -34.76 49.92
C THR K 152 11.87 -35.64 51.00
N ARG K 153 12.42 -36.83 51.16
CA ARG K 153 11.94 -37.83 52.13
C ARG K 153 12.48 -37.69 53.53
N HIS K 154 13.41 -36.77 53.73
CA HIS K 154 14.21 -36.72 55.00
C HIS K 154 14.58 -35.32 55.48
N ALA K 155 14.47 -35.14 56.78
CA ALA K 155 14.83 -33.85 57.42
C ALA K 155 16.35 -33.60 57.34
N LEU K 156 17.09 -34.68 57.53
CA LEU K 156 18.55 -34.68 57.60
C LEU K 156 19.15 -35.45 56.41
N PRO K 157 20.17 -34.88 55.76
CA PRO K 157 20.72 -33.59 56.02
C PRO K 157 19.87 -32.46 55.49
N GLU K 158 20.08 -31.32 56.12
CA GLU K 158 19.32 -30.12 55.79
C GLU K 158 19.83 -29.47 54.53
N GLN K 159 21.14 -29.32 54.47
CA GLN K 159 21.81 -28.69 53.32
C GLN K 159 22.78 -29.62 52.60
N VAL K 160 22.67 -29.63 51.29
CA VAL K 160 23.58 -30.41 50.43
C VAL K 160 24.27 -29.49 49.44
N TYR K 161 25.57 -29.63 49.37
CA TYR K 161 26.36 -28.85 48.40
C TYR K 161 27.01 -29.76 47.39
N PHE K 162 26.69 -29.50 46.14
CA PHE K 162 27.36 -30.18 45.04
C PHE K 162 28.56 -29.37 44.61
N VAL K 163 29.73 -29.88 44.96
CA VAL K 163 30.99 -29.20 44.64
C VAL K 163 31.51 -29.68 43.31
N CYS K 164 31.60 -28.70 42.43
CA CYS K 164 32.05 -28.91 41.06
C CYS K 164 33.41 -28.26 40.80
N TYR K 165 34.31 -29.07 40.23
CA TYR K 165 35.73 -28.69 40.07
C TYR K 165 36.04 -27.80 38.87
N ASP K 166 35.12 -27.79 37.93
CA ASP K 166 35.20 -26.96 36.72
C ASP K 166 33.84 -26.34 36.39
N GLU K 167 33.87 -25.31 35.56
CA GLU K 167 32.65 -24.56 35.20
C GLU K 167 31.67 -25.40 34.36
N GLU K 168 32.22 -26.23 33.49
CA GLU K 168 31.38 -27.06 32.57
C GLU K 168 30.45 -27.94 33.42
N ASN K 169 31.06 -28.62 34.36
CA ASN K 169 30.35 -29.51 35.33
C ASN K 169 29.33 -28.75 36.18
N ALA K 170 29.78 -27.62 36.68
CA ALA K 170 28.95 -26.73 37.51
C ALA K 170 27.63 -26.39 36.79
N HIS K 171 27.75 -25.95 35.54
CA HIS K 171 26.58 -25.61 34.70
C HIS K 171 25.66 -26.80 34.47
N LEU K 172 26.31 -27.92 34.26
CA LEU K 172 25.64 -29.21 34.05
C LEU K 172 24.65 -29.48 35.16
N TYR K 173 25.19 -29.42 36.36
CA TYR K 173 24.43 -29.66 37.62
C TYR K 173 23.29 -28.65 37.73
N GLU K 174 23.67 -27.39 37.61
CA GLU K 174 22.71 -26.25 37.73
C GLU K 174 21.49 -26.41 36.86
N ARG K 175 21.75 -26.90 35.67
CA ARG K 175 20.70 -27.10 34.66
C ARG K 175 19.78 -28.22 35.09
N LEU K 176 20.40 -29.29 35.58
CA LEU K 176 19.68 -30.51 35.99
C LEU K 176 18.76 -30.24 37.17
N LEU K 177 19.25 -29.37 38.02
CA LEU K 177 18.56 -28.98 39.25
C LEU K 177 17.28 -28.25 38.95
N THR K 178 17.39 -27.36 37.99
CA THR K 178 16.26 -26.52 37.56
C THR K 178 15.23 -27.37 36.80
N GLN K 179 15.58 -28.62 36.54
CA GLN K 179 14.64 -29.65 36.01
C GLN K 179 14.20 -30.75 37.05
N GLN K 180 14.33 -30.46 38.34
CA GLN K 180 13.79 -31.38 39.37
C GLN K 180 12.62 -30.75 40.08
N THR L 9 10.25 -9.28 36.74
CA THR L 9 9.07 -9.84 36.03
C THR L 9 8.46 -8.82 35.05
N ARG L 10 8.12 -7.70 35.66
CA ARG L 10 7.43 -6.57 35.01
C ARG L 10 8.31 -5.36 34.69
N ILE L 11 9.39 -5.23 35.43
CA ILE L 11 10.34 -4.12 35.24
C ILE L 11 11.68 -4.65 34.78
N HIS L 12 12.18 -4.09 33.70
CA HIS L 12 13.47 -4.54 33.14
C HIS L 12 14.43 -3.41 32.89
N VAL L 13 15.69 -3.74 33.04
CA VAL L 13 16.79 -2.83 32.74
C VAL L 13 17.49 -3.30 31.48
N VAL L 14 17.52 -2.41 30.52
CA VAL L 14 18.12 -2.68 29.23
C VAL L 14 19.13 -1.59 28.92
N GLN L 15 20.16 -2.02 28.22
CA GLN L 15 21.27 -1.16 27.93
C GLN L 15 21.34 -0.86 26.44
N GLY L 16 21.32 0.42 26.16
CA GLY L 16 21.51 0.90 24.79
C GLY L 16 20.65 2.06 24.37
N ASP L 17 20.28 1.99 23.11
CA ASP L 17 19.57 3.08 22.40
C ASP L 17 18.05 2.85 22.42
N ILE L 18 17.39 3.70 23.18
CA ILE L 18 15.92 3.67 23.37
C ILE L 18 15.09 3.64 22.05
N THR L 19 15.63 4.22 21.01
CA THR L 19 14.93 4.33 19.70
C THR L 19 14.79 3.00 18.96
N LYS L 20 15.53 2.02 19.46
CA LYS L 20 15.58 0.66 18.88
C LYS L 20 14.55 -0.28 19.50
N LEU L 21 14.03 0.16 20.62
CA LEU L 21 13.12 -0.66 21.43
C LEU L 21 11.73 -0.78 20.87
N ALA L 22 11.41 -2.01 20.50
CA ALA L 22 10.04 -2.38 20.04
C ALA L 22 9.08 -2.55 21.21
N VAL L 23 8.66 -1.44 21.75
CA VAL L 23 7.65 -1.43 22.81
C VAL L 23 6.48 -0.57 22.39
N ASP L 24 5.41 -0.60 23.16
CA ASP L 24 4.21 0.18 22.83
C ASP L 24 4.50 1.66 22.80
N VAL L 25 4.98 2.16 23.93
CA VAL L 25 5.36 3.58 24.03
C VAL L 25 6.81 3.78 24.50
N ILE L 26 7.46 4.70 23.81
CA ILE L 26 8.80 5.15 24.30
C ILE L 26 8.66 6.57 24.78
N VAL L 27 9.32 6.80 25.88
CA VAL L 27 9.27 8.09 26.54
C VAL L 27 10.42 8.99 26.12
N ASN L 28 10.04 10.21 25.80
CA ASN L 28 10.99 11.25 25.43
C ASN L 28 11.24 12.26 26.56
N ALA L 29 12.53 12.48 26.83
CA ALA L 29 12.98 13.52 27.76
C ALA L 29 13.01 14.87 27.02
N ALA L 30 11.89 15.55 27.14
CA ALA L 30 11.59 16.75 26.37
C ALA L 30 11.79 18.05 27.13
N ALA L 31 11.75 19.12 26.34
CA ALA L 31 11.67 20.51 26.83
C ALA L 31 10.23 21.03 26.64
N PRO L 32 9.82 22.04 27.43
CA PRO L 32 8.45 22.58 27.34
C PRO L 32 7.95 22.89 25.95
N SER L 33 8.85 23.29 25.08
CA SER L 33 8.53 23.61 23.65
C SER L 33 8.06 22.39 22.84
N LEU L 34 8.58 21.24 23.23
CA LEU L 34 8.32 19.92 22.58
C LEU L 34 8.96 19.81 21.23
N MET L 35 9.91 20.70 20.97
CA MET L 35 10.36 20.90 19.60
C MET L 35 11.56 20.14 19.18
N GLY L 36 12.36 19.67 20.11
CA GLY L 36 13.53 18.88 19.72
C GLY L 36 14.67 19.31 20.59
N GLY L 37 15.71 18.51 20.57
CA GLY L 37 16.84 18.82 21.43
C GLY L 37 18.05 18.03 21.05
N GLY L 38 18.91 17.88 22.05
CA GLY L 38 20.28 17.40 21.85
C GLY L 38 20.79 16.22 22.65
N GLY L 39 19.87 15.57 23.34
CA GLY L 39 20.09 14.25 23.91
C GLY L 39 19.18 13.21 23.30
N VAL L 40 18.31 12.65 24.10
CA VAL L 40 17.37 11.63 23.61
C VAL L 40 16.41 12.25 22.58
N ALA L 41 15.98 13.45 22.92
CA ALA L 41 14.98 14.21 22.12
C ALA L 41 15.39 14.25 20.64
N GLY L 42 16.67 14.47 20.43
CA GLY L 42 17.26 14.50 19.09
C GLY L 42 17.29 13.12 18.45
N ALA L 43 17.81 12.18 19.21
CA ALA L 43 17.84 10.75 18.78
C ALA L 43 16.45 10.29 18.32
N ILE L 44 15.50 10.60 19.17
CA ILE L 44 14.10 10.17 19.00
C ILE L 44 13.49 10.78 17.74
N HIS L 45 13.61 12.09 17.66
CA HIS L 45 13.08 12.85 16.49
C HIS L 45 13.70 12.40 15.18
N ARG L 46 15.00 12.25 15.23
CA ARG L 46 15.74 11.81 14.02
C ARG L 46 15.30 10.43 13.58
N ALA L 47 15.16 9.56 14.55
CA ALA L 47 14.71 8.15 14.33
C ALA L 47 13.26 8.05 13.87
N ALA L 48 12.44 8.90 14.45
CA ALA L 48 10.98 8.93 14.20
C ALA L 48 10.63 9.51 12.82
N GLY L 49 11.42 10.50 12.47
CA GLY L 49 11.22 11.26 11.23
C GLY L 49 10.34 12.47 11.44
N PRO L 50 10.00 13.19 10.34
CA PRO L 50 9.29 14.49 10.40
C PRO L 50 7.89 14.45 10.93
N ALA L 51 7.27 13.28 10.87
CA ALA L 51 5.86 13.13 11.33
C ALA L 51 5.73 13.52 12.81
N LEU L 52 6.79 13.20 13.54
CA LEU L 52 6.80 13.39 15.01
C LEU L 52 6.69 14.87 15.35
N LEU L 53 7.51 15.61 14.63
CA LEU L 53 7.60 17.07 14.80
C LEU L 53 6.26 17.72 14.45
N ASP L 54 5.69 17.30 13.33
CA ASP L 54 4.35 17.78 12.88
C ASP L 54 3.30 17.58 13.98
N ALA L 55 3.38 16.41 14.58
CA ALA L 55 2.50 16.02 15.69
C ALA L 55 2.73 16.88 16.93
N CYS L 56 3.99 17.06 17.25
CA CYS L 56 4.39 17.93 18.39
C CYS L 56 3.94 19.37 18.20
N LEU L 57 3.96 19.81 16.95
CA LEU L 57 3.47 21.14 16.57
C LEU L 57 2.00 21.35 16.84
N LYS L 58 1.23 20.39 16.35
CA LYS L 58 -0.23 20.30 16.57
C LYS L 58 -0.62 20.40 18.05
N VAL L 59 0.16 19.70 18.86
CA VAL L 59 -0.02 19.68 20.34
C VAL L 59 0.21 21.06 20.93
N ARG L 60 1.40 21.56 20.63
CA ARG L 60 1.90 22.93 21.02
C ARG L 60 0.83 23.98 20.72
N GLN L 61 0.38 23.88 19.49
CA GLN L 61 -0.70 24.70 18.92
C GLN L 61 -2.00 24.63 19.74
N GLN L 62 -2.22 23.48 20.30
CA GLN L 62 -3.46 23.15 21.03
C GLN L 62 -3.43 23.36 22.57
N GLN L 63 -2.27 23.14 23.17
CA GLN L 63 -2.08 23.26 24.64
C GLN L 63 -0.90 24.18 25.07
N GLY L 64 -0.29 24.80 24.10
CA GLY L 64 0.91 25.60 24.34
C GLY L 64 2.06 24.77 24.91
N ASP L 65 2.94 25.44 25.63
CA ASP L 65 4.09 24.77 26.24
C ASP L 65 3.62 23.72 27.20
N CYS L 66 4.34 22.62 27.18
CA CYS L 66 4.18 21.53 28.17
C CYS L 66 4.94 21.83 29.47
N PRO L 67 4.21 22.09 30.56
CA PRO L 67 4.88 22.42 31.81
C PRO L 67 5.71 21.31 32.39
N THR L 68 6.67 21.74 33.17
CA THR L 68 7.58 20.84 33.87
C THR L 68 6.77 19.89 34.73
N GLY L 69 7.19 18.65 34.65
CA GLY L 69 6.58 17.55 35.44
C GLY L 69 5.39 16.88 34.75
N HIS L 70 4.98 17.48 33.63
CA HIS L 70 3.82 16.98 32.86
C HIS L 70 4.25 16.30 31.58
N ALA L 71 3.26 15.78 30.90
CA ALA L 71 3.52 14.93 29.74
C ALA L 71 2.38 14.89 28.74
N VAL L 72 2.78 14.60 27.52
CA VAL L 72 1.85 14.44 26.41
C VAL L 72 2.23 13.26 25.57
N ILE L 73 1.24 12.80 24.81
CA ILE L 73 1.41 11.61 23.95
C ILE L 73 1.06 11.94 22.50
N THR L 74 1.89 11.39 21.63
CA THR L 74 1.75 11.57 20.17
C THR L 74 2.06 10.30 19.43
N LEU L 75 1.76 10.32 18.15
CA LEU L 75 2.16 9.25 17.22
C LEU L 75 3.68 9.11 17.23
N ALA L 76 4.17 8.08 16.59
CA ALA L 76 5.63 7.72 16.68
C ALA L 76 6.37 7.56 15.35
N GLY L 77 5.66 7.78 14.28
CA GLY L 77 6.21 7.72 12.91
C GLY L 77 7.06 6.50 12.64
N ASP L 78 8.28 6.71 12.22
CA ASP L 78 9.21 5.59 11.79
C ASP L 78 9.81 4.74 12.93
N LEU L 79 9.56 5.18 14.15
CA LEU L 79 9.97 4.36 15.32
C LEU L 79 9.27 2.99 15.33
N PRO L 80 9.93 1.97 15.91
CA PRO L 80 9.21 0.69 16.05
C PRO L 80 8.16 0.72 17.18
N ALA L 81 8.15 1.77 17.94
CA ALA L 81 7.08 1.99 18.93
C ALA L 81 5.76 2.41 18.28
N LYS L 82 4.71 2.34 19.07
CA LYS L 82 3.33 2.73 18.61
C LYS L 82 3.00 4.14 18.93
N ALA L 83 3.58 4.58 20.02
CA ALA L 83 3.42 5.98 20.42
C ALA L 83 4.66 6.49 21.14
N VAL L 84 4.78 7.80 21.12
CA VAL L 84 5.79 8.50 21.92
C VAL L 84 5.09 9.36 22.95
N VAL L 85 5.58 9.21 24.18
CA VAL L 85 5.20 10.10 25.32
C VAL L 85 6.31 11.09 25.62
N HIS L 86 5.96 12.33 25.47
CA HIS L 86 6.92 13.44 25.66
C HIS L 86 6.65 13.99 27.01
N THR L 87 7.65 13.89 27.83
CA THR L 87 7.56 14.45 29.18
C THR L 87 8.73 15.38 29.48
N VAL L 88 8.42 16.33 30.32
CA VAL L 88 9.36 17.40 30.72
C VAL L 88 9.87 17.26 32.16
N GLY L 89 11.11 16.82 32.23
CA GLY L 89 11.84 16.68 33.51
C GLY L 89 12.22 18.05 34.06
N PRO L 90 12.52 18.11 35.35
CA PRO L 90 13.00 19.36 35.86
C PRO L 90 14.47 19.60 35.60
N VAL L 91 14.77 20.88 35.54
CA VAL L 91 16.17 21.34 35.49
C VAL L 91 16.69 21.34 36.91
N TRP L 92 17.86 20.72 37.05
CA TRP L 92 18.48 20.56 38.38
C TRP L 92 19.08 21.89 38.86
N ARG L 93 18.69 22.25 40.07
CA ARG L 93 19.05 23.55 40.71
C ARG L 93 19.58 23.44 42.17
N GLY L 94 20.13 22.28 42.50
CA GLY L 94 20.71 22.03 43.84
C GLY L 94 19.82 21.23 44.78
N GLY L 95 18.57 21.09 44.38
CA GLY L 95 17.62 20.22 45.10
C GLY L 95 16.63 20.93 46.01
N GLU L 96 16.69 22.26 46.04
CA GLU L 96 15.88 23.09 46.95
C GLU L 96 14.67 23.72 46.29
N GLN L 97 14.48 23.34 45.05
CA GLN L 97 13.48 23.94 44.15
C GLN L 97 12.40 22.97 43.72
N ASN L 98 12.12 22.02 44.60
CA ASN L 98 11.05 21.00 44.40
C ASN L 98 11.35 20.04 43.24
N GLU L 99 12.63 19.89 42.92
CA GLU L 99 13.08 19.09 41.74
C GLU L 99 12.73 17.62 41.84
N ASP L 100 12.96 17.09 43.03
CA ASP L 100 12.68 15.67 43.37
C ASP L 100 11.19 15.30 43.10
N GLN L 101 10.31 16.17 43.57
CA GLN L 101 8.81 16.06 43.43
C GLN L 101 8.45 16.11 41.93
N LEU L 102 9.08 17.03 41.22
CA LEU L 102 8.80 17.28 39.77
C LEU L 102 9.27 16.16 38.85
N LEU L 103 10.39 15.57 39.22
CA LEU L 103 10.92 14.41 38.50
C LEU L 103 9.97 13.23 38.67
N GLN L 104 9.55 13.06 39.91
CA GLN L 104 8.52 12.07 40.31
C GLN L 104 7.28 12.22 39.42
N ASP L 105 6.83 13.45 39.35
CA ASP L 105 5.63 13.84 38.57
C ASP L 105 5.76 13.48 37.09
N ALA L 106 6.95 13.70 36.58
CA ALA L 106 7.28 13.37 35.17
C ALA L 106 7.05 11.88 34.88
N TYR L 107 7.57 11.07 35.77
CA TYR L 107 7.45 9.61 35.67
C TYR L 107 5.98 9.20 35.83
N LEU L 108 5.36 9.73 36.87
CA LEU L 108 3.94 9.45 37.19
C LEU L 108 3.01 9.76 36.02
N ASN L 109 3.04 11.01 35.61
CA ASN L 109 2.13 11.49 34.51
C ASN L 109 2.35 10.75 33.19
N SER L 110 3.60 10.36 32.97
CA SER L 110 3.98 9.56 31.79
C SER L 110 3.28 8.21 31.81
N LEU L 111 3.46 7.54 32.93
CA LEU L 111 2.80 6.24 33.21
C LEU L 111 1.29 6.31 33.06
N ARG L 112 0.75 7.34 33.68
CA ARG L 112 -0.71 7.61 33.66
C ARG L 112 -1.25 7.73 32.22
N LEU L 113 -0.50 8.45 31.40
CA LEU L 113 -0.84 8.58 29.98
C LEU L 113 -0.74 7.26 29.20
N VAL L 114 0.30 6.50 29.49
CA VAL L 114 0.47 5.20 28.83
C VAL L 114 -0.77 4.38 29.07
N ALA L 115 -1.14 4.38 30.32
CA ALA L 115 -2.29 3.60 30.83
C ALA L 115 -3.59 4.07 30.21
N ALA L 116 -3.78 5.36 30.29
CA ALA L 116 -5.03 6.05 29.80
C ALA L 116 -5.28 5.82 28.31
N ASN L 117 -4.20 5.50 27.62
CA ASN L 117 -4.23 5.22 26.15
C ASN L 117 -4.19 3.74 25.82
N SER L 118 -4.35 2.96 26.87
CA SER L 118 -4.49 1.47 26.82
C SER L 118 -3.26 0.76 26.34
N TYR L 119 -2.13 1.35 26.63
CA TYR L 119 -0.83 0.75 26.24
C TYR L 119 -0.29 -0.13 27.37
N THR L 120 0.37 -1.19 26.97
CA THR L 120 0.78 -2.23 27.94
C THR L 120 2.26 -2.17 28.31
N SER L 121 3.06 -1.65 27.40
CA SER L 121 4.52 -1.54 27.56
C SER L 121 5.08 -0.15 27.28
N VAL L 122 5.99 0.24 28.16
CA VAL L 122 6.67 1.55 28.08
C VAL L 122 8.16 1.52 28.39
N ALA L 123 8.89 2.26 27.58
CA ALA L 123 10.36 2.44 27.77
C ALA L 123 10.71 3.84 28.24
N PHE L 124 11.56 3.87 29.24
CA PHE L 124 12.06 5.13 29.89
C PHE L 124 13.57 5.39 29.78
N PRO L 125 13.94 6.62 29.43
CA PRO L 125 15.30 6.99 29.57
C PRO L 125 15.52 7.61 30.91
N ALA L 126 16.78 7.88 31.18
CA ALA L 126 17.17 8.52 32.44
C ALA L 126 16.86 10.03 32.42
N ILE L 127 15.58 10.33 32.62
CA ILE L 127 15.04 11.70 32.55
C ILE L 127 15.76 12.64 33.51
N SER L 128 16.10 13.80 32.95
CA SER L 128 16.75 14.97 33.66
C SER L 128 18.27 14.85 33.94
N THR L 129 18.81 13.68 33.64
CA THR L 129 20.23 13.33 34.00
C THR L 129 21.26 13.75 32.98
N GLY L 130 20.79 14.14 31.83
CA GLY L 130 21.68 14.64 30.77
C GLY L 130 21.94 16.13 30.87
N VAL L 131 21.41 16.85 29.90
CA VAL L 131 21.56 18.32 29.79
C VAL L 131 20.96 19.02 31.04
N TYR L 132 19.88 18.46 31.55
CA TYR L 132 19.17 19.07 32.72
C TYR L 132 19.90 18.87 34.06
N GLY L 133 20.98 18.10 33.98
CA GLY L 133 22.02 18.00 35.05
C GLY L 133 21.65 17.44 36.42
N TYR L 134 20.73 16.50 36.41
CA TYR L 134 20.27 15.85 37.67
C TYR L 134 21.30 14.81 38.09
N PRO L 135 21.76 14.85 39.36
CA PRO L 135 22.65 13.80 39.85
C PRO L 135 22.13 12.39 39.56
N ARG L 136 22.93 11.67 38.80
CA ARG L 136 22.57 10.34 38.23
C ARG L 136 21.96 9.35 39.22
N ALA L 137 22.51 9.37 40.42
CA ALA L 137 22.17 8.38 41.48
C ALA L 137 20.84 8.69 42.20
N ALA L 138 20.68 9.96 42.53
CA ALA L 138 19.45 10.48 43.20
C ALA L 138 18.23 10.33 42.29
N ALA L 139 18.49 10.64 41.03
CA ALA L 139 17.49 10.54 39.93
C ALA L 139 16.97 9.11 39.74
N ALA L 140 17.92 8.20 39.54
CA ALA L 140 17.64 6.76 39.34
C ALA L 140 16.86 6.16 40.52
N GLU L 141 17.16 6.67 41.71
CA GLU L 141 16.46 6.27 42.98
C GLU L 141 14.96 6.62 42.91
N ILE L 142 14.71 7.85 42.47
CA ILE L 142 13.33 8.37 42.26
C ILE L 142 12.59 7.61 41.13
N ALA L 143 13.31 7.41 40.05
CA ALA L 143 12.78 6.68 38.85
C ALA L 143 12.28 5.30 39.27
N VAL L 144 13.18 4.55 39.85
CA VAL L 144 12.92 3.16 40.27
C VAL L 144 11.81 3.07 41.33
N LYS L 145 11.92 3.92 42.33
CA LYS L 145 10.94 3.94 43.43
C LYS L 145 9.53 4.23 42.90
N THR L 146 9.45 5.34 42.18
CA THR L 146 8.18 5.86 41.63
C THR L 146 7.49 4.84 40.71
N VAL L 147 8.27 4.33 39.77
CA VAL L 147 7.79 3.33 38.78
C VAL L 147 7.34 2.02 39.44
N SER L 148 8.18 1.54 40.34
CA SER L 148 7.93 0.30 41.14
C SER L 148 6.67 0.36 41.99
N GLU L 149 6.57 1.45 42.74
CA GLU L 149 5.36 1.71 43.56
C GLU L 149 4.09 1.83 42.70
N PHE L 150 4.26 2.42 41.52
CA PHE L 150 3.12 2.64 40.59
C PHE L 150 2.59 1.33 40.00
N ILE L 151 3.50 0.55 39.48
CA ILE L 151 3.23 -0.74 38.84
C ILE L 151 2.57 -1.72 39.89
N THR L 152 2.99 -1.55 41.12
CA THR L 152 2.41 -2.29 42.28
C THR L 152 0.91 -1.98 42.45
N ARG L 153 0.58 -0.72 42.29
CA ARG L 153 -0.82 -0.24 42.44
C ARG L 153 -1.68 -0.33 41.18
N HIS L 154 -1.09 -0.73 40.07
CA HIS L 154 -1.78 -0.67 38.74
C HIS L 154 -1.49 -1.79 37.75
N ALA L 155 -2.54 -2.20 37.07
CA ALA L 155 -2.43 -3.30 36.04
C ALA L 155 -1.67 -2.85 34.82
N LEU L 156 -1.93 -1.59 34.49
CA LEU L 156 -1.32 -0.93 33.35
C LEU L 156 -0.39 0.22 33.77
N PRO L 157 0.80 0.29 33.16
CA PRO L 157 1.30 -0.63 32.15
C PRO L 157 1.78 -1.94 32.77
N GLU L 158 1.75 -2.95 31.93
CA GLU L 158 2.16 -4.30 32.33
C GLU L 158 3.67 -4.40 32.44
N GLN L 159 4.31 -3.92 31.39
CA GLN L 159 5.76 -3.99 31.23
C GLN L 159 6.40 -2.60 31.20
N VAL L 160 7.46 -2.46 31.97
CA VAL L 160 8.30 -1.24 31.97
C VAL L 160 9.77 -1.54 31.71
N TYR L 161 10.32 -0.81 30.75
CA TYR L 161 11.76 -0.88 30.46
C TYR L 161 12.50 0.38 30.82
N PHE L 162 13.50 0.23 31.65
CA PHE L 162 14.47 1.33 31.94
C PHE L 162 15.66 1.24 31.00
N VAL L 163 15.66 2.15 30.05
CA VAL L 163 16.73 2.19 29.05
C VAL L 163 17.88 3.07 29.53
N CYS L 164 19.01 2.42 29.64
CA CYS L 164 20.26 3.02 30.11
C CYS L 164 21.31 3.11 29.02
N TYR L 165 21.88 4.31 28.89
CA TYR L 165 22.74 4.67 27.73
C TYR L 165 24.20 4.24 27.88
N ASP L 166 24.58 3.99 29.11
CA ASP L 166 25.92 3.50 29.47
C ASP L 166 25.86 2.37 30.50
N GLU L 167 26.96 1.64 30.61
CA GLU L 167 27.09 0.50 31.54
C GLU L 167 26.97 0.89 33.03
N GLU L 168 27.61 2.02 33.35
CA GLU L 168 27.64 2.53 34.73
C GLU L 168 26.22 2.75 35.26
N ASN L 169 25.44 3.44 34.44
CA ASN L 169 24.01 3.74 34.72
C ASN L 169 23.17 2.46 34.81
N ALA L 170 23.38 1.59 33.84
CA ALA L 170 22.70 0.28 33.78
C ALA L 170 22.85 -0.49 35.11
N HIS L 171 24.09 -0.62 35.57
CA HIS L 171 24.39 -1.30 36.90
C HIS L 171 23.72 -0.61 38.06
N LEU L 172 23.76 0.70 38.01
CA LEU L 172 23.14 1.59 39.01
C LEU L 172 21.68 1.21 39.27
N TYR L 173 20.95 1.17 38.16
CA TYR L 173 19.52 0.80 38.12
C TYR L 173 19.32 -0.63 38.64
N GLU L 174 20.06 -1.54 38.03
CA GLU L 174 20.04 -3.00 38.37
C GLU L 174 20.18 -3.26 39.88
N ARG L 175 21.09 -2.51 40.47
CA ARG L 175 21.42 -2.59 41.90
C ARG L 175 20.23 -2.07 42.75
N LEU L 176 19.67 -0.96 42.30
CA LEU L 176 18.53 -0.30 42.98
C LEU L 176 17.25 -1.16 42.96
N LEU L 177 17.11 -1.85 41.84
CA LEU L 177 15.96 -2.74 41.60
C LEU L 177 15.94 -3.94 42.53
N THR L 178 17.11 -4.49 42.70
CA THR L 178 17.29 -5.64 43.62
C THR L 178 17.09 -5.23 45.09
N GLN L 179 16.83 -3.93 45.28
CA GLN L 179 16.55 -3.28 46.59
C GLN L 179 15.07 -3.06 46.91
N GLN L 180 14.17 -3.64 46.13
CA GLN L 180 12.73 -3.33 46.31
C GLN L 180 11.92 -4.53 46.78
N THR M 9 -19.51 -1.66 66.68
CA THR M 9 -20.31 -2.84 66.17
C THR M 9 -20.42 -3.00 64.60
N ARG M 10 -21.37 -2.27 64.08
CA ARG M 10 -21.69 -2.21 62.62
C ARG M 10 -21.16 -0.95 61.93
N ILE M 11 -20.99 0.09 62.72
CA ILE M 11 -20.52 1.37 62.22
C ILE M 11 -19.17 1.69 62.84
N HIS M 12 -18.22 2.01 61.99
CA HIS M 12 -16.85 2.34 62.46
C HIS M 12 -16.33 3.62 61.91
N VAL M 13 -15.50 4.24 62.72
CA VAL M 13 -14.77 5.43 62.32
C VAL M 13 -13.30 5.08 62.14
N VAL M 14 -12.82 5.35 60.95
CA VAL M 14 -11.43 5.10 60.62
C VAL M 14 -10.82 6.39 60.07
N GLN M 15 -9.55 6.56 60.39
CA GLN M 15 -8.82 7.74 59.99
C GLN M 15 -7.79 7.41 58.96
N GLY M 16 -7.90 8.11 57.86
CA GLY M 16 -6.94 8.01 56.76
C GLY M 16 -7.50 8.12 55.36
N ASP M 17 -6.85 7.38 54.48
CA ASP M 17 -7.10 7.42 53.03
C ASP M 17 -8.07 6.32 52.59
N ILE M 18 -9.25 6.78 52.18
CA ILE M 18 -10.37 5.90 51.75
C ILE M 18 -10.00 4.89 50.67
N THR M 19 -9.04 5.25 49.85
CA THR M 19 -8.62 4.40 48.68
C THR M 19 -7.86 3.17 49.07
N LYS M 20 -7.48 3.15 50.32
CA LYS M 20 -6.73 2.01 50.93
C LYS M 20 -7.62 0.94 51.54
N LEU M 21 -8.86 1.32 51.75
CA LEU M 21 -9.83 0.48 52.45
C LEU M 21 -10.31 -0.69 51.62
N ALA M 22 -9.96 -1.86 52.09
CA ALA M 22 -10.46 -3.14 51.51
C ALA M 22 -11.90 -3.42 52.00
N VAL M 23 -12.84 -2.71 51.41
CA VAL M 23 -14.26 -2.95 51.68
C VAL M 23 -14.96 -3.27 50.37
N ASP M 24 -16.20 -3.71 50.46
CA ASP M 24 -16.97 -4.10 49.25
C ASP M 24 -17.11 -2.90 48.33
N VAL M 25 -17.60 -1.84 48.92
CA VAL M 25 -17.81 -0.58 48.21
C VAL M 25 -17.18 0.63 48.85
N ILE M 26 -16.59 1.44 47.99
CA ILE M 26 -16.04 2.75 48.33
C ILE M 26 -16.89 3.84 47.73
N VAL M 27 -17.25 4.80 48.56
CA VAL M 27 -18.08 5.93 48.09
C VAL M 27 -17.25 7.14 47.68
N ASN M 28 -17.58 7.62 46.50
CA ASN M 28 -16.97 8.84 45.91
C ASN M 28 -17.86 10.08 46.04
N ALA M 29 -17.25 11.14 46.56
CA ALA M 29 -17.86 12.49 46.61
C ALA M 29 -17.67 13.21 45.28
N ALA M 30 -18.68 13.02 44.45
CA ALA M 30 -18.59 13.36 43.01
C ALA M 30 -19.30 14.64 42.67
N ALA M 31 -19.05 15.06 41.44
CA ALA M 31 -19.81 16.14 40.75
C ALA M 31 -20.75 15.53 39.71
N PRO M 32 -21.83 16.25 39.34
CA PRO M 32 -22.83 15.72 38.39
C PRO M 32 -22.29 15.11 37.10
N SER M 33 -21.16 15.64 36.65
CA SER M 33 -20.46 15.12 35.45
C SER M 33 -19.95 13.69 35.62
N LEU M 34 -19.57 13.39 36.85
CA LEU M 34 -18.94 12.09 37.26
C LEU M 34 -17.52 11.93 36.75
N MET M 35 -16.92 13.03 36.36
CA MET M 35 -15.67 12.97 35.56
C MET M 35 -14.41 13.39 36.27
N GLY M 36 -14.37 13.13 37.56
CA GLY M 36 -13.11 13.24 38.26
C GLY M 36 -12.99 14.67 38.73
N GLY M 37 -12.13 14.86 39.69
CA GLY M 37 -12.00 16.17 40.29
C GLY M 37 -10.80 16.32 41.20
N GLY M 38 -10.99 17.16 42.20
CA GLY M 38 -9.96 17.45 43.20
C GLY M 38 -10.45 16.71 44.44
N GLY M 39 -9.78 16.76 45.57
CA GLY M 39 -10.28 16.00 46.76
C GLY M 39 -10.38 14.51 46.58
N VAL M 40 -11.45 13.90 47.05
CA VAL M 40 -11.52 12.41 47.05
C VAL M 40 -11.60 11.88 45.62
N ALA M 41 -12.43 12.56 44.85
CA ALA M 41 -12.70 12.17 43.45
C ALA M 41 -11.39 11.90 42.70
N GLY M 42 -10.45 12.77 42.91
CA GLY M 42 -9.13 12.68 42.25
C GLY M 42 -8.34 11.52 42.82
N ALA M 43 -8.27 11.50 44.14
CA ALA M 43 -7.58 10.38 44.87
C ALA M 43 -8.08 9.00 44.35
N ILE M 44 -9.40 8.92 44.29
CA ILE M 44 -10.12 7.68 43.93
C ILE M 44 -9.83 7.25 42.50
N HIS M 45 -10.01 8.21 41.60
CA HIS M 45 -9.71 8.00 40.15
C HIS M 45 -8.27 7.61 39.92
N ARG M 46 -7.38 8.33 40.55
CA ARG M 46 -5.92 8.08 40.39
C ARG M 46 -5.54 6.69 40.90
N ALA M 47 -6.09 6.36 42.05
CA ALA M 47 -5.92 5.01 42.69
C ALA M 47 -6.55 3.86 41.88
N ALA M 48 -7.72 4.15 41.33
CA ALA M 48 -8.54 3.16 40.58
C ALA M 48 -7.97 2.84 39.20
N GLY M 49 -7.44 3.88 38.61
CA GLY M 49 -6.87 3.84 37.25
C GLY M 49 -7.90 4.25 36.21
N PRO M 50 -7.51 4.20 34.91
CA PRO M 50 -8.37 4.60 33.80
C PRO M 50 -9.71 3.86 33.60
N ALA M 51 -9.79 2.64 34.10
CA ALA M 51 -11.02 1.81 33.94
C ALA M 51 -12.24 2.54 34.53
N LEU M 52 -11.96 3.25 35.61
CA LEU M 52 -13.00 3.91 36.40
C LEU M 52 -13.68 4.99 35.56
N LEU M 53 -12.82 5.76 34.93
CA LEU M 53 -13.22 6.87 34.09
C LEU M 53 -14.04 6.35 32.90
N ASP M 54 -13.53 5.31 32.26
CA ASP M 54 -14.25 4.64 31.13
C ASP M 54 -15.67 4.27 31.54
N ALA M 55 -15.75 3.74 32.75
CA ALA M 55 -17.04 3.28 33.33
C ALA M 55 -17.95 4.46 33.60
N CYS M 56 -17.36 5.48 34.18
CA CYS M 56 -18.10 6.75 34.45
C CYS M 56 -18.64 7.40 33.16
N LEU M 57 -17.86 7.28 32.11
CA LEU M 57 -18.26 7.76 30.77
C LEU M 57 -19.49 7.07 30.24
N LYS M 58 -19.43 5.75 30.30
CA LYS M 58 -20.55 4.84 29.90
C LYS M 58 -21.85 5.22 30.57
N VAL M 59 -21.73 5.50 31.85
CA VAL M 59 -22.88 5.89 32.70
C VAL M 59 -23.47 7.21 32.23
N ARG M 60 -22.58 8.20 32.17
CA ARG M 60 -22.88 9.58 31.66
C ARG M 60 -23.63 9.53 30.33
N GLN M 61 -23.04 8.73 29.45
CA GLN M 61 -23.57 8.45 28.10
C GLN M 61 -25.01 7.93 28.18
N GLN M 62 -25.26 7.18 29.22
CA GLN M 62 -26.52 6.42 29.37
C GLN M 62 -27.62 7.14 30.14
N GLN M 63 -27.19 7.94 31.09
CA GLN M 63 -28.10 8.60 32.05
C GLN M 63 -27.87 10.12 32.19
N GLY M 64 -26.92 10.60 31.43
CA GLY M 64 -26.50 11.99 31.51
C GLY M 64 -25.92 12.34 32.87
N ASP M 65 -26.03 13.62 33.22
CA ASP M 65 -25.53 14.10 34.51
C ASP M 65 -26.25 13.39 35.62
N CYS M 66 -25.47 13.05 36.63
CA CYS M 66 -26.00 12.55 37.92
C CYS M 66 -26.48 13.70 38.80
N PRO M 67 -27.79 13.80 38.98
CA PRO M 67 -28.30 14.90 39.79
C PRO M 67 -27.88 14.90 41.26
N THR M 68 -27.91 16.07 41.82
CA THR M 68 -27.58 16.29 43.23
C THR M 68 -28.49 15.45 44.10
N GLY M 69 -27.87 14.82 45.07
CA GLY M 69 -28.54 13.94 46.05
C GLY M 69 -28.67 12.48 45.62
N HIS M 70 -28.31 12.24 44.38
CA HIS M 70 -28.43 10.89 43.79
C HIS M 70 -27.09 10.21 43.68
N ALA M 71 -27.13 8.99 43.21
CA ALA M 71 -25.93 8.18 43.15
C ALA M 71 -25.98 7.08 42.10
N VAL M 72 -24.79 6.69 41.70
CA VAL M 72 -24.58 5.60 40.75
C VAL M 72 -23.45 4.70 41.22
N ILE M 73 -23.48 3.49 40.70
CA ILE M 73 -22.46 2.50 41.01
C ILE M 73 -21.76 1.99 39.75
N THR M 74 -20.46 1.79 39.91
CA THR M 74 -19.58 1.29 38.85
C THR M 74 -18.55 0.35 39.38
N LEU M 75 -17.86 -0.29 38.45
CA LEU M 75 -16.67 -1.08 38.77
C LEU M 75 -15.62 -0.21 39.45
N ALA M 76 -14.57 -0.84 39.96
CA ALA M 76 -13.58 -0.13 40.83
C ALA M 76 -12.10 -0.24 40.40
N GLY M 77 -11.90 -0.92 39.30
CA GLY M 77 -10.57 -1.13 38.74
C GLY M 77 -9.53 -1.55 39.74
N ASP M 78 -8.45 -0.78 39.82
CA ASP M 78 -7.26 -1.14 40.67
C ASP M 78 -7.46 -0.97 42.18
N LEU M 79 -8.57 -0.37 42.56
CA LEU M 79 -8.91 -0.23 43.98
C LEU M 79 -9.03 -1.60 44.64
N PRO M 80 -8.73 -1.70 45.96
CA PRO M 80 -9.00 -2.97 46.64
C PRO M 80 -10.51 -3.22 46.91
N ALA M 81 -11.33 -2.21 46.67
CA ALA M 81 -12.79 -2.39 46.72
C ALA M 81 -13.30 -3.17 45.53
N LYS M 82 -14.54 -3.61 45.65
CA LYS M 82 -15.21 -4.35 44.57
C LYS M 82 -16.01 -3.45 43.65
N ALA M 83 -16.48 -2.38 44.22
CA ALA M 83 -17.22 -1.40 43.46
C ALA M 83 -17.04 -0.01 44.04
N VAL M 84 -17.31 0.96 43.17
CA VAL M 84 -17.36 2.38 43.60
C VAL M 84 -18.75 2.91 43.37
N VAL M 85 -19.23 3.56 44.41
CA VAL M 85 -20.47 4.31 44.36
C VAL M 85 -20.14 5.79 44.29
N HIS M 86 -20.58 6.38 43.21
CA HIS M 86 -20.40 7.80 42.98
C HIS M 86 -21.67 8.48 43.37
N THR M 87 -21.56 9.37 44.34
CA THR M 87 -22.70 10.19 44.75
C THR M 87 -22.37 11.67 44.77
N VAL M 88 -23.41 12.43 44.52
CA VAL M 88 -23.33 13.90 44.36
C VAL M 88 -23.95 14.64 45.55
N GLY M 89 -23.06 15.14 46.38
CA GLY M 89 -23.44 15.97 47.54
C GLY M 89 -23.90 17.36 47.11
N PRO M 90 -24.62 18.08 48.00
CA PRO M 90 -25.01 19.40 47.60
C PRO M 90 -23.92 20.40 47.85
N VAL M 91 -24.00 21.47 47.10
CA VAL M 91 -23.16 22.64 47.34
C VAL M 91 -23.81 23.44 48.48
N TRP M 92 -23.01 23.77 49.46
CA TRP M 92 -23.47 24.59 50.61
C TRP M 92 -23.65 26.03 50.18
N ARG M 93 -24.86 26.50 50.44
CA ARG M 93 -25.27 27.90 50.11
C ARG M 93 -25.70 28.64 51.40
N GLY M 94 -25.41 28.06 52.55
CA GLY M 94 -25.72 28.72 53.83
C GLY M 94 -26.98 28.27 54.56
N GLY M 95 -27.71 27.29 54.01
CA GLY M 95 -28.77 26.55 54.78
C GLY M 95 -30.24 26.56 54.40
N GLU M 96 -30.62 27.53 53.60
CA GLU M 96 -32.03 27.74 53.18
C GLU M 96 -32.25 27.43 51.69
N GLN M 97 -31.42 26.53 51.17
CA GLN M 97 -31.56 25.98 49.80
C GLN M 97 -31.75 24.46 49.75
N ASN M 98 -32.34 23.92 50.80
CA ASN M 98 -32.66 22.46 50.91
C ASN M 98 -31.43 21.53 50.99
N GLU M 99 -30.33 22.10 51.44
CA GLU M 99 -29.01 21.40 51.46
C GLU M 99 -28.95 20.21 52.38
N ASP M 100 -29.53 20.41 53.55
CA ASP M 100 -29.62 19.35 54.58
C ASP M 100 -30.28 18.08 54.05
N GLN M 101 -31.41 18.30 53.39
CA GLN M 101 -32.26 17.23 52.79
C GLN M 101 -31.49 16.46 51.70
N LEU M 102 -30.82 17.24 50.88
CA LEU M 102 -30.05 16.73 49.72
C LEU M 102 -28.81 15.93 50.13
N LEU M 103 -28.19 16.37 51.20
CA LEU M 103 -27.03 15.63 51.79
C LEU M 103 -27.47 14.27 52.36
N GLN M 104 -28.57 14.33 53.05
CA GLN M 104 -29.29 13.14 53.54
C GLN M 104 -29.54 12.14 52.39
N ASP M 105 -30.11 12.68 51.33
CA ASP M 105 -30.47 11.90 50.10
C ASP M 105 -29.25 11.21 49.50
N ALA M 106 -28.14 11.94 49.52
CA ALA M 106 -26.86 11.41 49.01
C ALA M 106 -26.44 10.15 49.77
N TYR M 107 -26.52 10.25 51.07
CA TYR M 107 -26.18 9.12 51.97
C TYR M 107 -27.17 7.94 51.78
N LEU M 108 -28.44 8.30 51.79
CA LEU M 108 -29.54 7.31 51.60
C LEU M 108 -29.41 6.52 50.31
N ASN M 109 -29.41 7.24 49.20
CA ASN M 109 -29.35 6.61 47.84
C ASN M 109 -28.11 5.78 47.64
N SER M 110 -27.04 6.23 48.25
CA SER M 110 -25.76 5.51 48.24
C SER M 110 -25.92 4.12 48.89
N LEU M 111 -26.40 4.18 50.12
CA LEU M 111 -26.69 2.98 50.94
C LEU M 111 -27.63 2.00 50.20
N ARG M 112 -28.70 2.58 49.67
CA ARG M 112 -29.69 1.83 48.89
C ARG M 112 -29.05 1.06 47.72
N LEU M 113 -28.16 1.73 47.02
CA LEU M 113 -27.41 1.11 45.90
C LEU M 113 -26.48 0.00 46.34
N VAL M 114 -25.79 0.26 47.44
CA VAL M 114 -24.90 -0.77 48.00
C VAL M 114 -25.70 -2.05 48.24
N ALA M 115 -26.83 -1.84 48.88
CA ALA M 115 -27.75 -2.93 49.25
C ALA M 115 -28.31 -3.64 48.03
N ALA M 116 -28.85 -2.85 47.13
CA ALA M 116 -29.46 -3.33 45.85
C ALA M 116 -28.50 -4.18 44.99
N ASN M 117 -27.23 -3.96 45.19
CA ASN M 117 -26.15 -4.70 44.48
C ASN M 117 -25.52 -5.80 45.32
N SER M 118 -26.18 -6.06 46.43
CA SER M 118 -25.88 -7.20 47.34
C SER M 118 -24.50 -7.07 48.00
N TYR M 119 -24.09 -5.84 48.22
CA TYR M 119 -22.83 -5.57 48.94
C TYR M 119 -23.06 -5.43 50.45
N THR M 120 -22.08 -5.89 51.21
CA THR M 120 -22.22 -6.00 52.70
C THR M 120 -21.53 -4.91 53.47
N SER M 121 -20.48 -4.38 52.85
CA SER M 121 -19.63 -3.30 53.45
C SER M 121 -19.41 -2.10 52.55
N VAL M 122 -19.52 -0.94 53.17
CA VAL M 122 -19.34 0.36 52.48
C VAL M 122 -18.52 1.37 53.29
N ALA M 123 -17.62 2.04 52.58
CA ALA M 123 -16.84 3.18 53.14
C ALA M 123 -17.28 4.54 52.61
N PHE M 124 -17.45 5.47 53.55
CA PHE M 124 -17.89 6.85 53.27
C PHE M 124 -16.87 7.95 53.61
N PRO M 125 -16.67 8.89 52.69
CA PRO M 125 -15.97 10.09 53.07
C PRO M 125 -16.93 11.15 53.54
N ALA M 126 -16.34 12.23 54.00
CA ALA M 126 -17.12 13.37 54.53
C ALA M 126 -17.70 14.19 53.36
N ILE M 127 -18.77 13.67 52.80
CA ILE M 127 -19.43 14.24 51.60
C ILE M 127 -19.84 15.69 51.83
N SER M 128 -19.51 16.51 50.83
CA SER M 128 -19.88 17.97 50.74
C SER M 128 -19.06 18.93 51.61
N THR M 129 -18.19 18.37 52.44
CA THR M 129 -17.43 19.15 53.45
C THR M 129 -16.11 19.74 52.94
N GLY M 130 -15.71 19.30 51.76
CA GLY M 130 -14.50 19.84 51.13
C GLY M 130 -14.76 21.09 50.29
N VAL M 131 -14.58 20.92 48.99
CA VAL M 131 -14.75 22.03 48.01
C VAL M 131 -16.23 22.53 48.01
N TYR M 132 -17.18 21.64 48.30
CA TYR M 132 -18.64 22.01 48.35
C TYR M 132 -19.05 22.80 49.62
N GLY M 133 -18.10 22.93 50.51
CA GLY M 133 -18.12 23.91 51.62
C GLY M 133 -19.21 23.78 52.68
N TYR M 134 -19.59 22.55 52.96
CA TYR M 134 -20.61 22.26 54.00
C TYR M 134 -19.95 22.34 55.39
N PRO M 135 -20.52 23.10 56.35
CA PRO M 135 -20.01 23.13 57.71
C PRO M 135 -19.83 21.72 58.26
N ARG M 136 -18.59 21.44 58.59
CA ARG M 136 -18.06 20.11 58.98
C ARG M 136 -18.92 19.40 60.04
N ALA M 137 -19.46 20.18 60.97
CA ALA M 137 -20.21 19.65 62.17
C ALA M 137 -21.67 19.30 61.87
N ALA M 138 -22.32 20.20 61.16
CA ALA M 138 -23.73 20.04 60.73
C ALA M 138 -23.88 18.84 59.77
N ALA M 139 -22.91 18.78 58.87
CA ALA M 139 -22.76 17.67 57.89
C ALA M 139 -22.61 16.29 58.55
N ALA M 140 -21.58 16.19 59.36
CA ALA M 140 -21.19 14.92 60.05
C ALA M 140 -22.36 14.36 60.86
N GLU M 141 -23.20 15.25 61.27
CA GLU M 141 -24.29 14.85 62.10
C GLU M 141 -25.45 14.29 61.31
N ILE M 142 -25.69 14.91 60.17
CA ILE M 142 -26.60 14.34 59.16
C ILE M 142 -26.10 12.94 58.70
N ALA M 143 -24.80 12.88 58.44
CA ALA M 143 -24.15 11.63 57.98
C ALA M 143 -24.44 10.51 58.99
N VAL M 144 -24.07 10.80 60.22
CA VAL M 144 -24.19 9.83 61.34
C VAL M 144 -25.67 9.43 61.61
N LYS M 145 -26.52 10.43 61.69
CA LYS M 145 -27.97 10.22 61.96
C LYS M 145 -28.59 9.35 60.87
N THR M 146 -28.39 9.78 59.64
CA THR M 146 -28.96 9.13 58.44
C THR M 146 -28.52 7.66 58.29
N VAL M 147 -27.21 7.48 58.37
CA VAL M 147 -26.58 6.12 58.27
C VAL M 147 -27.04 5.18 59.39
N SER M 148 -27.01 5.72 60.60
CA SER M 148 -27.40 4.99 61.85
C SER M 148 -28.85 4.54 61.80
N GLU M 149 -29.72 5.48 61.49
CA GLU M 149 -31.16 5.20 61.33
C GLU M 149 -31.45 4.18 60.21
N PHE M 150 -30.67 4.28 59.15
CA PHE M 150 -30.80 3.36 58.00
C PHE M 150 -30.42 1.91 58.35
N ILE M 151 -29.26 1.76 58.95
CA ILE M 151 -28.75 0.39 59.28
C ILE M 151 -29.62 -0.27 60.33
N THR M 152 -30.25 0.58 61.11
CA THR M 152 -31.26 0.19 62.10
C THR M 152 -32.48 -0.46 61.43
N ARG M 153 -32.91 0.09 60.30
CA ARG M 153 -34.10 -0.47 59.58
C ARG M 153 -33.75 -1.50 58.49
N HIS M 154 -32.47 -1.78 58.31
CA HIS M 154 -32.00 -2.64 57.20
C HIS M 154 -30.79 -3.54 57.54
N ALA M 155 -30.82 -4.72 56.96
CA ALA M 155 -29.81 -5.78 57.18
C ALA M 155 -28.58 -5.60 56.28
N LEU M 156 -28.82 -4.92 55.18
CA LEU M 156 -27.76 -4.50 54.25
C LEU M 156 -27.71 -2.97 54.10
N PRO M 157 -26.49 -2.39 54.14
CA PRO M 157 -25.22 -3.04 54.37
C PRO M 157 -25.03 -3.42 55.82
N GLU M 158 -24.25 -4.45 56.00
CA GLU M 158 -23.91 -4.97 57.35
C GLU M 158 -22.95 -4.03 58.07
N GLN M 159 -21.91 -3.67 57.35
CA GLN M 159 -20.79 -2.86 57.87
C GLN M 159 -20.66 -1.51 57.14
N VAL M 160 -20.55 -0.47 57.95
CA VAL M 160 -20.31 0.90 57.43
C VAL M 160 -19.08 1.56 58.06
N TYR M 161 -18.22 2.04 57.19
CA TYR M 161 -17.02 2.79 57.62
C TYR M 161 -17.08 4.25 57.26
N PHE M 162 -16.96 5.07 58.28
CA PHE M 162 -16.81 6.51 58.08
C PHE M 162 -15.33 6.82 58.02
N VAL M 163 -14.87 7.12 56.82
CA VAL M 163 -13.46 7.48 56.59
C VAL M 163 -13.26 8.97 56.72
N CYS M 164 -12.42 9.29 57.68
CA CYS M 164 -12.07 10.67 58.03
C CYS M 164 -10.61 10.98 57.70
N TYR M 165 -10.43 12.09 56.98
CA TYR M 165 -9.13 12.47 56.37
C TYR M 165 -8.15 13.16 57.30
N ASP M 166 -8.71 13.67 58.38
CA ASP M 166 -7.95 14.34 59.43
C ASP M 166 -8.47 13.95 60.82
N GLU M 167 -7.62 14.16 61.83
CA GLU M 167 -7.94 13.76 63.22
C GLU M 167 -9.12 14.53 63.79
N GLU M 168 -9.20 15.81 63.45
CA GLU M 168 -10.25 16.70 63.97
C GLU M 168 -11.62 16.10 63.63
N ASN M 169 -11.75 15.77 62.36
CA ASN M 169 -12.98 15.17 61.78
C ASN M 169 -13.29 13.81 62.39
N ALA M 170 -12.25 13.01 62.49
CA ALA M 170 -12.33 11.66 63.11
C ALA M 170 -12.96 11.74 64.52
N HIS M 171 -12.44 12.62 65.35
CA HIS M 171 -12.96 12.87 66.74
C HIS M 171 -14.44 13.29 66.73
N LEU M 172 -14.72 14.17 65.78
CA LEU M 172 -16.07 14.76 65.54
C LEU M 172 -17.12 13.68 65.42
N TYR M 173 -16.83 12.78 64.50
CA TYR M 173 -17.67 11.60 64.21
C TYR M 173 -17.83 10.71 65.45
N GLU M 174 -16.70 10.36 66.02
CA GLU M 174 -16.66 9.48 67.22
C GLU M 174 -17.55 9.93 68.37
N ARG M 175 -17.56 11.24 68.57
CA ARG M 175 -18.37 11.86 69.66
C ARG M 175 -19.85 11.75 69.31
N LEU M 176 -20.14 12.01 68.05
CA LEU M 176 -21.53 12.01 67.55
C LEU M 176 -22.15 10.62 67.63
N LEU M 177 -21.30 9.65 67.40
CA LEU M 177 -21.69 8.22 67.41
C LEU M 177 -22.10 7.75 68.79
N THR M 178 -21.32 8.20 69.75
CA THR M 178 -21.56 7.90 71.16
C THR M 178 -22.84 8.60 71.66
N GLN M 179 -23.48 9.28 70.72
CA GLN M 179 -24.72 10.06 70.93
C GLN M 179 -25.95 9.64 70.11
N GLN M 180 -25.86 8.47 69.50
CA GLN M 180 -26.95 7.91 68.70
C GLN M 180 -27.44 6.58 69.29
N LYS N 8 -44.65 -28.38 -15.98
CA LYS N 8 -43.18 -28.19 -15.75
C LYS N 8 -42.91 -27.61 -14.34
N THR N 9 -41.75 -27.95 -13.82
CA THR N 9 -41.26 -27.48 -12.54
C THR N 9 -40.58 -26.11 -12.71
N ARG N 10 -40.18 -25.85 -13.95
CA ARG N 10 -39.29 -24.71 -14.31
C ARG N 10 -39.95 -23.54 -15.06
N ILE N 11 -41.03 -23.85 -15.74
CA ILE N 11 -41.76 -22.85 -16.51
C ILE N 11 -43.15 -22.67 -15.94
N HIS N 12 -43.49 -21.43 -15.67
CA HIS N 12 -44.82 -21.12 -15.08
C HIS N 12 -45.58 -20.07 -15.83
N VAL N 13 -46.88 -20.21 -15.76
CA VAL N 13 -47.79 -19.23 -16.35
C VAL N 13 -48.49 -18.51 -15.22
N VAL N 14 -48.31 -17.22 -15.22
CA VAL N 14 -48.95 -16.37 -14.23
C VAL N 14 -49.78 -15.31 -14.95
N GLN N 15 -50.88 -14.98 -14.34
CA GLN N 15 -51.78 -13.98 -14.86
C GLN N 15 -51.75 -12.69 -14.04
N GLY N 16 -51.48 -11.61 -14.75
CA GLY N 16 -51.47 -10.28 -14.17
C GLY N 16 -50.43 -9.33 -14.68
N ASP N 17 -50.02 -8.47 -13.77
CA ASP N 17 -49.10 -7.34 -14.04
C ASP N 17 -47.64 -7.71 -13.77
N ILE N 18 -46.89 -7.80 -14.86
CA ILE N 18 -45.42 -8.17 -14.85
C ILE N 18 -44.56 -7.33 -13.89
N THR N 19 -44.97 -6.09 -13.68
CA THR N 19 -44.19 -5.13 -12.81
C THR N 19 -44.24 -5.46 -11.31
N LYS N 20 -45.16 -6.35 -10.99
CA LYS N 20 -45.37 -6.80 -9.59
C LYS N 20 -44.52 -8.04 -9.24
N LEU N 21 -44.01 -8.67 -10.27
CA LEU N 21 -43.27 -9.94 -10.12
C LEU N 21 -41.88 -9.79 -9.53
N ALA N 22 -41.73 -10.36 -8.34
CA ALA N 22 -40.42 -10.45 -7.66
C ALA N 22 -39.57 -11.57 -8.24
N VAL N 23 -39.00 -11.31 -9.39
CA VAL N 23 -38.05 -12.24 -10.05
C VAL N 23 -36.73 -11.54 -10.28
N ASP N 24 -35.72 -12.30 -10.66
CA ASP N 24 -34.38 -11.73 -10.90
C ASP N 24 -34.46 -10.68 -12.00
N VAL N 25 -34.99 -11.14 -13.12
CA VAL N 25 -35.11 -10.25 -14.32
C VAL N 25 -36.53 -10.21 -14.91
N ILE N 26 -36.92 -8.99 -15.21
CA ILE N 26 -38.19 -8.70 -15.90
C ILE N 26 -37.91 -8.27 -17.32
N VAL N 27 -38.62 -8.87 -18.24
CA VAL N 27 -38.42 -8.55 -19.66
C VAL N 27 -39.40 -7.49 -20.17
N ASN N 28 -38.81 -6.49 -20.82
CA ASN N 28 -39.55 -5.39 -21.47
C ASN N 28 -39.69 -5.55 -23.00
N ALA N 29 -40.94 -5.43 -23.45
CA ALA N 29 -41.29 -5.41 -24.90
C ALA N 29 -41.09 -4.00 -25.44
N ALA N 30 -39.89 -3.80 -25.95
CA ALA N 30 -39.36 -2.47 -26.26
C ALA N 30 -39.38 -2.16 -27.74
N ALA N 31 -39.12 -0.88 -27.99
CA ALA N 31 -38.86 -0.35 -29.36
C ALA N 31 -37.37 -0.05 -29.50
N PRO N 32 -36.85 -0.03 -30.75
CA PRO N 32 -35.42 0.19 -30.98
C PRO N 32 -34.79 1.37 -30.24
N SER N 33 -35.58 2.40 -30.00
CA SER N 33 -35.14 3.60 -29.26
C SER N 33 -34.80 3.31 -27.80
N LEU N 34 -35.51 2.34 -27.26
CA LEU N 34 -35.44 1.93 -25.82
C LEU N 34 -36.02 2.97 -24.87
N MET N 35 -36.80 3.88 -25.42
CA MET N 35 -37.18 5.10 -24.67
C MET N 35 -38.60 5.18 -24.19
N GLY N 36 -39.16 4.04 -23.88
CA GLY N 36 -40.43 4.06 -23.19
C GLY N 36 -41.53 4.14 -24.21
N GLY N 37 -42.72 3.76 -23.78
CA GLY N 37 -43.83 3.61 -24.70
C GLY N 37 -45.16 3.41 -24.00
N GLY N 38 -46.03 2.66 -24.65
CA GLY N 38 -47.43 2.54 -24.20
C GLY N 38 -47.96 1.32 -23.48
N GLY N 39 -47.29 0.19 -23.69
CA GLY N 39 -47.92 -1.07 -23.37
C GLY N 39 -47.45 -1.69 -22.07
N VAL N 40 -46.37 -2.40 -22.20
CA VAL N 40 -45.63 -2.90 -21.02
C VAL N 40 -44.56 -1.88 -20.72
N ALA N 41 -43.98 -1.41 -21.80
CA ALA N 41 -42.85 -0.47 -21.77
C ALA N 41 -43.17 0.70 -20.84
N GLY N 42 -44.39 1.17 -20.99
CA GLY N 42 -44.88 2.29 -20.14
C GLY N 42 -45.09 1.87 -18.70
N ALA N 43 -45.79 0.76 -18.55
CA ALA N 43 -46.03 0.15 -17.23
C ALA N 43 -44.70 -0.01 -16.45
N ILE N 44 -43.76 -0.58 -17.18
CA ILE N 44 -42.43 -0.94 -16.62
C ILE N 44 -41.70 0.33 -16.19
N HIS N 45 -41.63 1.27 -17.11
CA HIS N 45 -40.89 2.55 -16.87
C HIS N 45 -41.51 3.30 -15.71
N ARG N 46 -42.81 3.37 -15.73
CA ARG N 46 -43.55 4.10 -14.69
C ARG N 46 -43.29 3.45 -13.32
N ALA N 47 -43.33 2.14 -13.31
CA ALA N 47 -43.10 1.34 -12.07
C ALA N 47 -41.67 1.44 -11.55
N ALA N 48 -40.77 1.46 -12.51
CA ALA N 48 -39.30 1.42 -12.24
C ALA N 48 -38.80 2.75 -11.70
N GLY N 49 -39.40 3.77 -12.25
CA GLY N 49 -39.01 5.17 -12.00
C GLY N 49 -37.95 5.67 -12.98
N PRO N 50 -37.43 6.90 -12.75
CA PRO N 50 -36.56 7.61 -13.71
C PRO N 50 -35.20 6.99 -13.94
N ALA N 51 -34.77 6.18 -12.98
CA ALA N 51 -33.43 5.53 -13.07
C ALA N 51 -33.32 4.68 -14.33
N LEU N 52 -34.44 4.08 -14.67
CA LEU N 52 -34.54 3.11 -15.79
C LEU N 52 -34.26 3.80 -17.13
N LEU N 53 -34.90 4.94 -17.25
CA LEU N 53 -34.75 5.78 -18.42
C LEU N 53 -33.31 6.27 -18.57
N ASP N 54 -32.75 6.75 -17.47
CA ASP N 54 -31.32 7.22 -17.44
C ASP N 54 -30.39 6.13 -17.97
N ALA N 55 -30.68 4.93 -17.50
CA ALA N 55 -29.91 3.72 -17.88
C ALA N 55 -30.09 3.42 -19.35
N CYS N 56 -31.33 3.50 -19.79
CA CYS N 56 -31.67 3.27 -21.23
C CYS N 56 -30.98 4.28 -22.16
N LEU N 57 -30.88 5.49 -21.66
CA LEU N 57 -30.17 6.57 -22.36
C LEU N 57 -28.70 6.26 -22.58
N LYS N 58 -28.07 5.89 -21.49
CA LYS N 58 -26.63 5.47 -21.46
C LYS N 58 -26.30 4.39 -22.49
N VAL N 59 -27.20 3.44 -22.55
CA VAL N 59 -27.12 2.30 -23.50
C VAL N 59 -27.18 2.79 -24.94
N ARG N 60 -28.28 3.49 -25.20
CA ARG N 60 -28.56 4.16 -26.51
C ARG N 60 -27.33 4.93 -26.99
N GLN N 61 -26.83 5.72 -26.06
CA GLN N 61 -25.64 6.54 -26.23
C GLN N 61 -24.43 5.71 -26.65
N GLN N 62 -24.40 4.49 -26.14
CA GLN N 62 -23.24 3.57 -26.30
C GLN N 62 -23.32 2.59 -27.47
N GLN N 63 -24.54 2.19 -27.81
CA GLN N 63 -24.77 1.22 -28.91
C GLN N 63 -25.82 1.66 -29.95
N GLY N 64 -26.35 2.85 -29.77
CA GLY N 64 -27.41 3.37 -30.61
C GLY N 64 -28.70 2.59 -30.45
N ASP N 65 -29.50 2.60 -31.50
CA ASP N 65 -30.77 1.83 -31.54
C ASP N 65 -30.50 0.36 -31.38
N CYS N 66 -31.36 -0.25 -30.58
CA CYS N 66 -31.40 -1.73 -30.37
C CYS N 66 -32.17 -2.39 -31.52
N PRO N 67 -31.45 -3.11 -32.39
CA PRO N 67 -32.13 -3.70 -33.52
C PRO N 67 -33.16 -4.76 -33.15
N THR N 68 -34.07 -4.93 -34.08
CA THR N 68 -35.12 -5.94 -33.95
C THR N 68 -34.52 -7.33 -33.76
N GLY N 69 -35.10 -8.03 -32.83
CA GLY N 69 -34.69 -9.41 -32.46
C GLY N 69 -33.59 -9.48 -31.41
N HIS N 70 -33.05 -8.33 -31.08
CA HIS N 70 -31.94 -8.24 -30.12
C HIS N 70 -32.39 -7.65 -28.81
N ALA N 71 -31.46 -7.62 -27.88
CA ALA N 71 -31.79 -7.28 -26.50
C ALA N 71 -30.62 -6.71 -25.72
N VAL N 72 -30.99 -5.94 -24.73
CA VAL N 72 -30.05 -5.36 -23.78
C VAL N 72 -30.57 -5.46 -22.35
N ILE N 73 -29.62 -5.35 -21.43
CA ILE N 73 -29.94 -5.44 -20.02
C ILE N 73 -29.48 -4.19 -19.27
N THR N 74 -30.33 -3.79 -18.35
CA THR N 74 -30.09 -2.63 -17.48
C THR N 74 -30.54 -2.87 -16.07
N LEU N 75 -30.17 -1.93 -15.21
CA LEU N 75 -30.69 -1.89 -13.83
C LEU N 75 -32.22 -1.81 -13.87
N ALA N 76 -32.84 -1.94 -12.71
CA ALA N 76 -34.33 -2.00 -12.62
C ALA N 76 -35.02 -1.01 -11.68
N GLY N 77 -34.23 -0.16 -11.08
CA GLY N 77 -34.71 0.88 -10.16
C GLY N 77 -35.71 0.41 -9.11
N ASP N 78 -36.87 1.06 -9.07
CA ASP N 78 -37.91 0.78 -8.03
C ASP N 78 -38.68 -0.56 -8.21
N LEU N 79 -38.45 -1.23 -9.33
CA LEU N 79 -39.04 -2.57 -9.55
C LEU N 79 -38.58 -3.55 -8.47
N PRO N 80 -39.41 -4.57 -8.14
CA PRO N 80 -38.92 -5.63 -7.24
C PRO N 80 -37.95 -6.61 -7.91
N ALA N 81 -37.80 -6.49 -9.22
CA ALA N 81 -36.75 -7.22 -9.93
C ALA N 81 -35.35 -6.66 -9.70
N LYS N 82 -34.37 -7.43 -10.11
CA LYS N 82 -32.95 -7.02 -9.99
C LYS N 82 -32.45 -6.34 -11.22
N ALA N 83 -33.02 -6.76 -12.33
CA ALA N 83 -32.64 -6.20 -13.61
C ALA N 83 -33.80 -6.24 -14.57
N VAL N 84 -33.70 -5.36 -15.56
CA VAL N 84 -34.63 -5.36 -16.69
C VAL N 84 -33.87 -5.64 -17.98
N VAL N 85 -34.43 -6.57 -18.72
CA VAL N 85 -33.98 -6.90 -20.07
C VAL N 85 -34.96 -6.29 -21.06
N HIS N 86 -34.42 -5.42 -21.86
CA HIS N 86 -35.18 -4.76 -22.91
C HIS N 86 -34.89 -5.47 -24.20
N THR N 87 -35.95 -6.01 -24.77
CA THR N 87 -35.86 -6.65 -26.07
C THR N 87 -36.90 -6.11 -27.06
N VAL N 88 -36.50 -6.17 -28.32
CA VAL N 88 -37.25 -5.62 -29.44
C VAL N 88 -37.85 -6.69 -30.33
N GLY N 89 -39.14 -6.85 -30.16
CA GLY N 89 -39.94 -7.80 -30.96
C GLY N 89 -40.18 -7.27 -32.36
N PRO N 90 -40.54 -8.17 -33.30
CA PRO N 90 -40.78 -7.66 -34.62
C PRO N 90 -42.17 -7.10 -34.74
N VAL N 91 -42.27 -6.18 -35.69
CA VAL N 91 -43.58 -5.68 -36.11
C VAL N 91 -44.19 -6.69 -37.08
N TRP N 92 -45.43 -7.02 -36.83
CA TRP N 92 -46.14 -8.02 -37.65
C TRP N 92 -46.55 -7.42 -39.00
N ARG N 93 -46.16 -8.11 -40.05
CA ARG N 93 -46.38 -7.67 -41.45
C ARG N 93 -46.98 -8.76 -42.38
N GLY N 94 -47.65 -9.72 -41.77
CA GLY N 94 -48.37 -10.78 -42.53
C GLY N 94 -47.72 -12.16 -42.53
N GLY N 95 -46.48 -12.22 -42.09
CA GLY N 95 -45.79 -13.51 -41.88
C GLY N 95 -44.75 -13.90 -42.90
N GLU N 96 -44.61 -13.07 -43.93
CA GLU N 96 -43.68 -13.35 -45.05
C GLU N 96 -42.40 -12.53 -45.00
N GLN N 97 -42.23 -11.85 -43.88
CA GLN N 97 -41.12 -10.90 -43.67
C GLN N 97 -40.19 -11.30 -42.52
N ASN N 98 -40.08 -12.61 -42.34
CA ASN N 98 -39.12 -13.21 -41.37
C ASN N 98 -39.47 -12.95 -39.90
N GLU N 99 -40.74 -12.65 -39.66
CA GLU N 99 -41.24 -12.23 -38.33
C GLU N 99 -41.13 -13.30 -37.27
N ASP N 100 -41.49 -14.50 -37.69
CA ASP N 100 -41.41 -15.72 -36.83
C ASP N 100 -39.99 -15.96 -36.26
N GLN N 101 -39.01 -15.86 -37.15
CA GLN N 101 -37.55 -16.02 -36.84
C GLN N 101 -37.10 -14.92 -35.82
N LEU N 102 -37.55 -13.71 -36.09
CA LEU N 102 -37.15 -12.52 -35.32
C LEU N 102 -37.74 -12.51 -33.91
N LEU N 103 -38.94 -13.00 -33.83
CA LEU N 103 -39.61 -13.14 -32.51
C LEU N 103 -38.88 -14.18 -31.66
N GLN N 104 -38.55 -15.26 -32.32
CA GLN N 104 -37.70 -16.34 -31.75
C GLN N 104 -36.41 -15.75 -31.17
N ASP N 105 -35.76 -14.96 -32.01
CA ASP N 105 -34.47 -14.30 -31.69
C ASP N 105 -34.58 -13.40 -30.45
N ALA N 106 -35.70 -12.71 -30.38
CA ALA N 106 -35.99 -11.83 -29.22
C ALA N 106 -36.00 -12.62 -27.92
N TYR N 107 -36.68 -13.74 -27.96
CA TYR N 107 -36.80 -14.64 -26.78
C TYR N 107 -35.40 -15.27 -26.46
N LEU N 108 -34.76 -15.78 -27.49
CA LEU N 108 -33.42 -16.38 -27.39
C LEU N 108 -32.38 -15.43 -26.78
N ASN N 109 -32.18 -14.30 -27.42
CA ASN N 109 -31.19 -13.29 -26.98
C ASN N 109 -31.46 -12.76 -25.56
N SER N 110 -32.73 -12.67 -25.25
CA SER N 110 -33.18 -12.27 -23.90
C SER N 110 -32.66 -13.27 -22.87
N LEU N 111 -33.00 -14.51 -23.13
CA LEU N 111 -32.61 -15.67 -22.26
C LEU N 111 -31.09 -15.73 -22.08
N ARG N 112 -30.42 -15.59 -23.22
CA ARG N 112 -28.94 -15.60 -23.28
C ARG N 112 -28.33 -14.53 -22.34
N LEU N 113 -28.92 -13.36 -22.38
CA LEU N 113 -28.50 -12.23 -21.52
C LEU N 113 -28.75 -12.49 -20.06
N VAL N 114 -29.90 -13.05 -19.78
CA VAL N 114 -30.26 -13.39 -18.37
C VAL N 114 -29.16 -14.30 -17.81
N ALA N 115 -28.85 -15.29 -18.62
CA ALA N 115 -27.87 -16.32 -18.29
C ALA N 115 -26.48 -15.73 -18.12
N ALA N 116 -26.09 -14.99 -19.15
CA ALA N 116 -24.74 -14.31 -19.22
C ALA N 116 -24.46 -13.38 -18.05
N ASN N 117 -25.53 -12.92 -17.43
CA ASN N 117 -25.49 -12.03 -16.25
C ASN N 117 -25.75 -12.75 -14.94
N SER N 118 -25.77 -14.07 -15.05
CA SER N 118 -25.84 -15.02 -13.90
C SER N 118 -27.15 -14.94 -13.14
N TYR N 119 -28.18 -14.60 -13.86
CA TYR N 119 -29.53 -14.53 -13.26
C TYR N 119 -30.24 -15.88 -13.40
N THR N 120 -31.04 -16.20 -12.39
CA THR N 120 -31.66 -17.55 -12.28
C THR N 120 -33.14 -17.59 -12.69
N SER N 121 -33.79 -16.45 -12.53
CA SER N 121 -35.23 -16.29 -12.84
C SER N 121 -35.56 -15.09 -13.73
N VAL N 122 -36.44 -15.34 -14.67
CA VAL N 122 -36.89 -14.32 -15.64
C VAL N 122 -38.41 -14.37 -15.89
N ALA N 123 -38.99 -13.20 -15.94
CA ALA N 123 -40.41 -13.00 -16.38
C ALA N 123 -40.55 -12.37 -17.79
N PHE N 124 -41.43 -12.98 -18.56
CA PHE N 124 -41.75 -12.59 -19.95
C PHE N 124 -43.18 -12.11 -20.18
N PRO N 125 -43.34 -10.97 -20.87
CA PRO N 125 -44.64 -10.67 -21.39
C PRO N 125 -44.82 -11.24 -22.79
N ALA N 126 -46.03 -11.08 -23.30
CA ALA N 126 -46.39 -11.58 -24.63
C ALA N 126 -45.85 -10.63 -25.70
N ILE N 127 -44.56 -10.79 -25.97
CA ILE N 127 -43.81 -9.91 -26.89
C ILE N 127 -44.42 -9.89 -28.28
N SER N 128 -44.55 -8.67 -28.78
CA SER N 128 -45.04 -8.35 -30.17
C SER N 128 -46.58 -8.44 -30.40
N THR N 129 -47.28 -8.89 -29.38
CA THR N 129 -48.73 -9.18 -29.50
C THR N 129 -49.63 -8.01 -29.23
N GLY N 130 -49.04 -6.95 -28.72
CA GLY N 130 -49.81 -5.72 -28.46
C GLY N 130 -49.85 -4.78 -29.67
N VAL N 131 -49.17 -3.65 -29.51
CA VAL N 131 -49.11 -2.60 -30.56
C VAL N 131 -48.41 -3.13 -31.84
N TYR N 132 -47.47 -4.05 -31.68
CA TYR N 132 -46.74 -4.65 -32.84
C TYR N 132 -47.56 -5.72 -33.63
N GLY N 133 -48.72 -6.02 -33.09
CA GLY N 133 -49.83 -6.71 -33.82
C GLY N 133 -49.63 -8.14 -34.29
N TYR N 134 -48.86 -8.88 -33.51
CA TYR N 134 -48.57 -10.29 -33.81
C TYR N 134 -49.78 -11.14 -33.40
N PRO N 135 -50.31 -11.98 -34.32
CA PRO N 135 -51.35 -12.92 -33.94
C PRO N 135 -51.03 -13.70 -32.66
N ARG N 136 -51.89 -13.49 -31.67
CA ARG N 136 -51.73 -13.94 -30.28
C ARG N 136 -51.33 -15.43 -30.15
N ALA N 137 -51.89 -16.24 -31.03
CA ALA N 137 -51.76 -17.73 -30.97
C ALA N 137 -50.46 -18.25 -31.56
N ALA N 138 -50.14 -17.69 -32.70
CA ALA N 138 -48.86 -18.02 -33.43
C ALA N 138 -47.64 -17.61 -32.60
N ALA N 139 -47.77 -16.44 -32.01
CA ALA N 139 -46.75 -15.82 -31.11
C ALA N 139 -46.45 -16.68 -29.90
N ALA N 140 -47.51 -16.98 -29.17
CA ALA N 140 -47.45 -17.84 -27.94
C ALA N 140 -46.85 -19.21 -28.20
N GLU N 141 -47.13 -19.72 -29.39
CA GLU N 141 -46.56 -21.00 -29.89
C GLU N 141 -45.03 -20.92 -29.94
N ILE N 142 -44.57 -19.84 -30.55
CA ILE N 142 -43.10 -19.54 -30.70
C ILE N 142 -42.43 -19.27 -29.33
N ALA N 143 -43.11 -18.49 -28.52
CA ALA N 143 -42.67 -18.16 -27.17
C ALA N 143 -42.40 -19.45 -26.37
N VAL N 144 -43.45 -20.26 -26.27
CA VAL N 144 -43.41 -21.53 -25.49
C VAL N 144 -42.39 -22.54 -26.05
N LYS N 145 -42.40 -22.71 -27.35
CA LYS N 145 -41.48 -23.65 -28.03
C LYS N 145 -40.02 -23.26 -27.81
N THR N 146 -39.74 -22.02 -28.13
CA THR N 146 -38.38 -21.44 -28.00
C THR N 146 -37.81 -21.51 -26.58
N VAL N 147 -38.62 -21.05 -25.64
CA VAL N 147 -38.23 -21.01 -24.18
C VAL N 147 -38.03 -22.42 -23.61
N SER N 148 -38.97 -23.28 -23.93
CA SER N 148 -38.96 -24.71 -23.51
C SER N 148 -37.73 -25.44 -24.03
N GLU N 149 -37.50 -25.31 -25.33
CA GLU N 149 -36.31 -25.92 -25.99
C GLU N 149 -35.01 -25.40 -25.42
N PHE N 150 -35.03 -24.12 -25.08
CA PHE N 150 -33.84 -23.45 -24.50
C PHE N 150 -33.50 -23.97 -23.10
N ILE N 151 -34.51 -23.99 -22.24
CA ILE N 151 -34.28 -24.40 -20.82
C ILE N 151 -33.92 -25.89 -20.73
N THR N 152 -34.42 -26.65 -21.70
CA THR N 152 -34.08 -28.08 -21.89
C THR N 152 -32.53 -28.20 -22.16
N ARG N 153 -31.97 -27.29 -22.94
CA ARG N 153 -30.50 -27.27 -23.26
C ARG N 153 -29.59 -26.54 -22.27
N HIS N 154 -30.17 -25.88 -21.27
CA HIS N 154 -29.41 -24.91 -20.41
C HIS N 154 -29.82 -24.88 -18.95
N ALA N 155 -28.82 -24.80 -18.10
CA ALA N 155 -29.05 -24.72 -16.64
C ALA N 155 -29.71 -23.40 -16.25
N LEU N 156 -29.27 -22.38 -16.95
CA LEU N 156 -29.69 -20.99 -16.69
C LEU N 156 -30.44 -20.43 -17.90
N PRO N 157 -31.55 -19.75 -17.64
CA PRO N 157 -32.15 -19.54 -16.32
C PRO N 157 -32.84 -20.79 -15.79
N GLU N 158 -32.92 -20.84 -14.48
CA GLU N 158 -33.56 -21.96 -13.77
C GLU N 158 -35.09 -21.91 -13.88
N GLN N 159 -35.59 -20.72 -13.58
CA GLN N 159 -37.04 -20.44 -13.56
C GLN N 159 -37.48 -19.39 -14.60
N VAL N 160 -38.53 -19.73 -15.30
CA VAL N 160 -39.15 -18.82 -16.30
C VAL N 160 -40.63 -18.62 -16.04
N TYR N 161 -41.01 -17.37 -15.98
CA TYR N 161 -42.42 -16.99 -15.86
C TYR N 161 -42.98 -16.31 -17.11
N PHE N 162 -44.03 -16.90 -17.64
CA PHE N 162 -44.81 -16.27 -18.72
C PHE N 162 -45.95 -15.45 -18.12
N VAL N 163 -45.76 -14.14 -18.15
CA VAL N 163 -46.76 -13.22 -17.60
C VAL N 163 -47.78 -12.83 -18.66
N CYS N 164 -49.01 -13.20 -18.36
CA CYS N 164 -50.16 -12.98 -19.24
C CYS N 164 -51.11 -11.95 -18.65
N TYR N 165 -51.48 -10.99 -19.49
CA TYR N 165 -52.22 -9.77 -19.06
C TYR N 165 -53.75 -9.92 -18.97
N ASP N 166 -54.23 -10.98 -19.59
CA ASP N 166 -55.64 -11.38 -19.50
C ASP N 166 -55.79 -12.90 -19.41
N GLU N 167 -56.96 -13.34 -18.98
CA GLU N 167 -57.22 -14.77 -18.75
C GLU N 167 -57.24 -15.60 -20.05
N GLU N 168 -57.74 -15.00 -21.10
CA GLU N 168 -57.80 -15.67 -22.44
C GLU N 168 -56.40 -16.15 -22.90
N ASN N 169 -55.49 -15.19 -22.89
CA ASN N 169 -54.03 -15.42 -23.18
C ASN N 169 -53.37 -16.44 -22.22
N ALA N 170 -53.65 -16.24 -20.95
CA ALA N 170 -53.16 -17.17 -19.87
C ALA N 170 -53.48 -18.63 -20.20
N HIS N 171 -54.74 -18.89 -20.49
CA HIS N 171 -55.20 -20.27 -20.87
C HIS N 171 -54.52 -20.82 -22.12
N LEU N 172 -54.37 -19.91 -23.08
CA LEU N 172 -53.68 -20.18 -24.37
C LEU N 172 -52.31 -20.83 -24.12
N TYR N 173 -51.56 -20.14 -23.28
CA TYR N 173 -50.20 -20.57 -22.86
C TYR N 173 -50.27 -21.92 -22.13
N GLU N 174 -51.11 -21.97 -21.11
CA GLU N 174 -51.33 -23.21 -20.31
C GLU N 174 -51.56 -24.49 -21.13
N ARG N 175 -52.38 -24.31 -22.15
CA ARG N 175 -52.75 -25.40 -23.11
C ARG N 175 -51.50 -25.83 -23.88
N LEU N 176 -50.75 -24.84 -24.31
CA LEU N 176 -49.55 -25.06 -25.15
C LEU N 176 -48.44 -25.77 -24.37
N LEU N 177 -48.37 -25.43 -23.11
CA LEU N 177 -47.34 -25.96 -22.18
C LEU N 177 -47.48 -27.47 -21.96
N THR N 178 -48.73 -27.88 -22.00
CA THR N 178 -49.11 -29.32 -21.97
C THR N 178 -48.84 -30.14 -23.29
N GLN N 179 -48.10 -29.58 -24.26
CA GLN N 179 -47.99 -30.11 -25.67
C GLN N 179 -46.65 -30.08 -26.43
N GLN N 180 -45.55 -30.07 -25.68
CA GLN N 180 -44.17 -29.93 -26.20
C GLN N 180 -43.21 -31.07 -25.71
N LYS O 8 -14.38 -48.72 -36.89
CA LYS O 8 -13.07 -49.23 -37.43
C LYS O 8 -12.34 -50.20 -36.54
N THR O 9 -12.74 -50.53 -35.33
CA THR O 9 -13.89 -49.99 -34.58
C THR O 9 -13.55 -48.82 -33.61
N ARG O 10 -12.43 -48.10 -33.84
CA ARG O 10 -11.99 -46.94 -32.97
C ARG O 10 -12.25 -45.54 -33.54
N ILE O 11 -12.30 -45.46 -34.86
CA ILE O 11 -12.52 -44.19 -35.56
C ILE O 11 -13.82 -44.22 -36.30
N HIS O 12 -14.66 -43.23 -36.07
CA HIS O 12 -15.99 -43.16 -36.69
C HIS O 12 -16.28 -41.84 -37.37
N VAL O 13 -17.03 -41.93 -38.44
CA VAL O 13 -17.49 -40.74 -39.18
C VAL O 13 -18.97 -40.59 -38.93
N VAL O 14 -19.31 -39.44 -38.40
CA VAL O 14 -20.70 -39.11 -38.12
C VAL O 14 -21.04 -37.81 -38.83
N GLN O 15 -22.27 -37.74 -39.30
CA GLN O 15 -22.79 -36.56 -40.03
C GLN O 15 -23.78 -35.79 -39.17
N GLY O 16 -23.46 -34.53 -38.97
CA GLY O 16 -24.33 -33.62 -38.24
C GLY O 16 -23.66 -32.59 -37.37
N ASP O 17 -24.37 -32.28 -36.30
CA ASP O 17 -24.01 -31.18 -35.37
C ASP O 17 -23.19 -31.71 -34.18
N ILE O 18 -21.93 -31.33 -34.19
CA ILE O 18 -20.93 -31.73 -33.13
C ILE O 18 -21.40 -31.46 -31.69
N THR O 19 -22.22 -30.45 -31.51
CA THR O 19 -22.69 -30.00 -30.15
C THR O 19 -23.65 -30.98 -29.50
N LYS O 20 -24.13 -31.89 -30.32
CA LYS O 20 -25.12 -32.92 -29.91
C LYS O 20 -24.46 -34.21 -29.44
N LEU O 21 -23.20 -34.34 -29.78
CA LEU O 21 -22.41 -35.56 -29.49
C LEU O 21 -22.05 -35.73 -28.02
N ALA O 22 -22.62 -36.78 -27.46
CA ALA O 22 -22.31 -37.22 -26.06
C ALA O 22 -20.99 -37.99 -26.04
N VAL O 23 -19.91 -37.25 -26.11
CA VAL O 23 -18.56 -37.81 -25.97
C VAL O 23 -17.84 -37.13 -24.81
N ASP O 24 -16.70 -37.67 -24.43
CA ASP O 24 -15.91 -37.09 -23.34
C ASP O 24 -15.52 -35.65 -23.67
N VAL O 25 -14.86 -35.52 -24.81
CA VAL O 25 -14.38 -34.22 -25.28
C VAL O 25 -14.80 -33.85 -26.70
N ILE O 26 -15.22 -32.61 -26.80
CA ILE O 26 -15.61 -31.98 -28.08
C ILE O 26 -14.57 -30.97 -28.48
N VAL O 27 -14.13 -31.06 -29.72
CA VAL O 27 -13.08 -30.16 -30.22
C VAL O 27 -13.66 -28.94 -30.96
N ASN O 28 -13.16 -27.78 -30.56
CA ASN O 28 -13.51 -26.48 -31.16
C ASN O 28 -12.44 -25.94 -32.09
N ALA O 29 -12.90 -25.60 -33.28
CA ALA O 29 -12.10 -24.90 -34.28
C ALA O 29 -12.11 -23.40 -33.96
N ALA O 30 -11.09 -23.05 -33.21
CA ALA O 30 -10.99 -21.72 -32.59
C ALA O 30 -10.05 -20.77 -33.31
N ALA O 31 -10.13 -19.53 -32.86
CA ALA O 31 -9.17 -18.44 -33.20
C ALA O 31 -8.26 -18.15 -32.00
N PRO O 32 -7.07 -17.55 -32.23
CA PRO O 32 -6.07 -17.32 -31.16
C PRO O 32 -6.60 -16.61 -29.93
N SER O 33 -7.59 -15.79 -30.14
CA SER O 33 -8.29 -15.11 -29.04
C SER O 33 -9.05 -16.05 -28.09
N LEU O 34 -9.55 -17.13 -28.66
CA LEU O 34 -10.41 -18.14 -27.96
C LEU O 34 -11.79 -17.62 -27.60
N MET O 35 -12.19 -16.54 -28.26
CA MET O 35 -13.38 -15.77 -27.80
C MET O 35 -14.62 -15.87 -28.65
N GLY O 36 -14.80 -17.00 -29.26
CA GLY O 36 -16.07 -17.26 -29.89
C GLY O 36 -16.00 -16.69 -31.29
N GLY O 37 -16.90 -17.17 -32.12
CA GLY O 37 -16.86 -16.84 -33.54
C GLY O 37 -18.10 -17.25 -34.27
N GLY O 38 -17.92 -17.56 -35.54
CA GLY O 38 -19.06 -17.89 -36.38
C GLY O 38 -19.40 -19.36 -36.49
N GLY O 39 -18.41 -20.16 -36.81
CA GLY O 39 -18.74 -21.45 -37.43
C GLY O 39 -19.19 -22.63 -36.56
N VAL O 40 -18.19 -23.23 -35.96
CA VAL O 40 -18.41 -24.24 -34.94
C VAL O 40 -18.31 -23.52 -33.63
N ALA O 41 -17.32 -22.65 -33.60
CA ALA O 41 -17.00 -21.86 -32.42
C ALA O 41 -18.28 -21.24 -31.84
N GLY O 42 -19.08 -20.69 -32.73
CA GLY O 42 -20.35 -20.05 -32.34
C GLY O 42 -21.37 -21.07 -31.86
N ALA O 43 -21.52 -22.09 -32.66
CA ALA O 43 -22.43 -23.23 -32.32
C ALA O 43 -22.12 -23.75 -30.92
N ILE O 44 -20.82 -23.97 -30.72
CA ILE O 44 -20.29 -24.59 -29.49
C ILE O 44 -20.56 -23.70 -28.28
N HIS O 45 -20.16 -22.45 -28.42
CA HIS O 45 -20.35 -21.44 -27.35
C HIS O 45 -21.82 -21.28 -27.01
N ARG O 46 -22.62 -21.16 -28.03
CA ARG O 46 -24.08 -20.96 -27.84
C ARG O 46 -24.70 -22.16 -27.11
N ALA O 47 -24.29 -23.33 -27.54
CA ALA O 47 -24.77 -24.61 -26.95
C ALA O 47 -24.29 -24.82 -25.51
N ALA O 48 -23.04 -24.42 -25.28
CA ALA O 48 -22.35 -24.61 -23.98
C ALA O 48 -22.86 -23.67 -22.90
N GLY O 49 -23.19 -22.48 -23.36
CA GLY O 49 -23.63 -21.39 -22.50
C GLY O 49 -22.46 -20.52 -22.03
N PRO O 50 -22.73 -19.53 -21.15
CA PRO O 50 -21.76 -18.50 -20.73
C PRO O 50 -20.57 -18.99 -19.94
N ALA O 51 -20.72 -20.13 -19.29
CA ALA O 51 -19.60 -20.73 -18.51
C ALA O 51 -18.33 -20.91 -19.37
N LEU O 52 -18.56 -21.26 -20.62
CA LEU O 52 -17.48 -21.62 -21.57
C LEU O 52 -16.59 -20.44 -21.83
N LEU O 53 -17.28 -19.35 -22.04
CA LEU O 53 -16.64 -18.06 -22.32
C LEU O 53 -15.84 -17.58 -21.11
N ASP O 54 -16.45 -17.65 -19.94
CA ASP O 54 -15.76 -17.32 -18.66
C ASP O 54 -14.47 -18.12 -18.48
N ALA O 55 -14.55 -19.38 -18.82
CA ALA O 55 -13.41 -20.30 -18.81
C ALA O 55 -12.34 -19.89 -19.84
N CYS O 56 -12.80 -19.61 -21.04
CA CYS O 56 -11.89 -19.17 -22.14
C CYS O 56 -11.18 -17.85 -21.81
N LEU O 57 -11.89 -17.00 -21.09
CA LEU O 57 -11.31 -15.74 -20.58
C LEU O 57 -10.16 -15.95 -19.62
N LYS O 58 -10.43 -16.79 -18.63
CA LYS O 58 -9.44 -17.22 -17.61
C LYS O 58 -8.14 -17.69 -18.25
N VAL O 59 -8.31 -18.47 -19.30
CA VAL O 59 -7.19 -19.09 -20.03
C VAL O 59 -6.35 -18.01 -20.65
N ARG O 60 -7.06 -17.20 -21.43
CA ARG O 60 -6.51 -16.02 -22.19
C ARG O 60 -5.70 -15.15 -21.26
N GLN O 61 -6.34 -14.91 -20.13
CA GLN O 61 -5.78 -14.21 -18.95
C GLN O 61 -4.42 -14.76 -18.49
N GLN O 62 -4.35 -16.07 -18.58
CA GLN O 62 -3.23 -16.87 -18.01
C GLN O 62 -2.11 -17.19 -19.00
N GLN O 63 -2.47 -17.33 -20.27
CA GLN O 63 -1.46 -17.71 -21.32
C GLN O 63 -1.50 -16.85 -22.56
N GLY O 64 -2.35 -15.86 -22.51
CA GLY O 64 -2.56 -14.98 -23.66
C GLY O 64 -3.18 -15.70 -24.84
N ASP O 65 -2.93 -15.19 -26.01
CA ASP O 65 -3.41 -15.80 -27.26
C ASP O 65 -2.86 -17.21 -27.43
N CYS O 66 -3.76 -18.08 -27.87
CA CYS O 66 -3.43 -19.47 -28.22
C CYS O 66 -2.83 -19.50 -29.63
N PRO O 67 -1.54 -19.83 -29.72
CA PRO O 67 -0.92 -19.82 -31.03
C PRO O 67 -1.44 -20.88 -31.96
N THR O 68 -1.24 -20.59 -33.23
CA THR O 68 -1.65 -21.50 -34.30
C THR O 68 -0.96 -22.85 -34.12
N GLY O 69 -1.76 -23.88 -34.30
CA GLY O 69 -1.32 -25.27 -34.21
C GLY O 69 -1.39 -25.86 -32.81
N HIS O 70 -1.67 -24.99 -31.86
CA HIS O 70 -1.73 -25.40 -30.45
C HIS O 70 -3.15 -25.49 -29.95
N ALA O 71 -3.27 -25.93 -28.70
CA ALA O 71 -4.60 -26.21 -28.14
C ALA O 71 -4.66 -26.10 -26.64
N VAL O 72 -5.86 -25.87 -26.19
CA VAL O 72 -6.17 -25.77 -24.75
C VAL O 72 -7.48 -26.47 -24.43
N ILE O 73 -7.62 -26.80 -23.17
CA ILE O 73 -8.78 -27.52 -22.72
C ILE O 73 -9.47 -26.76 -21.61
N THR O 74 -10.79 -26.81 -21.65
CA THR O 74 -11.65 -26.20 -20.67
C THR O 74 -12.84 -27.04 -20.35
N LEU O 75 -13.55 -26.60 -19.32
CA LEU O 75 -14.87 -27.15 -18.99
C LEU O 75 -15.83 -26.97 -20.19
N ALA O 76 -17.00 -27.58 -20.11
CA ALA O 76 -17.94 -27.66 -21.29
C ALA O 76 -19.38 -27.20 -21.02
N GLY O 77 -19.61 -26.75 -19.81
CA GLY O 77 -20.90 -26.21 -19.37
C GLY O 77 -22.09 -27.07 -19.74
N ASP O 78 -23.04 -26.49 -20.44
CA ASP O 78 -24.32 -27.18 -20.83
C ASP O 78 -24.20 -28.25 -21.93
N LEU O 79 -23.03 -28.33 -22.58
CA LEU O 79 -22.78 -29.38 -23.58
C LEU O 79 -22.93 -30.77 -22.94
N PRO O 80 -23.36 -31.78 -23.72
CA PRO O 80 -23.35 -33.14 -23.18
C PRO O 80 -21.94 -33.73 -23.05
N ALA O 81 -20.95 -33.05 -23.58
CA ALA O 81 -19.54 -33.43 -23.37
C ALA O 81 -19.07 -33.11 -21.94
N LYS O 82 -17.94 -33.69 -21.58
CA LYS O 82 -17.30 -33.46 -20.26
C LYS O 82 -16.26 -32.31 -20.31
N ALA O 83 -15.69 -32.13 -21.48
CA ALA O 83 -14.77 -31.03 -21.71
C ALA O 83 -14.78 -30.57 -23.16
N VAL O 84 -14.32 -29.35 -23.34
CA VAL O 84 -14.04 -28.81 -24.69
C VAL O 84 -12.56 -28.53 -24.84
N VAL O 85 -12.06 -28.99 -25.95
CA VAL O 85 -10.72 -28.68 -26.40
C VAL O 85 -10.82 -27.63 -27.50
N HIS O 86 -10.20 -26.50 -27.22
CA HIS O 86 -10.08 -25.42 -28.18
C HIS O 86 -8.74 -25.53 -28.85
N THR O 87 -8.78 -25.70 -30.15
CA THR O 87 -7.55 -25.68 -30.98
C THR O 87 -7.64 -24.73 -32.15
N VAL O 88 -6.47 -24.22 -32.50
CA VAL O 88 -6.31 -23.17 -33.53
C VAL O 88 -5.67 -23.70 -34.79
N GLY O 89 -6.53 -23.88 -35.77
CA GLY O 89 -6.12 -24.30 -37.13
C GLY O 89 -5.41 -23.19 -37.88
N PRO O 90 -4.65 -23.55 -38.93
CA PRO O 90 -4.02 -22.49 -39.68
C PRO O 90 -4.96 -21.87 -40.68
N VAL O 91 -4.64 -20.64 -40.99
CA VAL O 91 -5.29 -19.94 -42.10
C VAL O 91 -4.62 -20.36 -43.38
N TRP O 92 -5.45 -20.73 -44.35
CA TRP O 92 -4.93 -21.19 -45.66
C TRP O 92 -4.43 -19.99 -46.42
N ARG O 93 -3.15 -20.06 -46.69
CA ARG O 93 -2.35 -18.92 -47.17
C ARG O 93 -1.53 -19.33 -48.41
N GLY O 94 -2.10 -20.24 -49.22
CA GLY O 94 -1.48 -20.58 -50.54
C GLY O 94 -0.71 -21.90 -50.69
N GLY O 95 -0.46 -22.54 -49.57
CA GLY O 95 0.18 -23.89 -49.54
C GLY O 95 1.67 -24.01 -49.28
N GLU O 96 2.34 -22.88 -49.30
CA GLU O 96 3.81 -22.82 -49.18
C GLU O 96 4.20 -22.16 -47.89
N GLN O 97 3.23 -22.07 -47.01
CA GLN O 97 3.37 -21.34 -45.74
C GLN O 97 3.33 -22.26 -44.52
N ASN O 98 3.69 -23.50 -44.74
CA ASN O 98 3.83 -24.52 -43.67
C ASN O 98 2.48 -24.88 -43.03
N GLU O 99 1.42 -24.68 -43.79
CA GLU O 99 0.02 -24.87 -43.31
C GLU O 99 -0.33 -26.32 -42.98
N ASP O 100 0.14 -27.18 -43.85
CA ASP O 100 -0.04 -28.65 -43.73
C ASP O 100 0.44 -29.13 -42.35
N GLN O 101 1.61 -28.63 -41.98
CA GLN O 101 2.31 -29.01 -40.75
C GLN O 101 1.53 -28.51 -39.53
N LEU O 102 1.04 -27.29 -39.65
CA LEU O 102 0.32 -26.62 -38.53
C LEU O 102 -1.02 -27.28 -38.29
N LEU O 103 -1.66 -27.71 -39.37
CA LEU O 103 -2.97 -28.39 -39.28
C LEU O 103 -2.79 -29.72 -38.57
N GLN O 104 -1.74 -30.40 -38.96
CA GLN O 104 -1.26 -31.66 -38.31
C GLN O 104 -1.09 -31.45 -36.79
N ASP O 105 -0.36 -30.39 -36.48
CA ASP O 105 -0.06 -29.98 -35.09
C ASP O 105 -1.33 -29.73 -34.28
N ALA O 106 -2.28 -29.11 -34.93
CA ALA O 106 -3.61 -28.84 -34.30
C ALA O 106 -4.27 -30.15 -33.84
N TYR O 107 -4.27 -31.11 -34.73
CA TYR O 107 -4.89 -32.43 -34.46
C TYR O 107 -4.08 -33.18 -33.38
N LEU O 108 -2.77 -33.16 -33.56
CA LEU O 108 -1.83 -33.81 -32.60
C LEU O 108 -1.99 -33.30 -31.17
N ASN O 109 -1.84 -32.00 -31.03
CA ASN O 109 -1.87 -31.36 -29.71
C ASN O 109 -3.21 -31.51 -29.03
N SER O 110 -4.23 -31.51 -29.84
CA SER O 110 -5.61 -31.74 -29.37
C SER O 110 -5.74 -33.14 -28.73
N LEU O 111 -5.32 -34.12 -29.51
CA LEU O 111 -5.31 -35.53 -29.08
C LEU O 111 -4.49 -35.73 -27.78
N ARG O 112 -3.32 -35.12 -27.80
CA ARG O 112 -2.37 -35.15 -26.64
C ARG O 112 -3.02 -34.64 -25.35
N LEU O 113 -3.72 -33.54 -25.49
CA LEU O 113 -4.49 -32.96 -24.39
C LEU O 113 -5.64 -33.86 -23.91
N VAL O 114 -6.35 -34.44 -24.85
CA VAL O 114 -7.47 -35.37 -24.49
C VAL O 114 -6.93 -36.47 -23.60
N ALA O 115 -5.81 -37.00 -24.07
CA ALA O 115 -5.11 -38.10 -23.41
C ALA O 115 -4.61 -37.69 -22.02
N ALA O 116 -3.89 -36.57 -22.02
CA ALA O 116 -3.24 -36.00 -20.80
C ALA O 116 -4.23 -35.69 -19.69
N ASN O 117 -5.46 -35.52 -20.09
CA ASN O 117 -6.59 -35.27 -19.15
C ASN O 117 -7.46 -36.49 -18.91
N SER O 118 -6.94 -37.61 -19.36
CA SER O 118 -7.49 -38.98 -19.08
C SER O 118 -8.87 -39.23 -19.71
N TYR O 119 -9.09 -38.56 -20.82
CA TYR O 119 -10.34 -38.72 -21.56
C TYR O 119 -10.22 -39.82 -22.62
N THR O 120 -11.32 -40.52 -22.83
CA THR O 120 -11.32 -41.77 -23.68
C THR O 120 -11.89 -41.57 -25.07
N SER O 121 -12.77 -40.60 -25.18
CA SER O 121 -13.47 -40.25 -26.45
C SER O 121 -13.44 -38.77 -26.81
N VAL O 122 -13.17 -38.54 -28.08
CA VAL O 122 -13.09 -37.18 -28.63
C VAL O 122 -13.79 -37.03 -29.97
N ALA O 123 -14.49 -35.92 -30.11
CA ALA O 123 -15.11 -35.52 -31.41
C ALA O 123 -14.39 -34.32 -32.07
N PHE O 124 -14.14 -34.49 -33.35
CA PHE O 124 -13.47 -33.49 -34.22
C PHE O 124 -14.33 -32.90 -35.37
N PRO O 125 -14.33 -31.57 -35.53
CA PRO O 125 -14.85 -30.99 -36.73
C PRO O 125 -13.77 -30.85 -37.76
N ALA O 126 -14.19 -30.43 -38.95
CA ALA O 126 -13.27 -30.26 -40.09
C ALA O 126 -12.49 -28.97 -39.95
N ILE O 127 -11.50 -29.04 -39.10
CA ILE O 127 -10.68 -27.87 -38.72
C ILE O 127 -10.05 -27.21 -39.93
N SER O 128 -10.14 -25.89 -39.93
CA SER O 128 -9.55 -24.96 -40.96
C SER O 128 -10.30 -24.87 -42.31
N THR O 129 -11.29 -25.72 -42.49
CA THR O 129 -11.98 -25.88 -43.80
C THR O 129 -13.13 -24.92 -44.03
N GLY O 130 -13.51 -24.24 -42.98
CA GLY O 130 -14.57 -23.22 -43.08
C GLY O 130 -14.04 -21.85 -43.45
N VAL O 131 -14.15 -20.94 -42.51
CA VAL O 131 -13.69 -19.54 -42.67
C VAL O 131 -12.17 -19.48 -43.00
N TYR O 132 -11.41 -20.39 -42.43
CA TYR O 132 -9.92 -20.42 -42.62
C TYR O 132 -9.47 -20.93 -44.01
N GLY O 133 -10.46 -21.38 -44.75
CA GLY O 133 -10.35 -21.63 -46.21
C GLY O 133 -9.37 -22.69 -46.69
N TYR O 134 -9.23 -23.74 -45.89
CA TYR O 134 -8.36 -24.90 -46.23
C TYR O 134 -9.09 -25.80 -47.25
N PRO O 135 -8.44 -26.14 -48.37
CA PRO O 135 -9.05 -27.07 -49.32
C PRO O 135 -9.53 -28.34 -48.64
N ARG O 136 -10.82 -28.57 -48.77
CA ARG O 136 -11.54 -29.63 -48.03
C ARG O 136 -10.89 -31.01 -48.09
N ALA O 137 -10.35 -31.32 -49.26
CA ALA O 137 -9.81 -32.68 -49.57
C ALA O 137 -8.42 -32.93 -48.99
N ALA O 138 -7.57 -31.93 -49.16
CA ALA O 138 -6.18 -31.96 -48.62
C ALA O 138 -6.21 -32.01 -47.08
N ALA O 139 -7.11 -31.22 -46.54
CA ALA O 139 -7.36 -31.11 -45.06
C ALA O 139 -7.77 -32.44 -44.43
N ALA O 140 -8.83 -32.99 -44.98
CA ALA O 140 -9.39 -34.30 -44.54
C ALA O 140 -8.35 -35.41 -44.61
N GLU O 141 -7.48 -35.30 -45.60
CA GLU O 141 -6.36 -36.27 -45.74
C GLU O 141 -5.44 -36.23 -44.54
N ILE O 142 -5.07 -35.02 -44.19
CA ILE O 142 -4.18 -34.75 -43.03
C ILE O 142 -4.86 -35.16 -41.70
N ALA O 143 -6.12 -34.81 -41.59
CA ALA O 143 -6.94 -35.16 -40.41
C ALA O 143 -6.93 -36.67 -40.16
N VAL O 144 -7.37 -37.39 -41.16
CA VAL O 144 -7.48 -38.86 -41.11
C VAL O 144 -6.11 -39.53 -40.88
N LYS O 145 -5.12 -39.11 -41.64
CA LYS O 145 -3.76 -39.69 -41.57
C LYS O 145 -3.19 -39.52 -40.16
N THR O 146 -3.24 -38.28 -39.72
CA THR O 146 -2.67 -37.86 -38.40
C THR O 146 -3.32 -38.59 -37.22
N VAL O 147 -4.64 -38.56 -37.23
CA VAL O 147 -5.47 -39.20 -36.18
C VAL O 147 -5.28 -40.71 -36.13
N SER O 148 -5.31 -41.29 -37.31
CA SER O 148 -5.13 -42.77 -37.52
C SER O 148 -3.76 -43.27 -37.04
N GLU O 149 -2.72 -42.58 -37.49
CA GLU O 149 -1.32 -42.87 -37.05
C GLU O 149 -1.13 -42.70 -35.54
N PHE O 150 -1.83 -41.71 -34.99
CA PHE O 150 -1.76 -41.42 -33.54
C PHE O 150 -2.39 -42.50 -32.69
N ILE O 151 -3.60 -42.88 -33.06
CA ILE O 151 -4.35 -43.89 -32.26
C ILE O 151 -3.68 -45.26 -32.37
N THR O 152 -2.99 -45.46 -33.47
CA THR O 152 -2.15 -46.63 -33.66
C THR O 152 -1.05 -46.71 -32.61
N ARG O 153 -0.45 -45.56 -32.34
CA ARG O 153 0.65 -45.46 -31.35
C ARG O 153 0.23 -45.25 -29.89
N HIS O 154 -1.07 -45.09 -29.65
CA HIS O 154 -1.55 -44.69 -28.30
C HIS O 154 -2.88 -45.31 -27.87
N ALA O 155 -2.94 -45.69 -26.60
CA ALA O 155 -4.15 -46.30 -26.03
C ALA O 155 -5.26 -45.27 -25.97
N LEU O 156 -4.84 -44.05 -25.64
CA LEU O 156 -5.75 -42.90 -25.40
C LEU O 156 -5.53 -41.80 -26.45
N PRO O 157 -6.62 -41.27 -26.99
CA PRO O 157 -8.00 -41.68 -26.76
C PRO O 157 -8.37 -43.00 -27.43
N GLU O 158 -9.35 -43.65 -26.82
CA GLU O 158 -9.87 -44.95 -27.29
C GLU O 158 -10.72 -44.79 -28.53
N GLN O 159 -11.65 -43.86 -28.42
CA GLN O 159 -12.63 -43.54 -29.48
C GLN O 159 -12.47 -42.13 -30.07
N VAL O 160 -12.47 -42.07 -31.38
CA VAL O 160 -12.44 -40.80 -32.14
C VAL O 160 -13.59 -40.67 -33.12
N TYR O 161 -14.28 -39.56 -33.01
CA TYR O 161 -15.36 -39.21 -33.96
C TYR O 161 -15.01 -38.03 -34.84
N PHE O 162 -15.05 -38.27 -36.12
CA PHE O 162 -14.98 -37.19 -37.13
C PHE O 162 -16.39 -36.70 -37.44
N VAL O 163 -16.70 -35.52 -36.92
CA VAL O 163 -18.00 -34.89 -37.16
C VAL O 163 -17.97 -34.02 -38.40
N CYS O 164 -18.80 -34.42 -39.34
CA CYS O 164 -18.93 -33.76 -40.66
C CYS O 164 -20.29 -33.07 -40.82
N TYR O 165 -20.23 -31.82 -41.22
CA TYR O 165 -21.40 -30.89 -41.18
C TYR O 165 -22.35 -31.03 -42.36
N ASP O 166 -21.82 -31.62 -43.41
CA ASP O 166 -22.59 -31.92 -44.61
C ASP O 166 -22.23 -33.30 -45.17
N GLU O 167 -23.10 -33.81 -46.04
CA GLU O 167 -22.95 -35.15 -46.63
C GLU O 167 -21.72 -35.28 -47.54
N GLU O 168 -21.43 -34.23 -48.29
CA GLU O 168 -20.26 -34.23 -49.21
C GLU O 168 -18.93 -34.54 -48.47
N ASN O 169 -18.73 -33.77 -47.42
CA ASN O 169 -17.56 -33.93 -46.49
C ASN O 169 -17.53 -35.30 -45.81
N ALA O 170 -18.69 -35.69 -45.31
CA ALA O 170 -18.86 -37.01 -44.65
C ALA O 170 -18.32 -38.13 -45.55
N HIS O 171 -18.73 -38.10 -46.80
CA HIS O 171 -18.32 -39.11 -47.82
C HIS O 171 -16.84 -39.13 -48.04
N LEU O 172 -16.33 -37.93 -48.14
CA LEU O 172 -14.90 -37.66 -48.34
C LEU O 172 -14.06 -38.42 -47.32
N TYR O 173 -14.42 -38.20 -46.06
CA TYR O 173 -13.79 -38.85 -44.89
C TYR O 173 -13.94 -40.38 -44.98
N GLU O 174 -15.18 -40.83 -45.13
CA GLU O 174 -15.51 -42.32 -45.18
C GLU O 174 -14.65 -43.06 -46.21
N ARG O 175 -14.47 -42.39 -47.34
CA ARG O 175 -13.69 -42.92 -48.48
C ARG O 175 -12.21 -42.98 -48.07
N LEU O 176 -11.75 -41.92 -47.42
CA LEU O 176 -10.32 -41.77 -47.01
C LEU O 176 -9.95 -42.81 -45.96
N LEU O 177 -10.93 -43.10 -45.12
CA LEU O 177 -10.80 -44.05 -44.00
C LEU O 177 -10.57 -45.46 -44.50
N THR O 178 -11.31 -45.77 -45.54
CA THR O 178 -11.22 -47.07 -46.24
C THR O 178 -9.97 -47.16 -47.17
N GLN O 179 -9.26 -46.06 -47.29
CA GLN O 179 -7.92 -46.02 -47.94
C GLN O 179 -6.86 -46.47 -46.94
N GLN O 180 -7.29 -46.90 -45.76
CA GLN O 180 -6.34 -47.44 -44.78
C GLN O 180 -7.09 -48.18 -43.65
N THR P 9 48.10 -75.95 6.50
CA THR P 9 47.55 -77.15 5.80
C THR P 9 46.03 -76.93 5.51
N ARG P 10 45.35 -76.60 6.58
CA ARG P 10 43.87 -76.44 6.63
C ARG P 10 43.40 -75.01 6.73
N ILE P 11 44.27 -74.18 7.24
CA ILE P 11 43.97 -72.75 7.41
C ILE P 11 44.89 -71.92 6.57
N HIS P 12 44.32 -71.03 5.79
CA HIS P 12 45.10 -70.17 4.88
C HIS P 12 44.74 -68.73 4.97
N VAL P 13 45.77 -67.93 4.75
CA VAL P 13 45.64 -66.48 4.73
C VAL P 13 45.81 -66.02 3.30
N VAL P 14 44.80 -65.34 2.82
CA VAL P 14 44.80 -64.81 1.49
C VAL P 14 44.50 -63.33 1.57
N GLN P 15 45.15 -62.61 0.67
CA GLN P 15 44.99 -61.16 0.58
C GLN P 15 44.18 -60.75 -0.64
N GLY P 16 43.12 -60.03 -0.36
CA GLY P 16 42.27 -59.46 -1.39
C GLY P 16 40.79 -59.38 -1.10
N ASP P 17 40.05 -59.49 -2.18
CA ASP P 17 38.57 -59.34 -2.20
C ASP P 17 37.87 -60.69 -2.04
N ILE P 18 37.24 -60.83 -0.88
CA ILE P 18 36.51 -62.07 -0.49
C ILE P 18 35.49 -62.55 -1.52
N THR P 19 34.94 -61.61 -2.26
CA THR P 19 33.85 -61.93 -3.26
C THR P 19 34.35 -62.67 -4.50
N LYS P 20 35.65 -62.71 -4.62
CA LYS P 20 36.36 -63.40 -5.74
C LYS P 20 36.72 -64.85 -5.41
N LEU P 21 36.67 -65.18 -4.14
CA LEU P 21 37.01 -66.52 -3.65
C LEU P 21 36.01 -67.62 -4.00
N ALA P 22 36.48 -68.55 -4.81
CA ALA P 22 35.72 -69.79 -5.15
C ALA P 22 35.84 -70.83 -4.03
N VAL P 23 35.09 -70.58 -2.99
CA VAL P 23 34.98 -71.54 -1.87
C VAL P 23 33.53 -71.94 -1.68
N ASP P 24 33.29 -72.93 -0.84
CA ASP P 24 31.92 -73.42 -0.62
C ASP P 24 31.06 -72.30 -0.06
N VAL P 25 31.55 -71.76 1.02
CA VAL P 25 30.85 -70.68 1.73
C VAL P 25 31.70 -69.44 2.01
N ILE P 26 31.08 -68.33 1.73
CA ILE P 26 31.64 -67.00 2.00
C ILE P 26 30.92 -66.36 3.19
N VAL P 27 31.68 -65.86 4.12
CA VAL P 27 31.11 -65.25 5.34
C VAL P 27 30.97 -63.73 5.22
N ASN P 28 29.77 -63.27 5.53
CA ASN P 28 29.42 -61.85 5.56
C ASN P 28 29.39 -61.25 6.96
N ALA P 29 30.11 -60.14 7.09
CA ALA P 29 30.09 -59.31 8.30
C ALA P 29 28.87 -58.38 8.30
N ALA P 30 27.81 -58.88 8.89
CA ALA P 30 26.46 -58.32 8.76
C ALA P 30 26.01 -57.53 9.96
N ALA P 31 24.90 -56.85 9.76
CA ALA P 31 24.12 -56.17 10.83
C ALA P 31 22.84 -56.95 11.10
N PRO P 32 22.21 -56.76 12.28
CA PRO P 32 21.08 -57.57 12.70
C PRO P 32 19.94 -57.59 11.72
N SER P 33 19.82 -56.51 10.98
CA SER P 33 18.79 -56.41 9.89
C SER P 33 19.01 -57.39 8.73
N LEU P 34 20.28 -57.68 8.48
CA LEU P 34 20.75 -58.56 7.36
C LEU P 34 20.56 -57.92 6.01
N MET P 35 20.39 -56.61 6.03
CA MET P 35 19.92 -55.89 4.81
C MET P 35 20.93 -55.02 4.10
N GLY P 36 22.17 -55.42 4.16
CA GLY P 36 23.15 -54.82 3.26
C GLY P 36 23.68 -53.61 3.95
N GLY P 37 24.83 -53.18 3.51
CA GLY P 37 25.56 -52.15 4.23
C GLY P 37 26.74 -51.61 3.46
N GLY P 38 27.71 -51.15 4.22
CA GLY P 38 28.93 -50.58 3.68
C GLY P 38 29.97 -51.68 3.93
N GLY P 39 31.24 -51.50 3.61
CA GLY P 39 32.19 -52.60 3.88
C GLY P 39 31.88 -53.88 3.15
N VAL P 40 32.10 -55.02 3.79
CA VAL P 40 32.02 -56.31 3.05
C VAL P 40 30.59 -56.55 2.57
N ALA P 41 29.69 -56.25 3.47
CA ALA P 41 28.24 -56.50 3.28
C ALA P 41 27.81 -55.94 1.92
N GLY P 42 28.29 -54.75 1.64
CA GLY P 42 27.97 -54.06 0.38
C GLY P 42 28.64 -54.73 -0.80
N ALA P 43 29.91 -54.96 -0.63
CA ALA P 43 30.70 -55.70 -1.63
C ALA P 43 29.99 -57.03 -2.02
N ILE P 44 29.63 -57.73 -0.98
CA ILE P 44 29.06 -59.10 -1.09
C ILE P 44 27.70 -59.05 -1.81
N HIS P 45 26.84 -58.18 -1.31
CA HIS P 45 25.49 -57.97 -1.93
C HIS P 45 25.54 -57.51 -3.40
N ARG P 46 26.41 -56.56 -3.65
CA ARG P 46 26.60 -56.06 -5.02
C ARG P 46 27.10 -57.18 -5.95
N ALA P 47 28.05 -57.95 -5.45
CA ALA P 47 28.65 -59.06 -6.23
C ALA P 47 27.68 -60.19 -6.46
N ALA P 48 26.88 -60.43 -5.45
CA ALA P 48 25.92 -61.58 -5.41
C ALA P 48 24.72 -61.33 -6.29
N GLY P 49 24.35 -60.08 -6.31
CA GLY P 49 23.17 -59.62 -7.03
C GLY P 49 21.93 -59.65 -6.16
N PRO P 50 20.77 -59.33 -6.75
CA PRO P 50 19.51 -59.14 -6.00
C PRO P 50 18.94 -60.38 -5.32
N ALA P 51 19.32 -61.55 -5.82
CA ALA P 51 18.83 -62.83 -5.22
C ALA P 51 19.16 -62.92 -3.70
N LEU P 52 20.32 -62.38 -3.36
CA LEU P 52 20.88 -62.46 -2.00
C LEU P 52 19.99 -61.71 -1.01
N LEU P 53 19.61 -60.54 -1.46
CA LEU P 53 18.73 -59.66 -0.70
C LEU P 53 17.35 -60.28 -0.49
N ASP P 54 16.80 -60.82 -1.58
CA ASP P 54 15.50 -61.57 -1.53
C ASP P 54 15.54 -62.67 -0.48
N ALA P 55 16.65 -63.38 -0.47
CA ALA P 55 16.89 -64.47 0.48
C ALA P 55 17.00 -63.94 1.91
N CYS P 56 17.75 -62.87 2.05
CA CYS P 56 17.92 -62.20 3.37
C CYS P 56 16.57 -61.70 3.94
N LEU P 57 15.74 -61.25 3.04
CA LEU P 57 14.36 -60.81 3.37
C LEU P 57 13.50 -61.92 3.95
N LYS P 58 13.49 -63.02 3.21
CA LYS P 58 12.81 -64.29 3.60
C LYS P 58 13.18 -64.73 5.02
N VAL P 59 14.47 -64.64 5.30
CA VAL P 59 15.06 -65.03 6.62
C VAL P 59 14.49 -64.13 7.71
N ARG P 60 14.70 -62.84 7.48
CA ARG P 60 14.25 -61.70 8.35
C ARG P 60 12.78 -61.89 8.71
N GLN P 61 12.03 -62.15 7.65
CA GLN P 61 10.57 -62.45 7.72
C GLN P 61 10.26 -63.63 8.63
N GLN P 62 11.18 -64.56 8.64
CA GLN P 62 11.01 -65.87 9.32
C GLN P 62 11.54 -65.94 10.75
N GLN P 63 12.58 -65.19 11.01
CA GLN P 63 13.26 -65.23 12.36
C GLN P 63 13.59 -63.85 12.92
N GLY P 64 13.11 -62.85 12.22
CA GLY P 64 13.37 -61.45 12.60
C GLY P 64 14.84 -61.07 12.53
N ASP P 65 15.21 -60.09 13.33
CA ASP P 65 16.61 -59.64 13.41
C ASP P 65 17.51 -60.77 13.89
N CYS P 66 18.66 -60.85 13.26
CA CYS P 66 19.74 -61.77 13.65
C CYS P 66 20.53 -61.18 14.79
N PRO P 67 20.45 -61.80 15.98
CA PRO P 67 21.14 -61.23 17.11
C PRO P 67 22.64 -61.30 17.03
N THR P 68 23.25 -60.40 17.77
CA THR P 68 24.71 -60.31 17.83
C THR P 68 25.27 -61.65 18.29
N GLY P 69 26.31 -62.04 17.59
CA GLY P 69 27.08 -63.26 17.90
C GLY P 69 26.53 -64.49 17.20
N HIS P 70 25.38 -64.30 16.55
CA HIS P 70 24.69 -65.39 15.82
C HIS P 70 24.79 -65.23 14.34
N ALA P 71 24.28 -66.21 13.65
CA ALA P 71 24.51 -66.34 12.20
C ALA P 71 23.42 -67.12 11.49
N VAL P 72 23.27 -66.78 10.24
CA VAL P 72 22.38 -67.47 9.31
C VAL P 72 23.02 -67.73 7.95
N ILE P 73 22.46 -68.69 7.26
CA ILE P 73 22.99 -69.12 5.97
C ILE P 73 21.93 -68.99 4.89
N THR P 74 22.39 -68.53 3.74
CA THR P 74 21.54 -68.32 2.56
C THR P 74 22.24 -68.73 1.28
N LEU P 75 21.46 -68.76 0.22
CA LEU P 75 22.00 -68.91 -1.13
C LEU P 75 22.98 -67.77 -1.45
N ALA P 76 23.69 -67.90 -2.56
CA ALA P 76 24.83 -66.96 -2.88
C ALA P 76 24.75 -66.24 -4.24
N GLY P 77 23.68 -66.49 -4.95
CA GLY P 77 23.43 -65.89 -6.26
C GLY P 77 24.64 -65.91 -7.21
N ASP P 78 25.02 -64.75 -7.69
CA ASP P 78 26.13 -64.60 -8.71
C ASP P 78 27.55 -64.81 -8.17
N LEU P 79 27.66 -64.93 -6.87
CA LEU P 79 28.98 -65.25 -6.27
C LEU P 79 29.51 -66.57 -6.76
N PRO P 80 30.85 -66.73 -6.85
CA PRO P 80 31.37 -68.07 -7.14
C PRO P 80 31.24 -69.07 -5.98
N ALA P 81 30.86 -68.59 -4.83
CA ALA P 81 30.56 -69.46 -3.69
C ALA P 81 29.21 -70.17 -3.85
N LYS P 82 29.00 -71.16 -3.02
CA LYS P 82 27.76 -71.95 -3.03
C LYS P 82 26.73 -71.41 -2.09
N ALA P 83 27.24 -70.83 -1.04
CA ALA P 83 26.40 -70.23 -0.01
C ALA P 83 27.10 -69.07 0.67
N VAL P 84 26.28 -68.24 1.26
CA VAL P 84 26.74 -67.14 2.11
C VAL P 84 26.20 -67.29 3.49
N VAL P 85 27.11 -67.13 4.41
CA VAL P 85 26.79 -67.13 5.85
C VAL P 85 26.90 -65.71 6.34
N HIS P 86 25.79 -65.25 6.83
CA HIS P 86 25.68 -63.91 7.37
C HIS P 86 25.77 -64.01 8.86
N THR P 87 26.76 -63.35 9.40
CA THR P 87 26.96 -63.31 10.85
C THR P 87 27.13 -61.88 11.34
N VAL P 88 26.70 -61.70 12.57
CA VAL P 88 26.68 -60.41 13.24
C VAL P 88 27.71 -60.28 14.35
N GLY P 89 28.75 -59.54 14.01
CA GLY P 89 29.85 -59.24 14.97
C GLY P 89 29.41 -58.22 16.00
N PRO P 90 30.13 -58.14 17.12
CA PRO P 90 29.75 -57.13 18.07
C PRO P 90 30.31 -55.77 17.72
N VAL P 91 29.61 -54.78 18.24
CA VAL P 91 30.09 -53.40 18.19
C VAL P 91 31.06 -53.20 19.34
N TRP P 92 32.21 -52.65 19.00
CA TRP P 92 33.27 -52.41 20.00
C TRP P 92 32.93 -51.22 20.89
N ARG P 93 33.00 -51.48 22.18
CA ARG P 93 32.64 -50.51 23.23
C ARG P 93 33.66 -50.39 24.38
N GLY P 94 34.89 -50.73 24.10
CA GLY P 94 36.00 -50.59 25.06
C GLY P 94 36.51 -51.85 25.72
N GLY P 95 35.77 -52.92 25.57
CA GLY P 95 36.24 -54.27 25.98
C GLY P 95 35.62 -54.82 27.25
N GLU P 96 34.77 -54.03 27.87
CA GLU P 96 34.15 -54.37 29.15
C GLU P 96 32.69 -54.82 29.01
N GLN P 97 32.29 -55.00 27.77
CA GLN P 97 30.89 -55.34 27.41
C GLN P 97 30.74 -56.69 26.76
N ASN P 98 31.64 -57.58 27.14
CA ASN P 98 31.62 -58.97 26.66
C ASN P 98 31.80 -59.11 25.15
N GLU P 99 32.51 -58.13 24.60
CA GLU P 99 32.71 -58.06 23.14
C GLU P 99 33.55 -59.23 22.64
N ASP P 100 34.57 -59.56 23.41
CA ASP P 100 35.50 -60.65 23.09
C ASP P 100 34.75 -61.99 22.90
N GLN P 101 33.86 -62.26 23.83
CA GLN P 101 33.02 -63.49 23.89
C GLN P 101 32.12 -63.54 22.64
N LEU P 102 31.53 -62.40 22.34
CA LEU P 102 30.54 -62.28 21.25
C LEU P 102 31.15 -62.41 19.87
N LEU P 103 32.36 -61.91 19.74
CA LEU P 103 33.13 -62.05 18.49
C LEU P 103 33.47 -63.52 18.26
N GLN P 104 33.89 -64.13 19.34
CA GLN P 104 34.15 -65.60 19.41
C GLN P 104 32.93 -66.38 18.89
N ASP P 105 31.81 -66.01 19.46
CA ASP P 105 30.51 -66.62 19.14
C ASP P 105 30.16 -66.50 17.65
N ALA P 106 30.45 -65.34 17.11
CA ALA P 106 30.21 -65.07 15.69
C ALA P 106 30.98 -66.07 14.81
N TYR P 107 32.22 -66.26 15.17
CA TYR P 107 33.11 -67.19 14.43
C TYR P 107 32.63 -68.64 14.63
N LEU P 108 32.39 -68.96 15.88
CA LEU P 108 31.90 -70.31 16.26
C LEU P 108 30.61 -70.70 15.50
N ASN P 109 29.59 -69.89 15.69
CA ASN P 109 28.26 -70.17 15.08
C ASN P 109 28.29 -70.24 13.55
N SER P 110 29.17 -69.43 12.99
CA SER P 110 29.40 -69.42 11.53
C SER P 110 29.93 -70.77 11.07
N LEU P 111 30.98 -71.19 11.74
CA LEU P 111 31.64 -72.49 11.49
C LEU P 111 30.65 -73.65 11.64
N ARG P 112 29.90 -73.58 12.72
CA ARG P 112 28.84 -74.59 13.06
C ARG P 112 27.80 -74.74 11.97
N LEU P 113 27.40 -73.61 11.42
CA LEU P 113 26.50 -73.55 10.26
C LEU P 113 27.09 -74.10 8.96
N VAL P 114 28.33 -73.76 8.71
CA VAL P 114 29.05 -74.30 7.53
C VAL P 114 29.01 -75.84 7.59
N ALA P 115 29.36 -76.33 8.76
CA ALA P 115 29.46 -77.77 9.04
C ALA P 115 28.09 -78.46 8.92
N ALA P 116 27.14 -77.88 9.62
CA ALA P 116 25.73 -78.38 9.67
C ALA P 116 25.07 -78.47 8.29
N ASN P 117 25.59 -77.69 7.37
CA ASN P 117 25.12 -77.68 5.96
C ASN P 117 26.02 -78.41 5.01
N SER P 118 26.92 -79.15 5.61
CA SER P 118 27.79 -80.13 4.91
C SER P 118 28.77 -79.48 3.95
N TYR P 119 29.16 -78.27 4.29
CA TYR P 119 30.15 -77.55 3.49
C TYR P 119 31.58 -77.79 4.01
N THR P 120 32.51 -77.81 3.08
CA THR P 120 33.89 -78.23 3.40
C THR P 120 34.88 -77.08 3.51
N SER P 121 34.57 -76.01 2.82
CA SER P 121 35.41 -74.82 2.78
C SER P 121 34.65 -73.50 3.06
N VAL P 122 35.29 -72.67 3.85
CA VAL P 122 34.74 -71.37 4.22
C VAL P 122 35.77 -70.24 4.21
N ALA P 123 35.34 -69.11 3.70
CA ALA P 123 36.12 -67.85 3.74
C ALA P 123 35.58 -66.81 4.72
N PHE P 124 36.50 -66.27 5.49
CA PHE P 124 36.20 -65.25 6.54
C PHE P 124 36.85 -63.88 6.32
N PRO P 125 36.06 -62.81 6.48
CA PRO P 125 36.67 -61.51 6.57
C PRO P 125 36.97 -61.17 8.02
N ALA P 126 37.62 -60.03 8.18
CA ALA P 126 38.00 -59.54 9.53
C ALA P 126 36.79 -58.91 10.26
N ILE P 127 35.97 -59.79 10.79
CA ILE P 127 34.66 -59.41 11.39
C ILE P 127 34.85 -58.43 12.52
N SER P 128 33.99 -57.42 12.51
CA SER P 128 33.89 -56.34 13.54
C SER P 128 34.98 -55.23 13.48
N THR P 129 35.97 -55.42 12.61
CA THR P 129 37.18 -54.54 12.58
C THR P 129 37.02 -53.31 11.73
N GLY P 130 35.95 -53.28 10.98
CA GLY P 130 35.66 -52.13 10.12
C GLY P 130 34.82 -51.08 10.86
N VAL P 131 33.58 -50.95 10.42
CA VAL P 131 32.63 -49.95 10.96
C VAL P 131 32.38 -50.21 12.45
N TYR P 132 32.36 -51.46 12.82
CA TYR P 132 32.10 -51.86 14.23
C TYR P 132 33.27 -51.59 15.20
N GLY P 133 34.36 -51.15 14.61
CA GLY P 133 35.51 -50.55 15.33
C GLY P 133 36.29 -51.39 16.34
N TYR P 134 36.39 -52.68 16.07
CA TYR P 134 37.14 -53.62 16.95
C TYR P 134 38.65 -53.48 16.68
N PRO P 135 39.46 -53.30 17.73
CA PRO P 135 40.88 -53.22 17.53
C PRO P 135 41.39 -54.41 16.72
N ARG P 136 42.01 -54.05 15.60
CA ARG P 136 42.46 -54.98 14.53
C ARG P 136 43.27 -56.20 15.05
N ALA P 137 44.08 -55.95 16.06
CA ALA P 137 45.03 -56.97 16.59
C ALA P 137 44.38 -57.96 17.55
N ALA P 138 43.59 -57.39 18.44
CA ALA P 138 42.86 -58.20 19.47
C ALA P 138 41.86 -59.13 18.78
N ALA P 139 41.22 -58.56 17.78
CA ALA P 139 40.21 -59.25 16.95
C ALA P 139 40.79 -60.47 16.23
N ALA P 140 41.84 -60.21 15.49
CA ALA P 140 42.58 -61.24 14.72
C ALA P 140 43.08 -62.38 15.62
N GLU P 141 43.44 -62.01 16.84
CA GLU P 141 43.88 -62.99 17.86
C GLU P 141 42.74 -63.96 18.18
N ILE P 142 41.58 -63.40 18.40
CA ILE P 142 40.34 -64.17 18.69
C ILE P 142 39.88 -65.02 17.48
N ALA P 143 39.93 -64.40 16.32
CA ALA P 143 39.61 -65.07 15.06
C ALA P 143 40.46 -66.34 14.91
N VAL P 144 41.75 -66.14 14.95
CA VAL P 144 42.74 -67.23 14.73
C VAL P 144 42.59 -68.32 15.79
N LYS P 145 42.49 -67.90 17.03
CA LYS P 145 42.47 -68.82 18.17
C LYS P 145 41.23 -69.71 18.07
N THR P 146 40.11 -69.03 17.89
CA THR P 146 38.77 -69.66 17.84
C THR P 146 38.62 -70.65 16.70
N VAL P 147 39.00 -70.18 15.52
CA VAL P 147 38.99 -71.01 14.29
C VAL P 147 39.92 -72.23 14.38
N SER P 148 41.13 -71.97 14.84
CA SER P 148 42.20 -72.99 15.02
C SER P 148 41.79 -74.09 15.99
N GLU P 149 41.31 -73.66 17.14
CA GLU P 149 40.83 -74.60 18.16
C GLU P 149 39.64 -75.44 17.66
N PHE P 150 38.82 -74.81 16.85
CA PHE P 150 37.58 -75.43 16.32
C PHE P 150 37.90 -76.52 15.33
N ILE P 151 38.76 -76.17 14.42
CA ILE P 151 39.19 -77.03 13.34
C ILE P 151 39.97 -78.28 13.87
N THR P 152 40.65 -78.05 14.97
CA THR P 152 41.32 -79.11 15.73
C THR P 152 40.33 -80.14 16.25
N ARG P 153 39.21 -79.63 16.71
CA ARG P 153 38.12 -80.39 17.36
C ARG P 153 37.07 -80.96 16.35
N HIS P 154 37.19 -80.58 15.07
CA HIS P 154 36.16 -80.95 14.02
C HIS P 154 36.67 -81.23 12.61
N ALA P 155 36.08 -82.23 11.99
CA ALA P 155 36.43 -82.63 10.60
C ALA P 155 36.02 -81.53 9.62
N LEU P 156 34.89 -80.95 9.93
CA LEU P 156 34.23 -79.95 9.07
C LEU P 156 34.18 -78.61 9.79
N PRO P 157 34.52 -77.52 9.09
CA PRO P 157 34.98 -77.50 7.73
C PRO P 157 36.42 -77.98 7.62
N GLU P 158 36.72 -78.47 6.43
CA GLU P 158 38.07 -78.99 6.11
C GLU P 158 39.05 -77.86 5.93
N GLN P 159 38.62 -76.92 5.12
CA GLN P 159 39.42 -75.77 4.72
C GLN P 159 38.83 -74.44 5.21
N VAL P 160 39.70 -73.63 5.78
CA VAL P 160 39.35 -72.24 6.17
C VAL P 160 40.28 -71.20 5.57
N TYR P 161 39.68 -70.22 4.93
CA TYR P 161 40.41 -69.04 4.40
C TYR P 161 40.13 -67.74 5.14
N PHE P 162 41.19 -67.16 5.65
CA PHE P 162 41.12 -65.81 6.26
C PHE P 162 41.42 -64.80 5.20
N VAL P 163 40.38 -64.14 4.76
CA VAL P 163 40.53 -63.10 3.73
C VAL P 163 40.78 -61.74 4.34
N CYS P 164 41.93 -61.23 3.98
CA CYS P 164 42.45 -59.94 4.48
C CYS P 164 42.51 -58.90 3.37
N TYR P 165 41.94 -57.74 3.68
CA TYR P 165 41.69 -56.69 2.67
C TYR P 165 42.88 -55.78 2.36
N ASP P 166 43.81 -55.79 3.29
CA ASP P 166 45.06 -55.03 3.16
C ASP P 166 46.24 -55.89 3.63
N GLU P 167 47.42 -55.46 3.24
CA GLU P 167 48.65 -56.22 3.55
C GLU P 167 48.98 -56.27 5.03
N GLU P 168 48.73 -55.15 5.68
CA GLU P 168 49.06 -55.01 7.10
C GLU P 168 48.36 -56.13 7.88
N ASN P 169 47.06 -56.25 7.59
CA ASN P 169 46.16 -57.25 8.22
C ASN P 169 46.58 -58.68 7.89
N ALA P 170 46.87 -58.87 6.61
CA ALA P 170 47.36 -60.16 6.08
C ALA P 170 48.56 -60.67 6.89
N HIS P 171 49.54 -59.80 7.05
CA HIS P 171 50.75 -60.12 7.89
C HIS P 171 50.44 -60.43 9.34
N LEU P 172 49.51 -59.65 9.86
CA LEU P 172 49.02 -59.75 11.24
C LEU P 172 48.59 -61.16 11.52
N TYR P 173 47.72 -61.62 10.65
CA TYR P 173 47.15 -63.00 10.69
C TYR P 173 48.26 -64.03 10.54
N GLU P 174 49.04 -63.86 9.49
CA GLU P 174 50.16 -64.77 9.12
C GLU P 174 51.08 -65.05 10.31
N ARG P 175 51.36 -64.00 11.04
CA ARG P 175 52.26 -64.02 12.19
C ARG P 175 51.63 -64.81 13.32
N LEU P 176 50.35 -64.53 13.53
CA LEU P 176 49.57 -65.16 14.60
C LEU P 176 49.42 -66.66 14.41
N LEU P 177 49.30 -67.01 13.15
CA LEU P 177 49.12 -68.40 12.72
C LEU P 177 50.35 -69.25 13.01
N THR P 178 51.48 -68.65 12.72
CA THR P 178 52.78 -69.30 12.92
C THR P 178 53.10 -69.48 14.42
N GLN P 179 52.17 -69.04 15.26
CA GLN P 179 52.42 -68.92 16.68
C GLN P 179 51.16 -69.38 17.41
N LYS Q 8 -12.05 17.24 -49.65
CA LYS Q 8 -12.63 18.35 -48.91
C LYS Q 8 -11.60 19.00 -47.93
N THR Q 9 -12.16 19.94 -47.23
CA THR Q 9 -11.54 20.52 -46.07
C THR Q 9 -11.77 19.58 -44.84
N ARG Q 10 -12.78 18.74 -44.97
CA ARG Q 10 -13.34 17.93 -43.86
C ARG Q 10 -13.03 16.42 -43.90
N ILE Q 11 -12.77 15.93 -45.09
CA ILE Q 11 -12.44 14.50 -45.30
C ILE Q 11 -11.04 14.34 -45.82
N HIS Q 12 -10.29 13.50 -45.16
CA HIS Q 12 -8.87 13.28 -45.54
C HIS Q 12 -8.50 11.84 -45.67
N VAL Q 13 -7.55 11.62 -46.57
CA VAL Q 13 -7.01 10.28 -46.81
C VAL Q 13 -5.60 10.28 -46.31
N VAL Q 14 -5.37 9.37 -45.39
CA VAL Q 14 -4.04 9.19 -44.83
C VAL Q 14 -3.61 7.73 -44.99
N GLN Q 15 -2.32 7.56 -45.23
CA GLN Q 15 -1.73 6.23 -45.44
C GLN Q 15 -0.90 5.82 -44.26
N GLY Q 16 -1.28 4.68 -43.71
CA GLY Q 16 -0.53 4.08 -42.62
C GLY Q 16 -1.33 3.36 -41.57
N ASP Q 17 -0.78 3.42 -40.36
CA ASP Q 17 -1.29 2.67 -39.19
C ASP Q 17 -2.27 3.49 -38.34
N ILE Q 18 -3.52 3.09 -38.41
CA ILE Q 18 -4.65 3.79 -37.74
C ILE Q 18 -4.43 4.03 -36.25
N THR Q 19 -3.67 3.14 -35.65
CA THR Q 19 -3.43 3.18 -34.17
C THR Q 19 -2.54 4.35 -33.74
N LYS Q 20 -1.93 4.97 -34.73
CA LYS Q 20 -0.98 6.10 -34.53
C LYS Q 20 -1.67 7.45 -34.61
N LEU Q 21 -2.86 7.41 -35.14
CA LEU Q 21 -3.67 8.63 -35.36
C LEU Q 21 -4.26 9.27 -34.11
N ALA Q 22 -3.77 10.47 -33.84
CA ALA Q 22 -4.28 11.31 -32.75
C ALA Q 22 -5.58 12.00 -33.18
N VAL Q 23 -6.64 11.24 -33.15
CA VAL Q 23 -8.00 11.77 -33.39
C VAL Q 23 -8.90 11.46 -32.22
N ASP Q 24 -10.08 12.05 -32.21
CA ASP Q 24 -11.04 11.86 -31.10
C ASP Q 24 -11.41 10.38 -31.00
N VAL Q 25 -11.85 9.86 -32.12
CA VAL Q 25 -12.25 8.48 -32.23
C VAL Q 25 -11.58 7.70 -33.33
N ILE Q 26 -11.19 6.51 -32.96
CA ILE Q 26 -10.67 5.50 -33.89
C ILE Q 26 -11.69 4.38 -34.09
N VAL Q 27 -11.94 4.05 -35.33
CA VAL Q 27 -12.92 2.98 -35.65
C VAL Q 27 -12.25 1.62 -35.86
N ASN Q 28 -12.82 0.64 -35.15
CA ASN Q 28 -12.40 -0.76 -35.26
C ASN Q 28 -13.33 -1.61 -36.14
N ALA Q 29 -12.69 -2.32 -37.06
CA ALA Q 29 -13.36 -3.34 -37.90
C ALA Q 29 -13.47 -4.68 -37.16
N ALA Q 30 -14.59 -4.82 -36.51
CA ALA Q 30 -14.79 -5.84 -35.48
C ALA Q 30 -15.63 -6.99 -35.95
N ALA Q 31 -15.62 -8.02 -35.13
CA ALA Q 31 -16.54 -9.18 -35.23
C ALA Q 31 -17.62 -9.07 -34.14
N PRO Q 32 -18.77 -9.74 -34.33
CA PRO Q 32 -19.89 -9.64 -33.38
C PRO Q 32 -19.57 -9.89 -31.94
N SER Q 33 -18.58 -10.73 -31.72
CA SER Q 33 -18.07 -11.01 -30.35
C SER Q 33 -17.43 -9.78 -29.66
N LEU Q 34 -16.83 -8.94 -30.48
CA LEU Q 34 -16.07 -7.72 -30.04
C LEU Q 34 -14.76 -8.05 -29.33
N MET Q 35 -14.31 -9.27 -29.52
CA MET Q 35 -13.22 -9.81 -28.66
C MET Q 35 -11.87 -9.95 -29.33
N GLY Q 36 -11.59 -9.08 -30.26
CA GLY Q 36 -10.24 -9.00 -30.74
C GLY Q 36 -10.09 -9.99 -31.85
N GLY Q 37 -9.07 -9.78 -32.65
CA GLY Q 37 -8.92 -10.58 -33.86
C GLY Q 37 -7.61 -10.37 -34.56
N GLY Q 38 -7.67 -10.55 -35.87
CA GLY Q 38 -6.51 -10.45 -36.75
C GLY Q 38 -6.75 -9.11 -37.47
N GLY Q 39 -5.90 -8.66 -38.36
CA GLY Q 39 -6.15 -7.34 -38.96
C GLY Q 39 -6.20 -6.18 -37.99
N VAL Q 40 -7.11 -5.25 -38.19
CA VAL Q 40 -7.05 -3.97 -37.43
C VAL Q 40 -7.36 -4.23 -35.97
N ALA Q 41 -8.36 -5.06 -35.78
CA ALA Q 41 -8.87 -5.44 -34.44
C ALA Q 41 -7.71 -5.82 -33.52
N GLY Q 42 -6.80 -6.62 -34.06
CA GLY Q 42 -5.62 -7.02 -33.31
C GLY Q 42 -4.69 -5.84 -33.07
N ALA Q 43 -4.39 -5.15 -34.14
CA ALA Q 43 -3.48 -3.95 -34.07
C ALA Q 43 -3.97 -2.98 -32.96
N ILE Q 44 -5.26 -2.76 -33.02
CA ILE Q 44 -5.94 -1.81 -32.14
C ILE Q 44 -5.85 -2.26 -30.69
N HIS Q 45 -6.25 -3.50 -30.47
CA HIS Q 45 -6.26 -4.10 -29.10
C HIS Q 45 -4.87 -4.11 -28.52
N ARG Q 46 -3.93 -4.53 -29.32
CA ARG Q 46 -2.53 -4.60 -28.87
C ARG Q 46 -2.01 -3.21 -28.50
N ALA Q 47 -2.34 -2.25 -29.33
CA ALA Q 47 -1.92 -0.82 -29.12
C ALA Q 47 -2.60 -0.17 -27.91
N ALA Q 48 -3.85 -0.53 -27.74
CA ALA Q 48 -4.74 0.05 -26.70
C ALA Q 48 -4.39 -0.48 -25.32
N GLY Q 49 -4.02 -1.73 -25.32
CA GLY Q 49 -3.73 -2.48 -24.09
C GLY Q 49 -4.97 -3.19 -23.55
N PRO Q 50 -4.83 -3.86 -22.37
CA PRO Q 50 -5.89 -4.71 -21.79
C PRO Q 50 -7.18 -4.00 -21.37
N ALA Q 51 -7.09 -2.70 -21.13
CA ALA Q 51 -8.30 -1.91 -20.74
C ALA Q 51 -9.44 -2.05 -21.78
N LEU Q 52 -9.02 -2.13 -23.04
CA LEU Q 52 -9.95 -2.13 -24.18
C LEU Q 52 -10.82 -3.37 -24.16
N LEU Q 53 -10.13 -4.47 -23.92
CA LEU Q 53 -10.74 -5.78 -23.85
C LEU Q 53 -11.73 -5.84 -22.69
N ASP Q 54 -11.28 -5.35 -21.55
CA ASP Q 54 -12.15 -5.28 -20.33
C ASP Q 54 -13.45 -4.55 -20.64
N ALA Q 55 -13.29 -3.47 -21.37
CA ALA Q 55 -14.44 -2.59 -21.81
C ALA Q 55 -15.35 -3.32 -22.78
N CYS Q 56 -14.72 -3.99 -23.73
CA CYS Q 56 -15.44 -4.80 -24.72
C CYS Q 56 -16.25 -5.95 -24.07
N LEU Q 57 -15.66 -6.50 -23.03
CA LEU Q 57 -16.33 -7.54 -22.20
C LEU Q 57 -17.61 -7.05 -21.54
N LYS Q 58 -17.47 -5.93 -20.86
CA LYS Q 58 -18.59 -5.21 -20.19
C LYS Q 58 -19.77 -4.98 -21.11
N VAL Q 59 -19.42 -4.58 -22.33
CA VAL Q 59 -20.42 -4.29 -23.40
C VAL Q 59 -21.17 -5.56 -23.78
N ARG Q 60 -20.38 -6.55 -24.16
CA ARG Q 60 -20.82 -7.94 -24.52
C ARG Q 60 -21.78 -8.47 -23.47
N GLN Q 61 -21.32 -8.31 -22.26
CA GLN Q 61 -22.08 -8.60 -21.02
C GLN Q 61 -23.47 -7.98 -20.97
N GLN Q 62 -23.50 -6.79 -21.49
CA GLN Q 62 -24.65 -5.89 -21.39
C GLN Q 62 -25.63 -5.94 -22.57
N GLN Q 63 -25.08 -6.21 -23.74
CA GLN Q 63 -25.89 -6.22 -24.98
C GLN Q 63 -25.72 -7.47 -25.84
N GLY Q 64 -24.91 -8.37 -25.34
CA GLY Q 64 -24.53 -9.56 -26.10
C GLY Q 64 -23.75 -9.22 -27.37
N ASP Q 65 -23.84 -10.10 -28.35
CA ASP Q 65 -23.15 -9.92 -29.61
C ASP Q 65 -23.62 -8.65 -30.30
N CYS Q 66 -22.67 -7.95 -30.87
CA CYS Q 66 -22.92 -6.77 -31.72
C CYS Q 66 -23.31 -7.22 -33.13
N PRO Q 67 -24.57 -6.99 -33.52
CA PRO Q 67 -24.99 -7.43 -34.84
C PRO Q 67 -24.33 -6.72 -35.98
N THR Q 68 -24.32 -7.43 -37.09
CA THR Q 68 -23.75 -6.92 -38.34
C THR Q 68 -24.43 -5.61 -38.73
N GLY Q 69 -23.59 -4.67 -39.12
CA GLY Q 69 -24.03 -3.32 -39.56
C GLY Q 69 -24.18 -2.30 -38.42
N HIS Q 70 -24.04 -2.81 -37.21
CA HIS Q 70 -24.16 -1.97 -36.02
C HIS Q 70 -22.83 -1.68 -35.36
N ALA Q 71 -22.89 -0.88 -34.31
CA ALA Q 71 -21.66 -0.36 -33.69
C ALA Q 71 -21.84 0.04 -32.25
N VAL Q 72 -20.72 -0.03 -31.55
CA VAL Q 72 -20.63 0.38 -30.14
C VAL Q 72 -19.38 1.21 -29.92
N ILE Q 73 -19.45 1.98 -28.85
CA ILE Q 73 -18.34 2.83 -28.46
C ILE Q 73 -17.82 2.49 -27.04
N THR Q 74 -16.51 2.53 -26.93
CA THR Q 74 -15.81 2.27 -25.66
C THR Q 74 -14.64 3.22 -25.45
N LEU Q 75 -14.10 3.17 -24.24
CA LEU Q 75 -12.81 3.83 -23.91
C LEU Q 75 -11.70 3.30 -24.84
N ALA Q 76 -10.54 3.94 -24.80
CA ALA Q 76 -9.47 3.65 -25.80
C ALA Q 76 -8.11 3.32 -25.21
N GLY Q 77 -8.06 3.26 -23.90
CA GLY Q 77 -6.84 2.98 -23.17
C GLY Q 77 -5.61 3.73 -23.68
N ASP Q 78 -4.58 2.98 -24.01
CA ASP Q 78 -3.21 3.56 -24.36
C ASP Q 78 -3.14 4.23 -25.72
N LEU Q 79 -4.21 4.07 -26.48
CA LEU Q 79 -4.30 4.73 -27.81
C LEU Q 79 -4.21 6.25 -27.64
N PRO Q 80 -3.67 6.96 -28.63
CA PRO Q 80 -3.77 8.42 -28.56
C PRO Q 80 -5.18 8.98 -28.79
N ALA Q 81 -6.09 8.13 -29.19
CA ALA Q 81 -7.49 8.51 -29.34
C ALA Q 81 -8.20 8.59 -28.01
N LYS Q 82 -9.37 9.17 -28.04
CA LYS Q 82 -10.17 9.35 -26.82
C LYS Q 82 -11.13 8.23 -26.64
N ALA Q 83 -11.55 7.69 -27.76
CA ALA Q 83 -12.49 6.57 -27.75
C ALA Q 83 -12.28 5.70 -28.95
N VAL Q 84 -12.73 4.48 -28.80
CA VAL Q 84 -12.81 3.52 -29.90
C VAL Q 84 -14.23 3.14 -30.16
N VAL Q 85 -14.56 3.21 -31.44
CA VAL Q 85 -15.85 2.73 -31.95
C VAL Q 85 -15.63 1.41 -32.64
N HIS Q 86 -16.30 0.42 -32.11
CA HIS Q 86 -16.26 -0.92 -32.66
C HIS Q 86 -17.47 -1.12 -33.51
N THR Q 87 -17.23 -1.38 -34.77
CA THR Q 87 -18.32 -1.69 -35.71
C THR Q 87 -18.09 -2.98 -36.49
N VAL Q 88 -19.19 -3.61 -36.83
CA VAL Q 88 -19.24 -4.93 -37.49
C VAL Q 88 -19.67 -4.85 -38.94
N GLY Q 89 -18.67 -4.95 -39.79
CA GLY Q 89 -18.88 -5.01 -41.25
C GLY Q 89 -19.49 -6.33 -41.69
N PRO Q 90 -20.08 -6.37 -42.88
CA PRO Q 90 -20.60 -7.63 -43.34
C PRO Q 90 -19.53 -8.51 -43.96
N VAL Q 91 -19.82 -9.80 -43.92
CA VAL Q 91 -19.02 -10.78 -44.64
C VAL Q 91 -19.47 -10.80 -46.07
N TRP Q 92 -18.51 -10.71 -46.96
CA TRP Q 92 -18.79 -10.70 -48.41
C TRP Q 92 -19.20 -12.09 -48.92
N ARG Q 93 -20.34 -12.11 -49.59
CA ARG Q 93 -20.99 -13.35 -50.10
C ARG Q 93 -21.44 -13.29 -51.57
N GLY Q 94 -20.84 -12.40 -52.31
CA GLY Q 94 -21.11 -12.27 -53.77
C GLY Q 94 -21.95 -11.07 -54.20
N GLY Q 95 -22.56 -10.42 -53.24
CA GLY Q 95 -23.30 -9.16 -53.48
C GLY Q 95 -24.81 -9.24 -53.51
N GLU Q 96 -25.33 -10.44 -53.37
CA GLU Q 96 -26.80 -10.71 -53.41
C GLU Q 96 -27.44 -10.93 -52.04
N GLN Q 97 -26.64 -10.71 -51.02
CA GLN Q 97 -27.03 -10.96 -49.60
C GLN Q 97 -27.09 -9.69 -48.75
N ASN Q 98 -27.42 -8.58 -49.41
CA ASN Q 98 -27.63 -7.27 -48.74
C ASN Q 98 -26.36 -6.65 -48.15
N GLU Q 99 -25.23 -7.06 -48.69
CA GLU Q 99 -23.91 -6.68 -48.16
C GLU Q 99 -23.62 -5.19 -48.27
N ASP Q 100 -23.95 -4.67 -49.42
CA ASP Q 100 -23.77 -3.22 -49.75
C ASP Q 100 -24.47 -2.29 -48.73
N GLN Q 101 -25.70 -2.65 -48.42
CA GLN Q 101 -26.57 -1.95 -47.46
C GLN Q 101 -25.97 -2.02 -46.04
N LEU Q 102 -25.53 -3.20 -45.69
CA LEU Q 102 -24.96 -3.51 -44.33
C LEU Q 102 -23.63 -2.80 -44.08
N LEU Q 103 -22.84 -2.69 -45.13
CA LEU Q 103 -21.55 -1.96 -45.06
C LEU Q 103 -21.80 -0.46 -44.86
N GLN Q 104 -22.76 0.00 -45.62
CA GLN Q 104 -23.32 1.36 -45.46
C GLN Q 104 -23.70 1.64 -44.00
N ASP Q 105 -24.49 0.72 -43.48
CA ASP Q 105 -25.03 0.79 -42.08
C ASP Q 105 -23.92 0.86 -41.04
N ALA Q 106 -22.89 0.08 -41.30
CA ALA Q 106 -21.69 0.09 -40.44
C ALA Q 106 -21.09 1.51 -40.34
N TYR Q 107 -20.93 2.12 -41.49
CA TYR Q 107 -20.32 3.47 -41.59
C TYR Q 107 -21.27 4.51 -40.95
N LEU Q 108 -22.53 4.40 -41.31
CA LEU Q 108 -23.61 5.30 -40.76
C LEU Q 108 -23.70 5.28 -39.23
N ASN Q 109 -23.93 4.09 -38.70
CA ASN Q 109 -24.07 3.89 -37.22
C ASN Q 109 -22.83 4.31 -36.43
N SER Q 110 -21.69 4.11 -37.06
CA SER Q 110 -20.40 4.52 -36.48
C SER Q 110 -20.39 6.04 -36.31
N LEU Q 111 -20.66 6.70 -37.43
CA LEU Q 111 -20.68 8.20 -37.50
C LEU Q 111 -21.66 8.77 -36.50
N ARG Q 112 -22.83 8.16 -36.49
CA ARG Q 112 -23.93 8.52 -35.55
C ARG Q 112 -23.49 8.47 -34.09
N LEU Q 113 -22.78 7.41 -33.75
CA LEU Q 113 -22.20 7.22 -32.39
C LEU Q 113 -21.11 8.25 -32.06
N VAL Q 114 -20.25 8.50 -33.01
CA VAL Q 114 -19.23 9.55 -32.83
C VAL Q 114 -19.91 10.88 -32.43
N ALA Q 115 -20.93 11.20 -33.22
CA ALA Q 115 -21.69 12.45 -33.10
C ALA Q 115 -22.42 12.50 -31.75
N ALA Q 116 -23.14 11.44 -31.50
CA ALA Q 116 -23.98 11.28 -30.27
C ALA Q 116 -23.15 11.42 -28.98
N ASN Q 117 -21.87 11.15 -29.11
CA ASN Q 117 -20.92 11.22 -27.97
C ASN Q 117 -20.07 12.49 -28.00
N SER Q 118 -20.49 13.39 -28.87
CA SER Q 118 -19.96 14.78 -28.99
C SER Q 118 -18.52 14.84 -29.42
N TYR Q 119 -18.13 13.84 -30.17
CA TYR Q 119 -16.79 13.82 -30.75
C TYR Q 119 -16.74 14.56 -32.13
N THR Q 120 -15.61 15.17 -32.40
CA THR Q 120 -15.45 16.02 -33.59
C THR Q 120 -14.67 15.40 -34.73
N SER Q 121 -13.79 14.49 -34.38
CA SER Q 121 -12.92 13.78 -35.35
C SER Q 121 -12.93 12.25 -35.23
N VAL Q 122 -13.01 11.62 -36.39
CA VAL Q 122 -13.02 10.14 -36.47
C VAL Q 122 -12.14 9.59 -37.59
N ALA Q 123 -11.44 8.52 -37.26
CA ALA Q 123 -10.63 7.73 -38.23
C ALA Q 123 -11.23 6.36 -38.56
N PHE Q 124 -11.28 6.10 -39.86
CA PHE Q 124 -11.85 4.86 -40.44
C PHE Q 124 -10.87 3.97 -41.19
N PRO Q 125 -10.90 2.66 -40.90
CA PRO Q 125 -10.18 1.76 -41.76
C PRO Q 125 -11.08 1.23 -42.83
N ALA Q 126 -10.48 0.47 -43.73
CA ALA Q 126 -11.21 -0.10 -44.86
C ALA Q 126 -12.02 -1.33 -44.40
N ILE Q 127 -13.14 -1.00 -43.77
CA ILE Q 127 -14.04 -2.02 -43.18
C ILE Q 127 -14.49 -3.07 -44.19
N SER Q 128 -14.43 -4.32 -43.74
CA SER Q 128 -14.88 -5.54 -44.50
C SER Q 128 -13.95 -6.03 -45.65
N THR Q 129 -12.92 -5.24 -45.93
CA THR Q 129 -12.03 -5.50 -47.10
C THR Q 129 -10.90 -6.46 -46.82
N GLY Q 130 -10.70 -6.78 -45.55
CA GLY Q 130 -9.65 -7.72 -45.15
C GLY Q 130 -10.16 -9.15 -45.14
N VAL Q 131 -10.25 -9.70 -43.95
CA VAL Q 131 -10.67 -11.09 -43.71
C VAL Q 131 -12.09 -11.32 -44.25
N TYR Q 132 -12.91 -10.30 -44.14
CA TYR Q 132 -14.35 -10.38 -44.56
C TYR Q 132 -14.55 -10.33 -46.08
N GLY Q 133 -13.44 -10.13 -46.76
CA GLY Q 133 -13.33 -10.34 -48.23
C GLY Q 133 -14.18 -9.52 -49.17
N TYR Q 134 -14.42 -8.28 -48.80
CA TYR Q 134 -15.22 -7.33 -49.63
C TYR Q 134 -14.33 -6.75 -50.73
N PRO Q 135 -14.79 -6.83 -51.99
CA PRO Q 135 -14.02 -6.22 -53.07
C PRO Q 135 -13.63 -4.78 -52.77
N ARG Q 136 -12.33 -4.56 -52.75
CA ARG Q 136 -11.70 -3.31 -52.33
C ARG Q 136 -12.33 -2.04 -52.92
N ALA Q 137 -12.69 -2.14 -54.19
CA ALA Q 137 -13.12 -0.96 -55.00
C ALA Q 137 -14.58 -0.60 -54.76
N ALA Q 138 -15.40 -1.63 -54.73
CA ALA Q 138 -16.87 -1.49 -54.45
C ALA Q 138 -17.10 -0.95 -53.03
N ALA Q 139 -16.31 -1.48 -52.11
CA ALA Q 139 -16.28 -1.10 -50.67
C ALA Q 139 -15.96 0.38 -50.48
N ALA Q 140 -14.82 0.77 -51.02
CA ALA Q 140 -14.30 2.16 -50.93
C ALA Q 140 -15.29 3.16 -51.50
N GLU Q 141 -15.98 2.72 -52.52
CA GLU Q 141 -17.05 3.50 -53.14
C GLU Q 141 -18.15 3.85 -52.15
N ILE Q 142 -18.59 2.81 -51.47
CA ILE Q 142 -19.65 2.89 -50.45
C ILE Q 142 -19.20 3.74 -49.25
N ALA Q 143 -17.97 3.48 -48.85
CA ALA Q 143 -17.36 4.21 -47.74
C ALA Q 143 -17.42 5.71 -48.02
N VAL Q 144 -16.83 6.07 -49.13
CA VAL Q 144 -16.68 7.49 -49.52
C VAL Q 144 -18.04 8.16 -49.71
N LYS Q 145 -18.90 7.47 -50.43
CA LYS Q 145 -20.24 7.99 -50.75
C LYS Q 145 -21.03 8.27 -49.47
N THR Q 146 -21.09 7.24 -48.64
CA THR Q 146 -21.84 7.25 -47.36
C THR Q 146 -21.36 8.34 -46.42
N VAL Q 147 -20.06 8.36 -46.21
CA VAL Q 147 -19.40 9.35 -45.32
C VAL Q 147 -19.60 10.78 -45.79
N SER Q 148 -19.35 10.95 -47.08
CA SER Q 148 -19.47 12.28 -47.78
C SER Q 148 -20.86 12.85 -47.69
N GLU Q 149 -21.82 12.01 -48.02
CA GLU Q 149 -23.26 12.38 -47.93
C GLU Q 149 -23.69 12.69 -46.50
N PHE Q 150 -23.12 11.96 -45.57
CA PHE Q 150 -23.41 12.14 -44.13
C PHE Q 150 -22.89 13.48 -43.59
N ILE Q 151 -21.62 13.75 -43.88
CA ILE Q 151 -21.00 15.00 -43.36
C ILE Q 151 -21.63 16.24 -44.01
N THR Q 152 -22.13 16.05 -45.20
CA THR Q 152 -22.91 17.07 -45.91
C THR Q 152 -24.16 17.44 -45.11
N ARG Q 153 -24.80 16.43 -44.57
CA ARG Q 153 -26.07 16.60 -43.78
C ARG Q 153 -25.89 16.93 -42.31
N HIS Q 154 -24.65 16.93 -41.84
CA HIS Q 154 -24.36 16.98 -40.39
C HIS Q 154 -23.13 17.77 -39.99
N ALA Q 155 -23.27 18.52 -38.92
CA ALA Q 155 -22.14 19.30 -38.35
C ALA Q 155 -21.04 18.38 -37.79
N LEU Q 156 -21.52 17.33 -37.15
CA LEU Q 156 -20.68 16.36 -36.44
C LEU Q 156 -20.75 14.98 -37.09
N PRO Q 157 -19.58 14.33 -37.27
CA PRO Q 157 -18.28 14.84 -36.96
C PRO Q 157 -17.81 15.90 -37.94
N GLU Q 158 -16.94 16.73 -37.45
CA GLU Q 158 -16.33 17.79 -38.25
C GLU Q 158 -15.31 17.25 -39.22
N GLN Q 159 -14.42 16.43 -38.68
CA GLN Q 159 -13.28 15.85 -39.41
C GLN Q 159 -13.38 14.33 -39.53
N VAL Q 160 -13.17 13.86 -40.73
CA VAL Q 160 -13.08 12.41 -41.01
C VAL Q 160 -11.80 12.02 -41.71
N TYR Q 161 -11.15 11.02 -41.14
CA TYR Q 161 -9.95 10.42 -41.76
C TYR Q 161 -10.18 9.00 -42.25
N PHE Q 162 -9.91 8.81 -43.52
CA PHE Q 162 -9.86 7.47 -44.12
C PHE Q 162 -8.43 6.97 -44.04
N VAL Q 163 -8.23 6.03 -43.15
CA VAL Q 163 -6.91 5.41 -42.97
C VAL Q 163 -6.77 4.19 -43.84
N CYS Q 164 -5.79 4.29 -44.71
CA CYS Q 164 -5.48 3.26 -45.69
C CYS Q 164 -4.14 2.60 -45.39
N TYR Q 165 -4.18 1.28 -45.38
CA TYR Q 165 -3.04 0.45 -44.92
C TYR Q 165 -1.94 0.20 -45.96
N ASP Q 166 -2.32 0.39 -47.21
CA ASP Q 166 -1.38 0.26 -48.34
C ASP Q 166 -1.62 1.40 -49.36
N GLU Q 167 -0.64 1.62 -50.20
CA GLU Q 167 -0.66 2.77 -51.15
C GLU Q 167 -1.74 2.61 -52.22
N GLU Q 168 -1.94 1.38 -52.65
CA GLU Q 168 -2.92 1.08 -53.72
C GLU Q 168 -4.30 1.58 -53.28
N ASN Q 169 -4.67 1.19 -52.08
CA ASN Q 169 -5.95 1.56 -51.42
C ASN Q 169 -6.07 3.07 -51.21
N ALA Q 170 -5.00 3.64 -50.71
CA ALA Q 170 -4.89 5.12 -50.51
C ALA Q 170 -5.24 5.90 -51.78
N HIS Q 171 -4.59 5.51 -52.88
CA HIS Q 171 -4.82 6.14 -54.22
C HIS Q 171 -6.27 5.97 -54.68
N LEU Q 172 -6.77 4.77 -54.43
CA LEU Q 172 -8.18 4.38 -54.72
C LEU Q 172 -9.17 5.38 -54.16
N TYR Q 173 -9.03 5.60 -52.86
CA TYR Q 173 -9.86 6.53 -52.07
C TYR Q 173 -9.73 7.95 -52.62
N GLU Q 174 -8.49 8.39 -52.72
CA GLU Q 174 -8.15 9.76 -53.19
C GLU Q 174 -8.82 10.13 -54.52
N ARG Q 175 -8.84 9.13 -55.38
CA ARG Q 175 -9.35 9.21 -56.76
C ARG Q 175 -10.88 9.20 -56.81
N LEU Q 176 -11.50 8.54 -55.83
CA LEU Q 176 -12.97 8.56 -55.57
C LEU Q 176 -13.50 9.86 -54.97
N LEU Q 177 -12.67 10.41 -54.12
CA LEU Q 177 -12.98 11.66 -53.39
C LEU Q 177 -13.07 12.85 -54.32
N THR Q 178 -12.13 12.85 -55.25
CA THR Q 178 -12.06 13.90 -56.28
C THR Q 178 -13.15 13.74 -57.33
N GLN Q 179 -13.83 12.62 -57.29
CA GLN Q 179 -14.95 12.28 -58.18
C GLN Q 179 -16.26 12.45 -57.44
N GLN Q 180 -16.43 13.52 -56.68
CA GLN Q 180 -17.64 13.69 -55.87
C GLN Q 180 -18.02 15.16 -55.62
N LYS R 8 18.09 -4.02 -5.01
CA LYS R 8 17.19 -3.09 -4.23
C LYS R 8 16.25 -2.36 -5.14
N THR R 9 15.10 -2.16 -4.57
CA THR R 9 13.88 -1.65 -5.23
C THR R 9 13.86 -0.12 -5.10
N ARG R 10 14.62 0.38 -4.13
CA ARG R 10 14.54 1.78 -3.68
C ARG R 10 15.73 2.69 -4.07
N ILE R 11 16.87 2.07 -4.30
CA ILE R 11 18.09 2.81 -4.65
C ILE R 11 18.54 2.43 -6.04
N HIS R 12 18.78 3.44 -6.85
CA HIS R 12 19.20 3.20 -8.24
C HIS R 12 20.42 3.98 -8.65
N VAL R 13 21.17 3.37 -9.55
CA VAL R 13 22.32 4.01 -10.17
C VAL R 13 22.02 4.30 -11.61
N VAL R 14 22.15 5.56 -11.95
CA VAL R 14 21.91 6.02 -13.32
C VAL R 14 23.13 6.79 -13.79
N GLN R 15 23.39 6.65 -15.07
CA GLN R 15 24.50 7.38 -15.74
C GLN R 15 23.99 8.52 -16.57
N GLY R 16 24.55 9.67 -16.27
CA GLY R 16 24.35 10.83 -17.11
C GLY R 16 24.25 12.15 -16.38
N ASP R 17 23.41 12.99 -16.96
CA ASP R 17 23.22 14.37 -16.52
C ASP R 17 22.03 14.50 -15.56
N ILE R 18 22.39 14.79 -14.32
CA ILE R 18 21.41 14.97 -13.20
C ILE R 18 20.27 15.96 -13.46
N THR R 19 20.55 16.94 -14.29
CA THR R 19 19.54 18.00 -14.61
C THR R 19 18.37 17.54 -15.46
N LYS R 20 18.55 16.36 -16.02
CA LYS R 20 17.54 15.73 -16.90
C LYS R 20 16.57 14.83 -16.13
N LEU R 21 16.95 14.50 -14.92
CA LEU R 21 16.16 13.61 -14.04
C LEU R 21 14.88 14.18 -13.49
N ALA R 22 13.79 13.61 -13.94
CA ALA R 22 12.44 13.93 -13.42
C ALA R 22 12.20 13.22 -12.08
N VAL R 23 12.79 13.79 -11.06
CA VAL R 23 12.53 13.34 -9.68
C VAL R 23 12.01 14.51 -8.83
N ASP R 24 11.57 14.22 -7.61
CA ASP R 24 11.00 15.28 -6.73
C ASP R 24 12.06 16.32 -6.43
N VAL R 25 13.19 15.82 -5.97
CA VAL R 25 14.32 16.68 -5.61
C VAL R 25 15.66 16.27 -6.21
N ILE R 26 16.34 17.29 -6.69
CA ILE R 26 17.65 17.19 -7.26
C ILE R 26 18.66 17.82 -6.29
N VAL R 27 19.73 17.10 -6.02
CA VAL R 27 20.77 17.58 -5.12
C VAL R 27 21.93 18.24 -5.82
N ASN R 28 22.25 19.42 -5.33
CA ASN R 28 23.39 20.25 -5.83
C ASN R 28 24.62 20.22 -4.94
N ALA R 29 25.75 19.92 -5.59
CA ALA R 29 27.06 19.94 -4.91
C ALA R 29 27.56 21.37 -4.92
N ALA R 30 27.23 22.04 -3.84
CA ALA R 30 27.38 23.48 -3.74
C ALA R 30 28.63 23.90 -2.95
N ALA R 31 28.90 25.18 -3.06
CA ALA R 31 29.88 25.90 -2.19
C ALA R 31 29.12 26.73 -1.14
N PRO R 32 29.79 27.09 -0.02
CA PRO R 32 29.12 27.81 1.06
C PRO R 32 28.33 29.04 0.65
N SER R 33 28.82 29.69 -0.40
CA SER R 33 28.16 30.89 -0.97
C SER R 33 26.77 30.60 -1.53
N LEU R 34 26.63 29.39 -2.05
CA LEU R 34 25.39 28.91 -2.76
C LEU R 34 25.17 29.57 -4.13
N MET R 35 26.22 30.17 -4.67
CA MET R 35 26.07 31.13 -5.79
C MET R 35 26.64 30.76 -7.11
N GLY R 36 26.50 29.51 -7.43
CA GLY R 36 26.83 29.07 -8.76
C GLY R 36 28.26 28.60 -8.70
N GLY R 37 28.65 27.88 -9.73
CA GLY R 37 29.99 27.36 -9.78
C GLY R 37 30.24 26.70 -11.09
N GLY R 38 31.18 25.77 -11.06
CA GLY R 38 31.71 25.18 -12.30
C GLY R 38 31.43 23.75 -12.69
N GLY R 39 30.94 22.97 -11.73
CA GLY R 39 30.66 21.57 -11.93
C GLY R 39 29.18 21.36 -12.10
N VAL R 40 28.57 20.63 -11.19
CA VAL R 40 27.13 20.34 -11.28
C VAL R 40 26.40 21.63 -11.03
N ALA R 41 26.97 22.38 -10.11
CA ALA R 41 26.39 23.66 -9.67
C ALA R 41 26.05 24.55 -10.87
N GLY R 42 26.99 24.61 -11.79
CA GLY R 42 26.81 25.38 -13.03
C GLY R 42 25.74 24.75 -13.91
N ALA R 43 25.88 23.46 -14.11
CA ALA R 43 24.89 22.70 -14.92
C ALA R 43 23.46 22.95 -14.43
N ILE R 44 23.34 22.80 -13.12
CA ILE R 44 22.05 22.91 -12.41
C ILE R 44 21.45 24.31 -12.53
N HIS R 45 22.27 25.31 -12.25
CA HIS R 45 21.87 26.74 -12.37
C HIS R 45 21.48 27.15 -13.77
N ARG R 46 22.31 26.75 -14.70
CA ARG R 46 22.01 27.01 -16.12
C ARG R 46 20.69 26.37 -16.54
N ALA R 47 20.50 25.13 -16.15
CA ALA R 47 19.29 24.33 -16.49
C ALA R 47 18.04 24.85 -15.82
N ALA R 48 18.22 25.29 -14.60
CA ALA R 48 17.11 25.79 -13.75
C ALA R 48 16.61 27.15 -14.15
N GLY R 49 17.57 27.94 -14.57
CA GLY R 49 17.31 29.35 -14.94
C GLY R 49 17.45 30.28 -13.74
N PRO R 50 17.14 31.57 -13.92
CA PRO R 50 17.53 32.63 -12.98
C PRO R 50 16.79 32.57 -11.67
N ALA R 51 15.66 31.90 -11.68
CA ALA R 51 14.81 31.79 -10.48
C ALA R 51 15.57 31.15 -9.33
N LEU R 52 16.43 30.22 -9.70
CA LEU R 52 17.20 29.41 -8.72
C LEU R 52 18.14 30.30 -7.94
N LEU R 53 18.82 31.15 -8.71
CA LEU R 53 19.82 32.08 -8.17
C LEU R 53 19.13 33.07 -7.22
N ASP R 54 18.01 33.61 -7.67
CA ASP R 54 17.21 34.53 -6.85
C ASP R 54 16.87 33.92 -5.50
N ALA R 55 16.50 32.66 -5.58
CA ALA R 55 16.12 31.86 -4.39
C ALA R 55 17.33 31.62 -3.50
N CYS R 56 18.42 31.27 -4.11
CA CYS R 56 19.72 31.10 -3.38
C CYS R 56 20.20 32.40 -2.68
N LEU R 57 19.94 33.52 -3.34
CA LEU R 57 20.22 34.87 -2.75
C LEU R 57 19.46 35.09 -1.47
N LYS R 58 18.17 34.87 -1.58
CA LYS R 58 17.22 35.00 -0.44
C LYS R 58 17.67 34.22 0.79
N VAL R 59 18.13 33.03 0.51
CA VAL R 59 18.62 32.08 1.56
C VAL R 59 19.86 32.63 2.24
N ARG R 60 20.85 32.90 1.41
CA ARG R 60 22.15 33.56 1.78
C ARG R 60 21.91 34.76 2.68
N GLN R 61 21.01 35.56 2.19
CA GLN R 61 20.55 36.79 2.88
C GLN R 61 20.01 36.48 4.28
N GLN R 62 19.43 35.31 4.40
CA GLN R 62 18.67 34.89 5.59
C GLN R 62 19.45 34.06 6.60
N GLN R 63 20.39 33.30 6.08
CA GLN R 63 21.23 32.44 6.94
C GLN R 63 22.75 32.57 6.72
N GLY R 64 23.11 33.47 5.87
CA GLY R 64 24.49 33.63 5.45
C GLY R 64 25.02 32.40 4.73
N ASP R 65 26.31 32.23 4.80
CA ASP R 65 26.96 31.08 4.16
C ASP R 65 26.43 29.79 4.74
N CYS R 66 26.26 28.82 3.85
CA CYS R 66 25.88 27.45 4.21
C CYS R 66 27.10 26.67 4.61
N PRO R 67 27.16 26.28 5.90
CA PRO R 67 28.38 25.60 6.35
C PRO R 67 28.55 24.22 5.80
N THR R 68 29.81 23.82 5.81
CA THR R 68 30.21 22.51 5.29
C THR R 68 29.47 21.43 6.05
N GLY R 69 28.97 20.49 5.29
CA GLY R 69 28.21 19.30 5.81
C GLY R 69 26.73 19.52 5.96
N HIS R 70 26.33 20.77 5.73
CA HIS R 70 24.92 21.16 5.86
C HIS R 70 24.25 21.39 4.52
N ALA R 71 22.97 21.68 4.58
CA ALA R 71 22.17 21.75 3.37
C ALA R 71 20.92 22.59 3.51
N VAL R 72 20.51 23.08 2.35
CA VAL R 72 19.30 23.92 2.22
C VAL R 72 18.51 23.49 1.03
N ILE R 73 17.25 23.87 1.07
CA ILE R 73 16.32 23.54 0.00
C ILE R 73 15.68 24.79 -0.57
N THR R 74 15.52 24.76 -1.88
CA THR R 74 14.88 25.86 -2.65
C THR R 74 13.99 25.32 -3.72
N LEU R 75 13.22 26.22 -4.30
CA LEU R 75 12.50 25.95 -5.57
C LEU R 75 13.50 25.49 -6.66
N ALA R 76 12.97 25.04 -7.78
CA ALA R 76 13.80 24.44 -8.87
C ALA R 76 13.64 25.04 -10.28
N GLY R 77 12.82 26.05 -10.38
CA GLY R 77 12.57 26.74 -11.64
C GLY R 77 12.30 25.83 -12.81
N ASP R 78 13.08 25.99 -13.87
CA ASP R 78 12.87 25.25 -15.16
C ASP R 78 13.25 23.78 -15.13
N LEU R 79 13.89 23.36 -14.06
CA LEU R 79 14.25 21.92 -13.89
C LEU R 79 13.00 21.06 -13.85
N PRO R 80 13.10 19.79 -14.27
CA PRO R 80 11.92 18.94 -14.21
C PRO R 80 11.65 18.49 -12.79
N ALA R 81 12.59 18.78 -11.92
CA ALA R 81 12.40 18.49 -10.50
C ALA R 81 11.45 19.50 -9.86
N LYS R 82 11.03 19.18 -8.65
CA LYS R 82 10.12 20.08 -7.85
C LYS R 82 10.87 20.98 -6.90
N ALA R 83 12.00 20.49 -6.46
CA ALA R 83 12.89 21.26 -5.62
C ALA R 83 14.34 20.89 -5.80
N VAL R 84 15.19 21.85 -5.45
CA VAL R 84 16.65 21.62 -5.41
C VAL R 84 17.14 21.75 -4.00
N VAL R 85 17.91 20.75 -3.62
CA VAL R 85 18.63 20.74 -2.33
C VAL R 85 20.09 21.02 -2.57
N HIS R 86 20.52 22.10 -1.96
CA HIS R 86 21.90 22.56 -2.10
C HIS R 86 22.62 22.16 -0.86
N THR R 87 23.62 21.34 -1.06
CA THR R 87 24.43 20.87 0.06
C THR R 87 25.94 21.10 -0.22
N VAL R 88 26.65 21.30 0.86
CA VAL R 88 28.08 21.62 0.85
C VAL R 88 28.96 20.49 1.35
N GLY R 89 29.59 19.85 0.39
CA GLY R 89 30.55 18.76 0.67
C GLY R 89 31.84 19.34 1.26
N PRO R 90 32.63 18.50 1.93
CA PRO R 90 33.92 18.96 2.34
C PRO R 90 34.98 18.98 1.24
N VAL R 91 35.93 19.87 1.44
CA VAL R 91 37.14 19.91 0.61
C VAL R 91 38.10 18.85 1.14
N TRP R 92 38.60 18.05 0.21
CA TRP R 92 39.52 16.95 0.58
C TRP R 92 40.90 17.49 0.93
N ARG R 93 41.35 17.11 2.12
CA ARG R 93 42.63 17.60 2.72
C ARG R 93 43.54 16.45 3.23
N GLY R 94 43.32 15.25 2.70
CA GLY R 94 44.19 14.07 3.03
C GLY R 94 43.59 13.03 3.93
N GLY R 95 42.47 13.40 4.54
CA GLY R 95 41.68 12.45 5.36
C GLY R 95 41.78 12.58 6.88
N GLU R 96 42.59 13.52 7.32
CA GLU R 96 42.87 13.73 8.76
C GLU R 96 42.14 14.93 9.34
N GLN R 97 41.28 15.50 8.52
CA GLN R 97 40.56 16.76 8.85
C GLN R 97 39.05 16.58 8.94
N ASN R 98 38.64 15.39 9.36
CA ASN R 98 37.21 15.06 9.59
C ASN R 98 36.33 15.05 8.33
N GLU R 99 36.99 14.84 7.20
CA GLU R 99 36.32 14.92 5.87
C GLU R 99 35.26 13.86 5.66
N ASP R 100 35.61 12.65 6.09
CA ASP R 100 34.71 11.46 5.99
C ASP R 100 33.36 11.69 6.68
N GLN R 101 33.47 12.23 7.88
CA GLN R 101 32.31 12.56 8.73
C GLN R 101 31.43 13.64 8.07
N LEU R 102 32.10 14.64 7.55
CA LEU R 102 31.44 15.81 6.95
C LEU R 102 30.71 15.47 5.65
N LEU R 103 31.30 14.57 4.90
CA LEU R 103 30.68 14.08 3.65
C LEU R 103 29.42 13.29 3.98
N GLN R 104 29.57 12.45 4.98
CA GLN R 104 28.43 11.74 5.58
C GLN R 104 27.28 12.72 5.91
N ASP R 105 27.66 13.76 6.62
CA ASP R 105 26.72 14.78 7.12
C ASP R 105 25.98 15.45 5.97
N ALA R 106 26.72 15.66 4.91
CA ALA R 106 26.14 16.28 3.70
C ALA R 106 24.99 15.42 3.17
N TYR R 107 25.25 14.13 3.08
CA TYR R 107 24.28 13.16 2.56
C TYR R 107 23.07 13.05 3.52
N LEU R 108 23.40 12.91 4.78
CA LEU R 108 22.39 12.85 5.86
C LEU R 108 21.43 14.04 5.89
N ASN R 109 21.99 15.20 6.06
CA ASN R 109 21.20 16.47 6.14
C ASN R 109 20.34 16.73 4.89
N SER R 110 20.90 16.31 3.77
CA SER R 110 20.19 16.43 2.48
C SER R 110 18.92 15.57 2.52
N LEU R 111 19.13 14.33 2.87
CA LEU R 111 18.04 13.31 2.97
C LEU R 111 16.95 13.78 3.95
N ARG R 112 17.43 14.29 5.07
CA ARG R 112 16.55 14.81 6.14
C ARG R 112 15.66 15.91 5.64
N LEU R 113 16.26 16.80 4.88
CA LEU R 113 15.53 17.91 4.26
C LEU R 113 14.48 17.45 3.23
N VAL R 114 14.89 16.51 2.41
CA VAL R 114 13.96 15.92 1.41
C VAL R 114 12.69 15.43 2.13
N ALA R 115 12.95 14.71 3.19
CA ALA R 115 11.91 14.06 4.01
C ALA R 115 11.03 15.10 4.68
N ALA R 116 11.70 16.03 5.31
CA ALA R 116 11.05 17.11 6.11
C ALA R 116 10.13 17.98 5.26
N ASN R 117 10.40 17.96 3.98
CA ASN R 117 9.58 18.71 2.99
C ASN R 117 8.58 17.86 2.22
N SER R 118 8.44 16.66 2.71
CA SER R 118 7.46 15.64 2.22
C SER R 118 7.70 15.18 0.80
N TYR R 119 8.96 15.16 0.42
CA TYR R 119 9.34 14.65 -0.90
C TYR R 119 9.63 13.13 -0.85
N THR R 120 9.32 12.47 -1.93
CA THR R 120 9.45 10.97 -2.00
C THR R 120 10.68 10.44 -2.76
N SER R 121 11.12 11.24 -3.70
CA SER R 121 12.30 10.89 -4.56
C SER R 121 13.40 11.98 -4.60
N VAL R 122 14.62 11.52 -4.51
CA VAL R 122 15.80 12.38 -4.60
C VAL R 122 16.94 11.82 -5.46
N ALA R 123 17.54 12.73 -6.23
CA ALA R 123 18.75 12.43 -7.03
C ALA R 123 20.02 13.08 -6.45
N PHE R 124 21.07 12.26 -6.38
CA PHE R 124 22.40 12.68 -5.88
C PHE R 124 23.55 12.61 -6.89
N PRO R 125 24.38 13.65 -6.92
CA PRO R 125 25.61 13.53 -7.64
C PRO R 125 26.70 13.10 -6.73
N ALA R 126 27.86 12.84 -7.32
CA ALA R 126 29.02 12.37 -6.56
C ALA R 126 29.69 13.53 -5.82
N ILE R 127 29.09 13.87 -4.70
CA ILE R 127 29.48 15.06 -3.91
C ILE R 127 30.93 14.98 -3.47
N SER R 128 31.60 16.11 -3.63
CA SER R 128 33.02 16.36 -3.23
C SER R 128 34.11 15.73 -4.13
N THR R 129 33.68 14.95 -5.09
CA THR R 129 34.62 14.16 -5.95
C THR R 129 35.17 14.90 -7.16
N GLY R 130 34.59 16.05 -7.42
CA GLY R 130 35.07 16.90 -8.53
C GLY R 130 36.18 17.86 -8.11
N VAL R 131 35.87 19.14 -8.14
CA VAL R 131 36.84 20.21 -7.81
C VAL R 131 37.28 20.08 -6.33
N TYR R 132 36.40 19.57 -5.48
CA TYR R 132 36.74 19.39 -4.02
C TYR R 132 37.69 18.22 -3.73
N GLY R 133 37.96 17.46 -4.78
CA GLY R 133 39.08 16.48 -4.85
C GLY R 133 39.06 15.27 -3.92
N TYR R 134 37.86 14.78 -3.64
CA TYR R 134 37.68 13.59 -2.75
C TYR R 134 37.94 12.33 -3.54
N PRO R 135 38.79 11.43 -3.03
CA PRO R 135 39.04 10.17 -3.71
C PRO R 135 37.75 9.45 -4.04
N ARG R 136 37.56 9.22 -5.32
CA ARG R 136 36.29 8.72 -5.90
C ARG R 136 35.71 7.48 -5.22
N ALA R 137 36.61 6.61 -4.81
CA ALA R 137 36.25 5.28 -4.27
C ALA R 137 35.81 5.34 -2.81
N ALA R 138 36.58 6.07 -2.04
CA ALA R 138 36.30 6.28 -0.61
C ALA R 138 34.96 7.03 -0.41
N ALA R 139 34.80 8.03 -1.27
CA ALA R 139 33.58 8.90 -1.30
C ALA R 139 32.32 8.09 -1.56
N ALA R 140 32.36 7.36 -2.65
CA ALA R 140 31.25 6.46 -3.09
C ALA R 140 30.86 5.42 -2.02
N GLU R 141 31.87 4.93 -1.29
CA GLU R 141 31.67 3.95 -0.17
C GLU R 141 30.79 4.64 0.91
N ILE R 142 31.15 5.88 1.22
CA ILE R 142 30.41 6.69 2.23
C ILE R 142 28.98 7.03 1.78
N ALA R 143 28.91 7.44 0.53
CA ALA R 143 27.63 7.80 -0.11
C ALA R 143 26.64 6.63 0.04
N VAL R 144 27.08 5.51 -0.49
CA VAL R 144 26.25 4.30 -0.57
C VAL R 144 25.86 3.81 0.82
N LYS R 145 26.84 3.76 1.69
CA LYS R 145 26.63 3.26 3.06
C LYS R 145 25.61 4.12 3.79
N THR R 146 25.89 5.40 3.75
CA THR R 146 25.08 6.41 4.47
C THR R 146 23.64 6.39 4.00
N VAL R 147 23.49 6.46 2.70
CA VAL R 147 22.14 6.51 2.06
C VAL R 147 21.34 5.24 2.32
N SER R 148 22.03 4.12 2.15
CA SER R 148 21.46 2.76 2.36
C SER R 148 20.98 2.55 3.77
N GLU R 149 21.86 2.88 4.70
CA GLU R 149 21.50 2.80 6.14
C GLU R 149 20.31 3.70 6.48
N PHE R 150 20.24 4.83 5.82
CA PHE R 150 19.23 5.87 6.12
C PHE R 150 17.86 5.44 5.66
N ILE R 151 17.82 4.97 4.43
CA ILE R 151 16.52 4.52 3.85
C ILE R 151 16.00 3.27 4.56
N THR R 152 16.94 2.50 5.12
CA THR R 152 16.61 1.34 5.97
C THR R 152 15.83 1.77 7.19
N ARG R 153 16.25 2.88 7.76
CA ARG R 153 15.60 3.43 9.00
C ARG R 153 14.40 4.33 8.76
N HIS R 154 14.08 4.61 7.51
CA HIS R 154 13.08 5.69 7.18
C HIS R 154 12.22 5.41 5.95
N ALA R 155 10.97 5.77 6.06
CA ALA R 155 9.99 5.67 4.95
C ALA R 155 10.32 6.64 3.81
N LEU R 156 10.75 7.83 4.22
CA LEU R 156 11.05 8.93 3.30
C LEU R 156 12.52 9.31 3.33
N PRO R 157 13.13 9.52 2.16
CA PRO R 157 12.55 9.34 0.85
C PRO R 157 12.36 7.86 0.47
N GLU R 158 11.40 7.66 -0.38
CA GLU R 158 11.08 6.33 -0.90
C GLU R 158 12.10 5.86 -1.94
N GLN R 159 12.36 6.75 -2.87
CA GLN R 159 13.29 6.50 -3.97
C GLN R 159 14.54 7.39 -3.92
N VAL R 160 15.68 6.76 -4.09
CA VAL R 160 16.97 7.46 -4.24
C VAL R 160 17.74 7.11 -5.53
N TYR R 161 18.15 8.14 -6.24
CA TYR R 161 18.98 7.96 -7.45
C TYR R 161 20.36 8.49 -7.25
N PHE R 162 21.32 7.63 -7.48
CA PHE R 162 22.72 8.05 -7.60
C PHE R 162 23.06 8.34 -9.04
N VAL R 163 23.20 9.62 -9.32
CA VAL R 163 23.57 10.07 -10.68
C VAL R 163 25.08 10.17 -10.84
N CYS R 164 25.56 9.39 -11.76
CA CYS R 164 27.00 9.28 -12.06
C CYS R 164 27.32 9.82 -13.44
N TYR R 165 28.33 10.69 -13.47
CA TYR R 165 28.65 11.53 -14.65
C TYR R 165 29.51 10.83 -15.71
N ASP R 166 30.16 9.77 -15.29
CA ASP R 166 30.95 8.89 -16.17
C ASP R 166 30.71 7.40 -15.86
N GLU R 167 31.10 6.55 -16.80
CA GLU R 167 30.86 5.10 -16.69
C GLU R 167 31.68 4.46 -15.57
N GLU R 168 32.89 4.96 -15.39
CA GLU R 168 33.81 4.40 -14.37
C GLU R 168 33.15 4.48 -12.99
N ASN R 169 32.67 5.67 -12.71
CA ASN R 169 31.98 6.00 -11.44
C ASN R 169 30.70 5.18 -11.26
N ALA R 170 29.93 5.15 -12.33
CA ALA R 170 28.68 4.38 -12.38
C ALA R 170 28.91 2.92 -11.93
N HIS R 171 29.91 2.29 -12.54
CA HIS R 171 30.30 0.88 -12.24
C HIS R 171 30.67 0.72 -10.76
N LEU R 172 31.41 1.71 -10.32
CA LEU R 172 31.92 1.80 -8.94
C LEU R 172 30.79 1.65 -7.93
N TYR R 173 29.81 2.49 -8.13
CA TYR R 173 28.58 2.56 -7.29
C TYR R 173 27.82 1.24 -7.35
N GLU R 174 27.55 0.83 -8.57
CA GLU R 174 26.83 -0.44 -8.87
C GLU R 174 27.40 -1.66 -8.12
N ARG R 175 28.72 -1.71 -8.07
CA ARG R 175 29.46 -2.80 -7.41
C ARG R 175 29.23 -2.71 -5.91
N LEU R 176 29.32 -1.49 -5.41
CA LEU R 176 29.23 -1.22 -3.95
C LEU R 176 27.86 -1.54 -3.42
N LEU R 177 26.89 -1.27 -4.27
CA LEU R 177 25.48 -1.52 -3.95
C LEU R 177 25.15 -2.98 -3.80
N THR R 178 25.71 -3.75 -4.70
CA THR R 178 25.53 -5.21 -4.73
C THR R 178 26.32 -5.88 -3.61
N GLN R 179 27.16 -5.10 -2.95
CA GLN R 179 27.95 -5.54 -1.80
C GLN R 179 27.19 -5.25 -0.49
N GLN R 180 25.93 -4.86 -0.68
CA GLN R 180 25.00 -4.43 0.35
C GLN R 180 23.73 -5.30 0.33
N1 APR S . 16.90 46.53 -37.87
C2 APR S . 17.12 45.21 -37.98
N3 APR S . 18.16 44.75 -38.67
C4 APR S . 19.01 45.61 -39.24
C5 APR S . 18.81 47.04 -39.15
C6 APR S . 17.67 47.48 -38.40
N6 APR S . 17.35 48.75 -38.22
N7 APR S . 19.82 47.62 -39.83
C8 APR S . 20.60 46.61 -40.32
N9 APR S . 20.07 45.42 -39.95
C1' APR S . 20.55 44.09 -40.18
C2' APR S . 21.66 43.98 -41.16
O2' APR S . 21.03 43.90 -42.43
C3' APR S . 22.21 42.64 -40.76
O3' APR S . 21.37 41.64 -41.37
O4' APR S . 21.13 43.69 -38.94
C4' APR S . 22.02 42.62 -39.22
C5' APR S . 23.21 42.87 -38.33
O5' APR S . 24.41 43.10 -39.07
PA APR S . 25.32 44.37 -38.64
O1A APR S . 26.20 44.83 -39.78
O2A APR S . 24.40 45.43 -38.06
O3A APR S . 26.19 43.88 -37.37
PB APR S . 27.23 42.68 -37.39
O1B APR S . 26.94 41.78 -36.23
O2B APR S . 27.30 41.95 -38.70
O5D APR S . 28.65 43.43 -37.15
C5D APR S . 28.56 44.52 -36.26
O4D APR S . 28.98 46.59 -37.43
O1D APR S . 27.10 47.84 -36.96
C1D APR S . 28.50 47.67 -36.62
O2D APR S . 29.23 48.25 -34.32
C2D APR S . 28.80 47.20 -35.20
O3D APR S . 31.18 46.87 -35.55
C3D APR S . 29.94 46.21 -35.35
C4D APR S . 29.57 45.55 -36.63
S SO4 T . 21.51 27.22 -20.99
O1 SO4 T . 21.83 27.76 -22.28
O2 SO4 T . 20.11 26.75 -21.13
O3 SO4 T . 22.52 26.16 -20.69
O4 SO4 T . 21.51 28.34 -20.01
N1 APR U . -48.48 5.25 21.69
C2 APR U . -48.49 6.58 21.92
N3 APR U . -49.09 7.14 22.99
C4 APR U . -49.71 6.36 23.91
C5 APR U . -49.73 4.88 23.74
C6 APR U . -49.05 4.36 22.54
N6 APR U . -49.00 3.07 22.25
N7 APR U . -50.42 4.35 24.78
C8 APR U . -50.81 5.43 25.55
N9 APR U . -50.38 6.62 25.03
C1' APR U . -50.53 8.01 25.52
C2' APR U . -51.53 8.18 26.66
O2' APR U . -52.82 8.36 26.12
C3' APR U . -50.99 9.45 27.27
O3' APR U . -51.12 10.59 26.44
O4' APR U . -49.28 8.39 26.13
C4' APR U . -49.48 9.34 27.20
C5' APR U . -48.89 8.96 28.55
O5' APR U . -49.78 8.21 29.39
PA APR U . -48.95 7.23 30.40
O1A APR U . -49.88 6.58 31.43
O2A APR U . -48.09 6.20 29.61
O3A APR U . -47.82 8.24 30.99
PB APR U . -47.86 9.36 32.19
O1B APR U . -46.54 10.09 32.01
O2B APR U . -49.11 10.24 32.30
O5D APR U . -47.72 8.50 33.57
C5D APR U . -46.66 7.56 33.64
O4D APR U . -47.85 5.44 33.57
O1D APR U . -47.59 3.22 32.73
C1D APR U . -47.45 4.10 33.87
O2D APR U . -45.67 3.28 35.32
C2D APR U . -46.00 4.29 34.32
O3D APR U . -46.26 5.43 36.39
C3D APR U . -45.99 5.64 35.00
C4D APR U . -47.16 6.38 34.44
S SO4 V . -29.71 23.06 26.50
O1 SO4 V . -31.18 23.13 26.24
O2 SO4 V . -29.07 23.47 25.20
O3 SO4 V . -29.24 21.70 26.87
O4 SO4 V . -29.30 23.99 27.60
N1 APR W . 16.89 -42.65 -29.77
C2 APR W . 18.19 -42.79 -29.46
N3 APR W . 19.02 -41.79 -29.14
C4 APR W . 18.51 -40.55 -29.12
C5 APR W . 17.09 -40.28 -29.46
C6 APR W . 16.28 -41.45 -29.79
N6 APR W . 14.95 -41.36 -30.12
N7 APR W . 16.91 -38.96 -29.37
C8 APR W . 18.13 -38.42 -29.01
N9 APR W . 19.07 -39.39 -28.88
C1' APR W . 20.46 -39.34 -28.51
C2' APR W . 21.11 -38.02 -28.79
O2' APR W . 21.85 -38.12 -30.01
C3' APR W . 22.19 -37.96 -27.74
O3' APR W . 23.37 -38.59 -28.22
O4' APR W . 20.53 -39.50 -27.10
C4' APR W . 21.71 -38.84 -26.62
C5' APR W . 21.48 -38.00 -25.35
O5' APR W . 20.99 -36.70 -25.66
PA APR W . 19.91 -36.01 -24.66
O1A APR W . 19.98 -34.50 -24.89
O2A APR W . 18.57 -36.75 -24.89
O3A APR W . 20.41 -36.50 -23.21
PB APR W . 21.69 -35.94 -22.47
O1B APR W . 21.93 -36.93 -21.34
O2B APR W . 22.82 -35.69 -23.46
O5D APR W . 20.98 -34.59 -21.91
C5D APR W . 19.94 -34.77 -20.97
O4D APR W . 18.63 -33.14 -22.06
O1D APR W . 16.55 -34.04 -22.75
C1D APR W . 17.20 -33.19 -21.80
O2D APR W . 15.78 -33.31 -19.81
C2D APR W . 16.97 -33.84 -20.45
O3D APR W . 18.07 -32.12 -19.27
C3D APR W . 18.24 -33.45 -19.76
C4D APR W . 19.30 -33.45 -20.84
S SO4 X . 28.26 -53.98 -9.12
O1 SO4 X . 28.37 -53.09 -10.30
O2 SO4 X . 28.30 -55.38 -9.63
O3 SO4 X . 29.38 -53.65 -8.17
O4 SO4 X . 26.96 -53.71 -8.43
N1 APR Y . 18.77 -14.63 -11.10
C2 APR Y . 18.96 -14.00 -12.24
N3 APR Y . 19.51 -14.60 -13.30
C4 APR Y . 19.91 -15.89 -13.27
C5 APR Y . 19.76 -16.66 -12.05
C6 APR Y . 19.13 -15.93 -10.92
N6 APR Y . 18.94 -16.55 -9.75
N7 APR Y . 20.23 -17.89 -12.28
C8 APR Y . 20.68 -17.88 -13.55
N9 APR Y . 20.49 -16.69 -14.13
C1' APR Y . 20.83 -16.24 -15.51
C2' APR Y . 22.09 -16.83 -16.12
O2' APR Y . 23.21 -15.98 -15.81
C3' APR Y . 21.73 -16.69 -17.60
O3' APR Y . 22.28 -15.47 -18.05
O4' APR Y . 19.75 -16.53 -16.42
C4' APR Y . 20.25 -16.46 -17.74
C5' APR Y . 19.54 -17.52 -18.54
O5' APR Y . 20.03 -18.80 -18.15
PA APR Y . 18.98 -20.02 -18.21
O1A APR Y . 19.70 -21.31 -18.57
O2A APR Y . 18.17 -19.96 -16.91
O3A APR Y . 17.94 -19.57 -19.33
PB APR Y . 17.94 -20.01 -20.81
O1B APR Y . 16.72 -19.35 -21.36
O2B APR Y . 19.33 -19.67 -21.35
O5D APR Y . 17.63 -21.60 -20.92
C5D APR Y . 16.35 -22.09 -20.53
O4D APR Y . 17.53 -23.75 -19.09
O1D APR Y . 17.27 -23.84 -16.72
C1D APR Y . 16.86 -24.38 -17.97
O2D APR Y . 14.48 -24.97 -17.52
C2D APR Y . 15.39 -24.03 -18.14
O3D APR Y . 15.31 -25.52 -19.93
C3D APR Y . 15.28 -24.11 -19.64
C4D APR Y . 16.58 -23.55 -20.17
S SO4 Z . 2.38 -4.60 -28.44
O1 SO4 Z . 1.64 -3.90 -29.54
O2 SO4 Z . 1.43 -5.61 -27.91
O3 SO4 Z . 3.77 -5.12 -28.75
O4 SO4 Z . 2.65 -3.53 -27.46
C ACT AA . 13.40 -28.66 -22.87
O ACT AA . 13.77 -28.68 -24.06
OXT ACT AA . 14.21 -28.29 -21.97
CH3 ACT AA . 11.99 -29.11 -22.56
N1 APR BA . -51.25 27.94 0.66
C2 APR BA . -51.84 26.72 0.58
N3 APR BA . -53.09 26.53 0.12
C4 APR BA . -53.79 27.59 -0.32
C5 APR BA . -53.23 28.92 -0.27
C6 APR BA . -51.88 29.07 0.28
N6 APR BA . -51.20 30.23 0.40
N7 APR BA . -54.17 29.73 -0.72
C8 APR BA . -55.24 28.97 -1.07
N9 APR BA . -55.02 27.69 -0.79
C1' APR BA . -55.84 26.48 -1.05
C2' APR BA . -57.33 26.65 -1.13
O2' APR BA . -57.93 25.79 -0.12
C3' APR BA . -57.78 25.85 -2.31
O3' APR BA . -58.35 24.74 -1.63
O4' APR BA . -55.44 25.87 -2.33
C4' APR BA . -56.57 25.26 -2.99
C5' APR BA . -56.59 25.50 -4.51
O5' APR BA . -57.01 26.84 -4.61
PA APR BA . -56.84 27.60 -6.01
O1A APR BA . -58.20 28.34 -6.11
O2A APR BA . -55.57 28.48 -6.21
O3A APR BA . -56.69 26.32 -7.02
PB APR BA . -57.89 25.53 -7.83
O1B APR BA . -57.37 24.10 -7.89
O2B APR BA . -59.29 25.64 -7.18
O5D APR BA . -57.93 26.19 -9.33
C5D APR BA . -56.85 26.88 -9.89
O4D APR BA . -57.61 29.14 -9.50
O1D APR BA . -56.07 30.85 -8.55
C1D APR BA . -56.68 30.26 -9.72
O2D APR BA . -55.01 30.72 -11.43
C2D APR BA . -55.58 29.69 -10.62
O3D APR BA . -57.14 29.56 -12.39
C3D APR BA . -56.41 28.74 -11.46
C4D APR BA . -57.42 28.14 -10.51
S SO4 CA . -46.91 5.69 -11.57
O1 SO4 CA . -48.36 5.67 -11.88
O2 SO4 CA . -46.14 5.03 -12.65
O3 SO4 CA . -46.37 7.08 -11.44
O4 SO4 CA . -46.69 4.88 -10.34
N1 APR DA . 46.30 37.67 0.37
C2 APR DA . 47.07 37.29 -0.66
N3 APR DA . 47.02 36.08 -1.20
C4 APR DA . 46.14 35.18 -0.69
C5 APR DA . 45.26 35.50 0.42
C6 APR DA . 45.40 36.86 0.95
N6 APR DA . 44.68 37.35 1.96
N7 APR DA . 44.52 34.38 0.65
C8 APR DA . 44.93 33.43 -0.24
N9 APR DA . 45.89 33.94 -1.01
C1' APR DA . 46.67 33.43 -2.13
C2' APR DA . 46.86 31.96 -2.23
O2' APR DA . 48.13 31.57 -1.66
C3' APR DA . 47.09 31.89 -3.71
O3' APR DA . 48.50 32.03 -3.73
O4' APR DA . 45.99 33.86 -3.28
C4' APR DA . 46.44 33.11 -4.37
C5' APR DA . 45.16 32.93 -5.21
O5' APR DA . 44.50 31.71 -4.96
PA APR DA . 42.91 31.52 -5.00
O1A APR DA . 42.84 30.03 -4.84
O2A APR DA . 42.14 32.41 -4.01
O3A APR DA . 42.49 32.00 -6.48
PB APR DA . 42.92 31.18 -7.79
O1B APR DA . 43.09 32.25 -8.86
O2B APR DA . 44.12 30.32 -7.44
O5D APR DA . 41.54 30.34 -8.08
C5D APR DA . 40.31 31.10 -8.15
O4D APR DA . 39.39 30.32 -6.06
O1D APR DA . 38.50 31.23 -4.14
C1D APR DA . 38.17 30.61 -5.38
O2D APR DA . 35.97 31.22 -6.18
C2D APR DA . 37.37 31.47 -6.35
O3D APR DA . 36.86 29.84 -8.00
C3D APR DA . 37.78 30.88 -7.70
C4D APR DA . 39.17 30.30 -7.50
S SO4 EA . 48.11 47.21 -23.65
O1 SO4 EA . 49.06 48.09 -24.36
O2 SO4 EA . 47.83 46.05 -24.47
O3 SO4 EA . 48.87 46.86 -22.47
O4 SO4 EA . 46.87 47.90 -23.21
C01 ZOD FA . -15.31 21.78 34.69
C02 ZOD FA . -16.17 22.58 35.65
O03 ZOD FA . -17.37 22.45 35.66
O04 ZOD FA . -15.66 22.89 36.88
C05 ZOD FA . -15.60 24.28 37.15
C06 ZOD FA . -16.86 24.77 37.80
O07 ZOD FA . -17.82 25.19 36.81
O08 ZOD FA . -16.40 25.86 38.68
C09 ZOD FA . -14.98 25.65 38.94
C10 ZOD FA . -14.23 26.85 38.40
O1B ZOD FA . -14.89 27.91 39.13
PB ZOD FA . -14.62 29.38 38.54
O2B ZOD FA . -14.48 30.42 39.63
O3B ZOD FA . -13.32 29.41 37.76
O3A ZOD FA . -15.76 29.71 37.49
PA ZOD FA . -17.36 29.66 37.39
O2A ZOD FA . -17.66 28.77 36.18
O1A ZOD FA . -18.21 29.12 38.54
O5' ZOD FA . -17.75 31.12 36.91
C5' ZOD FA . -16.74 32.10 36.91
C4' ZOD FA . -17.47 33.41 36.62
O4' ZOD FA . -18.30 33.18 35.44
C1' ZOD FA . -19.58 33.76 35.83
N9 ZOD FA . -20.55 33.29 34.90
C8 ZOD FA . -21.47 32.35 35.12
N7 ZOD FA . -22.23 32.23 34.01
C5 ZOD FA . -21.75 33.11 33.06
C6 ZOD FA . -22.13 33.41 31.72
N6 ZOD FA . -23.23 32.71 31.10
N1 ZOD FA . -21.43 34.34 31.02
C2 ZOD FA . -20.39 34.97 31.60
N3 ZOD FA . -20.00 34.72 32.89
C4 ZOD FA . -20.71 33.78 33.62
C2' ZOD FA . -19.73 33.40 37.26
O2' ZOD FA . -20.84 34.10 37.82
C3' ZOD FA . -18.40 33.76 37.80
O3' ZOD FA . -18.25 35.09 38.19
C38 ZOD FA . -14.52 24.48 38.15
O39 ZOD FA . -14.35 23.40 39.06
S SO4 GA . 3.73 37.51 26.97
O1 SO4 GA . 4.07 38.65 26.07
O2 SO4 GA . 3.58 36.25 26.17
O3 SO4 GA . 4.76 37.29 28.03
O4 SO4 GA . 2.43 37.84 27.58
N1 APR HA . 17.41 39.65 28.36
C2 APR HA . 18.76 39.55 28.35
N3 APR HA . 19.43 38.46 28.75
C4 APR HA . 18.73 37.40 29.20
C5 APR HA . 17.27 37.41 29.29
C6 APR HA . 16.59 38.63 28.83
N6 APR HA . 15.22 38.74 28.87
N7 APR HA . 16.88 36.22 29.80
C8 APR HA . 18.02 35.50 30.03
N9 APR HA . 19.09 36.23 29.67
C1' APR HA . 20.50 35.90 29.71
C2' APR HA . 20.78 34.96 30.85
O2' APR HA . 20.96 35.78 32.02
C3' APR HA . 22.12 34.42 30.39
O3' APR HA . 23.12 35.31 30.93
O4' APR HA . 20.99 35.37 28.47
C4' APR HA . 22.12 34.54 28.85
C5' APR HA . 22.00 33.20 28.11
O5' APR HA . 20.63 32.84 28.25
PA APR HA . 20.06 31.50 27.57
O1A APR HA . 20.09 30.40 28.63
O2A APR HA . 18.71 31.88 26.87
O3A APR HA . 21.02 31.01 26.37
PB APR HA . 22.23 29.96 26.43
O1B APR HA . 23.22 30.47 25.36
O2B APR HA . 22.75 29.80 27.85
O5D APR HA . 21.71 28.53 25.96
C5D APR HA . 20.79 28.47 24.90
O4D APR HA . 18.83 27.87 26.25
O1D APR HA . 16.67 28.81 26.01
C1D APR HA . 17.47 27.62 25.78
O2D APR HA . 16.79 26.02 23.99
C2D APR HA . 17.58 27.22 24.30
O3D APR HA . 19.27 25.46 24.17
C3D APR HA . 19.06 26.88 24.10
C4D APR HA . 19.80 27.38 25.29
S SO4 IA . 34.97 39.25 9.19
O1 SO4 IA . 35.98 38.37 8.51
O2 SO4 IA . 33.67 39.21 8.44
O3 SO4 IA . 35.43 40.69 9.33
O4 SO4 IA . 34.82 38.81 10.59
N1 APR JA . 14.48 -40.56 19.31
C2 APR JA . 15.30 -39.51 19.11
N3 APR JA . 16.65 -39.64 18.98
C4 APR JA . 17.22 -40.87 19.04
C5 APR JA . 16.41 -42.06 19.24
C6 APR JA . 14.96 -41.85 19.37
N6 APR JA . 14.12 -42.88 19.56
N7 APR JA . 17.24 -43.09 19.25
C8 APR JA . 18.49 -42.59 19.07
N9 APR JA . 18.46 -41.27 18.96
C1' APR JA . 19.52 -40.30 18.74
C2' APR JA . 20.85 -40.85 19.07
O2' APR JA . 21.26 -40.18 20.26
C3' APR JA . 21.72 -40.23 18.04
O3' APR JA . 22.13 -39.06 18.76
O4' APR JA . 19.51 -39.95 17.37
C4' APR JA . 20.85 -39.74 16.90
C5' APR JA . 21.01 -40.45 15.57
O5' APR JA . 22.14 -41.32 15.52
PA APR JA . 21.93 -42.73 14.78
O1A APR JA . 23.16 -43.62 14.99
O2A APR JA . 20.51 -43.26 15.14
O3A APR JA . 21.92 -42.35 13.22
PB APR JA . 23.21 -41.74 12.46
O1B APR JA . 22.72 -40.59 11.55
O2B APR JA . 24.42 -41.41 13.35
O5D APR JA . 23.71 -43.00 11.58
C5D APR JA . 22.77 -43.76 10.88
O4D APR JA . 22.81 -45.74 12.19
O1D APR JA . 20.71 -46.53 12.92
C1D APR JA . 21.78 -46.71 11.96
O2D APR JA . 20.75 -47.58 9.93
C2D APR JA . 21.34 -46.42 10.55
O3D APR JA . 23.54 -47.09 9.72
C3D APR JA . 22.64 -46.00 9.90
C4D APR JA . 23.26 -45.18 10.96
S SO4 KA . 16.16 -23.97 -0.74
O1 SO4 KA . 16.67 -23.44 -2.02
O2 SO4 KA . 15.38 -25.17 -1.01
O3 SO4 KA . 17.39 -24.18 0.07
O4 SO4 KA . 15.18 -23.08 -0.10
N1 APR LA . -41.70 12.62 -44.87
C2 APR LA . -43.03 12.80 -44.95
N3 APR LA . -43.95 11.85 -44.57
C4 APR LA . -43.54 10.67 -44.07
C5 APR LA . -42.10 10.40 -43.94
C6 APR LA . -41.17 11.46 -44.39
N6 APR LA . -39.82 11.33 -44.33
N7 APR LA . -42.05 9.15 -43.43
C8 APR LA . -43.31 8.66 -43.23
N9 APR LA . -44.17 9.60 -43.63
C1' APR LA . -45.60 9.59 -43.58
C2' APR LA . -46.17 8.21 -43.39
O2' APR LA . -46.47 7.67 -44.68
C3' APR LA . -47.42 8.49 -42.53
O3' APR LA . -48.67 8.60 -43.29
O4' APR LA . -45.96 10.35 -42.41
C4' APR LA . -47.13 9.82 -41.79
C5' APR LA . -46.83 9.70 -40.28
O5' APR LA . -47.35 8.52 -39.66
PA APR LA . -46.35 7.68 -38.68
O1A APR LA . -46.80 6.24 -38.46
O2A APR LA . -44.91 7.99 -39.15
O3A APR LA . -46.74 8.50 -37.35
PB APR LA . -48.25 8.40 -36.79
O1B APR LA . -48.80 9.80 -36.87
O2B APR LA . -49.06 7.24 -37.42
O5D APR LA . -48.09 7.95 -35.25
C5D APR LA . -46.84 8.20 -34.65
O4D APR LA . -45.54 6.28 -35.18
O1D APR LA . -43.34 6.72 -36.00
C1D APR LA . -44.12 6.34 -34.85
O2D APR LA . -42.93 7.28 -32.87
C2D APR LA . -44.04 7.41 -33.76
O3D APR LA . -45.07 6.01 -32.20
C3D APR LA . -45.31 7.17 -33.01
C4D APR LA . -46.30 6.89 -34.12
S SO4 MA . -57.51 29.37 -32.91
O1 SO4 MA . -57.78 30.13 -34.18
O2 SO4 MA . -56.66 28.22 -33.25
O3 SO4 MA . -56.74 30.18 -31.91
O4 SO4 MA . -58.81 28.90 -32.41
N1 APR NA . 37.43 -30.60 44.82
C2 APR NA . 36.31 -31.08 44.26
N3 APR NA . 36.34 -31.99 43.29
C4 APR NA . 37.54 -32.39 42.80
C5 APR NA . 38.81 -31.93 43.35
C6 APR NA . 38.67 -30.98 44.46
N6 APR NA . 39.73 -30.45 45.14
N7 APR NA . 39.80 -32.57 42.69
C8 APR NA . 39.20 -33.38 41.75
N9 APR NA . 37.85 -33.23 41.83
C1' APR NA . 36.79 -33.87 41.07
C2' APR NA . 37.19 -34.24 39.67
O2' APR NA . 36.87 -33.14 38.82
C3' APR NA . 36.28 -35.44 39.39
O3' APR NA . 35.12 -35.09 38.62
O4' APR NA . 36.50 -35.09 41.73
C4' APR NA . 35.76 -35.87 40.77
C5' APR NA . 36.06 -37.30 41.11
O5' APR NA . 37.45 -37.33 41.14
PA APR NA . 38.08 -38.74 41.39
O1A APR NA . 38.90 -39.07 40.16
O2A APR NA . 38.75 -38.60 42.76
O3A APR NA . 36.86 -39.73 41.72
PB APR NA . 36.59 -41.13 40.99
O1B APR NA . 35.37 -41.73 41.71
O2B APR NA . 36.31 -40.90 39.51
O5D APR NA . 37.98 -41.97 41.23
C5D APR NA . 38.14 -42.71 42.45
O4D APR NA . 40.38 -42.05 42.28
O1D APR NA . 41.53 -40.52 43.49
C1D APR NA . 41.42 -41.92 43.23
O2D APR NA . 41.99 -43.35 45.16
C2D APR NA . 40.93 -42.68 44.42
O3D APR NA . 40.85 -44.80 43.48
C3D APR NA . 40.03 -43.71 43.80
C4D APR NA . 39.59 -43.20 42.47
S SO4 OA . 16.42 -44.03 51.72
O1 SO4 OA . 16.73 -43.63 50.32
O2 SO4 OA . 16.06 -45.48 51.68
O3 SO4 OA . 17.55 -43.85 52.68
O4 SO4 OA . 15.31 -43.11 52.15
C ACT PA . 32.78 -38.87 63.74
O ACT PA . 31.51 -38.67 63.60
OXT ACT PA . 33.59 -37.89 63.87
CH3 ACT PA . 33.36 -40.27 63.71
N1 APR QA . 18.75 6.09 24.65
C2 APR QA . 18.70 6.28 25.99
N3 APR QA . 19.24 7.33 26.64
C4 APR QA . 19.89 8.26 25.93
C5 APR QA . 20.03 8.18 24.46
C6 APR QA . 19.39 6.97 23.83
N6 APR QA . 19.39 6.69 22.51
N7 APR QA . 20.75 9.28 24.07
C8 APR QA . 21.02 10.00 25.22
N9 APR QA . 20.52 9.36 26.31
C1' APR QA . 20.45 9.69 27.75
C2' APR QA . 21.66 10.31 28.42
O2' APR QA . 22.57 9.30 28.90
C3' APR QA . 20.98 10.93 29.65
O3' APR QA . 21.22 10.05 30.75
O4' APR QA . 19.36 10.64 27.96
C4' APR QA . 19.47 10.89 29.38
C5' APR QA . 18.77 12.14 29.82
O5' APR QA . 19.51 13.27 29.34
PA APR QA . 18.77 14.30 28.32
O1A APR QA . 19.57 15.60 28.39
O2A APR QA . 18.44 13.66 26.98
O3A APR QA . 17.38 14.44 29.13
PB APR QA . 17.22 15.71 30.05
O1B APR QA . 15.74 15.66 30.42
O2B APR QA . 18.31 15.87 31.11
O5D APR QA . 17.55 16.92 29.06
C5D APR QA . 16.42 17.66 28.64
O4D APR QA . 17.88 18.24 26.69
O1D APR QA . 17.58 16.80 24.81
C1D APR QA . 17.37 18.12 25.36
O2D APR QA . 15.41 19.25 24.43
C2D APR QA . 15.88 18.42 25.50
O3D APR QA . 15.78 20.52 26.71
C3D APR QA . 15.67 19.12 26.83
C4D APR QA . 16.86 18.72 27.63
S SO4 RA . -1.11 7.70 41.35
O1 SO4 RA . -1.34 8.12 39.95
O2 SO4 RA . -1.17 6.21 41.31
O3 SO4 RA . 0.22 8.13 41.87
O4 SO4 RA . -2.16 8.25 42.23
N1 APR SA . -10.05 9.99 52.16
C2 APR SA . -11.01 10.49 52.98
N3 APR SA . -11.47 11.75 52.87
C4 APR SA . -10.93 12.58 51.92
C5 APR SA . -9.84 12.13 51.02
C6 APR SA . -9.42 10.71 51.19
N6 APR SA . -8.44 10.12 50.48
N7 APR SA . -9.54 13.21 50.24
C8 APR SA . -10.37 14.23 50.60
N9 APR SA . -11.17 13.83 51.62
C1' APR SA . -12.22 14.53 52.31
C2' APR SA . -11.94 15.95 52.65
O2' APR SA . -11.36 15.91 53.96
C3' APR SA . -13.36 16.48 52.78
O3' APR SA . -13.70 16.49 54.18
O4' APR SA . -13.36 14.55 51.41
C4' APR SA . -14.26 15.44 52.07
C5' APR SA . -15.18 16.09 51.06
O5' APR SA . -14.37 16.92 50.26
PA APR SA . -14.41 16.80 48.64
O1A APR SA . -14.06 18.25 48.19
O2A APR SA . -13.48 15.60 48.26
O3A APR SA . -15.98 16.44 48.20
PB APR SA . -17.21 17.51 48.16
O1B APR SA . -18.52 16.68 47.99
O2B APR SA . -17.16 18.55 49.33
O5D APR SA . -16.97 18.34 46.79
C5D APR SA . -17.13 17.46 45.69
O4D APR SA . -15.28 18.50 44.63
O1D APR SA . -13.64 16.86 44.34
C1D APR SA . -14.55 17.75 43.66
O2D APR SA . -15.50 17.58 41.47
C2D APR SA . -15.61 17.07 42.82
O3D APR SA . -17.27 18.74 42.37
C3D APR SA . -16.94 17.63 43.23
C4D APR SA . -16.70 18.30 44.53
S SO4 TA . -35.47 3.92 53.24
O1 SO4 TA . -36.71 4.28 52.45
O2 SO4 TA . -34.36 3.32 52.43
O3 SO4 TA . -35.80 2.85 54.20
O4 SO4 TA . -34.92 5.11 53.92
C01 ZOD UA . -41.99 2.73 -28.11
C02 ZOD UA . -42.87 2.12 -27.07
O03 ZOD UA . -43.78 2.62 -26.41
O04 ZOD UA . -42.53 0.81 -26.76
C05 ZOD UA . -43.40 -0.19 -27.24
C06 ZOD UA . -44.86 0.11 -27.24
O07 ZOD UA . -45.40 -0.05 -25.94
O08 ZOD UA . -45.36 -0.96 -28.08
C09 ZOD UA . -44.29 -1.37 -28.99
C10 ZOD UA . -43.92 -2.86 -28.72
O1B ZOD UA . -44.99 -3.68 -29.24
PB ZOD UA . -45.34 -5.02 -28.42
O2B ZOD UA . -46.60 -5.59 -28.98
O3B ZOD UA . -44.26 -6.07 -28.51
O3A ZOD UA . -45.63 -4.76 -26.91
PA ZOD UA . -46.79 -3.96 -26.10
O2A ZOD UA . -46.13 -3.17 -24.89
O1A ZOD UA . -47.57 -3.01 -27.03
O5' ZOD UA . -47.83 -5.08 -25.57
C5' ZOD UA . -47.42 -6.42 -25.69
C4' ZOD UA . -48.05 -7.24 -24.56
O4' ZOD UA . -47.88 -6.64 -23.24
C1' ZOD UA . -49.14 -6.90 -22.57
N9 ZOD UA . -49.05 -6.03 -21.45
C8 ZOD UA . -49.32 -4.71 -21.31
N7 ZOD UA . -49.07 -4.34 -20.03
C5 ZOD UA . -48.61 -5.48 -19.34
C6 ZOD UA . -48.19 -5.76 -17.98
N6 ZOD UA . -48.16 -4.68 -16.98
N1 ZOD UA . -47.82 -7.02 -17.63
C2 ZOD UA . -47.84 -8.00 -18.55
N3 ZOD UA . -48.22 -7.81 -19.85
C4 ZOD UA . -48.60 -6.53 -20.23
C2' ZOD UA . -50.22 -6.82 -23.61
O2' ZOD UA . -51.30 -7.72 -23.32
C3' ZOD UA . -49.54 -7.24 -24.85
O3' ZOD UA . -49.88 -8.52 -25.28
C38 ZOD UA . -43.12 -0.50 -28.68
O39 ZOD UA . -43.10 0.61 -29.56
S SO4 VA . -28.67 -20.82 -27.43
O1 SO4 VA . -27.93 -21.34 -28.63
O2 SO4 VA . -29.77 -21.76 -27.10
O3 SO4 VA . -27.80 -20.66 -26.23
O4 SO4 VA . -29.22 -19.48 -27.70
N1 APR WA . -20.81 -29.34 -36.13
C2 APR WA . -19.80 -29.82 -36.89
N3 APR WA . -19.12 -29.08 -37.81
C4 APR WA . -19.45 -27.78 -38.01
C5 APR WA . -20.53 -27.18 -37.21
C6 APR WA . -21.19 -28.07 -36.24
N6 APR WA . -22.21 -27.63 -35.48
N7 APR WA . -20.63 -25.87 -37.61
C8 APR WA . -19.68 -25.67 -38.58
N9 APR WA . -18.99 -26.83 -38.80
C1' APR WA . -17.84 -27.04 -39.71
C2' APR WA . -17.85 -26.14 -40.92
O2' APR WA . -18.65 -26.73 -41.97
C3' APR WA . -16.36 -26.17 -41.25
O3' APR WA . -16.07 -27.26 -42.12
O4' APR WA . -16.63 -26.69 -39.01
C4' APR WA . -15.64 -26.53 -39.98
C5' APR WA . -14.81 -25.34 -39.65
O5' APR WA . -15.73 -24.24 -39.45
PA APR WA . -15.09 -22.82 -38.90
O1A APR WA . -15.11 -21.69 -39.92
O2A APR WA . -15.85 -22.52 -37.56
O3A APR WA . -13.55 -23.28 -38.59
PB APR WA . -12.31 -22.61 -39.34
O1B APR WA . -11.01 -23.22 -38.81
O2B APR WA . -12.40 -22.62 -40.85
O5D APR WA . -12.32 -21.06 -38.89
C5D APR WA . -11.79 -20.63 -37.62
O4D APR WA . -13.54 -19.08 -37.82
O1D APR WA . -15.34 -19.19 -36.40
C1D APR WA . -14.21 -18.40 -36.75
O2D APR WA . -13.21 -16.96 -34.99
C2D APR WA . -13.21 -18.27 -35.60
O3D APR WA . -11.25 -17.18 -36.57
C3D APR WA . -11.85 -18.46 -36.26
C4D APR WA . -12.13 -19.16 -37.58
S SO4 XA . 2.93 -38.15 -30.45
O1 SO4 XA . 2.51 -37.54 -31.73
O2 SO4 XA . 2.47 -39.55 -30.55
O3 SO4 XA . 4.38 -37.88 -30.25
O4 SO4 XA . 2.14 -37.59 -29.33
N1 APR YA . 36.81 -58.25 1.12
C2 APR YA . 37.34 -58.60 2.30
N3 APR YA . 37.36 -57.80 3.38
C4 APR YA . 36.80 -56.58 3.31
C5 APR YA . 36.18 -56.10 2.06
C6 APR YA . 36.21 -57.04 0.92
N6 APR YA . 35.66 -56.73 -0.27
N7 APR YA . 35.70 -54.86 2.30
C8 APR YA . 36.00 -54.56 3.60
N9 APR YA . 36.65 -55.60 4.18
C1' APR YA . 37.14 -55.74 5.54
C2' APR YA . 37.30 -54.46 6.31
O2' APR YA . 38.61 -53.94 6.05
C3' APR YA . 37.23 -54.93 7.76
O3' APR YA . 38.53 -55.24 8.27
O4' APR YA . 36.17 -56.48 6.30
C4' APR YA . 36.37 -56.20 7.69
C5' APR YA . 34.99 -55.96 8.33
O5' APR YA . 34.55 -54.69 7.86
PA APR YA . 33.08 -54.12 8.14
O1A APR YA . 33.28 -52.76 8.75
O2A APR YA . 32.35 -54.23 6.81
O3A APR YA . 32.47 -55.16 9.25
PB APR YA . 32.06 -54.73 10.74
O1B APR YA . 31.71 -55.97 11.52
O2B APR YA . 33.25 -53.89 11.15
O5D APR YA . 30.74 -53.89 10.50
C5D APR YA . 29.56 -54.56 10.15
O4D APR YA . 29.05 -52.55 9.01
O1D APR YA . 28.92 -52.62 6.69
C1D APR YA . 28.16 -52.53 7.89
O2D APR YA . 25.91 -53.40 7.69
C2D APR YA . 27.23 -53.71 8.10
O3D APR YA . 26.31 -52.77 10.04
C3D APR YA . 27.19 -53.81 9.57
C4D APR YA . 28.56 -53.43 10.02
S SO4 ZA . 32.01 -75.83 19.63
O1 SO4 ZA . 30.89 -75.60 18.67
O2 SO4 ZA . 32.69 -77.05 19.09
O3 SO4 ZA . 33.01 -74.71 19.72
O4 SO4 ZA . 31.48 -75.92 21.01
N1 APR AB . -4.06 0.14 -39.47
C2 APR AB . -4.85 0.45 -40.54
N3 APR AB . -5.44 -0.49 -41.35
C4 APR AB . -5.22 -1.82 -41.11
C5 APR AB . -4.36 -2.21 -39.97
C6 APR AB . -3.78 -1.14 -39.15
N6 APR AB . -3.00 -1.34 -38.07
N7 APR AB . -4.36 -3.56 -39.98
C8 APR AB . -5.13 -4.01 -41.03
N9 APR AB . -5.62 -2.95 -41.73
C1' APR AB . -6.52 -2.95 -42.88
C2' APR AB . -6.33 -4.09 -43.85
O2' APR AB . -5.24 -3.77 -44.69
C3' APR AB . -7.73 -4.16 -44.49
O3' APR AB . -7.99 -3.37 -45.67
O4' APR AB . -7.82 -3.18 -42.39
C4' APR AB . -8.68 -3.52 -43.47
C5' APR AB . -9.76 -4.49 -43.02
O5' APR AB . -9.12 -5.36 -42.12
PA APR AB . -9.94 -6.57 -41.48
O1A APR AB . -9.25 -7.80 -42.10
O2A APR AB . -10.00 -6.40 -39.94
O3A APR AB . -11.42 -6.20 -41.99
PB APR AB . -12.67 -7.14 -41.59
O1B APR AB . -13.93 -6.27 -41.47
O2B APR AB . -12.58 -8.21 -42.66
O5D APR AB . -12.41 -7.97 -40.23
C5D APR AB . -13.24 -9.15 -40.02
O4D APR AB . -11.26 -10.03 -38.72
O1D APR AB . -10.06 -8.29 -37.67
C1D APR AB . -10.87 -9.46 -37.45
O2D APR AB . -12.25 -9.69 -35.46
C2D APR AB . -12.18 -9.07 -36.75
O3D APR AB . -13.66 -10.93 -36.92
C3D APR AB . -13.30 -9.69 -37.56
C4D APR AB . -12.70 -10.07 -38.90
S SO4 BB . -28.44 9.59 -40.68
O1 SO4 BB . -28.27 10.85 -41.44
O2 SO4 BB . -29.65 8.82 -41.05
O3 SO4 BB . -27.26 8.76 -40.95
O4 SO4 BB . -28.51 9.87 -39.21
C ACT CB . 33.95 28.30 -2.64
O ACT CB . 34.13 28.47 -3.87
OXT ACT CB . 33.18 29.03 -1.92
CH3 ACT CB . 34.76 27.18 -2.06
N1 APR DB . 25.50 15.29 -13.46
C2 APR DB . 26.01 14.51 -12.47
N3 APR DB . 27.21 14.69 -11.91
C4 APR DB . 27.97 15.73 -12.34
C5 APR DB . 27.51 16.60 -13.41
C6 APR DB . 26.19 16.32 -13.96
N6 APR DB . 25.66 17.08 -14.95
N7 APR DB . 28.47 17.51 -13.63
C8 APR DB . 29.47 17.20 -12.74
N9 APR DB . 29.16 16.14 -12.00
C1' APR DB . 29.87 15.48 -10.93
C2' APR DB . 31.37 15.50 -11.06
O2' APR DB . 31.79 14.51 -11.97
C3' APR DB . 31.77 15.14 -9.63
O3' APR DB . 31.96 13.73 -9.47
O4' APR DB . 29.61 16.19 -9.73
C4' APR DB . 30.59 15.67 -8.81
C5' APR DB . 31.08 16.83 -7.97
O5' APR DB . 31.63 17.74 -8.92
PA APR DB . 31.62 19.33 -8.63
O1A APR DB . 32.96 19.86 -9.13
O2A APR DB . 30.33 19.88 -9.21
O3A APR DB . 31.36 19.38 -7.03
PB APR DB . 32.30 19.27 -5.79
O1B APR DB . 31.36 19.20 -4.64
O2B APR DB . 33.52 18.37 -5.94
O5D APR DB . 32.76 20.80 -5.77
C5D APR DB . 32.02 21.81 -5.12
O4D APR DB . 32.89 23.06 -7.09
O1D APR DB . 31.21 23.42 -8.79
C1D APR DB . 31.95 23.98 -7.73
O2D APR DB . 30.52 25.57 -6.90
C2D APR DB . 30.98 24.30 -6.65
O3D APR DB . 32.66 25.47 -5.48
C3D APR DB . 31.85 24.29 -5.43
C4D APR DB . 32.74 23.08 -5.64
S SO4 EB . 19.18 10.00 11.11
O1 SO4 EB . 18.79 11.17 10.30
O2 SO4 EB . 18.42 8.91 10.51
O3 SO4 EB . 20.62 9.63 11.02
O4 SO4 EB . 18.87 10.29 12.52
#